data_1CX1
#
_entry.id   1CX1
#
_cell.length_a   1.000
_cell.length_b   1.000
_cell.length_c   1.000
_cell.angle_alpha   90.00
_cell.angle_beta   90.00
_cell.angle_gamma   90.00
#
_symmetry.space_group_name_H-M   'P 1'
#
_entity_poly.entity_id   1
_entity_poly.type   'polypeptide(L)'
_entity_poly.pdbx_seq_one_letter_code
;ASLDSEVELLPHTSFAESLGPWSLYGTSEPVFADGRMCVDLPGGQGNPWDAGLVYNGVPVGEGESYVLSFTASATPDMPV
RVLVGEGGGAYRTAFEQGSAPLTGEPATREYAFTSNLTFPPDGDAPGQVAFHLGKAGAYEFCISQVSLTTSAT
;
_entity_poly.pdbx_strand_id   A
#
# COMPACT_ATOMS: atom_id res chain seq x y z
N ALA A 1 -10.19 -15.11 -3.31
CA ALA A 1 -9.78 -13.80 -3.92
C ALA A 1 -11.01 -13.10 -4.50
N SER A 2 -10.81 -12.18 -5.41
CA SER A 2 -11.97 -11.46 -6.00
C SER A 2 -12.73 -12.40 -6.93
N LEU A 3 -13.17 -11.90 -8.06
CA LEU A 3 -13.92 -12.77 -9.01
C LEU A 3 -12.94 -13.68 -9.75
N ASP A 4 -13.43 -14.59 -10.54
CA ASP A 4 -12.53 -15.51 -11.28
C ASP A 4 -11.26 -14.75 -11.69
N SER A 5 -10.13 -15.15 -11.18
CA SER A 5 -8.86 -14.45 -11.54
C SER A 5 -8.97 -12.97 -11.16
N GLU A 6 -8.38 -12.59 -10.08
CA GLU A 6 -8.45 -11.15 -9.66
C GLU A 6 -8.28 -10.26 -10.88
N VAL A 7 -8.56 -8.99 -10.75
CA VAL A 7 -8.42 -8.07 -11.92
C VAL A 7 -7.17 -7.19 -11.72
N GLU A 8 -6.04 -7.80 -11.50
CA GLU A 8 -4.80 -6.99 -11.32
C GLU A 8 -4.85 -5.76 -12.23
N LEU A 9 -4.81 -4.59 -11.65
CA LEU A 9 -4.84 -3.36 -12.49
C LEU A 9 -3.43 -2.96 -12.90
N LEU A 10 -2.45 -3.23 -12.07
CA LEU A 10 -1.06 -2.86 -12.44
C LEU A 10 -0.24 -4.14 -12.63
N PRO A 11 0.47 -4.26 -13.73
CA PRO A 11 1.29 -5.47 -14.03
C PRO A 11 2.48 -5.65 -13.08
N HIS A 12 2.23 -5.77 -11.81
CA HIS A 12 3.35 -5.97 -10.85
C HIS A 12 2.80 -6.44 -9.50
N THR A 13 3.31 -7.53 -8.99
CA THR A 13 2.82 -8.04 -7.68
C THR A 13 3.73 -9.17 -7.21
N SER A 14 4.94 -8.87 -6.83
CA SER A 14 5.87 -9.93 -6.36
C SER A 14 7.01 -9.32 -5.55
N PHE A 15 6.78 -9.04 -4.30
CA PHE A 15 7.85 -8.45 -3.45
C PHE A 15 8.66 -9.57 -2.79
N ALA A 16 8.67 -10.73 -3.39
CA ALA A 16 9.43 -11.87 -2.79
C ALA A 16 10.88 -11.84 -3.30
N GLU A 17 11.08 -11.45 -4.52
CA GLU A 17 12.47 -11.41 -5.07
C GLU A 17 12.90 -9.95 -5.25
N SER A 18 12.09 -9.16 -5.88
CA SER A 18 12.46 -7.72 -6.08
C SER A 18 11.26 -6.84 -5.79
N LEU A 19 11.48 -5.63 -5.38
CA LEU A 19 10.34 -4.72 -5.07
C LEU A 19 9.88 -4.03 -6.37
N GLY A 20 10.10 -4.67 -7.49
CA GLY A 20 9.68 -4.07 -8.78
C GLY A 20 10.07 -2.59 -8.81
N PRO A 21 9.33 -1.79 -9.53
CA PRO A 21 9.60 -0.33 -9.65
C PRO A 21 9.05 0.46 -8.47
N TRP A 22 8.61 -0.21 -7.45
CA TRP A 22 8.07 0.52 -6.26
C TRP A 22 9.21 1.20 -5.51
N SER A 23 8.91 2.02 -4.54
CA SER A 23 9.98 2.72 -3.79
C SER A 23 10.05 2.17 -2.37
N LEU A 24 10.98 2.64 -1.58
CA LEU A 24 11.09 2.15 -0.18
C LEU A 24 12.23 2.89 0.52
N TYR A 25 11.94 3.53 1.63
CA TYR A 25 13.02 4.27 2.35
C TYR A 25 12.48 4.88 3.64
N GLY A 26 13.35 5.36 4.48
CA GLY A 26 12.90 5.99 5.75
C GLY A 26 12.99 4.98 6.90
N THR A 27 12.91 3.71 6.60
CA THR A 27 12.99 2.68 7.68
C THR A 27 14.31 1.93 7.56
N SER A 28 14.28 0.65 7.82
CA SER A 28 15.54 -0.16 7.71
C SER A 28 15.65 -0.73 6.29
N GLU A 29 16.80 -0.61 5.69
CA GLU A 29 16.96 -1.16 4.30
C GLU A 29 16.17 -2.46 4.19
N PRO A 30 15.01 -2.43 3.58
CA PRO A 30 14.16 -3.64 3.40
C PRO A 30 14.98 -4.82 2.87
N VAL A 31 14.50 -6.02 3.06
CA VAL A 31 15.28 -7.19 2.54
C VAL A 31 14.34 -8.32 2.13
N PHE A 32 14.31 -8.65 0.86
CA PHE A 32 13.44 -9.75 0.38
C PHE A 32 14.06 -11.09 0.78
N ALA A 33 13.89 -11.48 2.02
CA ALA A 33 14.47 -12.77 2.49
C ALA A 33 13.99 -13.92 1.61
N ASP A 34 13.70 -15.04 2.19
CA ASP A 34 13.22 -16.20 1.40
C ASP A 34 12.35 -15.70 0.23
N GLY A 35 11.19 -15.22 0.52
CA GLY A 35 10.30 -14.72 -0.56
C GLY A 35 9.45 -13.56 -0.04
N ARG A 36 9.98 -12.78 0.86
CA ARG A 36 9.20 -11.63 1.40
C ARG A 36 10.15 -10.53 1.87
N MET A 37 9.72 -9.30 1.81
CA MET A 37 10.62 -8.18 2.24
C MET A 37 10.10 -7.59 3.55
N CYS A 38 10.98 -7.41 4.50
CA CYS A 38 10.54 -6.85 5.81
C CYS A 38 11.35 -5.60 6.13
N VAL A 39 10.80 -4.75 6.96
CA VAL A 39 11.51 -3.49 7.35
C VAL A 39 11.45 -3.35 8.87
N ASP A 40 12.56 -3.12 9.50
CA ASP A 40 12.55 -2.98 10.99
C ASP A 40 11.95 -1.63 11.38
N LEU A 41 10.76 -1.65 11.94
CA LEU A 41 10.12 -0.37 12.35
C LEU A 41 9.91 -0.32 13.86
N PRO A 42 10.79 -0.89 14.64
CA PRO A 42 10.68 -0.88 16.13
C PRO A 42 11.20 0.44 16.72
N GLY A 43 12.06 1.11 16.00
CA GLY A 43 12.65 2.39 16.49
C GLY A 43 11.70 3.08 17.47
N GLY A 44 10.95 4.03 17.01
CA GLY A 44 10.01 4.77 17.90
C GLY A 44 9.73 6.15 17.29
N GLN A 45 9.29 6.17 16.06
CA GLN A 45 9.01 7.47 15.38
C GLN A 45 7.51 7.78 15.43
N GLY A 46 7.12 8.78 16.17
CA GLY A 46 5.67 9.13 16.25
C GLY A 46 5.29 9.97 15.04
N ASN A 47 5.54 9.48 13.86
CA ASN A 47 5.18 10.26 12.63
C ASN A 47 5.27 9.35 11.41
N PRO A 48 4.17 8.80 10.99
CA PRO A 48 4.12 7.88 9.81
C PRO A 48 4.86 8.45 8.60
N TRP A 49 4.74 9.72 8.35
CA TRP A 49 5.44 10.33 7.18
C TRP A 49 6.95 10.19 7.38
N ASP A 50 7.42 9.00 7.68
CA ASP A 50 8.88 8.81 7.88
C ASP A 50 9.34 7.56 7.12
N ALA A 51 8.76 6.43 7.41
CA ALA A 51 9.17 5.18 6.70
C ALA A 51 7.96 4.57 6.00
N GLY A 52 8.17 3.94 4.86
CA GLY A 52 7.02 3.32 4.14
C GLY A 52 7.41 3.03 2.70
N LEU A 53 6.52 2.40 1.96
CA LEU A 53 6.79 2.08 0.54
C LEU A 53 6.09 3.10 -0.34
N VAL A 54 6.41 3.15 -1.61
CA VAL A 54 5.74 4.13 -2.51
C VAL A 54 5.74 3.62 -3.94
N TYR A 55 4.82 4.06 -4.75
CA TYR A 55 4.77 3.61 -6.17
C TYR A 55 3.64 4.32 -6.90
N ASN A 56 3.80 4.56 -8.18
CA ASN A 56 2.73 5.26 -8.95
C ASN A 56 1.93 4.23 -9.75
N GLY A 57 0.81 4.63 -10.30
CA GLY A 57 -0.01 3.68 -11.10
C GLY A 57 -1.19 3.18 -10.25
N VAL A 58 -2.24 3.96 -10.18
CA VAL A 58 -3.42 3.53 -9.37
C VAL A 58 -4.63 4.37 -9.78
N PRO A 59 -5.01 4.32 -11.02
CA PRO A 59 -6.17 5.09 -11.55
C PRO A 59 -7.40 4.96 -10.65
N VAL A 60 -8.23 5.97 -10.63
CA VAL A 60 -9.45 5.91 -9.78
C VAL A 60 -10.60 6.63 -10.49
N GLY A 61 -11.69 5.94 -10.73
CA GLY A 61 -12.85 6.60 -11.41
C GLY A 61 -13.86 7.07 -10.36
N GLU A 62 -13.78 8.30 -9.96
CA GLU A 62 -14.74 8.82 -8.95
C GLU A 62 -16.12 8.23 -9.21
N GLY A 63 -16.65 7.47 -8.28
CA GLY A 63 -17.99 6.87 -8.49
C GLY A 63 -17.93 5.35 -8.23
N GLU A 64 -16.84 4.74 -8.60
CA GLU A 64 -16.72 3.27 -8.39
C GLU A 64 -15.88 3.00 -7.13
N SER A 65 -15.80 1.77 -6.71
CA SER A 65 -14.99 1.45 -5.49
C SER A 65 -13.80 0.60 -5.89
N TYR A 66 -12.64 0.88 -5.33
CA TYR A 66 -11.44 0.09 -5.68
C TYR A 66 -11.09 -0.84 -4.52
N VAL A 67 -10.04 -1.60 -4.64
CA VAL A 67 -9.65 -2.53 -3.54
C VAL A 67 -8.14 -2.74 -3.55
N LEU A 68 -7.53 -2.80 -2.39
CA LEU A 68 -6.06 -3.01 -2.31
C LEU A 68 -5.78 -4.34 -1.60
N SER A 69 -5.12 -5.26 -2.25
CA SER A 69 -4.83 -6.56 -1.60
C SER A 69 -3.34 -6.67 -1.30
N PHE A 70 -2.94 -6.23 -0.14
CA PHE A 70 -1.50 -6.29 0.22
C PHE A 70 -1.17 -7.57 0.98
N THR A 71 -0.08 -8.20 0.66
CA THR A 71 0.31 -9.45 1.37
C THR A 71 1.33 -9.11 2.47
N ALA A 72 0.91 -9.11 3.71
CA ALA A 72 1.88 -8.78 4.79
C ALA A 72 1.24 -8.96 6.17
N SER A 73 2.05 -8.90 7.20
CA SER A 73 1.51 -9.06 8.57
C SER A 73 2.29 -8.12 9.52
N ALA A 74 1.73 -7.81 10.65
CA ALA A 74 2.43 -6.90 11.60
C ALA A 74 3.03 -7.72 12.74
N THR A 75 4.24 -7.41 13.13
CA THR A 75 4.89 -8.18 14.23
C THR A 75 5.70 -7.21 15.12
N PRO A 76 5.30 -7.01 16.35
CA PRO A 76 4.08 -7.64 16.96
C PRO A 76 2.78 -7.20 16.26
N ASP A 77 1.75 -6.99 17.01
CA ASP A 77 0.45 -6.57 16.40
C ASP A 77 0.20 -5.09 16.67
N MET A 78 -0.50 -4.43 15.79
CA MET A 78 -0.79 -2.98 15.98
C MET A 78 -1.32 -2.40 14.66
N PRO A 79 -1.94 -1.26 14.70
CA PRO A 79 -2.51 -0.60 13.49
C PRO A 79 -1.46 0.21 12.72
N VAL A 80 -1.66 0.38 11.44
CA VAL A 80 -0.69 1.16 10.63
C VAL A 80 -1.43 2.23 9.83
N ARG A 81 -0.80 2.85 8.87
CA ARG A 81 -1.47 3.90 8.07
C ARG A 81 -1.15 3.72 6.59
N VAL A 82 -2.12 3.94 5.73
CA VAL A 82 -1.87 3.79 4.28
C VAL A 82 -2.58 4.91 3.53
N LEU A 83 -2.05 5.34 2.41
CA LEU A 83 -2.71 6.43 1.65
C LEU A 83 -2.58 6.17 0.15
N VAL A 84 -3.53 6.62 -0.63
CA VAL A 84 -3.46 6.40 -2.10
C VAL A 84 -4.20 7.52 -2.82
N GLY A 85 -3.74 7.91 -3.97
CA GLY A 85 -4.41 9.00 -4.74
C GLY A 85 -3.49 9.49 -5.86
N GLU A 86 -3.48 10.77 -6.11
CA GLU A 86 -2.61 11.32 -7.19
C GLU A 86 -1.25 11.69 -6.59
N GLY A 87 -0.52 12.54 -7.24
CA GLY A 87 0.81 12.94 -6.72
C GLY A 87 1.16 14.36 -7.22
N GLY A 88 0.26 15.29 -7.05
CA GLY A 88 0.52 16.68 -7.50
C GLY A 88 -0.78 17.34 -7.94
N GLY A 89 -0.96 18.59 -7.63
CA GLY A 89 -2.22 19.29 -8.01
C GLY A 89 -3.21 19.24 -6.85
N ALA A 90 -4.44 18.88 -7.12
CA ALA A 90 -5.45 18.81 -6.02
C ALA A 90 -4.80 18.21 -4.78
N TYR A 91 -3.87 17.32 -4.94
CA TYR A 91 -3.20 16.71 -3.77
C TYR A 91 -4.23 15.95 -2.91
N ARG A 92 -5.41 16.48 -2.80
CA ARG A 92 -6.45 15.80 -1.98
C ARG A 92 -6.64 14.37 -2.50
N THR A 93 -6.62 13.40 -1.62
CA THR A 93 -6.79 11.99 -2.06
C THR A 93 -8.07 11.42 -1.46
N ALA A 94 -8.47 10.26 -1.90
CA ALA A 94 -9.70 9.63 -1.36
C ALA A 94 -9.30 8.41 -0.53
N PHE A 95 -8.15 7.86 -0.80
CA PHE A 95 -7.69 6.67 -0.02
C PHE A 95 -6.87 7.15 1.19
N GLU A 96 -7.23 8.26 1.75
CA GLU A 96 -6.47 8.77 2.92
C GLU A 96 -7.07 8.20 4.21
N GLN A 97 -6.41 7.25 4.81
CA GLN A 97 -6.96 6.66 6.07
C GLN A 97 -5.80 6.38 7.04
N GLY A 98 -6.10 5.92 8.22
CA GLY A 98 -5.02 5.63 9.20
C GLY A 98 -5.49 4.55 10.18
N SER A 99 -6.57 3.88 9.87
CA SER A 99 -7.08 2.82 10.78
C SER A 99 -6.91 1.45 10.12
N ALA A 100 -5.71 1.06 9.81
CA ALA A 100 -5.49 -0.26 9.16
C ALA A 100 -4.93 -1.24 10.20
N PRO A 101 -5.75 -2.11 10.72
CA PRO A 101 -5.32 -3.10 11.75
C PRO A 101 -4.57 -4.29 11.15
N LEU A 102 -3.44 -4.63 11.72
CA LEU A 102 -2.66 -5.79 11.18
C LEU A 102 -1.99 -6.52 12.34
N THR A 103 -2.07 -7.83 12.35
CA THR A 103 -1.43 -8.59 13.46
C THR A 103 -0.74 -9.83 12.89
N GLY A 104 -0.45 -10.80 13.72
CA GLY A 104 0.24 -12.03 13.23
C GLY A 104 -0.66 -12.74 12.21
N GLU A 105 -1.34 -11.99 11.39
CA GLU A 105 -2.24 -12.61 10.37
C GLU A 105 -1.68 -12.35 8.97
N PRO A 106 -0.88 -13.26 8.47
CA PRO A 106 -0.27 -13.13 7.12
C PRO A 106 -1.24 -13.49 6.00
N ALA A 107 -1.55 -12.55 5.13
CA ALA A 107 -2.49 -12.84 4.03
C ALA A 107 -2.79 -11.54 3.26
N THR A 108 -3.67 -11.61 2.30
CA THR A 108 -4.00 -10.37 1.53
C THR A 108 -5.18 -9.64 2.17
N ARG A 109 -4.96 -8.42 2.59
CA ARG A 109 -6.09 -7.65 3.19
C ARG A 109 -6.72 -6.84 2.08
N GLU A 110 -8.03 -6.80 2.03
CA GLU A 110 -8.70 -6.04 0.94
C GLU A 110 -9.33 -4.78 1.52
N TYR A 111 -8.91 -3.63 1.05
CA TYR A 111 -9.47 -2.36 1.57
C TYR A 111 -10.35 -1.75 0.47
N ALA A 112 -11.64 -1.74 0.66
CA ALA A 112 -12.54 -1.19 -0.39
C ALA A 112 -12.94 0.24 -0.03
N PHE A 113 -12.82 1.15 -0.97
CA PHE A 113 -13.20 2.56 -0.70
C PHE A 113 -14.05 3.09 -1.85
N THR A 114 -14.69 4.21 -1.67
CA THR A 114 -15.53 4.76 -2.76
C THR A 114 -14.77 5.86 -3.51
N SER A 115 -14.68 5.74 -4.81
CA SER A 115 -13.94 6.77 -5.59
C SER A 115 -14.74 8.08 -5.59
N ASN A 116 -14.13 9.15 -5.13
CA ASN A 116 -14.86 10.45 -5.08
C ASN A 116 -14.16 11.46 -5.99
N LEU A 117 -12.98 11.13 -6.46
CA LEU A 117 -12.25 12.07 -7.35
C LEU A 117 -11.55 11.29 -8.46
N THR A 118 -11.81 11.63 -9.69
CA THR A 118 -11.16 10.90 -10.82
C THR A 118 -9.65 11.14 -10.77
N PHE A 119 -8.88 10.15 -11.13
CA PHE A 119 -7.39 10.31 -11.10
C PHE A 119 -6.77 9.58 -12.29
N PRO A 120 -6.58 10.27 -13.39
CA PRO A 120 -5.99 9.68 -14.62
C PRO A 120 -4.47 9.59 -14.55
N PRO A 121 -3.87 8.84 -15.44
CA PRO A 121 -2.39 8.68 -15.48
C PRO A 121 -1.70 9.86 -16.16
N ASP A 122 -2.44 10.64 -16.91
CA ASP A 122 -1.82 11.81 -17.60
C ASP A 122 -2.32 13.10 -16.95
N GLY A 123 -1.43 14.00 -16.65
CA GLY A 123 -1.84 15.29 -16.02
C GLY A 123 -0.94 15.60 -14.83
N ASP A 124 0.36 15.55 -15.03
CA ASP A 124 1.30 15.85 -13.91
C ASP A 124 0.74 15.26 -12.62
N ALA A 125 -0.12 14.29 -12.71
CA ALA A 125 -0.70 13.68 -11.49
C ALA A 125 -1.08 12.22 -11.76
N PRO A 126 -0.10 11.37 -11.90
CA PRO A 126 -0.31 9.92 -12.17
C PRO A 126 -0.82 9.16 -10.94
N GLY A 127 -0.65 7.87 -10.92
CA GLY A 127 -1.12 7.08 -9.76
C GLY A 127 -0.20 7.32 -8.56
N GLN A 128 -0.68 7.10 -7.36
CA GLN A 128 0.17 7.33 -6.16
C GLN A 128 -0.26 6.38 -5.05
N VAL A 129 0.67 5.85 -4.31
CA VAL A 129 0.32 4.92 -3.20
C VAL A 129 1.51 4.80 -2.25
N ALA A 130 1.38 5.30 -1.06
CA ALA A 130 2.51 5.23 -0.09
C ALA A 130 2.09 4.50 1.17
N PHE A 131 2.63 3.33 1.40
CA PHE A 131 2.27 2.57 2.63
C PHE A 131 2.90 3.27 3.84
N HIS A 132 2.09 3.81 4.71
CA HIS A 132 2.65 4.51 5.90
C HIS A 132 2.59 3.60 7.12
N LEU A 133 3.69 2.99 7.46
CA LEU A 133 3.71 2.09 8.65
C LEU A 133 4.51 2.74 9.77
N GLY A 134 5.37 3.67 9.44
CA GLY A 134 6.17 4.36 10.49
C GLY A 134 5.25 4.77 11.63
N LYS A 135 5.70 4.63 12.86
CA LYS A 135 4.84 5.01 14.01
C LYS A 135 5.60 4.73 15.30
N ALA A 136 5.66 5.68 16.19
CA ALA A 136 6.38 5.44 17.47
C ALA A 136 5.89 4.10 18.02
N GLY A 137 4.72 3.69 17.62
CA GLY A 137 4.17 2.39 18.08
C GLY A 137 4.29 1.38 16.94
N ALA A 138 4.95 1.76 15.88
CA ALA A 138 5.11 0.84 14.71
C ALA A 138 5.66 -0.51 15.18
N TYR A 139 6.47 -1.13 14.37
CA TYR A 139 7.03 -2.46 14.75
C TYR A 139 7.78 -3.08 13.57
N GLU A 140 7.26 -4.15 13.02
CA GLU A 140 7.93 -4.80 11.86
C GLU A 140 6.88 -5.10 10.79
N PHE A 141 7.18 -4.83 9.55
CA PHE A 141 6.18 -5.09 8.46
C PHE A 141 6.80 -6.03 7.42
N CYS A 142 6.24 -7.21 7.27
CA CYS A 142 6.78 -8.16 6.27
C CYS A 142 5.84 -8.24 5.06
N ILE A 143 6.29 -7.79 3.92
CA ILE A 143 5.43 -7.83 2.70
C ILE A 143 6.10 -8.69 1.63
N SER A 144 5.31 -9.46 0.92
CA SER A 144 5.88 -10.33 -0.14
C SER A 144 5.12 -10.07 -1.45
N GLN A 145 3.97 -9.47 -1.37
CA GLN A 145 3.19 -9.18 -2.60
C GLN A 145 2.32 -7.95 -2.38
N VAL A 146 1.89 -7.31 -3.43
CA VAL A 146 1.03 -6.10 -3.28
C VAL A 146 0.39 -5.75 -4.63
N SER A 147 -0.91 -5.63 -4.66
CA SER A 147 -1.59 -5.29 -5.94
C SER A 147 -3.03 -4.88 -5.66
N LEU A 148 -3.57 -3.97 -6.42
CA LEU A 148 -4.97 -3.54 -6.19
C LEU A 148 -5.85 -4.01 -7.36
N THR A 149 -7.08 -4.34 -7.08
CA THR A 149 -7.99 -4.82 -8.17
C THR A 149 -9.34 -4.11 -8.06
N THR A 150 -10.37 -4.68 -8.61
CA THR A 150 -11.71 -4.04 -8.54
C THR A 150 -12.78 -5.11 -8.29
N SER A 151 -12.66 -6.22 -8.93
CA SER A 151 -13.66 -7.31 -8.73
C SER A 151 -14.98 -6.91 -9.38
N ALA A 152 -15.29 -7.48 -10.52
CA ALA A 152 -16.57 -7.12 -11.20
C ALA A 152 -17.26 -8.41 -11.69
N THR A 153 -18.56 -8.41 -11.74
CA THR A 153 -19.28 -9.63 -12.21
C THR A 153 -20.37 -9.22 -13.20
N ALA A 1 -18.56 -2.60 -15.76
CA ALA A 1 -18.56 -4.07 -15.60
C ALA A 1 -17.17 -4.62 -15.93
N SER A 2 -16.51 -5.22 -14.99
CA SER A 2 -15.14 -5.77 -15.25
C SER A 2 -15.26 -7.23 -15.69
N LEU A 3 -14.79 -8.14 -14.89
CA LEU A 3 -14.87 -9.58 -15.25
C LEU A 3 -14.53 -10.44 -14.04
N ASP A 4 -14.09 -11.65 -14.26
CA ASP A 4 -13.74 -12.54 -13.11
C ASP A 4 -12.26 -12.91 -13.19
N SER A 5 -11.47 -12.07 -13.82
CA SER A 5 -10.01 -12.37 -13.92
C SER A 5 -9.24 -11.49 -12.94
N GLU A 6 -9.80 -11.24 -11.79
CA GLU A 6 -9.09 -10.39 -10.79
C GLU A 6 -8.31 -9.30 -11.52
N VAL A 7 -8.89 -8.13 -11.66
CA VAL A 7 -8.18 -7.03 -12.36
C VAL A 7 -6.74 -6.94 -11.84
N GLU A 8 -5.88 -6.27 -12.57
CA GLU A 8 -4.47 -6.16 -12.11
C GLU A 8 -3.94 -4.75 -12.42
N LEU A 9 -4.51 -3.75 -11.80
CA LEU A 9 -4.05 -2.35 -12.04
C LEU A 9 -2.78 -2.08 -11.24
N LEU A 10 -2.14 -3.12 -10.78
CA LEU A 10 -0.88 -2.94 -9.99
C LEU A 10 0.26 -3.62 -10.75
N PRO A 11 0.81 -2.94 -11.71
CA PRO A 11 1.93 -3.48 -12.55
C PRO A 11 3.11 -4.00 -11.73
N HIS A 12 2.85 -4.60 -10.60
CA HIS A 12 3.97 -5.15 -9.77
C HIS A 12 3.40 -6.01 -8.65
N THR A 13 4.01 -7.13 -8.37
CA THR A 13 3.51 -8.00 -7.27
C THR A 13 4.54 -9.11 -6.99
N SER A 14 5.66 -8.75 -6.41
CA SER A 14 6.69 -9.79 -6.11
C SER A 14 7.77 -9.19 -5.21
N PHE A 15 7.50 -9.04 -3.95
CA PHE A 15 8.53 -8.47 -3.03
C PHE A 15 9.36 -9.62 -2.44
N ALA A 16 9.39 -10.74 -3.11
CA ALA A 16 10.18 -11.90 -2.61
C ALA A 16 11.60 -11.84 -3.15
N GLU A 17 11.80 -11.20 -4.28
CA GLU A 17 13.16 -11.13 -4.86
C GLU A 17 13.69 -9.69 -4.75
N SER A 18 12.99 -8.76 -5.33
CA SER A 18 13.46 -7.34 -5.25
C SER A 18 12.24 -6.41 -5.11
N LEU A 19 12.38 -5.36 -4.35
CA LEU A 19 11.23 -4.43 -4.18
C LEU A 19 10.63 -4.12 -5.54
N GLY A 20 11.45 -4.06 -6.57
CA GLY A 20 10.92 -3.76 -7.92
C GLY A 20 10.68 -2.26 -8.07
N PRO A 21 9.94 -1.87 -9.07
CA PRO A 21 9.64 -0.44 -9.34
C PRO A 21 9.05 0.27 -8.12
N TRP A 22 8.49 -0.47 -7.20
CA TRP A 22 7.90 0.17 -5.99
C TRP A 22 8.95 1.08 -5.33
N SER A 23 8.70 1.54 -4.14
CA SER A 23 9.67 2.42 -3.45
C SER A 23 9.64 2.16 -1.95
N LEU A 24 10.66 2.56 -1.25
CA LEU A 24 10.69 2.32 0.23
C LEU A 24 11.67 3.29 0.89
N TYR A 25 11.31 3.84 2.01
CA TYR A 25 12.23 4.79 2.71
C TYR A 25 11.59 5.24 4.02
N GLY A 26 12.39 5.59 4.99
CA GLY A 26 11.82 6.05 6.29
C GLY A 26 12.09 5.00 7.37
N THR A 27 12.20 3.76 7.00
CA THR A 27 12.46 2.70 8.02
C THR A 27 13.89 2.17 7.84
N SER A 28 14.08 0.89 8.03
CA SER A 28 15.44 0.31 7.87
C SER A 28 15.60 -0.19 6.42
N GLU A 29 16.61 -0.98 6.17
CA GLU A 29 16.82 -1.50 4.80
C GLU A 29 16.07 -2.83 4.64
N PRO A 30 15.03 -2.86 3.84
CA PRO A 30 14.23 -4.09 3.62
C PRO A 30 15.11 -5.33 3.43
N VAL A 31 14.61 -6.48 3.74
CA VAL A 31 15.44 -7.71 3.57
C VAL A 31 14.59 -8.85 3.00
N PHE A 32 14.70 -9.09 1.71
CA PHE A 32 13.94 -10.20 1.08
C PHE A 32 14.57 -11.54 1.46
N ALA A 33 14.23 -12.04 2.62
CA ALA A 33 14.82 -13.33 3.07
C ALA A 33 14.00 -14.50 2.51
N ASP A 34 13.34 -15.25 3.34
CA ASP A 34 12.55 -16.41 2.85
C ASP A 34 11.50 -15.92 1.85
N GLY A 35 11.92 -15.43 0.73
CA GLY A 35 10.94 -14.95 -0.29
C GLY A 35 10.08 -13.83 0.32
N ARG A 36 10.40 -13.40 1.51
CA ARG A 36 9.60 -12.32 2.15
C ARG A 36 10.54 -11.15 2.49
N MET A 37 10.06 -9.95 2.31
CA MET A 37 10.90 -8.77 2.64
C MET A 37 10.28 -8.02 3.82
N CYS A 38 11.03 -7.84 4.88
CA CYS A 38 10.46 -7.13 6.05
C CYS A 38 11.38 -5.98 6.48
N VAL A 39 10.81 -4.98 7.09
CA VAL A 39 11.63 -3.82 7.56
C VAL A 39 11.64 -3.83 9.09
N ASP A 40 12.80 -3.93 9.69
CA ASP A 40 12.87 -3.95 11.18
C ASP A 40 12.71 -2.51 11.71
N LEU A 41 11.67 -2.28 12.46
CA LEU A 41 11.46 -0.90 13.01
C LEU A 41 11.59 -0.94 14.53
N PRO A 42 12.75 -0.66 15.04
CA PRO A 42 13.03 -0.65 16.51
C PRO A 42 12.76 0.73 17.12
N GLY A 43 13.19 1.78 16.47
CA GLY A 43 12.97 3.14 17.02
C GLY A 43 13.70 4.16 16.15
N GLY A 44 13.11 5.30 15.92
CA GLY A 44 13.79 6.33 15.09
C GLY A 44 12.76 7.04 14.19
N GLN A 45 11.51 6.65 14.28
CA GLN A 45 10.47 7.29 13.44
C GLN A 45 9.73 8.35 14.26
N GLY A 46 8.56 8.74 13.82
CA GLY A 46 7.79 9.76 14.59
C GLY A 46 6.58 10.22 13.77
N ASN A 47 6.82 10.73 12.59
CA ASN A 47 5.68 11.21 11.75
C ASN A 47 5.34 10.13 10.71
N PRO A 48 4.09 10.08 10.30
CA PRO A 48 3.61 9.10 9.29
C PRO A 48 4.63 8.90 8.15
N TRP A 49 5.01 9.95 7.50
CA TRP A 49 5.99 9.82 6.38
C TRP A 49 7.37 9.47 6.95
N ASP A 50 7.43 8.52 7.85
CA ASP A 50 8.74 8.14 8.44
C ASP A 50 9.08 6.70 8.06
N ALA A 51 8.15 6.00 7.47
CA ALA A 51 8.42 4.58 7.07
C ALA A 51 7.26 4.05 6.24
N GLY A 52 7.49 3.70 5.01
CA GLY A 52 6.39 3.17 4.16
C GLY A 52 6.87 2.98 2.73
N LEU A 53 6.10 2.28 1.93
CA LEU A 53 6.51 2.05 0.51
C LEU A 53 5.66 2.94 -0.41
N VAL A 54 5.74 2.73 -1.69
CA VAL A 54 4.94 3.56 -2.63
C VAL A 54 4.78 2.83 -3.96
N TYR A 55 3.84 3.25 -4.77
CA TYR A 55 3.63 2.59 -6.10
C TYR A 55 2.52 3.33 -6.86
N ASN A 56 2.70 3.49 -8.14
CA ASN A 56 1.66 4.19 -8.94
C ASN A 56 1.01 3.21 -9.92
N GLY A 57 0.33 3.71 -10.92
CA GLY A 57 -0.34 2.80 -11.90
C GLY A 57 -1.71 2.38 -11.37
N VAL A 58 -2.48 3.32 -10.90
CA VAL A 58 -3.83 2.98 -10.38
C VAL A 58 -4.77 4.17 -10.57
N PRO A 59 -5.22 4.38 -11.78
CA PRO A 59 -6.15 5.51 -12.10
C PRO A 59 -7.27 5.65 -11.07
N VAL A 60 -8.08 6.66 -11.21
CA VAL A 60 -9.19 6.85 -10.23
C VAL A 60 -10.44 7.36 -10.97
N GLY A 61 -11.51 6.64 -10.90
CA GLY A 61 -12.77 7.09 -11.59
C GLY A 61 -13.96 6.84 -10.68
N GLU A 62 -14.53 7.89 -10.13
CA GLU A 62 -15.70 7.71 -9.22
C GLU A 62 -16.65 6.66 -9.82
N GLY A 63 -17.65 6.27 -9.08
CA GLY A 63 -18.61 5.26 -9.61
C GLY A 63 -18.00 3.86 -9.45
N GLU A 64 -16.75 3.71 -9.80
CA GLU A 64 -16.11 2.36 -9.66
C GLU A 64 -15.28 2.34 -8.38
N SER A 65 -15.36 1.28 -7.62
CA SER A 65 -14.57 1.21 -6.36
C SER A 65 -13.32 0.37 -6.58
N TYR A 66 -12.27 0.67 -5.88
CA TYR A 66 -11.00 -0.10 -6.05
C TYR A 66 -10.77 -0.98 -4.81
N VAL A 67 -9.73 -1.76 -4.82
CA VAL A 67 -9.44 -2.63 -3.65
C VAL A 67 -7.93 -2.87 -3.54
N LEU A 68 -7.46 -3.28 -2.40
CA LEU A 68 -5.99 -3.52 -2.25
C LEU A 68 -5.77 -4.73 -1.33
N SER A 69 -5.22 -5.80 -1.86
CA SER A 69 -4.97 -7.01 -1.02
C SER A 69 -3.46 -7.14 -0.81
N PHE A 70 -2.92 -6.45 0.16
CA PHE A 70 -1.46 -6.54 0.41
C PHE A 70 -1.13 -7.59 1.47
N THR A 71 -0.17 -8.43 1.19
CA THR A 71 0.23 -9.47 2.19
C THR A 71 1.21 -8.83 3.18
N ALA A 72 0.75 -8.42 4.32
CA ALA A 72 1.67 -7.79 5.30
C ALA A 72 1.27 -8.16 6.73
N SER A 73 2.21 -8.20 7.63
CA SER A 73 1.90 -8.54 9.04
C SER A 73 2.56 -7.52 9.97
N ALA A 74 1.79 -6.85 10.78
CA ALA A 74 2.38 -5.84 11.70
C ALA A 74 2.90 -6.54 12.96
N THR A 75 4.09 -6.23 13.37
CA THR A 75 4.67 -6.87 14.59
C THR A 75 5.25 -5.78 15.50
N PRO A 76 4.73 -5.62 16.69
CA PRO A 76 3.58 -6.42 17.23
C PRO A 76 2.28 -6.16 16.46
N ASP A 77 1.18 -6.13 17.16
CA ASP A 77 -0.13 -5.88 16.47
C ASP A 77 -0.48 -4.40 16.60
N MET A 78 -1.15 -3.86 15.62
CA MET A 78 -1.53 -2.42 15.66
C MET A 78 -2.05 -1.99 14.28
N PRO A 79 -2.90 -1.00 14.24
CA PRO A 79 -3.48 -0.49 12.97
C PRO A 79 -2.46 0.36 12.19
N VAL A 80 -2.12 -0.07 11.00
CA VAL A 80 -1.13 0.70 10.19
C VAL A 80 -1.84 1.88 9.52
N ARG A 81 -1.09 2.76 8.91
CA ARG A 81 -1.72 3.93 8.24
C ARG A 81 -1.49 3.84 6.72
N VAL A 82 -2.39 3.21 6.02
CA VAL A 82 -2.23 3.10 4.55
C VAL A 82 -3.09 4.16 3.86
N LEU A 83 -2.72 4.57 2.67
CA LEU A 83 -3.52 5.61 1.98
C LEU A 83 -3.34 5.48 0.46
N VAL A 84 -4.22 6.08 -0.30
CA VAL A 84 -4.10 6.00 -1.78
C VAL A 84 -4.77 7.23 -2.40
N GLY A 85 -4.43 7.54 -3.63
CA GLY A 85 -5.05 8.72 -4.29
C GLY A 85 -4.22 9.13 -5.50
N GLU A 86 -4.13 10.40 -5.77
CA GLU A 86 -3.33 10.87 -6.93
C GLU A 86 -1.89 11.14 -6.49
N GLY A 87 -0.99 11.23 -7.42
CA GLY A 87 0.44 11.49 -7.05
C GLY A 87 0.86 12.85 -7.60
N GLY A 88 -0.07 13.73 -7.84
CA GLY A 88 0.28 15.07 -8.38
C GLY A 88 -0.81 16.07 -8.01
N GLY A 89 -0.93 17.14 -8.76
CA GLY A 89 -1.97 18.15 -8.45
C GLY A 89 -1.73 18.74 -7.06
N ALA A 90 -1.66 17.91 -6.06
CA ALA A 90 -1.43 18.43 -4.68
C ALA A 90 -1.30 17.25 -3.71
N TYR A 91 -2.40 16.71 -3.26
CA TYR A 91 -2.34 15.57 -2.30
C TYR A 91 -3.76 15.12 -1.97
N ARG A 92 -4.71 16.01 -2.00
CA ARG A 92 -6.11 15.64 -1.68
C ARG A 92 -6.38 14.21 -2.16
N THR A 93 -6.66 13.31 -1.26
CA THR A 93 -6.93 11.90 -1.67
C THR A 93 -8.29 11.45 -1.11
N ALA A 94 -8.69 10.25 -1.44
CA ALA A 94 -9.98 9.73 -0.94
C ALA A 94 -9.73 8.41 -0.21
N PHE A 95 -8.63 7.76 -0.49
CA PHE A 95 -8.33 6.47 0.19
C PHE A 95 -7.53 6.75 1.45
N GLU A 96 -7.79 7.85 2.11
CA GLU A 96 -7.02 8.17 3.35
C GLU A 96 -7.41 7.20 4.46
N GLN A 97 -6.69 6.12 4.60
CA GLN A 97 -7.02 5.14 5.68
C GLN A 97 -6.07 5.36 6.87
N GLY A 98 -6.60 5.31 8.07
CA GLY A 98 -5.73 5.51 9.26
C GLY A 98 -5.96 4.38 10.26
N SER A 99 -7.01 3.60 10.07
CA SER A 99 -7.29 2.49 11.01
C SER A 99 -7.25 1.16 10.26
N ALA A 100 -6.08 0.63 10.02
CA ALA A 100 -5.97 -0.66 9.29
C ALA A 100 -5.36 -1.72 10.21
N PRO A 101 -6.18 -2.34 11.01
CA PRO A 101 -5.74 -3.39 11.97
C PRO A 101 -4.87 -4.47 11.30
N LEU A 102 -3.72 -4.72 11.85
CA LEU A 102 -2.82 -5.76 11.26
C LEU A 102 -2.07 -6.49 12.39
N THR A 103 -2.14 -7.79 12.40
CA THR A 103 -1.44 -8.56 13.47
C THR A 103 -0.03 -8.94 12.99
N GLY A 104 0.65 -9.79 13.72
CA GLY A 104 2.02 -10.19 13.31
C GLY A 104 1.94 -11.47 12.45
N GLU A 105 0.76 -11.81 12.01
CA GLU A 105 0.62 -13.05 11.18
C GLU A 105 0.45 -12.65 9.71
N PRO A 106 0.84 -13.51 8.82
CA PRO A 106 0.75 -13.26 7.35
C PRO A 106 -0.69 -13.31 6.86
N ALA A 107 -1.18 -12.22 6.33
CA ALA A 107 -2.59 -12.20 5.82
C ALA A 107 -2.78 -11.00 4.89
N THR A 108 -3.61 -11.14 3.88
CA THR A 108 -3.83 -10.02 2.94
C THR A 108 -5.00 -9.16 3.43
N ARG A 109 -4.84 -7.86 3.46
CA ARG A 109 -5.96 -7.00 3.89
C ARG A 109 -6.60 -6.40 2.65
N GLU A 110 -7.91 -6.42 2.59
CA GLU A 110 -8.60 -5.87 1.39
C GLU A 110 -9.33 -4.58 1.74
N TYR A 111 -8.80 -3.46 1.31
CA TYR A 111 -9.47 -2.16 1.59
C TYR A 111 -10.05 -1.63 0.29
N ALA A 112 -11.32 -1.34 0.26
CA ALA A 112 -11.93 -0.82 -1.00
C ALA A 112 -12.67 0.48 -0.71
N PHE A 113 -12.99 1.23 -1.74
CA PHE A 113 -13.71 2.51 -1.55
C PHE A 113 -14.24 3.01 -2.90
N THR A 114 -14.69 4.24 -2.94
CA THR A 114 -15.22 4.79 -4.22
C THR A 114 -14.28 5.89 -4.71
N SER A 115 -14.25 6.14 -5.99
CA SER A 115 -13.36 7.20 -6.52
C SER A 115 -14.10 8.54 -6.55
N ASN A 116 -14.55 9.00 -5.41
CA ASN A 116 -15.29 10.29 -5.36
C ASN A 116 -14.72 11.26 -6.40
N LEU A 117 -13.42 11.29 -6.55
CA LEU A 117 -12.81 12.22 -7.55
C LEU A 117 -12.25 11.42 -8.73
N THR A 118 -11.50 12.06 -9.58
CA THR A 118 -10.92 11.35 -10.75
C THR A 118 -9.42 11.63 -10.83
N PHE A 119 -8.68 10.80 -11.50
CA PHE A 119 -7.22 11.02 -11.63
C PHE A 119 -6.65 10.11 -12.72
N PRO A 120 -6.51 10.62 -13.91
CA PRO A 120 -5.98 9.84 -15.06
C PRO A 120 -4.45 9.70 -15.02
N PRO A 121 -3.91 8.81 -15.80
CA PRO A 121 -2.44 8.56 -15.87
C PRO A 121 -1.72 9.60 -16.72
N ASP A 122 -2.46 10.36 -17.48
CA ASP A 122 -1.83 11.40 -18.35
C ASP A 122 -2.13 12.79 -17.79
N GLY A 123 -2.72 12.85 -16.62
CA GLY A 123 -3.04 14.19 -16.03
C GLY A 123 -1.94 14.59 -15.05
N ASP A 124 -2.00 15.79 -14.52
CA ASP A 124 -0.96 16.24 -13.57
C ASP A 124 -1.11 15.49 -12.24
N ALA A 125 -1.52 14.25 -12.30
CA ALA A 125 -1.70 13.47 -11.05
C ALA A 125 -2.19 12.05 -11.39
N PRO A 126 -1.27 11.15 -11.63
CA PRO A 126 -1.60 9.75 -11.98
C PRO A 126 -1.92 8.90 -10.75
N GLY A 127 -1.84 7.60 -10.86
CA GLY A 127 -2.15 6.73 -9.69
C GLY A 127 -1.13 6.98 -8.59
N GLN A 128 -1.49 6.72 -7.36
CA GLN A 128 -0.53 6.95 -6.24
C GLN A 128 -0.81 5.96 -5.12
N VAL A 129 0.22 5.44 -4.49
CA VAL A 129 0.02 4.46 -3.39
C VAL A 129 1.12 4.70 -2.35
N ALA A 130 0.82 4.55 -1.09
CA ALA A 130 1.86 4.78 -0.05
C ALA A 130 1.49 4.04 1.23
N PHE A 131 2.27 3.06 1.60
CA PHE A 131 1.98 2.30 2.85
C PHE A 131 2.78 2.89 4.00
N HIS A 132 2.24 3.87 4.67
CA HIS A 132 2.98 4.50 5.81
C HIS A 132 2.48 3.92 7.13
N LEU A 133 3.38 3.63 8.03
CA LEU A 133 2.96 3.06 9.35
C LEU A 133 3.61 3.85 10.49
N GLY A 134 3.46 5.15 10.47
CA GLY A 134 4.07 5.98 11.54
C GLY A 134 3.92 5.29 12.89
N LYS A 135 5.00 5.05 13.58
CA LYS A 135 4.95 4.38 14.91
C LYS A 135 6.30 4.54 15.59
N ALA A 136 6.88 5.71 15.56
CA ALA A 136 8.21 5.89 16.20
C ALA A 136 9.04 4.66 15.87
N GLY A 137 8.65 3.95 14.85
CA GLY A 137 9.39 2.72 14.47
C GLY A 137 9.14 1.64 15.53
N ALA A 138 8.01 1.69 16.19
CA ALA A 138 7.73 0.68 17.25
C ALA A 138 6.98 -0.51 16.65
N TYR A 139 7.52 -1.15 15.65
CA TYR A 139 6.80 -2.32 15.06
C TYR A 139 7.65 -2.97 13.96
N GLU A 140 7.00 -3.60 13.02
CA GLU A 140 7.73 -4.27 11.89
C GLU A 140 6.75 -4.48 10.73
N PHE A 141 7.25 -4.60 9.54
CA PHE A 141 6.33 -4.79 8.37
C PHE A 141 6.86 -5.91 7.46
N CYS A 142 6.28 -7.07 7.53
CA CYS A 142 6.76 -8.19 6.67
C CYS A 142 5.75 -8.45 5.54
N ILE A 143 6.13 -8.14 4.32
CA ILE A 143 5.21 -8.39 3.18
C ILE A 143 6.00 -8.94 2.00
N SER A 144 5.37 -9.80 1.25
CA SER A 144 6.06 -10.41 0.07
C SER A 144 5.11 -10.42 -1.12
N GLN A 145 3.89 -10.01 -0.94
CA GLN A 145 2.93 -10.01 -2.09
C GLN A 145 2.05 -8.77 -2.03
N VAL A 146 1.60 -8.30 -3.17
CA VAL A 146 0.73 -7.10 -3.20
C VAL A 146 0.00 -7.02 -4.54
N SER A 147 -1.30 -6.97 -4.53
CA SER A 147 -2.06 -6.90 -5.80
C SER A 147 -3.35 -6.10 -5.59
N LEU A 148 -3.70 -5.27 -6.53
CA LEU A 148 -4.95 -4.46 -6.38
C LEU A 148 -5.98 -4.92 -7.42
N THR A 149 -7.24 -4.82 -7.11
CA THR A 149 -8.28 -5.24 -8.08
C THR A 149 -9.66 -4.75 -7.61
N THR A 150 -10.71 -5.29 -8.15
CA THR A 150 -12.07 -4.85 -7.74
C THR A 150 -13.12 -5.76 -8.40
N SER A 151 -12.91 -6.10 -9.64
CA SER A 151 -13.89 -6.97 -10.34
C SER A 151 -15.31 -6.50 -10.05
N ALA A 152 -16.29 -7.30 -10.36
CA ALA A 152 -17.70 -6.90 -10.10
C ALA A 152 -18.37 -7.94 -9.21
N THR A 153 -17.59 -8.73 -8.51
CA THR A 153 -18.18 -9.77 -7.62
C THR A 153 -17.86 -9.44 -6.16
N ALA A 1 -19.41 -4.22 -15.00
CA ALA A 1 -18.26 -4.05 -14.07
C ALA A 1 -18.30 -5.14 -12.99
N SER A 2 -17.32 -5.19 -12.14
CA SER A 2 -17.31 -6.23 -11.07
C SER A 2 -17.46 -7.61 -11.71
N LEU A 3 -16.39 -8.15 -12.24
CA LEU A 3 -16.48 -9.49 -12.88
C LEU A 3 -15.21 -10.29 -12.55
N ASP A 4 -15.17 -11.54 -12.95
CA ASP A 4 -13.96 -12.37 -12.66
C ASP A 4 -12.72 -11.68 -13.23
N SER A 5 -11.64 -12.40 -13.37
CA SER A 5 -10.40 -11.80 -13.92
C SER A 5 -10.11 -10.48 -13.19
N GLU A 6 -9.20 -10.49 -12.25
CA GLU A 6 -8.88 -9.23 -11.52
C GLU A 6 -8.07 -8.31 -12.42
N VAL A 7 -8.52 -7.11 -12.63
CA VAL A 7 -7.77 -6.16 -13.50
C VAL A 7 -6.69 -5.46 -12.68
N GLU A 8 -5.49 -5.99 -12.66
CA GLU A 8 -4.40 -5.35 -11.88
C GLU A 8 -3.56 -4.47 -12.80
N LEU A 9 -3.39 -3.23 -12.46
CA LEU A 9 -2.57 -2.32 -13.31
C LEU A 9 -1.09 -2.49 -12.99
N LEU A 10 -0.78 -3.13 -11.89
CA LEU A 10 0.64 -3.31 -11.52
C LEU A 10 0.93 -4.82 -11.44
N PRO A 11 1.20 -5.43 -12.56
CA PRO A 11 1.50 -6.89 -12.65
C PRO A 11 2.72 -7.28 -11.82
N HIS A 12 2.93 -6.61 -10.71
CA HIS A 12 4.11 -6.94 -9.86
C HIS A 12 3.67 -7.02 -8.39
N THR A 13 3.45 -8.20 -7.90
CA THR A 13 3.03 -8.35 -6.48
C THR A 13 3.78 -9.51 -5.84
N SER A 14 5.08 -9.48 -5.89
CA SER A 14 5.88 -10.58 -5.28
C SER A 14 7.31 -10.11 -5.01
N PHE A 15 7.53 -9.45 -3.91
CA PHE A 15 8.90 -8.95 -3.59
C PHE A 15 9.83 -10.16 -3.42
N ALA A 16 9.82 -11.05 -4.38
CA ALA A 16 10.69 -12.26 -4.28
C ALA A 16 12.15 -11.85 -4.08
N GLU A 17 12.88 -11.67 -5.14
CA GLU A 17 14.31 -11.28 -5.01
C GLU A 17 14.50 -9.84 -5.48
N SER A 18 13.57 -8.98 -5.18
CA SER A 18 13.71 -7.56 -5.61
C SER A 18 12.60 -6.71 -4.98
N LEU A 19 12.85 -5.44 -4.79
CA LEU A 19 11.81 -4.57 -4.19
C LEU A 19 10.76 -4.22 -5.24
N GLY A 20 11.03 -4.47 -6.49
CA GLY A 20 10.04 -4.16 -7.55
C GLY A 20 10.03 -2.65 -7.83
N PRO A 21 9.29 -2.24 -8.82
CA PRO A 21 9.18 -0.80 -9.19
C PRO A 21 8.82 0.08 -8.00
N TRP A 22 8.33 -0.50 -6.94
CA TRP A 22 7.96 0.30 -5.74
C TRP A 22 9.23 0.88 -5.11
N SER A 23 9.10 1.90 -4.31
CA SER A 23 10.30 2.51 -3.68
C SER A 23 10.31 2.19 -2.18
N LEU A 24 11.46 2.05 -1.60
CA LEU A 24 11.53 1.74 -0.13
C LEU A 24 12.59 2.64 0.52
N TYR A 25 12.24 3.29 1.59
CA TYR A 25 13.23 4.16 2.28
C TYR A 25 12.59 4.79 3.53
N GLY A 26 13.39 5.23 4.46
CA GLY A 26 12.82 5.85 5.69
C GLY A 26 12.95 4.89 6.87
N THR A 27 12.87 3.60 6.62
CA THR A 27 12.99 2.63 7.74
C THR A 27 14.31 1.88 7.63
N SER A 28 14.28 0.61 7.92
CA SER A 28 15.52 -0.22 7.84
C SER A 28 15.63 -0.82 6.44
N GLU A 29 16.79 -0.72 5.83
CA GLU A 29 16.95 -1.30 4.47
C GLU A 29 16.15 -2.61 4.38
N PRO A 30 15.00 -2.59 3.76
CA PRO A 30 14.14 -3.79 3.62
C PRO A 30 14.96 -5.01 3.18
N VAL A 31 14.52 -6.20 3.52
CA VAL A 31 15.29 -7.41 3.13
C VAL A 31 14.33 -8.51 2.65
N PHE A 32 14.42 -8.87 1.39
CA PHE A 32 13.53 -9.95 0.86
C PHE A 32 14.07 -11.31 1.27
N ALA A 33 13.65 -11.81 2.40
CA ALA A 33 14.13 -13.14 2.86
C ALA A 33 13.31 -14.25 2.21
N ASP A 34 12.54 -14.98 2.98
CA ASP A 34 11.71 -16.07 2.41
C ASP A 34 10.76 -15.50 1.35
N GLY A 35 11.29 -14.99 0.27
CA GLY A 35 10.41 -14.42 -0.79
C GLY A 35 9.58 -13.27 -0.20
N ARG A 36 9.84 -12.92 1.02
CA ARG A 36 9.07 -11.80 1.64
C ARG A 36 10.03 -10.71 2.12
N MET A 37 9.61 -9.48 2.10
CA MET A 37 10.50 -8.38 2.55
C MET A 37 9.94 -7.75 3.81
N CYS A 38 10.75 -7.56 4.82
CA CYS A 38 10.26 -6.93 6.07
C CYS A 38 11.08 -5.68 6.39
N VAL A 39 10.50 -4.74 7.08
CA VAL A 39 11.23 -3.50 7.43
C VAL A 39 11.16 -3.29 8.94
N ASP A 40 12.25 -2.90 9.56
CA ASP A 40 12.23 -2.69 11.04
C ASP A 40 11.47 -1.40 11.35
N LEU A 41 10.31 -1.53 11.94
CA LEU A 41 9.51 -0.32 12.28
C LEU A 41 9.33 -0.22 13.80
N PRO A 42 10.36 0.15 14.49
CA PRO A 42 10.33 0.30 15.98
C PRO A 42 9.59 1.55 16.43
N GLY A 43 9.86 2.03 17.62
CA GLY A 43 9.17 3.24 18.11
C GLY A 43 10.18 4.39 18.20
N GLY A 44 9.84 5.53 17.65
CA GLY A 44 10.78 6.69 17.69
C GLY A 44 10.75 7.43 16.35
N GLN A 45 9.61 7.49 15.72
CA GLN A 45 9.52 8.19 14.41
C GLN A 45 8.96 9.59 14.62
N GLY A 46 9.78 10.60 14.52
CA GLY A 46 9.29 11.99 14.72
C GLY A 46 8.40 12.39 13.53
N ASN A 47 7.99 11.45 12.74
CA ASN A 47 7.12 11.77 11.57
C ASN A 47 6.78 10.49 10.82
N PRO A 48 5.65 10.46 10.17
CA PRO A 48 5.18 9.29 9.39
C PRO A 48 5.98 9.08 8.10
N TRP A 49 6.05 10.10 7.28
CA TRP A 49 6.81 9.96 6.02
C TRP A 49 8.29 9.70 6.33
N ASP A 50 8.56 8.82 7.25
CA ASP A 50 9.97 8.51 7.60
C ASP A 50 10.16 6.99 7.72
N ALA A 51 9.54 6.24 6.84
CA ALA A 51 9.68 4.76 6.90
C ALA A 51 8.48 4.11 6.20
N GLY A 52 8.70 3.48 5.08
CA GLY A 52 7.58 2.83 4.36
C GLY A 52 7.93 2.70 2.88
N LEU A 53 7.14 1.96 2.13
CA LEU A 53 7.43 1.80 0.69
C LEU A 53 6.40 2.59 -0.13
N VAL A 54 6.80 3.19 -1.21
CA VAL A 54 5.84 3.97 -2.03
C VAL A 54 5.77 3.39 -3.45
N TYR A 55 4.89 3.90 -4.28
CA TYR A 55 4.78 3.38 -5.67
C TYR A 55 3.66 4.14 -6.40
N ASN A 56 3.84 4.37 -7.67
CA ASN A 56 2.80 5.11 -8.45
C ASN A 56 1.95 4.10 -9.24
N GLY A 57 1.20 4.57 -10.19
CA GLY A 57 0.36 3.64 -11.00
C GLY A 57 -0.84 3.19 -10.16
N VAL A 58 -1.73 4.09 -9.83
CA VAL A 58 -2.92 3.70 -9.02
C VAL A 58 -4.09 4.64 -9.36
N PRO A 59 -4.67 4.46 -10.50
CA PRO A 59 -5.82 5.29 -10.97
C PRO A 59 -7.14 4.91 -10.27
N VAL A 60 -8.08 5.80 -10.23
CA VAL A 60 -9.37 5.50 -9.58
C VAL A 60 -10.50 6.26 -10.28
N GLY A 61 -11.27 5.59 -11.11
CA GLY A 61 -12.37 6.28 -11.84
C GLY A 61 -13.52 6.55 -10.86
N GLU A 62 -13.87 7.80 -10.67
CA GLU A 62 -14.98 8.13 -9.74
C GLU A 62 -16.26 7.42 -10.19
N GLY A 63 -16.87 6.66 -9.33
CA GLY A 63 -18.12 5.95 -9.72
C GLY A 63 -18.05 4.49 -9.28
N GLU A 64 -16.96 3.83 -9.56
CA GLU A 64 -16.83 2.40 -9.16
C GLU A 64 -15.99 2.30 -7.88
N SER A 65 -16.00 1.16 -7.25
CA SER A 65 -15.20 1.01 -5.99
C SER A 65 -13.97 0.14 -6.28
N TYR A 66 -12.83 0.56 -5.80
CA TYR A 66 -11.58 -0.22 -6.05
C TYR A 66 -11.30 -1.11 -4.83
N VAL A 67 -10.23 -1.86 -4.87
CA VAL A 67 -9.90 -2.75 -3.72
C VAL A 67 -8.38 -3.01 -3.70
N LEU A 68 -7.79 -3.01 -2.53
CA LEU A 68 -6.33 -3.27 -2.45
C LEU A 68 -6.08 -4.50 -1.57
N SER A 69 -5.49 -5.52 -2.12
CA SER A 69 -5.20 -6.75 -1.33
C SER A 69 -3.70 -6.84 -1.10
N PHE A 70 -3.20 -6.15 -0.10
CA PHE A 70 -1.73 -6.16 0.17
C PHE A 70 -1.37 -7.23 1.19
N THR A 71 -0.24 -7.87 1.01
CA THR A 71 0.21 -8.91 1.99
C THR A 71 1.04 -8.22 3.08
N ALA A 72 0.75 -8.46 4.32
CA ALA A 72 1.54 -7.80 5.39
C ALA A 72 1.21 -8.41 6.76
N SER A 73 2.21 -8.69 7.54
CA SER A 73 1.96 -9.27 8.89
C SER A 73 2.51 -8.33 9.95
N ALA A 74 1.69 -7.89 10.86
CA ALA A 74 2.16 -6.95 11.92
C ALA A 74 2.76 -7.76 13.08
N THR A 75 3.96 -7.47 13.46
CA THR A 75 4.60 -8.21 14.58
C THR A 75 5.37 -7.24 15.48
N PRO A 76 4.96 -7.05 16.71
CA PRO A 76 3.74 -7.70 17.30
C PRO A 76 2.45 -7.26 16.60
N ASP A 77 1.40 -7.09 17.35
CA ASP A 77 0.11 -6.66 16.73
C ASP A 77 -0.07 -5.16 16.91
N MET A 78 -0.78 -4.53 16.00
CA MET A 78 -1.01 -3.06 16.09
C MET A 78 -1.48 -2.55 14.73
N PRO A 79 -2.00 -1.34 14.68
CA PRO A 79 -2.50 -0.73 13.42
C PRO A 79 -1.39 -0.03 12.62
N VAL A 80 -1.69 0.34 11.41
CA VAL A 80 -0.66 1.04 10.56
C VAL A 80 -1.33 2.20 9.82
N ARG A 81 -0.55 3.05 9.19
CA ARG A 81 -1.14 4.19 8.46
C ARG A 81 -0.85 4.06 6.96
N VAL A 82 -1.84 3.69 6.19
CA VAL A 82 -1.63 3.54 4.72
C VAL A 82 -2.38 4.66 3.98
N LEU A 83 -2.00 4.95 2.77
CA LEU A 83 -2.70 6.03 2.01
C LEU A 83 -2.50 5.82 0.51
N VAL A 84 -3.45 6.23 -0.29
CA VAL A 84 -3.31 6.06 -1.77
C VAL A 84 -4.04 7.20 -2.49
N GLY A 85 -3.64 7.50 -3.69
CA GLY A 85 -4.31 8.59 -4.46
C GLY A 85 -3.28 9.35 -5.28
N GLU A 86 -3.32 10.66 -5.25
CA GLU A 86 -2.33 11.45 -6.05
C GLU A 86 -1.09 11.72 -5.20
N GLY A 87 -0.13 12.42 -5.74
CA GLY A 87 1.11 12.71 -4.96
C GLY A 87 1.94 13.76 -5.70
N GLY A 88 1.30 14.66 -6.39
CA GLY A 88 2.05 15.71 -7.13
C GLY A 88 1.29 17.04 -7.08
N GLY A 89 0.58 17.37 -8.12
CA GLY A 89 -0.19 18.64 -8.12
C GLY A 89 -0.91 18.81 -6.78
N ALA A 90 -2.18 18.52 -6.75
CA ALA A 90 -2.94 18.66 -5.47
C ALA A 90 -4.21 17.80 -5.53
N TYR A 91 -4.19 16.77 -6.34
CA TYR A 91 -5.39 15.89 -6.44
C TYR A 91 -5.62 15.17 -5.10
N ARG A 92 -6.22 15.84 -4.16
CA ARG A 92 -6.48 15.22 -2.83
C ARG A 92 -6.66 13.70 -2.99
N THR A 93 -6.34 12.94 -1.97
CA THR A 93 -6.47 11.47 -2.07
C THR A 93 -7.77 11.02 -1.39
N ALA A 94 -8.22 9.84 -1.71
CA ALA A 94 -9.47 9.32 -1.09
C ALA A 94 -9.15 8.03 -0.34
N PHE A 95 -8.00 7.47 -0.59
CA PHE A 95 -7.61 6.21 0.10
C PHE A 95 -6.86 6.56 1.38
N GLU A 96 -7.25 7.62 2.05
CA GLU A 96 -6.55 8.02 3.30
C GLU A 96 -7.07 7.17 4.46
N GLN A 97 -6.73 5.91 4.49
CA GLN A 97 -7.18 5.04 5.61
C GLN A 97 -6.06 4.89 6.62
N GLY A 98 -6.22 5.46 7.78
CA GLY A 98 -5.14 5.36 8.81
C GLY A 98 -5.53 4.32 9.87
N SER A 99 -6.53 3.53 9.60
CA SER A 99 -6.96 2.51 10.59
C SER A 99 -6.82 1.11 9.98
N ALA A 100 -5.61 0.67 9.74
CA ALA A 100 -5.43 -0.69 9.17
C ALA A 100 -4.87 -1.62 10.24
N PRO A 101 -5.72 -2.43 10.84
CA PRO A 101 -5.31 -3.37 11.90
C PRO A 101 -4.67 -4.65 11.35
N LEU A 102 -3.59 -5.09 11.93
CA LEU A 102 -2.92 -6.33 11.44
C LEU A 102 -2.40 -7.13 12.63
N THR A 103 -2.68 -8.41 12.68
CA THR A 103 -2.20 -9.23 13.81
C THR A 103 -0.85 -9.86 13.45
N GLY A 104 -0.42 -10.83 14.21
CA GLY A 104 0.89 -11.49 13.91
C GLY A 104 0.67 -12.67 12.96
N GLU A 105 -0.29 -12.54 12.07
CA GLU A 105 -0.55 -13.67 11.11
C GLU A 105 -0.40 -13.15 9.67
N PRO A 106 0.21 -13.92 8.81
CA PRO A 106 0.42 -13.53 7.39
C PRO A 106 -0.87 -13.65 6.58
N ALA A 107 -1.32 -12.57 5.99
CA ALA A 107 -2.56 -12.63 5.18
C ALA A 107 -2.75 -11.30 4.43
N THR A 108 -3.55 -11.30 3.40
CA THR A 108 -3.77 -10.05 2.63
C THR A 108 -4.97 -9.30 3.20
N ARG A 109 -4.97 -8.00 3.13
CA ARG A 109 -6.14 -7.24 3.63
C ARG A 109 -6.79 -6.55 2.43
N GLU A 110 -8.09 -6.58 2.37
CA GLU A 110 -8.79 -5.97 1.21
C GLU A 110 -9.63 -4.77 1.66
N TYR A 111 -9.21 -3.58 1.33
CA TYR A 111 -9.99 -2.38 1.72
C TYR A 111 -10.59 -1.78 0.45
N ALA A 112 -11.90 -1.77 0.34
CA ALA A 112 -12.54 -1.21 -0.88
C ALA A 112 -13.07 0.20 -0.58
N PHE A 113 -12.97 1.09 -1.53
CA PHE A 113 -13.46 2.47 -1.31
C PHE A 113 -14.35 2.89 -2.48
N THR A 114 -15.12 3.93 -2.32
CA THR A 114 -16.00 4.39 -3.42
C THR A 114 -15.32 5.50 -4.21
N SER A 115 -14.91 5.21 -5.42
CA SER A 115 -14.23 6.26 -6.24
C SER A 115 -15.15 7.48 -6.36
N ASN A 116 -14.85 8.53 -5.66
CA ASN A 116 -15.71 9.75 -5.73
C ASN A 116 -14.99 10.85 -6.50
N LEU A 117 -13.72 10.67 -6.76
CA LEU A 117 -12.96 11.71 -7.51
C LEU A 117 -12.07 11.05 -8.57
N THR A 118 -12.19 11.47 -9.80
CA THR A 118 -11.35 10.86 -10.88
C THR A 118 -9.88 11.07 -10.55
N PHE A 119 -9.14 10.01 -10.36
CA PHE A 119 -7.69 10.17 -10.04
C PHE A 119 -6.85 9.45 -11.10
N PRO A 120 -6.88 9.95 -12.30
CA PRO A 120 -6.11 9.37 -13.44
C PRO A 120 -4.60 9.57 -13.29
N PRO A 121 -3.83 8.86 -14.08
CA PRO A 121 -2.34 8.95 -14.04
C PRO A 121 -1.83 10.18 -14.78
N ASP A 122 -2.67 10.81 -15.56
CA ASP A 122 -2.22 12.01 -16.32
C ASP A 122 -2.87 13.27 -15.73
N GLY A 123 -3.86 13.10 -14.89
CA GLY A 123 -4.52 14.27 -14.27
C GLY A 123 -3.48 15.15 -13.57
N ASP A 124 -2.96 14.69 -12.47
CA ASP A 124 -1.93 15.49 -11.74
C ASP A 124 -0.71 14.61 -11.45
N ALA A 125 -0.81 13.34 -11.73
CA ALA A 125 0.35 12.43 -11.46
C ALA A 125 -0.03 11.00 -11.88
N PRO A 126 0.93 10.23 -12.29
CA PRO A 126 0.72 8.81 -12.72
C PRO A 126 0.06 7.97 -11.63
N GLY A 127 -0.08 8.52 -10.45
CA GLY A 127 -0.71 7.75 -9.34
C GLY A 127 0.13 7.90 -8.07
N GLN A 128 -0.37 7.40 -6.96
CA GLN A 128 0.41 7.52 -5.70
C GLN A 128 0.01 6.38 -4.75
N VAL A 129 0.96 5.82 -4.06
CA VAL A 129 0.66 4.71 -3.10
C VAL A 129 1.74 4.71 -2.02
N ALA A 130 1.53 5.46 -0.97
CA ALA A 130 2.56 5.51 0.10
C ALA A 130 2.19 4.57 1.25
N PHE A 131 3.07 3.66 1.57
CA PHE A 131 2.79 2.71 2.69
C PHE A 131 3.65 3.10 3.89
N HIS A 132 3.21 4.06 4.66
CA HIS A 132 4.02 4.50 5.83
C HIS A 132 3.46 3.87 7.11
N LEU A 133 4.32 3.37 7.96
CA LEU A 133 3.84 2.76 9.23
C LEU A 133 4.63 3.32 10.40
N GLY A 134 5.63 4.13 10.12
CA GLY A 134 6.44 4.72 11.23
C GLY A 134 5.51 5.18 12.35
N LYS A 135 5.74 4.71 13.55
CA LYS A 135 4.87 5.12 14.68
C LYS A 135 5.55 4.77 16.01
N ALA A 136 5.66 5.71 16.90
CA ALA A 136 6.30 5.41 18.21
C ALA A 136 5.77 4.07 18.71
N GLY A 137 4.71 3.59 18.12
CA GLY A 137 4.13 2.30 18.54
C GLY A 137 4.18 1.32 17.36
N ALA A 138 4.75 1.74 16.26
CA ALA A 138 4.83 0.83 15.07
C ALA A 138 5.43 -0.51 15.50
N TYR A 139 5.92 -1.28 14.55
CA TYR A 139 6.51 -2.60 14.91
C TYR A 139 7.27 -3.19 13.72
N GLU A 140 6.80 -4.27 13.18
CA GLU A 140 7.49 -4.88 12.00
C GLU A 140 6.48 -5.06 10.86
N PHE A 141 6.89 -4.80 9.65
CA PHE A 141 5.94 -4.95 8.50
C PHE A 141 6.50 -5.95 7.50
N CYS A 142 5.93 -7.13 7.42
CA CYS A 142 6.43 -8.15 6.47
C CYS A 142 5.49 -8.23 5.26
N ILE A 143 5.77 -7.46 4.23
CA ILE A 143 4.91 -7.50 3.01
C ILE A 143 5.67 -8.20 1.89
N SER A 144 4.97 -8.98 1.11
CA SER A 144 5.63 -9.70 0.00
C SER A 144 4.74 -9.65 -1.25
N GLN A 145 3.60 -9.03 -1.15
CA GLN A 145 2.70 -8.96 -2.33
C GLN A 145 1.87 -7.67 -2.29
N VAL A 146 1.33 -7.28 -3.41
CA VAL A 146 0.51 -6.03 -3.45
C VAL A 146 -0.26 -5.97 -4.76
N SER A 147 -1.54 -6.25 -4.72
CA SER A 147 -2.34 -6.21 -5.97
C SER A 147 -3.28 -5.00 -5.95
N LEU A 148 -3.51 -4.39 -7.07
CA LEU A 148 -4.41 -3.20 -7.11
C LEU A 148 -5.37 -3.33 -8.29
N THR A 149 -6.64 -3.49 -8.02
CA THR A 149 -7.63 -3.63 -9.13
C THR A 149 -9.01 -3.19 -8.64
N THR A 150 -10.03 -3.50 -9.38
CA THR A 150 -11.41 -3.11 -8.96
C THR A 150 -12.34 -4.30 -9.13
N SER A 151 -12.20 -5.02 -10.20
CA SER A 151 -13.08 -6.21 -10.44
C SER A 151 -12.89 -7.22 -9.30
N ALA A 152 -13.91 -7.95 -8.96
CA ALA A 152 -13.78 -8.95 -7.87
C ALA A 152 -14.76 -10.10 -8.11
N THR A 153 -14.99 -10.92 -7.11
CA THR A 153 -15.94 -12.05 -7.29
C THR A 153 -17.21 -11.80 -6.49
N ALA A 1 -16.63 -2.92 -17.85
CA ALA A 1 -15.61 -2.06 -18.51
C ALA A 1 -14.21 -2.52 -18.09
N SER A 2 -14.13 -3.31 -17.05
CA SER A 2 -12.79 -3.78 -16.59
C SER A 2 -12.55 -5.21 -17.10
N LEU A 3 -12.40 -6.15 -16.21
CA LEU A 3 -12.17 -7.56 -16.64
C LEU A 3 -12.81 -8.52 -15.63
N ASP A 4 -12.43 -9.76 -15.66
CA ASP A 4 -13.00 -10.74 -14.70
C ASP A 4 -12.87 -10.21 -13.27
N SER A 5 -12.94 -11.06 -12.29
CA SER A 5 -12.81 -10.61 -10.88
C SER A 5 -11.35 -10.24 -10.60
N GLU A 6 -11.08 -9.73 -9.44
CA GLU A 6 -9.68 -9.35 -9.10
C GLU A 6 -8.97 -8.83 -10.35
N VAL A 7 -8.96 -7.55 -10.56
CA VAL A 7 -8.28 -6.99 -11.76
C VAL A 7 -6.89 -6.48 -11.36
N GLU A 8 -5.92 -7.35 -11.34
CA GLU A 8 -4.54 -6.93 -10.97
C GLU A 8 -4.00 -5.95 -12.03
N LEU A 9 -3.86 -4.70 -11.67
CA LEU A 9 -3.35 -3.71 -12.65
C LEU A 9 -1.81 -3.82 -12.72
N LEU A 10 -1.19 -4.15 -11.63
CA LEU A 10 0.29 -4.28 -11.63
C LEU A 10 0.67 -5.75 -11.41
N PRO A 11 0.93 -6.47 -12.47
CA PRO A 11 1.30 -7.91 -12.40
C PRO A 11 2.52 -8.17 -11.50
N HIS A 12 2.61 -7.47 -10.39
CA HIS A 12 3.77 -7.69 -9.48
C HIS A 12 3.26 -7.91 -8.05
N THR A 13 3.73 -8.93 -7.39
CA THR A 13 3.27 -9.20 -6.00
C THR A 13 4.14 -10.28 -5.37
N SER A 14 5.43 -10.08 -5.34
CA SER A 14 6.33 -11.10 -4.74
C SER A 14 7.66 -10.45 -4.34
N PHE A 15 7.64 -9.60 -3.35
CA PHE A 15 8.90 -8.94 -2.90
C PHE A 15 9.85 -10.01 -2.34
N ALA A 16 9.83 -11.19 -2.90
CA ALA A 16 10.72 -12.27 -2.40
C ALA A 16 12.12 -12.11 -2.99
N GLU A 17 12.22 -11.62 -4.19
CA GLU A 17 13.56 -11.44 -4.82
C GLU A 17 13.88 -9.95 -4.93
N SER A 18 13.20 -9.25 -5.79
CA SER A 18 13.46 -7.79 -5.94
C SER A 18 12.30 -7.00 -5.34
N LEU A 19 12.60 -5.87 -4.72
CA LEU A 19 11.51 -5.06 -4.11
C LEU A 19 10.53 -4.60 -5.20
N GLY A 20 10.63 -5.16 -6.37
CA GLY A 20 9.70 -4.76 -7.47
C GLY A 20 9.96 -3.31 -7.87
N PRO A 21 9.26 -2.84 -8.86
CA PRO A 21 9.40 -1.44 -9.36
C PRO A 21 8.77 -0.42 -8.42
N TRP A 22 8.41 -0.84 -7.23
CA TRP A 22 7.78 0.10 -6.26
C TRP A 22 8.87 1.03 -5.68
N SER A 23 8.50 1.84 -4.73
CA SER A 23 9.51 2.77 -4.12
C SER A 23 9.67 2.42 -2.64
N LEU A 24 10.86 2.57 -2.11
CA LEU A 24 11.06 2.24 -0.67
C LEU A 24 12.20 3.09 -0.09
N TYR A 25 12.06 3.49 1.15
CA TYR A 25 13.12 4.31 1.80
C TYR A 25 12.58 4.92 3.09
N GLY A 26 13.41 5.59 3.83
CA GLY A 26 12.94 6.22 5.10
C GLY A 26 13.09 5.23 6.26
N THR A 27 13.13 3.95 5.97
CA THR A 27 13.28 2.95 7.07
C THR A 27 14.68 2.33 6.99
N SER A 28 14.78 1.05 7.28
CA SER A 28 16.11 0.38 7.20
C SER A 28 16.30 -0.22 5.82
N GLU A 29 17.24 -1.10 5.67
CA GLU A 29 17.46 -1.74 4.34
C GLU A 29 16.61 -3.01 4.24
N PRO A 30 15.59 -3.00 3.40
CA PRO A 30 14.71 -4.18 3.24
C PRO A 30 15.48 -5.49 3.18
N VAL A 31 14.90 -6.56 3.68
CA VAL A 31 15.63 -7.86 3.66
C VAL A 31 14.73 -8.94 3.07
N PHE A 32 14.84 -9.21 1.79
CA PHE A 32 14.00 -10.27 1.16
C PHE A 32 14.59 -11.64 1.49
N ALA A 33 14.19 -12.22 2.58
CA ALA A 33 14.73 -13.55 2.97
C ALA A 33 14.11 -14.63 2.08
N ASP A 34 13.79 -15.76 2.66
CA ASP A 34 13.18 -16.86 1.84
C ASP A 34 12.28 -16.27 0.76
N GLY A 35 11.04 -16.03 1.09
CA GLY A 35 10.11 -15.45 0.08
C GLY A 35 9.36 -14.26 0.68
N ARG A 36 10.02 -13.49 1.50
CA ARG A 36 9.34 -12.31 2.12
C ARG A 36 10.38 -11.23 2.44
N MET A 37 9.94 -10.01 2.56
CA MET A 37 10.90 -8.92 2.87
C MET A 37 10.37 -8.10 4.05
N CYS A 38 11.21 -7.78 4.99
CA CYS A 38 10.74 -7.00 6.16
C CYS A 38 11.57 -5.73 6.32
N VAL A 39 10.94 -4.65 6.73
CA VAL A 39 11.69 -3.38 6.92
C VAL A 39 11.67 -3.03 8.41
N ASP A 40 12.74 -2.45 8.91
CA ASP A 40 12.79 -2.10 10.35
C ASP A 40 11.97 -0.82 10.58
N LEU A 41 10.81 -0.95 11.18
CA LEU A 41 9.97 0.25 11.45
C LEU A 41 9.81 0.43 12.95
N PRO A 42 10.80 1.03 13.58
CA PRO A 42 10.78 1.28 15.05
C PRO A 42 9.48 1.93 15.52
N GLY A 43 9.56 2.80 16.49
CA GLY A 43 8.33 3.47 16.98
C GLY A 43 8.69 4.84 17.57
N GLY A 44 9.05 5.77 16.73
CA GLY A 44 9.42 7.12 17.23
C GLY A 44 9.43 8.12 16.07
N GLN A 45 8.61 7.91 15.09
CA GLN A 45 8.57 8.84 13.92
C GLN A 45 7.39 9.79 14.08
N GLY A 46 7.61 10.93 14.69
CA GLY A 46 6.51 11.91 14.86
C GLY A 46 5.64 11.94 13.61
N ASN A 47 6.26 11.96 12.46
CA ASN A 47 5.48 11.99 11.19
C ASN A 47 5.40 10.57 10.60
N PRO A 48 4.22 10.11 10.28
CA PRO A 48 4.03 8.74 9.71
C PRO A 48 4.39 8.68 8.22
N TRP A 49 4.31 9.78 7.52
CA TRP A 49 4.66 9.77 6.07
C TRP A 49 6.14 10.12 5.88
N ASP A 50 6.97 9.72 6.80
CA ASP A 50 8.43 10.04 6.67
C ASP A 50 9.17 8.81 6.13
N ALA A 51 8.46 7.75 5.85
CA ALA A 51 9.13 6.53 5.31
C ALA A 51 8.09 5.53 4.82
N GLY A 52 8.52 4.35 4.44
CA GLY A 52 7.54 3.33 3.95
C GLY A 52 7.78 3.08 2.46
N LEU A 53 6.92 2.34 1.82
CA LEU A 53 7.09 2.07 0.37
C LEU A 53 5.94 2.68 -0.42
N VAL A 54 6.24 3.25 -1.56
CA VAL A 54 5.18 3.88 -2.40
C VAL A 54 5.25 3.34 -3.82
N TYR A 55 4.21 3.53 -4.59
CA TYR A 55 4.21 3.04 -5.99
C TYR A 55 3.17 3.79 -6.80
N ASN A 56 3.34 3.87 -8.10
CA ASN A 56 2.36 4.59 -8.96
C ASN A 56 1.62 3.59 -9.86
N GLY A 57 0.97 4.08 -10.88
CA GLY A 57 0.23 3.15 -11.79
C GLY A 57 -1.03 2.65 -11.09
N VAL A 58 -1.99 3.51 -10.90
CA VAL A 58 -3.25 3.08 -10.22
C VAL A 58 -4.35 4.11 -10.50
N PRO A 59 -5.18 3.85 -11.48
CA PRO A 59 -6.29 4.76 -11.85
C PRO A 59 -7.49 4.62 -10.91
N VAL A 60 -7.88 5.69 -10.28
CA VAL A 60 -9.04 5.62 -9.35
C VAL A 60 -10.28 6.22 -10.02
N GLY A 61 -11.46 5.82 -9.61
CA GLY A 61 -12.68 6.38 -10.22
C GLY A 61 -13.89 6.10 -9.31
N GLU A 62 -14.66 7.10 -9.00
CA GLU A 62 -15.85 6.91 -8.12
C GLU A 62 -16.81 5.92 -8.79
N GLY A 63 -18.04 5.89 -8.36
CA GLY A 63 -19.02 4.96 -8.96
C GLY A 63 -18.58 3.52 -8.73
N GLU A 64 -17.35 3.21 -9.02
CA GLU A 64 -16.86 1.82 -8.81
C GLU A 64 -16.07 1.76 -7.49
N SER A 65 -15.91 0.58 -6.94
CA SER A 65 -15.15 0.46 -5.67
C SER A 65 -13.84 -0.29 -5.90
N TYR A 66 -12.81 0.06 -5.19
CA TYR A 66 -11.50 -0.62 -5.37
C TYR A 66 -11.24 -1.56 -4.20
N VAL A 67 -10.18 -2.33 -4.27
CA VAL A 67 -9.85 -3.27 -3.17
C VAL A 67 -8.34 -3.50 -3.13
N LEU A 68 -7.73 -3.34 -1.99
CA LEU A 68 -6.25 -3.54 -1.91
C LEU A 68 -5.94 -4.74 -1.01
N SER A 69 -5.36 -5.78 -1.55
CA SER A 69 -5.02 -6.97 -0.72
C SER A 69 -3.50 -7.04 -0.55
N PHE A 70 -2.96 -6.30 0.38
CA PHE A 70 -1.49 -6.31 0.58
C PHE A 70 -1.09 -7.32 1.66
N THR A 71 -0.03 -8.04 1.43
CA THR A 71 0.45 -9.02 2.44
C THR A 71 1.37 -8.31 3.43
N ALA A 72 1.18 -8.51 4.71
CA ALA A 72 2.06 -7.82 5.69
C ALA A 72 1.75 -8.32 7.10
N SER A 73 2.76 -8.73 7.82
CA SER A 73 2.55 -9.23 9.21
C SER A 73 3.17 -8.22 10.20
N ALA A 74 2.38 -7.70 11.09
CA ALA A 74 2.92 -6.72 12.06
C ALA A 74 3.63 -7.46 13.20
N THR A 75 4.83 -7.07 13.52
CA THR A 75 5.58 -7.75 14.61
C THR A 75 6.40 -6.70 15.39
N PRO A 76 6.06 -6.44 16.63
CA PRO A 76 4.89 -7.07 17.34
C PRO A 76 3.55 -6.71 16.69
N ASP A 77 2.54 -6.49 17.49
CA ASP A 77 1.21 -6.14 16.92
C ASP A 77 0.92 -4.66 17.16
N MET A 78 0.08 -4.07 16.35
CA MET A 78 -0.26 -2.63 16.53
C MET A 78 -0.92 -2.11 15.24
N PRO A 79 -1.50 -0.94 15.29
CA PRO A 79 -2.19 -0.34 14.11
C PRO A 79 -1.22 0.42 13.20
N VAL A 80 -1.50 0.46 11.93
CA VAL A 80 -0.60 1.19 10.98
C VAL A 80 -1.42 2.20 10.19
N ARG A 81 -0.79 2.94 9.33
CA ARG A 81 -1.54 3.96 8.52
C ARG A 81 -1.24 3.76 7.04
N VAL A 82 -2.10 3.09 6.34
CA VAL A 82 -1.88 2.88 4.88
C VAL A 82 -2.74 3.89 4.10
N LEU A 83 -2.22 4.39 3.01
CA LEU A 83 -3.00 5.39 2.22
C LEU A 83 -2.72 5.20 0.73
N VAL A 84 -3.63 5.64 -0.11
CA VAL A 84 -3.42 5.50 -1.59
C VAL A 84 -4.24 6.58 -2.31
N GLY A 85 -3.75 7.06 -3.41
CA GLY A 85 -4.50 8.10 -4.16
C GLY A 85 -3.62 8.68 -5.28
N GLU A 86 -3.81 9.94 -5.61
CA GLU A 86 -2.98 10.56 -6.68
C GLU A 86 -1.73 11.18 -6.06
N GLY A 87 -1.09 12.08 -6.77
CA GLY A 87 0.14 12.72 -6.22
C GLY A 87 0.27 14.13 -6.80
N GLY A 88 -0.23 15.11 -6.10
CA GLY A 88 -0.13 16.51 -6.61
C GLY A 88 -0.22 17.49 -5.43
N GLY A 89 -1.01 18.51 -5.56
CA GLY A 89 -1.14 19.50 -4.45
C GLY A 89 -2.06 18.93 -3.37
N ALA A 90 -1.80 19.26 -2.13
CA ALA A 90 -2.67 18.74 -1.04
C ALA A 90 -2.58 17.21 -0.99
N TYR A 91 -2.52 16.58 -2.13
CA TYR A 91 -2.43 15.10 -2.16
C TYR A 91 -3.80 14.49 -1.82
N ARG A 92 -4.84 15.28 -1.90
CA ARG A 92 -6.19 14.76 -1.58
C ARG A 92 -6.31 13.32 -2.09
N THR A 93 -6.41 12.37 -1.20
CA THR A 93 -6.53 10.94 -1.63
C THR A 93 -7.87 10.38 -1.20
N ALA A 94 -8.26 9.27 -1.75
CA ALA A 94 -9.55 8.65 -1.37
C ALA A 94 -9.27 7.36 -0.58
N PHE A 95 -8.10 6.82 -0.74
CA PHE A 95 -7.76 5.57 0.00
C PHE A 95 -7.11 5.97 1.34
N GLU A 96 -7.59 7.01 1.96
CA GLU A 96 -6.99 7.44 3.25
C GLU A 96 -7.52 6.59 4.39
N GLN A 97 -6.67 5.81 5.01
CA GLN A 97 -7.13 4.96 6.15
C GLN A 97 -6.04 4.96 7.23
N GLY A 98 -6.42 5.15 8.46
CA GLY A 98 -5.40 5.17 9.55
C GLY A 98 -5.74 4.09 10.59
N SER A 99 -6.67 3.24 10.29
CA SER A 99 -7.04 2.17 11.26
C SER A 99 -6.78 0.79 10.64
N ALA A 100 -5.54 0.47 10.37
CA ALA A 100 -5.24 -0.86 9.77
C ALA A 100 -4.51 -1.71 10.80
N PRO A 101 -5.22 -2.53 11.52
CA PRO A 101 -4.64 -3.42 12.56
C PRO A 101 -4.00 -4.68 11.99
N LEU A 102 -2.81 -5.01 12.43
CA LEU A 102 -2.13 -6.23 11.92
C LEU A 102 -1.49 -6.98 13.09
N THR A 103 -1.62 -8.28 13.12
CA THR A 103 -1.03 -9.06 14.23
C THR A 103 0.34 -9.60 13.80
N GLY A 104 0.79 -10.68 14.41
CA GLY A 104 2.11 -11.25 14.03
C GLY A 104 1.90 -12.51 13.19
N GLU A 105 1.20 -12.38 12.10
CA GLU A 105 0.96 -13.56 11.22
C GLU A 105 0.81 -13.11 9.77
N PRO A 106 1.18 -13.95 8.84
CA PRO A 106 1.08 -13.63 7.39
C PRO A 106 -0.36 -13.63 6.89
N ALA A 107 -0.82 -12.50 6.41
CA ALA A 107 -2.22 -12.42 5.91
C ALA A 107 -2.41 -11.15 5.09
N THR A 108 -3.24 -11.18 4.10
CA THR A 108 -3.47 -9.97 3.26
C THR A 108 -4.62 -9.15 3.84
N ARG A 109 -4.54 -7.85 3.78
CA ARG A 109 -5.65 -7.01 4.29
C ARG A 109 -6.42 -6.47 3.08
N GLU A 110 -7.72 -6.53 3.13
CA GLU A 110 -8.53 -6.04 1.99
C GLU A 110 -9.26 -4.76 2.37
N TYR A 111 -8.80 -3.63 1.89
CA TYR A 111 -9.49 -2.36 2.21
C TYR A 111 -10.18 -1.84 0.94
N ALA A 112 -11.46 -2.02 0.86
CA ALA A 112 -12.19 -1.56 -0.36
C ALA A 112 -13.07 -0.35 -0.01
N PHE A 113 -13.56 0.34 -1.02
CA PHE A 113 -14.44 1.52 -0.75
C PHE A 113 -14.91 2.08 -2.09
N THR A 114 -15.39 3.31 -2.08
CA THR A 114 -15.86 3.93 -3.34
C THR A 114 -15.10 5.23 -3.57
N SER A 115 -14.79 5.54 -4.81
CA SER A 115 -14.04 6.80 -5.10
C SER A 115 -15.03 7.95 -5.26
N ASN A 116 -14.55 9.16 -5.14
CA ASN A 116 -15.47 10.34 -5.29
C ASN A 116 -14.90 11.31 -6.32
N LEU A 117 -13.65 11.16 -6.66
CA LEU A 117 -13.04 12.09 -7.65
C LEU A 117 -12.47 11.27 -8.81
N THR A 118 -12.34 11.88 -9.97
CA THR A 118 -11.79 11.15 -11.14
C THR A 118 -10.28 11.38 -11.23
N PHE A 119 -9.50 10.40 -10.95
CA PHE A 119 -8.02 10.56 -11.02
C PHE A 119 -7.44 9.68 -12.13
N PRO A 120 -7.32 10.23 -13.32
CA PRO A 120 -6.78 9.48 -14.49
C PRO A 120 -5.25 9.41 -14.47
N PRO A 121 -4.69 8.55 -15.28
CA PRO A 121 -3.21 8.37 -15.38
C PRO A 121 -2.56 9.46 -16.24
N ASP A 122 -3.32 10.06 -17.12
CA ASP A 122 -2.75 11.12 -17.99
C ASP A 122 -3.31 12.49 -17.57
N GLY A 123 -2.48 13.37 -17.09
CA GLY A 123 -2.97 14.71 -16.67
C GLY A 123 -2.14 15.21 -15.48
N ASP A 124 -2.79 15.76 -14.50
CA ASP A 124 -2.04 16.27 -13.31
C ASP A 124 -0.98 15.24 -12.90
N ALA A 125 -1.36 14.28 -12.11
CA ALA A 125 -0.37 13.25 -11.67
C ALA A 125 -0.96 11.85 -11.91
N PRO A 126 -0.10 10.90 -12.17
CA PRO A 126 -0.53 9.49 -12.43
C PRO A 126 -1.00 8.79 -11.16
N GLY A 127 -0.99 7.49 -11.15
CA GLY A 127 -1.44 6.74 -9.93
C GLY A 127 -0.48 7.03 -8.78
N GLN A 128 -0.89 6.74 -7.58
CA GLN A 128 0.01 6.99 -6.41
C GLN A 128 -0.26 5.95 -5.32
N VAL A 129 0.73 5.68 -4.52
CA VAL A 129 0.55 4.68 -3.43
C VAL A 129 1.58 4.98 -2.33
N ALA A 130 1.15 5.04 -1.10
CA ALA A 130 2.13 5.36 -0.01
C ALA A 130 1.86 4.51 1.22
N PHE A 131 2.62 3.46 1.39
CA PHE A 131 2.44 2.58 2.58
C PHE A 131 3.22 3.17 3.75
N HIS A 132 2.57 3.87 4.63
CA HIS A 132 3.28 4.49 5.78
C HIS A 132 3.10 3.62 7.03
N LEU A 133 4.15 3.40 7.77
CA LEU A 133 4.04 2.56 8.99
C LEU A 133 4.73 3.27 10.16
N GLY A 134 5.83 3.94 9.89
CA GLY A 134 6.55 4.65 10.97
C GLY A 134 5.54 5.33 11.91
N LYS A 135 5.50 4.91 13.15
CA LYS A 135 4.53 5.54 14.10
C LYS A 135 4.93 5.19 15.54
N ALA A 136 4.63 6.06 16.47
CA ALA A 136 4.99 5.76 17.88
C ALA A 136 4.66 4.30 18.17
N GLY A 137 3.87 3.69 17.33
CA GLY A 137 3.51 2.27 17.55
C GLY A 137 4.10 1.42 16.42
N ALA A 138 4.72 2.05 15.46
CA ALA A 138 5.33 1.28 14.34
C ALA A 138 6.04 0.04 14.87
N TYR A 139 6.53 -0.80 14.01
CA TYR A 139 7.24 -2.02 14.49
C TYR A 139 7.97 -2.69 13.33
N GLU A 140 7.52 -3.85 12.91
CA GLU A 140 8.17 -4.54 11.77
C GLU A 140 7.14 -4.82 10.68
N PHE A 141 7.45 -4.55 9.44
CA PHE A 141 6.47 -4.79 8.36
C PHE A 141 6.99 -5.88 7.42
N CYS A 142 6.43 -7.06 7.50
CA CYS A 142 6.90 -8.17 6.62
C CYS A 142 5.94 -8.33 5.43
N ILE A 143 6.18 -7.60 4.37
CA ILE A 143 5.28 -7.73 3.18
C ILE A 143 6.00 -8.54 2.10
N SER A 144 5.26 -9.38 1.44
CA SER A 144 5.88 -10.23 0.37
C SER A 144 4.95 -10.27 -0.84
N GLN A 145 3.83 -9.62 -0.77
CA GLN A 145 2.90 -9.63 -1.92
C GLN A 145 2.07 -8.34 -1.95
N VAL A 146 1.39 -8.08 -3.03
CA VAL A 146 0.57 -6.84 -3.12
C VAL A 146 -0.20 -6.84 -4.44
N SER A 147 -1.50 -6.87 -4.38
CA SER A 147 -2.31 -6.88 -5.65
C SER A 147 -3.41 -5.83 -5.55
N LEU A 148 -3.55 -5.01 -6.56
CA LEU A 148 -4.61 -3.97 -6.54
C LEU A 148 -5.68 -4.31 -7.57
N THR A 149 -6.90 -4.53 -7.15
CA THR A 149 -7.98 -4.87 -8.10
C THR A 149 -9.12 -3.86 -7.98
N THR A 150 -10.11 -3.97 -8.83
CA THR A 150 -11.25 -3.01 -8.76
C THR A 150 -12.41 -3.55 -9.59
N SER A 151 -12.12 -4.09 -10.74
CA SER A 151 -13.21 -4.64 -11.60
C SER A 151 -14.30 -3.59 -11.76
N ALA A 152 -15.24 -3.83 -12.64
CA ALA A 152 -16.34 -2.85 -12.85
C ALA A 152 -17.69 -3.55 -12.73
N THR A 153 -18.77 -2.84 -12.93
CA THR A 153 -20.11 -3.48 -12.83
C THR A 153 -20.82 -3.39 -14.18
N ALA A 1 -9.98 -6.82 -17.04
CA ALA A 1 -10.12 -5.37 -17.33
C ALA A 1 -11.41 -4.84 -16.70
N SER A 2 -12.25 -5.73 -16.22
CA SER A 2 -13.52 -5.28 -15.60
C SER A 2 -14.55 -6.41 -15.67
N LEU A 3 -14.44 -7.39 -14.81
CA LEU A 3 -15.41 -8.52 -14.82
C LEU A 3 -15.26 -9.33 -13.54
N ASP A 4 -15.64 -10.58 -13.58
CA ASP A 4 -15.52 -11.44 -12.36
C ASP A 4 -14.06 -11.44 -11.89
N SER A 5 -13.61 -12.53 -11.34
CA SER A 5 -12.20 -12.60 -10.85
C SER A 5 -11.80 -11.24 -10.29
N GLU A 6 -10.52 -10.96 -10.28
CA GLU A 6 -10.05 -9.64 -9.75
C GLU A 6 -9.09 -9.00 -10.74
N VAL A 7 -9.51 -7.95 -11.40
CA VAL A 7 -8.61 -7.29 -12.38
C VAL A 7 -7.26 -6.99 -11.72
N GLU A 8 -6.26 -6.68 -12.50
CA GLU A 8 -4.93 -6.37 -11.92
C GLU A 8 -4.36 -5.11 -12.57
N LEU A 9 -4.52 -3.99 -11.94
CA LEU A 9 -3.99 -2.72 -12.52
C LEU A 9 -2.46 -2.78 -12.54
N LEU A 10 -1.86 -3.28 -11.48
CA LEU A 10 -0.38 -3.38 -11.44
C LEU A 10 0.03 -4.85 -11.42
N PRO A 11 0.32 -5.40 -12.57
CA PRO A 11 0.73 -6.83 -12.70
C PRO A 11 1.98 -7.16 -11.89
N HIS A 12 2.04 -6.70 -10.65
CA HIS A 12 3.24 -7.00 -9.82
C HIS A 12 2.80 -7.37 -8.40
N THR A 13 3.30 -8.46 -7.88
CA THR A 13 2.90 -8.86 -6.50
C THR A 13 3.81 -10.01 -6.04
N SER A 14 5.06 -9.72 -5.78
CA SER A 14 6.00 -10.79 -5.33
C SER A 14 7.25 -10.17 -4.73
N PHE A 15 7.11 -9.43 -3.65
CA PHE A 15 8.31 -8.80 -3.02
C PHE A 15 9.20 -9.90 -2.44
N ALA A 16 9.16 -11.07 -2.99
CA ALA A 16 9.99 -12.18 -2.47
C ALA A 16 11.35 -12.19 -3.17
N GLU A 17 11.36 -11.95 -4.46
CA GLU A 17 12.65 -11.96 -5.20
C GLU A 17 13.02 -10.53 -5.62
N SER A 18 12.33 -10.00 -6.59
CA SER A 18 12.64 -8.61 -7.05
C SER A 18 11.83 -7.61 -6.21
N LEU A 19 12.39 -6.47 -5.95
CA LEU A 19 11.67 -5.45 -5.13
C LEU A 19 10.39 -5.03 -5.87
N GLY A 20 10.53 -4.51 -7.06
CA GLY A 20 9.33 -4.08 -7.83
C GLY A 20 9.43 -2.58 -8.14
N PRO A 21 8.55 -2.09 -8.97
CA PRO A 21 8.53 -0.65 -9.36
C PRO A 21 8.03 0.24 -8.22
N TRP A 22 7.79 -0.31 -7.07
CA TRP A 22 7.30 0.51 -5.93
C TRP A 22 8.46 1.32 -5.35
N SER A 23 8.22 2.04 -4.28
CA SER A 23 9.31 2.84 -3.67
C SER A 23 9.42 2.49 -2.18
N LEU A 24 10.61 2.45 -1.64
CA LEU A 24 10.76 2.12 -0.20
C LEU A 24 11.90 2.96 0.39
N TYR A 25 11.66 3.57 1.51
CA TYR A 25 12.73 4.41 2.14
C TYR A 25 12.22 4.98 3.47
N GLY A 26 13.10 5.57 4.24
CA GLY A 26 12.68 6.16 5.54
C GLY A 26 12.99 5.18 6.68
N THR A 27 12.95 3.90 6.41
CA THR A 27 13.23 2.91 7.48
C THR A 27 14.57 2.22 7.20
N SER A 28 14.67 0.96 7.48
CA SER A 28 15.95 0.23 7.22
C SER A 28 15.94 -0.35 5.82
N GLU A 29 17.02 -0.27 5.11
CA GLU A 29 17.06 -0.83 3.73
C GLU A 29 16.33 -2.18 3.70
N PRO A 30 15.13 -2.21 3.18
CA PRO A 30 14.33 -3.46 3.12
C PRO A 30 15.16 -4.64 2.60
N VAL A 31 14.76 -5.85 2.90
CA VAL A 31 15.54 -7.03 2.43
C VAL A 31 14.58 -8.17 2.07
N PHE A 32 14.63 -8.64 0.86
CA PHE A 32 13.75 -9.77 0.44
C PHE A 32 14.32 -11.08 0.97
N ALA A 33 13.99 -11.41 2.20
CA ALA A 33 14.51 -12.68 2.79
C ALA A 33 14.12 -13.86 1.89
N ASP A 34 13.75 -14.96 2.50
CA ASP A 34 13.37 -16.16 1.69
C ASP A 34 12.36 -15.74 0.61
N GLY A 35 11.18 -15.35 1.01
CA GLY A 35 10.15 -14.93 0.01
C GLY A 35 9.33 -13.76 0.57
N ARG A 36 9.99 -12.76 1.10
CA ARG A 36 9.25 -11.60 1.66
C ARG A 36 10.23 -10.48 2.00
N MET A 37 9.80 -9.26 1.90
CA MET A 37 10.70 -8.11 2.21
C MET A 37 10.23 -7.45 3.51
N CYS A 38 11.11 -7.27 4.45
CA CYS A 38 10.70 -6.64 5.74
C CYS A 38 11.55 -5.39 6.01
N VAL A 39 11.06 -4.53 6.85
CA VAL A 39 11.83 -3.30 7.19
C VAL A 39 11.91 -3.17 8.70
N ASP A 40 13.08 -2.86 9.22
CA ASP A 40 13.23 -2.73 10.69
C ASP A 40 12.57 -1.42 11.16
N LEU A 41 11.45 -1.52 11.81
CA LEU A 41 10.76 -0.29 12.29
C LEU A 41 10.66 -0.34 13.82
N PRO A 42 11.78 -0.38 14.48
CA PRO A 42 11.83 -0.43 15.98
C PRO A 42 11.22 0.81 16.63
N GLY A 43 12.02 1.82 16.88
CA GLY A 43 11.49 3.04 17.51
C GLY A 43 12.32 4.25 17.07
N GLY A 44 11.78 5.43 17.17
CA GLY A 44 12.54 6.64 16.76
C GLY A 44 11.95 7.20 15.46
N GLN A 45 10.65 7.25 15.36
CA GLN A 45 10.02 7.78 14.12
C GLN A 45 9.58 9.24 14.36
N GLY A 46 9.61 10.04 13.34
CA GLY A 46 9.21 11.48 13.52
C GLY A 46 7.82 11.70 12.91
N ASN A 47 7.70 11.64 11.61
CA ASN A 47 6.38 11.87 10.97
C ASN A 47 5.75 10.51 10.61
N PRO A 48 4.46 10.42 10.71
CA PRO A 48 3.71 9.16 10.39
C PRO A 48 4.22 8.49 9.11
N TRP A 49 4.90 9.20 8.26
CA TRP A 49 5.40 8.56 7.01
C TRP A 49 6.92 8.64 6.94
N ASP A 50 7.59 8.49 8.06
CA ASP A 50 9.08 8.53 8.04
C ASP A 50 9.62 7.18 7.57
N ALA A 51 8.74 6.25 7.28
CA ALA A 51 9.20 4.91 6.81
C ALA A 51 8.01 4.15 6.23
N GLY A 52 8.13 3.67 5.02
CA GLY A 52 7.00 2.93 4.40
C GLY A 52 7.28 2.70 2.91
N LEU A 53 6.33 2.16 2.19
CA LEU A 53 6.55 1.92 0.74
C LEU A 53 5.73 2.94 -0.07
N VAL A 54 5.78 2.84 -1.37
CA VAL A 54 5.00 3.80 -2.21
C VAL A 54 4.92 3.27 -3.65
N TYR A 55 4.07 3.84 -4.46
CA TYR A 55 3.95 3.39 -5.87
C TYR A 55 2.88 4.23 -6.58
N ASN A 56 3.15 4.65 -7.79
CA ASN A 56 2.16 5.47 -8.54
C ASN A 56 1.74 4.73 -9.81
N GLY A 57 0.76 3.87 -9.71
CA GLY A 57 0.31 3.12 -10.92
C GLY A 57 -1.08 2.51 -10.66
N VAL A 58 -2.08 3.34 -10.51
CA VAL A 58 -3.44 2.81 -10.25
C VAL A 58 -4.47 3.93 -10.46
N PRO A 59 -4.90 4.12 -11.68
CA PRO A 59 -5.90 5.17 -12.03
C PRO A 59 -7.11 5.14 -11.11
N VAL A 60 -8.01 6.08 -11.26
CA VAL A 60 -9.21 6.10 -10.38
C VAL A 60 -10.45 6.41 -11.23
N GLY A 61 -11.50 5.64 -11.07
CA GLY A 61 -12.73 5.89 -11.85
C GLY A 61 -13.89 6.26 -10.91
N GLU A 62 -13.94 7.48 -10.48
CA GLU A 62 -15.03 7.90 -9.55
C GLU A 62 -16.32 7.17 -9.92
N GLY A 63 -16.84 6.39 -9.00
CA GLY A 63 -18.10 5.65 -9.30
C GLY A 63 -17.92 4.17 -8.96
N GLU A 64 -16.77 3.62 -9.24
CA GLU A 64 -16.53 2.18 -8.94
C GLU A 64 -15.73 2.06 -7.64
N SER A 65 -15.55 0.86 -7.16
CA SER A 65 -14.77 0.67 -5.90
C SER A 65 -13.55 -0.21 -6.18
N TYR A 66 -12.45 0.07 -5.55
CA TYR A 66 -11.23 -0.75 -5.79
C TYR A 66 -10.94 -1.62 -4.56
N VAL A 67 -9.88 -2.39 -4.59
CA VAL A 67 -9.54 -3.26 -3.43
C VAL A 67 -8.03 -3.46 -3.38
N LEU A 68 -7.51 -3.82 -2.24
CA LEU A 68 -6.03 -4.04 -2.13
C LEU A 68 -5.76 -5.22 -1.18
N SER A 69 -5.26 -6.31 -1.69
CA SER A 69 -4.96 -7.47 -0.82
C SER A 69 -3.45 -7.63 -0.71
N PHE A 70 -2.85 -6.95 0.23
CA PHE A 70 -1.37 -7.03 0.37
C PHE A 70 -0.98 -8.09 1.40
N THR A 71 0.07 -8.83 1.13
CA THR A 71 0.53 -9.86 2.11
C THR A 71 1.43 -9.18 3.14
N ALA A 72 0.87 -8.67 4.21
CA ALA A 72 1.72 -7.98 5.22
C ALA A 72 1.43 -8.52 6.62
N SER A 73 2.36 -8.37 7.51
CA SER A 73 2.19 -8.84 8.91
C SER A 73 2.94 -7.90 9.85
N ALA A 74 2.25 -7.27 10.76
CA ALA A 74 2.93 -6.34 11.70
C ALA A 74 3.44 -7.10 12.92
N THR A 75 4.67 -6.88 13.30
CA THR A 75 5.22 -7.57 14.49
C THR A 75 5.90 -6.55 15.41
N PRO A 76 5.43 -6.37 16.61
CA PRO A 76 4.25 -7.11 17.17
C PRO A 76 2.95 -6.76 16.45
N ASP A 77 1.86 -6.68 17.17
CA ASP A 77 0.56 -6.35 16.54
C ASP A 77 0.16 -4.91 16.90
N MET A 78 -0.63 -4.29 16.07
CA MET A 78 -1.07 -2.89 16.36
C MET A 78 -1.72 -2.31 15.11
N PRO A 79 -2.35 -1.16 15.23
CA PRO A 79 -3.02 -0.48 14.09
C PRO A 79 -2.05 0.36 13.25
N VAL A 80 -2.10 0.21 11.96
CA VAL A 80 -1.19 1.02 11.09
C VAL A 80 -2.00 2.09 10.36
N ARG A 81 -1.34 2.96 9.64
CA ARG A 81 -2.08 4.03 8.92
C ARG A 81 -1.69 4.02 7.44
N VAL A 82 -2.49 3.41 6.61
CA VAL A 82 -2.17 3.36 5.16
C VAL A 82 -3.05 4.39 4.42
N LEU A 83 -2.61 4.85 3.29
CA LEU A 83 -3.43 5.84 2.54
C LEU A 83 -3.22 5.66 1.04
N VAL A 84 -4.15 6.12 0.23
CA VAL A 84 -4.00 5.97 -1.24
C VAL A 84 -4.76 7.11 -1.94
N GLY A 85 -4.49 7.32 -3.20
CA GLY A 85 -5.20 8.42 -3.93
C GLY A 85 -4.26 9.02 -4.98
N GLU A 86 -4.54 10.22 -5.41
CA GLU A 86 -3.66 10.86 -6.43
C GLU A 86 -2.56 11.65 -5.72
N GLY A 87 -2.02 12.65 -6.37
CA GLY A 87 -0.95 13.47 -5.74
C GLY A 87 -0.57 14.63 -6.66
N GLY A 88 -1.42 15.62 -6.76
CA GLY A 88 -1.11 16.77 -7.64
C GLY A 88 -1.62 18.06 -6.99
N GLY A 89 -2.85 18.42 -7.25
CA GLY A 89 -3.40 19.67 -6.64
C GLY A 89 -3.29 19.59 -5.12
N ALA A 90 -4.32 19.98 -4.43
CA ALA A 90 -4.28 19.93 -2.93
C ALA A 90 -4.14 18.48 -2.48
N TYR A 91 -3.40 17.69 -3.20
CA TYR A 91 -3.21 16.27 -2.81
C TYR A 91 -4.52 15.74 -2.20
N ARG A 92 -5.61 15.89 -2.90
CA ARG A 92 -6.91 15.40 -2.37
C ARG A 92 -7.05 13.91 -2.64
N THR A 93 -7.05 13.10 -1.62
CA THR A 93 -7.18 11.63 -1.84
C THR A 93 -8.53 11.14 -1.31
N ALA A 94 -8.85 9.91 -1.56
CA ALA A 94 -10.15 9.36 -1.08
C ALA A 94 -9.87 8.10 -0.25
N PHE A 95 -8.72 7.51 -0.41
CA PHE A 95 -8.40 6.28 0.36
C PHE A 95 -7.71 6.68 1.67
N GLU A 96 -8.10 7.78 2.24
CA GLU A 96 -7.45 8.22 3.52
C GLU A 96 -7.91 7.31 4.66
N GLN A 97 -7.29 6.16 4.79
CA GLN A 97 -7.69 5.23 5.89
C GLN A 97 -6.65 5.31 7.01
N GLY A 98 -7.04 4.95 8.20
CA GLY A 98 -6.08 5.00 9.34
C GLY A 98 -6.37 3.86 10.32
N SER A 99 -7.24 2.96 9.96
CA SER A 99 -7.56 1.83 10.87
C SER A 99 -7.25 0.50 10.18
N ALA A 100 -6.00 0.15 10.08
CA ALA A 100 -5.64 -1.14 9.42
C ALA A 100 -4.89 -2.02 10.42
N PRO A 101 -5.62 -2.77 11.20
CA PRO A 101 -5.04 -3.68 12.23
C PRO A 101 -4.24 -4.84 11.62
N LEU A 102 -3.02 -5.02 12.06
CA LEU A 102 -2.19 -6.13 11.52
C LEU A 102 -1.82 -7.08 12.67
N THR A 103 -1.70 -8.35 12.39
CA THR A 103 -1.35 -9.32 13.48
C THR A 103 0.15 -9.59 13.47
N GLY A 104 0.59 -10.55 14.23
CA GLY A 104 2.04 -10.89 14.26
C GLY A 104 2.31 -12.15 13.46
N GLU A 105 1.60 -12.33 12.37
CA GLU A 105 1.81 -13.55 11.54
C GLU A 105 1.36 -13.26 10.11
N PRO A 106 2.00 -13.88 9.14
CA PRO A 106 1.65 -13.69 7.71
C PRO A 106 0.14 -13.64 7.47
N ALA A 107 -0.35 -12.54 6.97
CA ALA A 107 -1.82 -12.43 6.73
C ALA A 107 -2.09 -11.30 5.73
N THR A 108 -2.99 -11.53 4.81
CA THR A 108 -3.30 -10.47 3.81
C THR A 108 -4.44 -9.59 4.32
N ARG A 109 -4.48 -8.35 3.91
CA ARG A 109 -5.59 -7.46 4.36
C ARG A 109 -6.25 -6.89 3.12
N GLU A 110 -7.56 -6.76 3.15
CA GLU A 110 -8.27 -6.24 1.96
C GLU A 110 -8.92 -4.88 2.25
N TYR A 111 -8.34 -3.82 1.77
CA TYR A 111 -8.93 -2.47 2.00
C TYR A 111 -9.49 -1.96 0.67
N ALA A 112 -10.77 -1.68 0.63
CA ALA A 112 -11.38 -1.19 -0.63
C ALA A 112 -12.11 0.14 -0.37
N PHE A 113 -12.52 0.81 -1.40
CA PHE A 113 -13.24 2.10 -1.21
C PHE A 113 -14.12 2.38 -2.42
N THR A 114 -14.79 3.50 -2.43
CA THR A 114 -15.68 3.83 -3.58
C THR A 114 -15.08 4.99 -4.37
N SER A 115 -14.54 4.73 -5.52
CA SER A 115 -13.95 5.83 -6.34
C SER A 115 -14.79 7.09 -6.17
N ASN A 116 -14.17 8.20 -5.87
CA ASN A 116 -14.94 9.47 -5.70
C ASN A 116 -14.37 10.55 -6.62
N LEU A 117 -13.27 10.27 -7.26
CA LEU A 117 -12.66 11.27 -8.17
C LEU A 117 -11.94 10.56 -9.32
N THR A 118 -12.21 10.95 -10.53
CA THR A 118 -11.53 10.29 -11.69
C THR A 118 -10.13 10.86 -11.85
N PHE A 119 -9.12 10.06 -11.64
CA PHE A 119 -7.73 10.56 -11.79
C PHE A 119 -7.08 9.90 -13.02
N PRO A 120 -6.22 10.63 -13.69
CA PRO A 120 -5.52 10.12 -14.90
C PRO A 120 -4.46 9.06 -14.56
N PRO A 121 -3.99 8.36 -15.56
CA PRO A 121 -2.95 7.31 -15.38
C PRO A 121 -1.54 7.90 -15.29
N ASP A 122 -1.26 8.90 -16.08
CA ASP A 122 0.10 9.52 -16.06
C ASP A 122 -0.03 11.01 -15.75
N GLY A 123 0.88 11.80 -16.23
CA GLY A 123 0.81 13.27 -15.97
C GLY A 123 1.80 13.64 -14.87
N ASP A 124 1.42 14.56 -14.01
CA ASP A 124 2.35 14.97 -12.91
C ASP A 124 1.74 14.56 -11.57
N ALA A 125 0.70 13.78 -11.59
CA ALA A 125 0.06 13.36 -10.31
C ALA A 125 -0.88 12.19 -10.57
N PRO A 126 -0.38 11.15 -11.19
CA PRO A 126 -1.19 9.93 -11.51
C PRO A 126 -1.47 9.08 -10.27
N GLY A 127 -1.76 7.82 -10.46
CA GLY A 127 -2.05 6.94 -9.29
C GLY A 127 -1.09 7.27 -8.15
N GLN A 128 -1.47 6.98 -6.94
CA GLN A 128 -0.56 7.27 -5.79
C GLN A 128 -0.90 6.34 -4.62
N VAL A 129 0.09 5.82 -3.96
CA VAL A 129 -0.17 4.91 -2.81
C VAL A 129 1.03 4.98 -1.85
N ALA A 130 0.80 4.80 -0.59
CA ALA A 130 1.94 4.88 0.38
C ALA A 130 1.60 4.15 1.67
N PHE A 131 2.30 3.09 1.96
CA PHE A 131 2.03 2.35 3.22
C PHE A 131 2.80 3.00 4.36
N HIS A 132 2.13 3.73 5.22
CA HIS A 132 2.85 4.40 6.33
C HIS A 132 2.69 3.58 7.62
N LEU A 133 3.79 3.16 8.19
CA LEU A 133 3.71 2.35 9.45
C LEU A 133 4.98 2.57 10.28
N GLY A 134 5.18 3.76 10.78
CA GLY A 134 6.39 4.03 11.59
C GLY A 134 6.14 5.23 12.51
N LYS A 135 5.92 4.98 13.77
CA LYS A 135 5.67 6.11 14.71
C LYS A 135 6.08 5.71 16.12
N ALA A 136 5.85 6.55 17.10
CA ALA A 136 6.22 6.19 18.49
C ALA A 136 5.79 4.74 18.74
N GLY A 137 4.99 4.20 17.86
CA GLY A 137 4.53 2.80 18.04
C GLY A 137 5.12 1.93 16.93
N ALA A 138 5.93 2.51 16.08
CA ALA A 138 6.54 1.72 14.97
C ALA A 138 6.89 0.31 15.47
N TYR A 139 7.16 -0.60 14.57
CA TYR A 139 7.51 -1.98 15.00
C TYR A 139 8.23 -2.70 13.85
N GLU A 140 7.59 -3.65 13.23
CA GLU A 140 8.24 -4.38 12.10
C GLU A 140 7.20 -4.59 10.99
N PHE A 141 7.60 -4.42 9.75
CA PHE A 141 6.64 -4.61 8.63
C PHE A 141 7.18 -5.66 7.65
N CYS A 142 6.44 -6.73 7.45
CA CYS A 142 6.90 -7.78 6.50
C CYS A 142 5.91 -7.92 5.35
N ILE A 143 6.24 -7.37 4.21
CA ILE A 143 5.32 -7.49 3.04
C ILE A 143 5.84 -8.57 2.10
N SER A 144 4.96 -9.40 1.63
CA SER A 144 5.38 -10.49 0.71
C SER A 144 4.87 -10.18 -0.70
N GLN A 145 3.87 -9.36 -0.81
CA GLN A 145 3.34 -9.02 -2.16
C GLN A 145 2.34 -7.87 -2.08
N VAL A 146 1.72 -7.55 -3.18
CA VAL A 146 0.72 -6.44 -3.19
C VAL A 146 -0.15 -6.58 -4.44
N SER A 147 -1.39 -6.96 -4.28
CA SER A 147 -2.28 -7.12 -5.46
C SER A 147 -3.25 -5.94 -5.56
N LEU A 148 -3.54 -5.51 -6.76
CA LEU A 148 -4.49 -4.37 -6.94
C LEU A 148 -5.63 -4.82 -7.86
N THR A 149 -6.82 -4.95 -7.32
CA THR A 149 -7.97 -5.39 -8.16
C THR A 149 -9.17 -4.47 -7.91
N THR A 150 -10.17 -4.55 -8.74
CA THR A 150 -11.37 -3.69 -8.56
C THR A 150 -12.62 -4.46 -8.97
N SER A 151 -12.53 -5.19 -10.04
CA SER A 151 -13.71 -5.98 -10.51
C SER A 151 -14.83 -5.02 -10.91
N ALA A 152 -15.03 -4.83 -12.18
CA ALA A 152 -16.11 -3.89 -12.64
C ALA A 152 -17.13 -4.67 -13.47
N THR A 153 -18.23 -5.05 -12.88
CA THR A 153 -19.26 -5.81 -13.64
C THR A 153 -20.56 -5.01 -13.67
N ALA A 1 -14.13 -2.58 -13.99
CA ALA A 1 -15.61 -2.62 -13.86
C ALA A 1 -16.15 -3.89 -14.50
N SER A 2 -16.43 -4.89 -13.71
CA SER A 2 -16.96 -6.16 -14.28
C SER A 2 -16.01 -6.68 -15.36
N LEU A 3 -14.72 -6.59 -15.14
CA LEU A 3 -13.75 -7.06 -16.15
C LEU A 3 -13.49 -8.56 -15.94
N ASP A 4 -12.56 -9.12 -16.67
CA ASP A 4 -12.27 -10.57 -16.51
C ASP A 4 -11.89 -10.86 -15.06
N SER A 5 -10.92 -11.71 -14.85
CA SER A 5 -10.51 -12.03 -13.45
C SER A 5 -10.25 -10.74 -12.69
N GLU A 6 -9.63 -10.83 -11.54
CA GLU A 6 -9.35 -9.59 -10.74
C GLU A 6 -8.63 -8.58 -11.62
N VAL A 7 -9.03 -7.34 -11.56
CA VAL A 7 -8.37 -6.29 -12.39
C VAL A 7 -7.01 -5.94 -11.78
N GLU A 8 -6.04 -6.78 -11.95
CA GLU A 8 -4.69 -6.50 -11.38
C GLU A 8 -3.97 -5.46 -12.25
N LEU A 9 -3.83 -4.26 -11.76
CA LEU A 9 -3.14 -3.20 -12.55
C LEU A 9 -1.62 -3.43 -12.49
N LEU A 10 -1.09 -3.60 -11.31
CA LEU A 10 0.38 -3.82 -11.18
C LEU A 10 0.66 -5.33 -11.09
N PRO A 11 1.21 -5.92 -12.11
CA PRO A 11 1.53 -7.37 -12.11
C PRO A 11 2.80 -7.67 -11.31
N HIS A 12 3.09 -6.87 -10.31
CA HIS A 12 4.31 -7.11 -9.51
C HIS A 12 3.93 -7.24 -8.03
N THR A 13 3.31 -8.33 -7.66
CA THR A 13 2.92 -8.51 -6.24
C THR A 13 3.75 -9.64 -5.62
N SER A 14 5.02 -9.68 -5.92
CA SER A 14 5.89 -10.76 -5.35
C SER A 14 7.10 -10.14 -4.67
N PHE A 15 6.89 -9.40 -3.61
CA PHE A 15 8.05 -8.78 -2.90
C PHE A 15 8.88 -9.88 -2.25
N ALA A 16 8.77 -11.09 -2.73
CA ALA A 16 9.55 -12.21 -2.14
C ALA A 16 10.90 -12.35 -2.85
N GLU A 17 11.01 -11.83 -4.04
CA GLU A 17 12.30 -11.94 -4.78
C GLU A 17 12.97 -10.58 -4.86
N SER A 18 12.61 -9.78 -5.82
CA SER A 18 13.23 -8.43 -5.96
C SER A 18 12.26 -7.36 -5.48
N LEU A 19 12.77 -6.26 -4.99
CA LEU A 19 11.87 -5.17 -4.49
C LEU A 19 10.84 -4.85 -5.57
N GLY A 20 11.27 -4.66 -6.79
CA GLY A 20 10.31 -4.34 -7.88
C GLY A 20 10.38 -2.85 -8.20
N PRO A 21 9.49 -2.38 -9.04
CA PRO A 21 9.44 -0.94 -9.45
C PRO A 21 8.99 -0.03 -8.30
N TRP A 22 8.38 -0.61 -7.29
CA TRP A 22 7.91 0.23 -6.15
C TRP A 22 9.11 0.98 -5.57
N SER A 23 8.98 1.50 -4.37
CA SER A 23 10.11 2.24 -3.75
C SER A 23 10.04 2.11 -2.22
N LEU A 24 11.15 1.88 -1.59
CA LEU A 24 11.15 1.75 -0.10
C LEU A 24 12.29 2.58 0.49
N TYR A 25 12.13 3.03 1.71
CA TYR A 25 13.21 3.85 2.34
C TYR A 25 12.65 4.50 3.61
N GLY A 26 13.48 5.23 4.32
CA GLY A 26 13.00 5.90 5.56
C GLY A 26 13.26 5.00 6.77
N THR A 27 13.23 3.70 6.58
CA THR A 27 13.47 2.79 7.73
C THR A 27 14.82 2.10 7.56
N SER A 28 14.91 0.85 7.91
CA SER A 28 16.20 0.11 7.76
C SER A 28 16.24 -0.55 6.38
N GLU A 29 17.37 -0.53 5.73
CA GLU A 29 17.45 -1.16 4.38
C GLU A 29 16.58 -2.43 4.37
N PRO A 30 15.71 -2.56 3.39
CA PRO A 30 14.82 -3.75 3.28
C PRO A 30 15.59 -5.01 2.86
N VAL A 31 15.07 -6.17 3.13
CA VAL A 31 15.80 -7.41 2.73
C VAL A 31 14.82 -8.51 2.32
N PHE A 32 14.87 -8.92 1.08
CA PHE A 32 13.96 -10.02 0.62
C PHE A 32 14.41 -11.34 1.24
N ALA A 33 14.18 -11.50 2.51
CA ALA A 33 14.60 -12.77 3.18
C ALA A 33 13.68 -13.91 2.76
N ASP A 34 13.24 -14.72 3.70
CA ASP A 34 12.34 -15.85 3.35
C ASP A 34 11.30 -15.38 2.34
N GLY A 35 11.63 -15.42 1.07
CA GLY A 35 10.67 -14.97 0.03
C GLY A 35 9.83 -13.80 0.56
N ARG A 36 10.45 -12.85 1.21
CA ARG A 36 9.68 -11.70 1.74
C ARG A 36 10.62 -10.54 2.07
N MET A 37 10.17 -9.33 1.91
CA MET A 37 11.04 -8.16 2.21
C MET A 37 10.53 -7.48 3.47
N CYS A 38 11.37 -7.31 4.45
CA CYS A 38 10.92 -6.66 5.71
C CYS A 38 11.81 -5.46 6.04
N VAL A 39 11.28 -4.52 6.78
CA VAL A 39 12.06 -3.33 7.16
C VAL A 39 11.98 -3.16 8.68
N ASP A 40 12.84 -2.36 9.26
CA ASP A 40 12.81 -2.17 10.74
C ASP A 40 12.06 -0.87 11.06
N LEU A 41 10.91 -0.97 11.68
CA LEU A 41 10.15 0.26 12.03
C LEU A 41 10.08 0.39 13.56
N PRO A 42 11.09 0.96 14.15
CA PRO A 42 11.17 1.14 15.62
C PRO A 42 10.36 2.36 16.09
N GLY A 43 11.00 3.49 16.20
CA GLY A 43 10.27 4.72 16.65
C GLY A 43 11.08 5.96 16.28
N GLY A 44 11.13 6.93 17.16
CA GLY A 44 11.90 8.17 16.85
C GLY A 44 11.78 8.49 15.36
N GLN A 45 10.61 8.38 14.81
CA GLN A 45 10.43 8.68 13.37
C GLN A 45 9.84 10.09 13.21
N GLY A 46 10.44 10.90 12.38
CA GLY A 46 9.92 12.28 12.18
C GLY A 46 8.39 12.27 12.26
N ASN A 47 7.76 11.32 11.62
CA ASN A 47 6.28 11.25 11.66
C ASN A 47 5.81 10.04 10.84
N PRO A 48 4.62 9.57 11.11
CA PRO A 48 4.03 8.40 10.39
C PRO A 48 4.27 8.47 8.88
N TRP A 49 4.27 9.64 8.32
CA TRP A 49 4.50 9.78 6.86
C TRP A 49 5.94 10.23 6.61
N ASP A 50 6.90 9.45 7.02
CA ASP A 50 8.32 9.84 6.80
C ASP A 50 9.11 8.62 6.33
N ALA A 51 8.46 7.49 6.18
CA ALA A 51 9.18 6.27 5.72
C ALA A 51 8.17 5.24 5.21
N GLY A 52 8.62 4.04 4.94
CA GLY A 52 7.68 2.99 4.45
C GLY A 52 7.92 2.77 2.95
N LEU A 53 6.93 2.28 2.25
CA LEU A 53 7.11 2.05 0.79
C LEU A 53 5.99 2.73 0.02
N VAL A 54 6.21 3.02 -1.25
CA VAL A 54 5.15 3.70 -2.04
C VAL A 54 5.06 3.08 -3.44
N TYR A 55 4.22 3.63 -4.26
CA TYR A 55 4.06 3.11 -5.65
C TYR A 55 2.99 3.91 -6.38
N ASN A 56 3.13 4.07 -7.67
CA ASN A 56 2.11 4.83 -8.44
C ASN A 56 1.37 3.87 -9.38
N GLY A 57 0.06 3.91 -9.36
CA GLY A 57 -0.72 3.00 -10.24
C GLY A 57 -2.03 2.61 -9.54
N VAL A 58 -3.03 3.44 -9.64
CA VAL A 58 -4.33 3.13 -8.98
C VAL A 58 -5.40 4.11 -9.46
N PRO A 59 -5.80 3.99 -10.70
CA PRO A 59 -6.83 4.88 -11.30
C PRO A 59 -8.08 4.99 -10.41
N VAL A 60 -8.87 6.01 -10.60
CA VAL A 60 -10.09 6.17 -9.77
C VAL A 60 -11.15 6.93 -10.55
N GLY A 61 -11.93 6.25 -11.35
CA GLY A 61 -13.00 6.93 -12.14
C GLY A 61 -14.27 6.99 -11.30
N GLU A 62 -14.66 8.17 -10.89
CA GLU A 62 -15.90 8.31 -10.07
C GLU A 62 -16.91 7.21 -10.44
N GLY A 63 -17.50 6.58 -9.46
CA GLY A 63 -18.50 5.51 -9.75
C GLY A 63 -17.81 4.14 -9.73
N GLU A 64 -16.51 4.11 -9.78
CA GLU A 64 -15.80 2.80 -9.75
C GLU A 64 -15.27 2.53 -8.34
N SER A 65 -15.23 1.28 -7.94
CA SER A 65 -14.72 0.95 -6.58
C SER A 65 -13.39 0.20 -6.72
N TYR A 66 -12.40 0.58 -5.96
CA TYR A 66 -11.09 -0.11 -6.05
C TYR A 66 -10.84 -0.95 -4.79
N VAL A 67 -9.74 -1.65 -4.74
CA VAL A 67 -9.44 -2.49 -3.55
C VAL A 67 -7.92 -2.62 -3.39
N LEU A 68 -7.47 -3.07 -2.25
CA LEU A 68 -6.01 -3.23 -2.04
C LEU A 68 -5.74 -4.42 -1.10
N SER A 69 -5.18 -5.47 -1.63
CA SER A 69 -4.90 -6.66 -0.77
C SER A 69 -3.39 -6.79 -0.57
N PHE A 70 -2.88 -6.23 0.50
CA PHE A 70 -1.41 -6.31 0.74
C PHE A 70 -1.08 -7.50 1.65
N THR A 71 0.03 -8.14 1.39
CA THR A 71 0.44 -9.30 2.24
C THR A 71 1.52 -8.83 3.22
N ALA A 72 1.21 -8.72 4.48
CA ALA A 72 2.25 -8.25 5.44
C ALA A 72 1.95 -8.77 6.85
N SER A 73 2.98 -9.10 7.58
CA SER A 73 2.78 -9.60 8.98
C SER A 73 3.38 -8.58 9.95
N ALA A 74 2.62 -8.15 10.91
CA ALA A 74 3.15 -7.14 11.87
C ALA A 74 3.64 -7.84 13.14
N THR A 75 4.84 -7.55 13.56
CA THR A 75 5.38 -8.19 14.79
C THR A 75 6.01 -7.12 15.69
N PRO A 76 5.48 -6.88 16.86
CA PRO A 76 4.29 -7.60 17.41
C PRO A 76 3.01 -7.31 16.61
N ASP A 77 1.91 -7.20 17.29
CA ASP A 77 0.63 -6.91 16.58
C ASP A 77 0.21 -5.46 16.84
N MET A 78 -0.47 -4.86 15.91
CA MET A 78 -0.90 -3.44 16.09
C MET A 78 -1.42 -2.88 14.77
N PRO A 79 -2.27 -1.89 14.84
CA PRO A 79 -2.86 -1.25 13.63
C PRO A 79 -1.84 -0.37 12.88
N VAL A 80 -1.61 -0.65 11.63
CA VAL A 80 -0.64 0.16 10.86
C VAL A 80 -1.38 1.28 10.13
N ARG A 81 -0.66 2.15 9.45
CA ARG A 81 -1.32 3.26 8.73
C ARG A 81 -1.20 3.04 7.22
N VAL A 82 -2.20 3.43 6.47
CA VAL A 82 -2.15 3.25 5.00
C VAL A 82 -2.89 4.41 4.32
N LEU A 83 -2.52 4.73 3.11
CA LEU A 83 -3.21 5.86 2.41
C LEU A 83 -3.08 5.68 0.90
N VAL A 84 -4.04 6.13 0.15
CA VAL A 84 -3.97 5.99 -1.34
C VAL A 84 -4.61 7.21 -2.00
N GLY A 85 -4.18 7.55 -3.18
CA GLY A 85 -4.76 8.74 -3.88
C GLY A 85 -3.91 9.10 -5.09
N GLU A 86 -3.89 10.36 -5.45
CA GLU A 86 -3.08 10.78 -6.62
C GLU A 86 -1.66 11.15 -6.17
N GLY A 87 -0.91 11.82 -7.01
CA GLY A 87 0.47 12.21 -6.63
C GLY A 87 0.66 13.71 -6.84
N GLY A 88 -0.36 14.38 -7.31
CA GLY A 88 -0.24 15.85 -7.54
C GLY A 88 -1.53 16.38 -8.16
N GLY A 89 -1.54 17.62 -8.57
CA GLY A 89 -2.77 18.19 -9.18
C GLY A 89 -3.98 17.88 -8.29
N ALA A 90 -3.74 17.51 -7.06
CA ALA A 90 -4.87 17.19 -6.15
C ALA A 90 -4.38 16.25 -5.04
N TYR A 91 -3.37 16.65 -4.32
CA TYR A 91 -2.84 15.77 -3.24
C TYR A 91 -4.00 15.23 -2.41
N ARG A 92 -4.96 16.06 -2.10
CA ARG A 92 -6.12 15.59 -1.29
C ARG A 92 -6.47 14.15 -1.69
N THR A 93 -6.25 13.21 -0.81
CA THR A 93 -6.57 11.80 -1.14
C THR A 93 -7.91 11.40 -0.51
N ALA A 94 -8.46 10.31 -0.95
CA ALA A 94 -9.76 9.85 -0.39
C ALA A 94 -9.56 8.51 0.31
N PHE A 95 -8.47 7.84 0.01
CA PHE A 95 -8.21 6.52 0.67
C PHE A 95 -7.40 6.75 1.93
N GLU A 96 -7.64 7.82 2.63
CA GLU A 96 -6.87 8.10 3.87
C GLU A 96 -7.40 7.23 5.02
N GLN A 97 -6.89 6.04 5.16
CA GLN A 97 -7.37 5.15 6.25
C GLN A 97 -6.19 4.76 7.15
N GLY A 98 -6.43 4.56 8.41
CA GLY A 98 -5.31 4.18 9.33
C GLY A 98 -5.77 3.05 10.26
N SER A 99 -6.65 2.21 9.81
CA SER A 99 -7.14 1.09 10.66
C SER A 99 -6.72 -0.24 10.04
N ALA A 100 -5.43 -0.52 10.00
CA ALA A 100 -4.96 -1.80 9.40
C ALA A 100 -4.40 -2.70 10.51
N PRO A 101 -5.22 -3.56 11.06
CA PRO A 101 -4.80 -4.49 12.15
C PRO A 101 -4.02 -5.69 11.61
N LEU A 102 -2.79 -5.84 12.02
CA LEU A 102 -1.98 -6.99 11.52
C LEU A 102 -1.53 -7.84 12.71
N THR A 103 -1.25 -9.09 12.48
CA THR A 103 -0.80 -9.99 13.60
C THR A 103 0.67 -10.34 13.42
N GLY A 104 1.15 -11.30 14.16
CA GLY A 104 2.58 -11.69 14.04
C GLY A 104 2.78 -12.58 12.81
N GLU A 105 1.75 -13.26 12.38
CA GLU A 105 1.88 -14.13 11.18
C GLU A 105 1.31 -13.41 9.96
N PRO A 106 1.64 -13.88 8.78
CA PRO A 106 1.16 -13.29 7.51
C PRO A 106 -0.33 -12.90 7.58
N ALA A 107 -0.63 -11.65 7.43
CA ALA A 107 -2.06 -11.22 7.49
C ALA A 107 -2.36 -10.24 6.34
N THR A 108 -3.25 -10.61 5.46
CA THR A 108 -3.59 -9.71 4.33
C THR A 108 -4.77 -8.81 4.70
N ARG A 109 -4.81 -7.63 4.16
CA ARG A 109 -5.95 -6.72 4.46
C ARG A 109 -6.54 -6.23 3.14
N GLU A 110 -7.83 -6.15 3.05
CA GLU A 110 -8.45 -5.70 1.77
C GLU A 110 -9.33 -4.48 2.03
N TYR A 111 -8.86 -3.31 1.64
CA TYR A 111 -9.66 -2.09 1.85
C TYR A 111 -10.16 -1.58 0.50
N ALA A 112 -11.43 -1.32 0.38
CA ALA A 112 -11.98 -0.84 -0.91
C ALA A 112 -12.81 0.42 -0.70
N PHE A 113 -12.97 1.23 -1.71
CA PHE A 113 -13.79 2.46 -1.56
C PHE A 113 -14.52 2.76 -2.87
N THR A 114 -15.26 3.84 -2.91
CA THR A 114 -16.01 4.19 -4.14
C THR A 114 -15.35 5.40 -4.80
N SER A 115 -15.21 5.37 -6.11
CA SER A 115 -14.59 6.51 -6.82
C SER A 115 -15.47 7.76 -6.65
N ASN A 116 -14.93 8.79 -6.04
CA ASN A 116 -15.72 10.03 -5.85
C ASN A 116 -15.15 11.14 -6.74
N LEU A 117 -13.94 10.98 -7.19
CA LEU A 117 -13.33 12.01 -8.07
C LEU A 117 -12.68 11.35 -9.28
N THR A 118 -11.82 12.04 -9.96
CA THR A 118 -11.16 11.44 -11.16
C THR A 118 -9.64 11.39 -10.93
N PHE A 119 -9.02 10.28 -11.23
CA PHE A 119 -7.55 10.17 -11.03
C PHE A 119 -6.99 9.13 -12.00
N PRO A 120 -6.96 9.45 -13.26
CA PRO A 120 -6.43 8.54 -14.32
C PRO A 120 -4.99 8.12 -14.04
N PRO A 121 -4.49 7.17 -14.78
CA PRO A 121 -3.10 6.66 -14.62
C PRO A 121 -2.08 7.55 -15.33
N ASP A 122 -2.47 8.17 -16.41
CA ASP A 122 -1.52 9.06 -17.14
C ASP A 122 -2.08 10.48 -17.17
N GLY A 123 -3.32 10.66 -16.80
CA GLY A 123 -3.91 12.03 -16.81
C GLY A 123 -3.07 12.95 -15.92
N ASP A 124 -3.68 13.94 -15.33
CA ASP A 124 -2.92 14.88 -14.47
C ASP A 124 -1.84 14.10 -13.70
N ALA A 125 -2.23 13.43 -12.64
CA ALA A 125 -1.22 12.66 -11.86
C ALA A 125 -1.56 11.17 -11.94
N PRO A 126 -0.56 10.34 -11.86
CA PRO A 126 -0.74 8.85 -11.93
C PRO A 126 -1.38 8.29 -10.65
N GLY A 127 -1.20 7.03 -10.39
CA GLY A 127 -1.80 6.42 -9.17
C GLY A 127 -0.89 6.70 -7.97
N GLN A 128 -1.39 6.48 -6.78
CA GLN A 128 -0.56 6.74 -5.57
C GLN A 128 -0.92 5.74 -4.47
N VAL A 129 0.05 5.30 -3.73
CA VAL A 129 -0.21 4.33 -2.62
C VAL A 129 1.00 4.33 -1.69
N ALA A 130 0.85 4.83 -0.50
CA ALA A 130 2.01 4.88 0.44
C ALA A 130 1.71 4.07 1.70
N PHE A 131 2.65 3.25 2.09
CA PHE A 131 2.47 2.42 3.32
C PHE A 131 3.26 3.08 4.45
N HIS A 132 2.58 3.62 5.43
CA HIS A 132 3.31 4.28 6.55
C HIS A 132 3.40 3.33 7.74
N LEU A 133 4.57 3.17 8.31
CA LEU A 133 4.73 2.25 9.47
C LEU A 133 5.53 2.95 10.56
N GLY A 134 6.58 3.64 10.20
CA GLY A 134 7.42 4.34 11.22
C GLY A 134 6.52 4.95 12.29
N LYS A 135 6.78 4.65 13.54
CA LYS A 135 5.95 5.22 14.63
C LYS A 135 6.67 5.05 15.97
N ALA A 136 6.70 6.08 16.77
CA ALA A 136 7.38 5.96 18.09
C ALA A 136 7.07 4.59 18.68
N GLY A 137 6.03 3.97 18.20
CA GLY A 137 5.65 2.62 18.71
C GLY A 137 5.58 1.65 17.53
N ALA A 138 6.11 2.03 16.40
CA ALA A 138 6.06 1.13 15.22
C ALA A 138 6.55 -0.27 15.59
N TYR A 139 6.85 -1.09 14.62
CA TYR A 139 7.30 -2.48 14.93
C TYR A 139 8.05 -3.05 13.72
N GLU A 140 7.71 -4.23 13.28
CA GLU A 140 8.41 -4.84 12.11
C GLU A 140 7.40 -5.04 10.97
N PHE A 141 7.77 -4.70 9.77
CA PHE A 141 6.81 -4.88 8.63
C PHE A 141 7.39 -5.85 7.60
N CYS A 142 6.86 -7.04 7.52
CA CYS A 142 7.38 -8.02 6.54
C CYS A 142 6.34 -8.27 5.44
N ILE A 143 6.52 -7.67 4.30
CA ILE A 143 5.56 -7.88 3.18
C ILE A 143 6.25 -8.63 2.05
N SER A 144 5.53 -9.50 1.40
CA SER A 144 6.14 -10.27 0.28
C SER A 144 5.21 -10.22 -0.93
N GLN A 145 4.06 -9.63 -0.79
CA GLN A 145 3.13 -9.55 -1.95
C GLN A 145 2.20 -8.35 -1.80
N VAL A 146 1.61 -7.92 -2.89
CA VAL A 146 0.69 -6.75 -2.84
C VAL A 146 0.12 -6.50 -4.23
N SER A 147 -1.18 -6.48 -4.38
CA SER A 147 -1.77 -6.24 -5.72
C SER A 147 -3.02 -5.38 -5.59
N LEU A 148 -3.17 -4.40 -6.44
CA LEU A 148 -4.37 -3.52 -6.37
C LEU A 148 -5.28 -3.81 -7.56
N THR A 149 -6.57 -3.75 -7.36
CA THR A 149 -7.50 -4.02 -8.49
C THR A 149 -8.90 -3.52 -8.13
N THR A 150 -9.87 -3.81 -8.94
CA THR A 150 -11.26 -3.34 -8.64
C THR A 150 -12.26 -4.47 -8.98
N SER A 151 -12.95 -4.34 -10.09
CA SER A 151 -13.93 -5.39 -10.47
C SER A 151 -15.26 -5.12 -9.78
N ALA A 152 -16.15 -4.41 -10.42
CA ALA A 152 -17.46 -4.12 -9.80
C ALA A 152 -18.59 -4.56 -10.75
N THR A 153 -19.74 -3.96 -10.63
CA THR A 153 -20.87 -4.35 -11.52
C THR A 153 -21.64 -3.10 -11.93
N ALA A 1 -20.59 -6.77 -9.84
CA ALA A 1 -21.03 -6.64 -11.26
C ALA A 1 -20.41 -7.76 -12.10
N SER A 2 -19.17 -7.61 -12.47
CA SER A 2 -18.51 -8.66 -13.29
C SER A 2 -17.71 -9.59 -12.36
N LEU A 3 -16.78 -9.06 -11.62
CA LEU A 3 -15.98 -9.91 -10.70
C LEU A 3 -15.38 -11.07 -11.48
N ASP A 4 -15.29 -10.91 -12.77
CA ASP A 4 -14.71 -11.99 -13.62
C ASP A 4 -13.25 -12.20 -13.24
N SER A 5 -12.98 -12.98 -12.23
CA SER A 5 -11.57 -13.23 -11.82
C SER A 5 -10.90 -11.90 -11.48
N GLU A 6 -9.95 -11.92 -10.58
CA GLU A 6 -9.26 -10.65 -10.22
C GLU A 6 -8.72 -9.97 -11.49
N VAL A 7 -8.11 -8.83 -11.34
CA VAL A 7 -7.57 -8.11 -12.53
C VAL A 7 -6.34 -7.28 -12.12
N GLU A 8 -5.23 -7.92 -11.90
CA GLU A 8 -4.01 -7.17 -11.50
C GLU A 8 -3.98 -5.82 -12.23
N LEU A 9 -4.35 -4.77 -11.56
CA LEU A 9 -4.34 -3.43 -12.22
C LEU A 9 -3.13 -2.63 -11.74
N LEU A 10 -2.22 -3.26 -11.07
CA LEU A 10 -1.02 -2.52 -10.59
C LEU A 10 0.22 -3.07 -11.31
N PRO A 11 0.85 -2.28 -12.14
CA PRO A 11 2.06 -2.72 -12.91
C PRO A 11 3.13 -3.40 -12.05
N HIS A 12 2.78 -3.89 -10.89
CA HIS A 12 3.81 -4.56 -10.04
C HIS A 12 3.15 -5.25 -8.85
N THR A 13 3.56 -6.45 -8.55
CA THR A 13 2.97 -7.17 -7.38
C THR A 13 3.78 -8.45 -7.12
N SER A 14 5.00 -8.31 -6.67
CA SER A 14 5.83 -9.52 -6.41
C SER A 14 7.12 -9.13 -5.68
N PHE A 15 7.08 -9.06 -4.37
CA PHE A 15 8.31 -8.69 -3.61
C PHE A 15 9.08 -9.97 -3.27
N ALA A 16 9.17 -10.89 -4.19
CA ALA A 16 9.90 -12.16 -3.93
C ALA A 16 11.30 -11.86 -3.39
N GLU A 17 12.27 -11.74 -4.26
CA GLU A 17 13.66 -11.45 -3.81
C GLU A 17 14.05 -10.02 -4.21
N SER A 18 13.13 -9.10 -4.10
CA SER A 18 13.45 -7.69 -4.47
C SER A 18 12.23 -6.81 -4.24
N LEU A 19 12.44 -5.58 -3.90
CA LEU A 19 11.29 -4.65 -3.66
C LEU A 19 10.65 -4.28 -5.00
N GLY A 20 11.29 -4.60 -6.08
CA GLY A 20 10.72 -4.26 -7.42
C GLY A 20 10.89 -2.76 -7.67
N PRO A 21 9.96 -2.16 -8.37
CA PRO A 21 10.00 -0.71 -8.69
C PRO A 21 9.49 0.15 -7.52
N TRP A 22 8.70 -0.41 -6.66
CA TRP A 22 8.18 0.37 -5.50
C TRP A 22 9.34 1.15 -4.87
N SER A 23 9.07 1.94 -3.87
CA SER A 23 10.17 2.72 -3.23
C SER A 23 10.39 2.20 -1.80
N LEU A 24 11.48 2.54 -1.19
CA LEU A 24 11.72 2.06 0.20
C LEU A 24 12.70 2.99 0.90
N TYR A 25 12.39 3.39 2.11
CA TYR A 25 13.30 4.30 2.87
C TYR A 25 12.60 4.76 4.14
N GLY A 26 13.15 5.76 4.79
CA GLY A 26 12.52 6.26 6.04
C GLY A 26 12.76 5.26 7.18
N THR A 27 12.86 4.00 6.87
CA THR A 27 13.10 2.99 7.93
C THR A 27 14.52 2.44 7.81
N SER A 28 14.68 1.16 8.04
CA SER A 28 16.03 0.55 7.93
C SER A 28 16.23 0.04 6.51
N GLU A 29 17.18 -0.82 6.30
CA GLU A 29 17.43 -1.35 4.92
C GLU A 29 16.60 -2.62 4.73
N PRO A 30 15.60 -2.58 3.87
CA PRO A 30 14.73 -3.76 3.62
C PRO A 30 15.54 -5.01 3.31
N VAL A 31 15.13 -6.15 3.80
CA VAL A 31 15.89 -7.40 3.54
C VAL A 31 14.94 -8.50 3.05
N PHE A 32 15.07 -8.89 1.81
CA PHE A 32 14.18 -9.97 1.27
C PHE A 32 14.85 -11.33 1.51
N ALA A 33 14.14 -12.24 2.12
CA ALA A 33 14.74 -13.59 2.36
C ALA A 33 13.88 -14.66 1.69
N ASP A 34 13.20 -15.46 2.45
CA ASP A 34 12.35 -16.53 1.85
C ASP A 34 11.29 -15.90 0.95
N GLY A 35 11.71 -15.24 -0.10
CA GLY A 35 10.73 -14.60 -1.03
C GLY A 35 10.06 -13.41 -0.32
N ARG A 36 10.15 -13.35 0.98
CA ARG A 36 9.52 -12.22 1.72
C ARG A 36 10.59 -11.26 2.20
N MET A 37 10.19 -10.13 2.70
CA MET A 37 11.18 -9.14 3.21
C MET A 37 10.56 -8.36 4.38
N CYS A 38 11.36 -7.65 5.12
CA CYS A 38 10.79 -6.89 6.27
C CYS A 38 11.56 -5.59 6.49
N VAL A 39 10.90 -4.58 7.00
CA VAL A 39 11.57 -3.29 7.26
C VAL A 39 11.54 -3.03 8.77
N ASP A 40 12.52 -2.37 9.30
CA ASP A 40 12.54 -2.09 10.76
C ASP A 40 11.70 -0.85 11.06
N LEU A 41 10.54 -1.02 11.63
CA LEU A 41 9.67 0.15 11.96
C LEU A 41 9.57 0.25 13.48
N PRO A 42 10.58 0.77 14.12
CA PRO A 42 10.59 0.93 15.61
C PRO A 42 9.75 2.11 16.08
N GLY A 43 10.01 2.60 17.27
CA GLY A 43 9.22 3.76 17.79
C GLY A 43 10.13 4.98 17.89
N GLY A 44 10.63 5.44 16.77
CA GLY A 44 11.53 6.64 16.81
C GLY A 44 11.39 7.42 15.48
N GLN A 45 10.21 7.45 14.93
CA GLN A 45 10.01 8.18 13.65
C GLN A 45 9.40 9.56 13.94
N GLY A 46 10.15 10.61 13.69
CA GLY A 46 9.62 11.97 13.95
C GLY A 46 8.29 12.15 13.20
N ASN A 47 7.97 11.25 12.31
CA ASN A 47 6.70 11.37 11.55
C ASN A 47 6.38 10.03 10.87
N PRO A 48 5.13 9.80 10.57
CA PRO A 48 4.68 8.55 9.90
C PRO A 48 5.10 8.49 8.43
N TRP A 49 5.26 9.62 7.80
CA TRP A 49 5.66 9.63 6.37
C TRP A 49 7.18 9.50 6.26
N ASP A 50 7.78 8.75 7.15
CA ASP A 50 9.26 8.57 7.10
C ASP A 50 9.61 7.10 7.33
N ALA A 51 8.93 6.21 6.67
CA ALA A 51 9.24 4.76 6.85
C ALA A 51 8.18 3.93 6.11
N GLY A 52 8.60 3.09 5.22
CA GLY A 52 7.64 2.25 4.46
C GLY A 52 8.02 2.21 2.98
N LEU A 53 7.11 1.82 2.13
CA LEU A 53 7.44 1.77 0.68
C LEU A 53 6.48 2.70 -0.08
N VAL A 54 6.53 2.66 -1.39
CA VAL A 54 5.63 3.52 -2.21
C VAL A 54 5.58 2.97 -3.63
N TYR A 55 4.67 3.46 -4.43
CA TYR A 55 4.57 2.95 -5.84
C TYR A 55 3.49 3.73 -6.59
N ASN A 56 3.38 3.52 -7.88
CA ASN A 56 2.36 4.25 -8.66
C ASN A 56 1.36 3.24 -9.26
N GLY A 57 0.59 3.68 -10.23
CA GLY A 57 -0.39 2.75 -10.86
C GLY A 57 -1.63 2.64 -9.96
N VAL A 58 -2.35 3.71 -9.80
CA VAL A 58 -3.58 3.66 -8.94
C VAL A 58 -4.57 4.72 -9.42
N PRO A 59 -5.30 4.42 -10.46
CA PRO A 59 -6.31 5.36 -11.03
C PRO A 59 -7.60 5.38 -10.21
N VAL A 60 -7.97 6.52 -9.70
CA VAL A 60 -9.21 6.60 -8.89
C VAL A 60 -10.32 7.28 -9.70
N GLY A 61 -11.39 6.60 -9.95
CA GLY A 61 -12.50 7.20 -10.74
C GLY A 61 -13.83 7.03 -9.97
N GLU A 62 -14.21 8.03 -9.23
CA GLU A 62 -15.49 7.93 -8.46
C GLU A 62 -16.51 7.12 -9.27
N GLY A 63 -17.32 6.35 -8.60
CA GLY A 63 -18.34 5.53 -9.34
C GLY A 63 -17.93 4.06 -9.31
N GLU A 64 -16.66 3.79 -9.39
CA GLU A 64 -16.20 2.38 -9.37
C GLU A 64 -15.71 2.02 -7.97
N SER A 65 -15.29 0.81 -7.76
CA SER A 65 -14.80 0.42 -6.41
C SER A 65 -13.48 -0.33 -6.52
N TYR A 66 -12.44 0.19 -5.91
CA TYR A 66 -11.11 -0.48 -5.99
C TYR A 66 -10.93 -1.39 -4.78
N VAL A 67 -10.00 -2.30 -4.85
CA VAL A 67 -9.77 -3.23 -3.70
C VAL A 67 -8.28 -3.58 -3.61
N LEU A 68 -7.60 -3.07 -2.63
CA LEU A 68 -6.15 -3.39 -2.50
C LEU A 68 -5.97 -4.55 -1.51
N SER A 69 -5.01 -5.41 -1.75
CA SER A 69 -4.79 -6.56 -0.83
C SER A 69 -3.28 -6.75 -0.64
N PHE A 70 -2.75 -6.36 0.49
CA PHE A 70 -1.28 -6.53 0.70
C PHE A 70 -0.98 -7.84 1.42
N THR A 71 0.10 -8.48 1.06
CA THR A 71 0.49 -9.75 1.73
C THR A 71 1.53 -9.44 2.81
N ALA A 72 1.12 -9.30 4.04
CA ALA A 72 2.11 -8.99 5.11
C ALA A 72 1.53 -9.25 6.48
N SER A 73 2.32 -9.03 7.51
CA SER A 73 1.84 -9.26 8.90
C SER A 73 2.58 -8.31 9.83
N ALA A 74 1.98 -7.96 10.94
CA ALA A 74 2.65 -7.03 11.90
C ALA A 74 3.36 -7.85 12.99
N THR A 75 4.55 -7.45 13.36
CA THR A 75 5.29 -8.20 14.42
C THR A 75 5.95 -7.21 15.39
N PRO A 76 5.54 -7.18 16.63
CA PRO A 76 4.45 -8.05 17.18
C PRO A 76 3.09 -7.73 16.53
N ASP A 77 2.02 -7.80 17.27
CA ASP A 77 0.69 -7.50 16.67
C ASP A 77 0.37 -6.01 16.82
N MET A 78 -0.38 -5.46 15.92
CA MET A 78 -0.73 -4.01 16.01
C MET A 78 -1.16 -3.51 14.63
N PRO A 79 -1.92 -2.45 14.59
CA PRO A 79 -2.43 -1.85 13.33
C PRO A 79 -1.35 -1.04 12.59
N VAL A 80 -1.41 -1.02 11.28
CA VAL A 80 -0.38 -0.25 10.51
C VAL A 80 -1.05 0.96 9.86
N ARG A 81 -0.35 1.66 9.01
CA ARG A 81 -0.94 2.84 8.34
C ARG A 81 -0.87 2.66 6.83
N VAL A 82 -1.88 3.09 6.11
CA VAL A 82 -1.87 2.95 4.63
C VAL A 82 -2.60 4.13 4.01
N LEU A 83 -2.20 4.53 2.82
CA LEU A 83 -2.88 5.67 2.16
C LEU A 83 -2.80 5.53 0.64
N VAL A 84 -3.75 6.06 -0.06
CA VAL A 84 -3.73 5.94 -1.56
C VAL A 84 -4.43 7.16 -2.16
N GLY A 85 -4.33 7.33 -3.45
CA GLY A 85 -5.00 8.49 -4.11
C GLY A 85 -4.11 9.02 -5.24
N GLU A 86 -4.28 10.26 -5.59
CA GLU A 86 -3.44 10.84 -6.69
C GLU A 86 -2.17 11.45 -6.09
N GLY A 87 -1.39 12.11 -6.90
CA GLY A 87 -0.13 12.72 -6.39
C GLY A 87 0.18 13.98 -7.19
N GLY A 88 -0.83 14.72 -7.59
CA GLY A 88 -0.58 15.96 -8.38
C GLY A 88 -0.48 17.15 -7.42
N GLY A 89 0.27 17.03 -6.37
CA GLY A 89 0.41 18.16 -5.41
C GLY A 89 -0.95 18.43 -4.75
N ALA A 90 -1.46 19.61 -4.89
CA ALA A 90 -2.79 19.93 -4.27
C ALA A 90 -3.75 18.78 -4.54
N TYR A 91 -3.37 17.86 -5.40
CA TYR A 91 -4.26 16.71 -5.70
C TYR A 91 -4.54 15.92 -4.41
N ARG A 92 -5.45 16.38 -3.61
CA ARG A 92 -5.75 15.66 -2.34
C ARG A 92 -6.04 14.19 -2.64
N THR A 93 -6.20 13.39 -1.63
CA THR A 93 -6.48 11.94 -1.86
C THR A 93 -7.79 11.55 -1.19
N ALA A 94 -8.23 10.34 -1.40
CA ALA A 94 -9.49 9.88 -0.77
C ALA A 94 -9.22 8.58 0.00
N PHE A 95 -8.13 7.90 -0.30
CA PHE A 95 -7.83 6.63 0.41
C PHE A 95 -6.98 6.94 1.65
N GLU A 96 -7.31 7.98 2.37
CA GLU A 96 -6.51 8.31 3.58
C GLU A 96 -7.00 7.47 4.76
N GLN A 97 -6.55 6.25 4.85
CA GLN A 97 -6.97 5.38 5.98
C GLN A 97 -5.74 4.81 6.68
N GLY A 98 -5.51 5.17 7.91
CA GLY A 98 -4.32 4.65 8.63
C GLY A 98 -4.75 3.63 9.69
N SER A 99 -5.90 3.05 9.52
CA SER A 99 -6.38 2.04 10.51
C SER A 99 -6.35 0.64 9.87
N ALA A 100 -5.27 -0.06 10.00
CA ALA A 100 -5.20 -1.43 9.40
C ALA A 100 -4.74 -2.43 10.46
N PRO A 101 -5.67 -2.97 11.21
CA PRO A 101 -5.39 -3.95 12.29
C PRO A 101 -4.69 -5.22 11.75
N LEU A 102 -3.50 -5.49 12.22
CA LEU A 102 -2.77 -6.70 11.74
C LEU A 102 -2.47 -7.61 12.93
N THR A 103 -2.05 -8.81 12.67
CA THR A 103 -1.75 -9.76 13.79
C THR A 103 -0.29 -10.23 13.67
N GLY A 104 0.13 -11.09 14.55
CA GLY A 104 1.53 -11.60 14.49
C GLY A 104 1.57 -12.88 13.64
N GLU A 105 1.16 -12.79 12.41
CA GLU A 105 1.18 -14.00 11.53
C GLU A 105 0.86 -13.59 10.09
N PRO A 106 1.63 -14.03 9.13
CA PRO A 106 1.41 -13.70 7.71
C PRO A 106 -0.07 -13.73 7.32
N ALA A 107 -0.59 -12.64 6.82
CA ALA A 107 -2.03 -12.62 6.44
C ALA A 107 -2.30 -11.42 5.53
N THR A 108 -3.20 -11.56 4.59
CA THR A 108 -3.51 -10.42 3.68
C THR A 108 -4.64 -9.58 4.24
N ARG A 109 -4.65 -8.32 3.95
CA ARG A 109 -5.74 -7.43 4.43
C ARG A 109 -6.33 -6.72 3.21
N GLU A 110 -7.58 -6.36 3.26
CA GLU A 110 -8.18 -5.69 2.08
C GLU A 110 -8.80 -4.34 2.48
N TYR A 111 -8.97 -3.47 1.52
CA TYR A 111 -9.57 -2.14 1.81
C TYR A 111 -10.07 -1.55 0.49
N ALA A 112 -11.37 -1.58 0.28
CA ALA A 112 -11.92 -1.04 -0.99
C ALA A 112 -12.78 0.18 -0.69
N PHE A 113 -13.18 0.90 -1.71
CA PHE A 113 -14.02 2.11 -1.48
C PHE A 113 -14.41 2.72 -2.82
N THR A 114 -15.03 3.86 -2.79
CA THR A 114 -15.44 4.54 -4.05
C THR A 114 -14.77 5.91 -4.14
N SER A 115 -14.51 6.39 -5.33
CA SER A 115 -13.86 7.72 -5.47
C SER A 115 -14.93 8.82 -5.54
N ASN A 116 -14.52 10.06 -5.46
CA ASN A 116 -15.51 11.17 -5.53
C ASN A 116 -15.11 12.13 -6.65
N LEU A 117 -13.86 12.10 -7.04
CA LEU A 117 -13.39 13.01 -8.12
C LEU A 117 -12.66 12.20 -9.20
N THR A 118 -12.35 12.79 -10.31
CA THR A 118 -11.64 12.05 -11.38
C THR A 118 -10.14 12.16 -11.18
N PHE A 119 -9.50 11.10 -10.77
CA PHE A 119 -8.02 11.14 -10.56
C PHE A 119 -7.34 10.16 -11.53
N PRO A 120 -7.24 10.52 -12.77
CA PRO A 120 -6.61 9.67 -13.82
C PRO A 120 -5.08 9.70 -13.72
N PRO A 121 -4.43 8.75 -14.35
CA PRO A 121 -2.94 8.65 -14.35
C PRO A 121 -2.31 9.60 -15.37
N ASP A 122 -3.10 10.16 -16.24
CA ASP A 122 -2.53 11.09 -17.25
C ASP A 122 -2.99 12.52 -16.94
N GLY A 123 -2.06 13.44 -16.90
CA GLY A 123 -2.45 14.85 -16.60
C GLY A 123 -1.60 15.36 -15.44
N ASP A 124 -1.77 14.80 -14.27
CA ASP A 124 -0.98 15.25 -13.09
C ASP A 124 -1.23 14.32 -11.91
N ALA A 125 -1.18 13.03 -12.13
CA ALA A 125 -1.42 12.07 -11.02
C ALA A 125 -1.28 10.64 -11.54
N PRO A 126 -0.14 10.29 -12.07
CA PRO A 126 0.13 8.93 -12.61
C PRO A 126 -0.29 7.84 -11.64
N GLY A 127 -0.75 8.21 -10.48
CA GLY A 127 -1.18 7.20 -9.48
C GLY A 127 -0.38 7.40 -8.19
N GLN A 128 -0.96 7.06 -7.06
CA GLN A 128 -0.23 7.25 -5.78
C GLN A 128 -0.63 6.15 -4.79
N VAL A 129 0.33 5.50 -4.19
CA VAL A 129 0.03 4.42 -3.22
C VAL A 129 1.20 4.32 -2.24
N ALA A 130 1.10 4.99 -1.13
CA ALA A 130 2.22 4.96 -0.15
C ALA A 130 1.88 4.03 1.03
N PHE A 131 2.83 3.23 1.43
CA PHE A 131 2.59 2.30 2.57
C PHE A 131 3.34 2.83 3.80
N HIS A 132 2.66 3.54 4.65
CA HIS A 132 3.33 4.09 5.87
C HIS A 132 3.01 3.21 7.08
N LEU A 133 4.02 2.80 7.80
CA LEU A 133 3.78 1.94 9.00
C LEU A 133 4.57 2.49 10.19
N GLY A 134 5.67 3.14 9.94
CA GLY A 134 6.48 3.71 11.06
C GLY A 134 5.57 4.43 12.04
N LYS A 135 5.87 4.36 13.30
CA LYS A 135 5.02 5.05 14.32
C LYS A 135 5.79 5.17 15.64
N ALA A 136 5.65 6.26 16.32
CA ALA A 136 6.37 6.43 17.62
C ALA A 136 6.33 5.09 18.37
N GLY A 137 5.41 4.25 18.01
CA GLY A 137 5.31 2.93 18.68
C GLY A 137 5.20 1.84 17.62
N ALA A 138 5.55 2.16 16.40
CA ALA A 138 5.46 1.14 15.31
C ALA A 138 6.12 -0.18 15.74
N TYR A 139 6.37 -1.05 14.81
CA TYR A 139 7.00 -2.36 15.16
C TYR A 139 7.77 -2.89 13.95
N GLU A 140 7.30 -3.96 13.34
CA GLU A 140 8.02 -4.50 12.15
C GLU A 140 6.99 -4.82 11.06
N PHE A 141 7.38 -4.79 9.82
CA PHE A 141 6.41 -5.09 8.72
C PHE A 141 7.03 -6.05 7.71
N CYS A 142 6.39 -7.17 7.47
CA CYS A 142 6.94 -8.15 6.48
C CYS A 142 6.01 -8.21 5.27
N ILE A 143 6.49 -7.87 4.11
CA ILE A 143 5.63 -7.92 2.89
C ILE A 143 6.33 -8.72 1.80
N SER A 144 5.57 -9.43 1.03
CA SER A 144 6.14 -10.24 -0.08
C SER A 144 5.30 -10.05 -1.34
N GLN A 145 4.08 -9.61 -1.19
CA GLN A 145 3.21 -9.41 -2.39
C GLN A 145 2.25 -8.24 -2.13
N VAL A 146 1.66 -7.70 -3.16
CA VAL A 146 0.70 -6.57 -2.97
C VAL A 146 0.11 -6.18 -4.32
N SER A 147 -1.20 -6.20 -4.43
CA SER A 147 -1.85 -5.82 -5.71
C SER A 147 -3.34 -5.58 -5.49
N LEU A 148 -3.94 -4.74 -6.28
CA LEU A 148 -5.40 -4.46 -6.11
C LEU A 148 -6.16 -4.94 -7.35
N THR A 149 -7.46 -4.89 -7.31
CA THR A 149 -8.26 -5.34 -8.48
C THR A 149 -9.64 -4.69 -8.44
N THR A 150 -10.55 -5.16 -9.24
CA THR A 150 -11.92 -4.56 -9.26
C THR A 150 -12.89 -5.51 -9.97
N SER A 151 -13.94 -4.98 -10.53
CA SER A 151 -14.92 -5.85 -11.26
C SER A 151 -15.59 -5.04 -12.37
N ALA A 152 -15.14 -5.20 -13.59
CA ALA A 152 -15.75 -4.45 -14.71
C ALA A 152 -15.52 -5.21 -16.02
N THR A 153 -15.88 -4.61 -17.13
CA THR A 153 -15.68 -5.31 -18.44
C THR A 153 -15.00 -4.35 -19.42
N ALA A 1 -19.95 -5.99 -13.52
CA ALA A 1 -18.90 -5.18 -12.84
C ALA A 1 -17.53 -5.73 -13.21
N SER A 2 -17.09 -5.51 -14.41
CA SER A 2 -15.75 -6.02 -14.83
C SER A 2 -15.70 -7.53 -14.62
N LEU A 3 -15.60 -7.97 -13.40
CA LEU A 3 -15.55 -9.44 -13.13
C LEU A 3 -14.42 -10.05 -13.95
N ASP A 4 -14.50 -11.33 -14.22
CA ASP A 4 -13.44 -12.00 -15.01
C ASP A 4 -12.08 -11.77 -14.35
N SER A 5 -11.02 -12.12 -15.01
CA SER A 5 -9.66 -11.92 -14.41
C SER A 5 -9.65 -10.62 -13.62
N GLU A 6 -8.89 -10.57 -12.56
CA GLU A 6 -8.84 -9.33 -11.73
C GLU A 6 -8.08 -8.24 -12.50
N VAL A 7 -8.63 -7.05 -12.55
CA VAL A 7 -7.94 -5.95 -13.29
C VAL A 7 -6.61 -5.64 -12.61
N GLU A 8 -5.59 -6.40 -12.92
CA GLU A 8 -4.26 -6.14 -12.29
C GLU A 8 -3.51 -5.08 -13.10
N LEU A 9 -3.76 -3.83 -12.83
CA LEU A 9 -3.06 -2.75 -13.58
C LEU A 9 -1.58 -2.78 -13.22
N LEU A 10 -1.24 -3.33 -12.09
CA LEU A 10 0.19 -3.39 -11.67
C LEU A 10 0.56 -4.85 -11.36
N PRO A 11 0.78 -5.62 -12.39
CA PRO A 11 1.13 -7.06 -12.26
C PRO A 11 2.38 -7.30 -11.40
N HIS A 12 2.54 -6.56 -10.34
CA HIS A 12 3.74 -6.76 -9.48
C HIS A 12 3.33 -6.77 -8.00
N THR A 13 3.09 -7.92 -7.45
CA THR A 13 2.69 -8.00 -6.02
C THR A 13 3.38 -9.19 -5.36
N SER A 14 4.68 -9.28 -5.47
CA SER A 14 5.41 -10.42 -4.86
C SER A 14 6.79 -9.96 -4.39
N PHE A 15 6.84 -9.18 -3.34
CA PHE A 15 8.16 -8.71 -2.84
C PHE A 15 8.99 -9.91 -2.39
N ALA A 16 8.95 -10.97 -3.13
CA ALA A 16 9.73 -12.18 -2.75
C ALA A 16 11.14 -12.12 -3.35
N GLU A 17 11.26 -11.65 -4.57
CA GLU A 17 12.60 -11.58 -5.21
C GLU A 17 13.04 -10.12 -5.33
N SER A 18 12.60 -9.45 -6.37
CA SER A 18 13.00 -8.03 -6.55
C SER A 18 11.84 -7.12 -6.15
N LEU A 19 12.13 -5.98 -5.57
CA LEU A 19 11.03 -5.05 -5.16
C LEU A 19 10.21 -4.66 -6.39
N GLY A 20 10.84 -4.15 -7.41
CA GLY A 20 10.10 -3.75 -8.64
C GLY A 20 9.91 -2.23 -8.66
N PRO A 21 9.00 -1.77 -9.47
CA PRO A 21 8.71 -0.30 -9.60
C PRO A 21 8.42 0.35 -8.24
N TRP A 22 7.77 -0.36 -7.36
CA TRP A 22 7.45 0.22 -6.03
C TRP A 22 8.76 0.69 -5.36
N SER A 23 8.67 1.56 -4.40
CA SER A 23 9.90 2.06 -3.72
C SER A 23 9.72 1.92 -2.20
N LEU A 24 10.73 2.27 -1.45
CA LEU A 24 10.62 2.16 0.04
C LEU A 24 11.89 2.69 0.69
N TYR A 25 11.77 3.20 1.88
CA TYR A 25 12.98 3.74 2.58
C TYR A 25 12.56 4.50 3.85
N GLY A 26 13.49 5.02 4.58
CA GLY A 26 13.14 5.76 5.83
C GLY A 26 13.01 4.79 6.99
N THR A 27 13.13 3.51 6.73
CA THR A 27 13.02 2.52 7.84
C THR A 27 14.38 1.89 8.12
N SER A 28 14.41 0.63 8.45
CA SER A 28 15.72 -0.05 8.71
C SER A 28 16.23 -0.66 7.40
N GLU A 29 16.98 -1.72 7.50
CA GLU A 29 17.51 -2.36 6.27
C GLU A 29 16.52 -3.43 5.79
N PRO A 30 15.85 -3.21 4.68
CA PRO A 30 14.86 -4.18 4.14
C PRO A 30 15.55 -5.37 3.47
N VAL A 31 15.01 -6.55 3.60
CA VAL A 31 15.67 -7.73 2.96
C VAL A 31 14.63 -8.73 2.46
N PHE A 32 14.65 -9.02 1.18
CA PHE A 32 13.68 -10.00 0.61
C PHE A 32 14.18 -11.42 0.91
N ALA A 33 13.87 -11.92 2.08
CA ALA A 33 14.33 -13.30 2.43
C ALA A 33 13.85 -14.30 1.38
N ASP A 34 13.43 -15.47 1.81
CA ASP A 34 12.96 -16.48 0.83
C ASP A 34 11.99 -15.84 -0.16
N GLY A 35 10.83 -15.45 0.31
CA GLY A 35 9.85 -14.81 -0.61
C GLY A 35 9.09 -13.71 0.15
N ARG A 36 9.79 -12.91 0.91
CA ARG A 36 9.12 -11.82 1.66
C ARG A 36 10.16 -10.79 2.12
N MET A 37 9.79 -9.54 2.15
CA MET A 37 10.75 -8.49 2.59
C MET A 37 10.29 -7.93 3.93
N CYS A 38 11.19 -7.82 4.87
CA CYS A 38 10.80 -7.29 6.20
C CYS A 38 11.65 -6.07 6.56
N VAL A 39 11.10 -5.19 7.36
CA VAL A 39 11.84 -3.96 7.77
C VAL A 39 11.65 -3.76 9.28
N ASP A 40 12.70 -3.86 10.05
CA ASP A 40 12.56 -3.68 11.52
C ASP A 40 12.30 -2.21 11.85
N LEU A 41 11.22 -1.93 12.54
CA LEU A 41 10.91 -0.52 12.90
C LEU A 41 10.54 -0.42 14.38
N PRO A 42 11.44 -0.78 15.26
CA PRO A 42 11.21 -0.72 16.73
C PRO A 42 11.77 0.57 17.35
N GLY A 43 12.96 0.94 16.94
CA GLY A 43 13.62 2.16 17.48
C GLY A 43 12.63 3.09 18.18
N GLY A 44 12.33 4.21 17.58
CA GLY A 44 11.38 5.17 18.21
C GLY A 44 11.02 6.26 17.20
N GLN A 45 10.42 5.90 16.10
CA GLN A 45 10.05 6.91 15.07
C GLN A 45 8.58 7.28 15.21
N GLY A 46 8.29 8.36 15.89
CA GLY A 46 6.87 8.77 16.06
C GLY A 46 6.46 9.71 14.92
N ASN A 47 6.56 9.26 13.70
CA ASN A 47 6.19 10.12 12.55
C ASN A 47 5.73 9.23 11.39
N PRO A 48 4.46 8.94 11.32
CA PRO A 48 3.86 8.10 10.25
C PRO A 48 4.29 8.55 8.85
N TRP A 49 5.13 9.55 8.77
CA TRP A 49 5.57 10.03 7.42
C TRP A 49 7.10 10.08 7.38
N ASP A 50 7.75 9.16 8.05
CA ASP A 50 9.24 9.16 8.04
C ASP A 50 9.74 7.96 7.24
N ALA A 51 8.85 7.14 6.74
CA ALA A 51 9.30 5.95 5.95
C ALA A 51 8.07 5.20 5.43
N GLY A 52 8.27 4.22 4.58
CA GLY A 52 7.11 3.46 4.04
C GLY A 52 7.39 3.07 2.58
N LEU A 53 6.49 2.35 1.97
CA LEU A 53 6.69 1.95 0.56
C LEU A 53 6.15 3.04 -0.36
N VAL A 54 6.19 2.82 -1.65
CA VAL A 54 5.67 3.85 -2.59
C VAL A 54 5.45 3.24 -3.98
N TYR A 55 4.69 3.89 -4.81
CA TYR A 55 4.44 3.37 -6.18
C TYR A 55 3.44 4.28 -6.89
N ASN A 56 3.58 4.44 -8.18
CA ASN A 56 2.65 5.31 -8.94
C ASN A 56 1.81 4.46 -9.89
N GLY A 57 1.16 5.08 -10.83
CA GLY A 57 0.32 4.30 -11.79
C GLY A 57 -0.93 3.76 -11.07
N VAL A 58 -1.69 4.62 -10.48
CA VAL A 58 -2.91 4.15 -9.75
C VAL A 58 -4.13 4.92 -10.28
N PRO A 59 -4.80 4.37 -11.27
CA PRO A 59 -6.00 5.01 -11.88
C PRO A 59 -7.26 4.77 -11.06
N VAL A 60 -8.02 5.80 -10.79
CA VAL A 60 -9.26 5.63 -9.99
C VAL A 60 -10.35 6.55 -10.54
N GLY A 61 -11.39 5.97 -11.08
CA GLY A 61 -12.49 6.80 -11.64
C GLY A 61 -13.57 7.01 -10.58
N GLU A 62 -13.72 8.22 -10.09
CA GLU A 62 -14.75 8.48 -9.05
C GLU A 62 -16.04 7.75 -9.43
N GLY A 63 -16.77 7.28 -8.45
CA GLY A 63 -18.04 6.56 -8.74
C GLY A 63 -17.85 5.05 -8.52
N GLU A 64 -16.68 4.54 -8.82
CA GLU A 64 -16.44 3.09 -8.62
C GLU A 64 -15.66 2.87 -7.31
N SER A 65 -15.48 1.64 -6.92
CA SER A 65 -14.75 1.36 -5.66
C SER A 65 -13.53 0.49 -5.96
N TYR A 66 -12.44 0.71 -5.28
CA TYR A 66 -11.22 -0.11 -5.54
C TYR A 66 -10.97 -1.05 -4.36
N VAL A 67 -9.91 -1.82 -4.42
CA VAL A 67 -9.61 -2.76 -3.31
C VAL A 67 -8.09 -3.01 -3.25
N LEU A 68 -7.60 -3.46 -2.13
CA LEU A 68 -6.14 -3.71 -2.00
C LEU A 68 -5.91 -4.95 -1.14
N SER A 69 -5.39 -6.00 -1.71
CA SER A 69 -5.14 -7.24 -0.92
C SER A 69 -3.63 -7.42 -0.73
N PHE A 70 -3.05 -6.63 0.15
CA PHE A 70 -1.58 -6.72 0.38
C PHE A 70 -1.26 -7.66 1.54
N THR A 71 -0.12 -8.29 1.50
CA THR A 71 0.29 -9.19 2.61
C THR A 71 1.16 -8.41 3.58
N ALA A 72 0.94 -8.54 4.86
CA ALA A 72 1.79 -7.79 5.83
C ALA A 72 1.48 -8.25 7.26
N SER A 73 2.50 -8.48 8.04
CA SER A 73 2.28 -8.91 9.44
C SER A 73 3.12 -8.04 10.38
N ALA A 74 2.48 -7.36 11.29
CA ALA A 74 3.24 -6.48 12.22
C ALA A 74 3.51 -7.24 13.52
N THR A 75 4.69 -7.09 14.07
CA THR A 75 5.03 -7.79 15.34
C THR A 75 5.66 -6.80 16.32
N PRO A 76 5.04 -6.53 17.44
CA PRO A 76 3.72 -7.14 17.85
C PRO A 76 2.58 -6.70 16.93
N ASP A 77 1.40 -6.52 17.44
CA ASP A 77 0.26 -6.11 16.58
C ASP A 77 -0.13 -4.65 16.88
N MET A 78 -0.87 -4.04 16.00
CA MET A 78 -1.29 -2.63 16.20
C MET A 78 -1.81 -2.07 14.87
N PRO A 79 -2.45 -0.93 14.90
CA PRO A 79 -3.01 -0.28 13.68
C PRO A 79 -1.93 0.47 12.88
N VAL A 80 -1.96 0.35 11.58
CA VAL A 80 -0.95 1.06 10.74
C VAL A 80 -1.65 2.15 9.92
N ARG A 81 -0.91 2.85 9.11
CA ARG A 81 -1.55 3.93 8.29
C ARG A 81 -1.30 3.65 6.80
N VAL A 82 -2.14 4.18 5.95
CA VAL A 82 -1.97 3.95 4.49
C VAL A 82 -2.63 5.10 3.73
N LEU A 83 -2.13 5.43 2.56
CA LEU A 83 -2.73 6.54 1.78
C LEU A 83 -2.63 6.25 0.28
N VAL A 84 -3.58 6.68 -0.48
CA VAL A 84 -3.54 6.43 -1.95
C VAL A 84 -4.33 7.50 -2.68
N GLY A 85 -4.03 7.72 -3.94
CA GLY A 85 -4.78 8.78 -4.70
C GLY A 85 -3.79 9.60 -5.53
N GLU A 86 -4.19 10.76 -5.97
CA GLU A 86 -3.28 11.61 -6.78
C GLU A 86 -2.46 12.52 -5.84
N GLY A 87 -1.66 13.38 -6.40
CA GLY A 87 -0.84 14.29 -5.55
C GLY A 87 -0.42 15.51 -6.37
N GLY A 88 -1.31 16.44 -6.56
CA GLY A 88 -0.97 17.65 -7.34
C GLY A 88 -1.66 18.88 -6.73
N GLY A 89 -2.55 19.50 -7.45
CA GLY A 89 -3.25 20.70 -6.91
C GLY A 89 -4.77 20.48 -7.00
N ALA A 90 -5.48 20.87 -5.99
CA ALA A 90 -6.97 20.69 -6.02
C ALA A 90 -7.29 19.20 -6.08
N TYR A 91 -6.56 18.46 -6.87
CA TYR A 91 -6.83 16.99 -6.99
C TYR A 91 -6.33 16.29 -5.71
N ARG A 92 -7.11 16.33 -4.66
CA ARG A 92 -6.69 15.68 -3.40
C ARG A 92 -6.88 14.16 -3.53
N THR A 93 -6.58 13.42 -2.49
CA THR A 93 -6.75 11.94 -2.55
C THR A 93 -8.02 11.53 -1.81
N ALA A 94 -8.42 10.29 -1.95
CA ALA A 94 -9.64 9.80 -1.27
C ALA A 94 -9.27 8.59 -0.41
N PHE A 95 -8.14 7.99 -0.68
CA PHE A 95 -7.73 6.79 0.12
C PHE A 95 -6.91 7.25 1.32
N GLU A 96 -7.24 8.37 1.91
CA GLU A 96 -6.47 8.86 3.08
C GLU A 96 -6.98 8.17 4.35
N GLN A 97 -6.69 6.91 4.51
CA GLN A 97 -7.15 6.19 5.72
C GLN A 97 -6.00 6.08 6.72
N GLY A 98 -6.29 5.71 7.94
CA GLY A 98 -5.21 5.59 8.96
C GLY A 98 -5.53 4.45 9.92
N SER A 99 -6.55 3.67 9.63
CA SER A 99 -6.91 2.54 10.54
C SER A 99 -6.73 1.22 9.80
N ALA A 100 -5.59 0.60 9.94
CA ALA A 100 -5.36 -0.70 9.25
C ALA A 100 -4.75 -1.70 10.23
N PRO A 101 -5.58 -2.37 10.99
CA PRO A 101 -5.13 -3.38 11.99
C PRO A 101 -4.23 -4.47 11.37
N LEU A 102 -3.13 -4.76 12.00
CA LEU A 102 -2.22 -5.82 11.46
C LEU A 102 -1.52 -6.52 12.62
N THR A 103 -1.64 -7.82 12.71
CA THR A 103 -0.98 -8.56 13.82
C THR A 103 0.08 -9.50 13.25
N GLY A 104 0.82 -10.17 14.09
CA GLY A 104 1.86 -11.11 13.60
C GLY A 104 1.20 -12.29 12.91
N GLU A 105 0.08 -12.08 12.28
CA GLU A 105 -0.62 -13.19 11.59
C GLU A 105 -0.53 -12.99 10.07
N PRO A 106 0.44 -13.60 9.44
CA PRO A 106 0.64 -13.48 7.97
C PRO A 106 -0.66 -13.67 7.18
N ALA A 107 -1.08 -12.66 6.46
CA ALA A 107 -2.34 -12.77 5.68
C ALA A 107 -2.53 -11.50 4.85
N THR A 108 -3.44 -11.53 3.91
CA THR A 108 -3.67 -10.33 3.06
C THR A 108 -4.74 -9.43 3.69
N ARG A 109 -4.60 -8.15 3.55
CA ARG A 109 -5.64 -7.22 4.10
C ARG A 109 -6.41 -6.64 2.93
N GLU A 110 -7.70 -6.53 3.05
CA GLU A 110 -8.51 -5.98 1.92
C GLU A 110 -9.03 -4.58 2.26
N TYR A 111 -8.41 -3.57 1.73
CA TYR A 111 -8.89 -2.18 2.00
C TYR A 111 -9.51 -1.62 0.71
N ALA A 112 -10.79 -1.36 0.73
CA ALA A 112 -11.46 -0.83 -0.48
C ALA A 112 -12.19 0.47 -0.15
N PHE A 113 -12.58 1.23 -1.13
CA PHE A 113 -13.30 2.50 -0.86
C PHE A 113 -14.18 2.86 -2.06
N THR A 114 -14.84 3.98 -2.00
CA THR A 114 -15.73 4.38 -3.13
C THR A 114 -15.07 5.52 -3.91
N SER A 115 -14.46 5.22 -5.02
CA SER A 115 -13.80 6.29 -5.82
C SER A 115 -14.63 7.58 -5.72
N ASN A 116 -14.16 8.53 -4.97
CA ASN A 116 -14.93 9.81 -4.83
C ASN A 116 -14.39 10.82 -5.85
N LEU A 117 -13.12 10.76 -6.15
CA LEU A 117 -12.54 11.72 -7.14
C LEU A 117 -11.90 10.94 -8.28
N THR A 118 -11.27 11.62 -9.19
CA THR A 118 -10.61 10.91 -10.33
C THR A 118 -9.10 11.06 -10.23
N PHE A 119 -8.39 9.99 -10.02
CA PHE A 119 -6.90 10.07 -9.93
C PHE A 119 -6.27 9.37 -11.12
N PRO A 120 -6.24 10.02 -12.25
CA PRO A 120 -5.65 9.45 -13.50
C PRO A 120 -4.13 9.50 -13.49
N PRO A 121 -3.49 8.59 -14.20
CA PRO A 121 -2.01 8.54 -14.29
C PRO A 121 -1.46 9.55 -15.30
N ASP A 122 -2.20 9.80 -16.34
CA ASP A 122 -1.72 10.77 -17.36
C ASP A 122 -2.57 12.04 -17.30
N GLY A 123 -3.82 11.91 -16.92
CA GLY A 123 -4.69 13.12 -16.84
C GLY A 123 -3.87 14.32 -16.36
N ASP A 124 -2.92 14.08 -15.49
CA ASP A 124 -2.09 15.21 -14.98
C ASP A 124 -0.95 14.65 -14.12
N ALA A 125 -1.18 13.55 -13.46
CA ALA A 125 -0.11 12.96 -12.60
C ALA A 125 -0.06 11.45 -12.80
N PRO A 126 1.08 10.86 -12.58
CA PRO A 126 1.28 9.39 -12.74
C PRO A 126 0.53 8.58 -11.68
N GLY A 127 0.03 9.25 -10.67
CA GLY A 127 -0.71 8.53 -9.59
C GLY A 127 0.03 8.72 -8.27
N GLN A 128 -0.50 8.19 -7.20
CA GLN A 128 0.17 8.34 -5.88
C GLN A 128 -0.20 7.19 -4.96
N VAL A 129 0.77 6.44 -4.50
CA VAL A 129 0.49 5.30 -3.59
C VAL A 129 1.62 5.19 -2.57
N ALA A 130 1.31 5.30 -1.30
CA ALA A 130 2.39 5.22 -0.28
C ALA A 130 1.90 4.43 0.95
N PHE A 131 2.69 3.49 1.40
CA PHE A 131 2.29 2.70 2.59
C PHE A 131 2.92 3.34 3.83
N HIS A 132 2.12 3.84 4.73
CA HIS A 132 2.69 4.49 5.96
C HIS A 132 2.62 3.52 7.14
N LEU A 133 3.75 3.24 7.73
CA LEU A 133 3.76 2.31 8.90
C LEU A 133 4.87 2.74 9.88
N GLY A 134 5.44 3.89 9.67
CA GLY A 134 6.51 4.38 10.58
C GLY A 134 5.88 4.86 11.89
N LYS A 135 6.35 4.35 13.00
CA LYS A 135 5.77 4.77 14.31
C LYS A 135 6.69 4.33 15.44
N ALA A 136 7.01 5.22 16.35
CA ALA A 136 7.88 4.81 17.47
C ALA A 136 7.30 3.52 18.06
N GLY A 137 6.02 3.37 17.97
CA GLY A 137 5.36 2.14 18.47
C GLY A 137 5.18 1.17 17.30
N ALA A 138 5.74 1.52 16.17
CA ALA A 138 5.62 0.65 14.95
C ALA A 138 5.96 -0.80 15.29
N TYR A 139 6.81 -1.41 14.51
CA TYR A 139 7.16 -2.84 14.76
C TYR A 139 7.80 -3.43 13.50
N GLU A 140 7.86 -4.73 13.41
CA GLU A 140 8.46 -5.37 12.21
C GLU A 140 7.40 -5.48 11.12
N PHE A 141 7.67 -4.96 9.95
CA PHE A 141 6.67 -5.02 8.84
C PHE A 141 7.13 -6.05 7.81
N CYS A 142 6.42 -7.14 7.68
CA CYS A 142 6.83 -8.19 6.70
C CYS A 142 5.78 -8.29 5.57
N ILE A 143 6.02 -7.62 4.48
CA ILE A 143 5.06 -7.69 3.34
C ILE A 143 5.67 -8.53 2.21
N SER A 144 4.86 -9.29 1.54
CA SER A 144 5.37 -10.14 0.44
C SER A 144 4.44 -10.01 -0.77
N GLN A 145 3.36 -9.29 -0.62
CA GLN A 145 2.42 -9.14 -1.78
C GLN A 145 1.75 -7.77 -1.73
N VAL A 146 1.18 -7.35 -2.82
CA VAL A 146 0.51 -6.02 -2.87
C VAL A 146 -0.45 -5.99 -4.06
N SER A 147 -1.61 -6.59 -3.91
CA SER A 147 -2.58 -6.60 -5.03
C SER A 147 -3.34 -5.28 -5.10
N LEU A 148 -3.72 -4.85 -6.27
CA LEU A 148 -4.46 -3.57 -6.41
C LEU A 148 -5.36 -3.64 -7.65
N THR A 149 -6.64 -3.65 -7.45
CA THR A 149 -7.57 -3.72 -8.62
C THR A 149 -9.00 -3.39 -8.17
N THR A 150 -9.97 -3.86 -8.90
CA THR A 150 -11.38 -3.57 -8.51
C THR A 150 -12.25 -4.78 -8.85
N SER A 151 -12.02 -5.38 -9.98
CA SER A 151 -12.83 -6.57 -10.38
C SER A 151 -12.82 -7.59 -9.26
N ALA A 152 -13.70 -8.55 -9.30
CA ALA A 152 -13.74 -9.59 -8.22
C ALA A 152 -14.46 -10.83 -8.74
N THR A 153 -13.72 -11.81 -9.20
CA THR A 153 -14.37 -13.05 -9.72
C THR A 153 -14.07 -14.21 -8.77
N ALA A 1 -18.56 -13.11 -10.02
CA ALA A 1 -17.26 -12.40 -10.10
C ALA A 1 -17.43 -11.09 -10.87
N SER A 2 -16.81 -10.04 -10.42
CA SER A 2 -16.94 -8.74 -11.12
C SER A 2 -16.49 -8.89 -12.57
N LEU A 3 -15.52 -8.10 -12.98
CA LEU A 3 -15.03 -8.21 -14.39
C LEU A 3 -14.24 -9.50 -14.56
N ASP A 4 -14.47 -10.43 -13.69
CA ASP A 4 -13.74 -11.73 -13.77
C ASP A 4 -12.25 -11.50 -13.57
N SER A 5 -11.47 -12.55 -13.49
CA SER A 5 -10.01 -12.38 -13.29
C SER A 5 -9.74 -11.18 -12.38
N GLU A 6 -8.58 -10.60 -12.48
CA GLU A 6 -8.27 -9.42 -11.61
C GLU A 6 -7.68 -8.30 -12.47
N VAL A 7 -8.15 -7.09 -12.28
CA VAL A 7 -7.61 -5.96 -13.09
C VAL A 7 -6.28 -5.50 -12.49
N GLU A 8 -5.28 -6.33 -12.55
CA GLU A 8 -3.95 -5.93 -12.00
C GLU A 8 -3.19 -5.10 -13.03
N LEU A 9 -3.00 -3.84 -12.76
CA LEU A 9 -2.27 -2.97 -13.73
C LEU A 9 -0.76 -3.23 -13.60
N LEU A 10 -0.31 -3.57 -12.43
CA LEU A 10 1.14 -3.83 -12.24
C LEU A 10 1.35 -5.31 -11.87
N PRO A 11 1.64 -6.13 -12.85
CA PRO A 11 1.87 -7.59 -12.63
C PRO A 11 2.99 -7.87 -11.62
N HIS A 12 3.00 -7.17 -10.51
CA HIS A 12 4.07 -7.42 -9.50
C HIS A 12 3.43 -7.53 -8.10
N THR A 13 3.37 -8.71 -7.56
CA THR A 13 2.77 -8.88 -6.21
C THR A 13 3.48 -10.00 -5.47
N SER A 14 4.77 -9.88 -5.27
CA SER A 14 5.52 -10.95 -4.55
C SER A 14 6.84 -10.39 -4.03
N PHE A 15 6.78 -9.51 -3.06
CA PHE A 15 8.04 -8.93 -2.50
C PHE A 15 8.87 -10.06 -1.88
N ALA A 16 8.90 -11.20 -2.50
CA ALA A 16 9.70 -12.33 -1.95
C ALA A 16 11.15 -12.20 -2.38
N GLU A 17 11.40 -11.70 -3.57
CA GLU A 17 12.80 -11.55 -4.04
C GLU A 17 13.15 -10.06 -4.09
N SER A 18 12.82 -9.40 -5.17
CA SER A 18 13.13 -7.95 -5.27
C SER A 18 11.86 -7.14 -5.02
N LEU A 19 11.97 -6.02 -4.36
CA LEU A 19 10.75 -5.20 -4.09
C LEU A 19 10.15 -4.74 -5.42
N GLY A 20 10.68 -5.21 -6.52
CA GLY A 20 10.14 -4.82 -7.85
C GLY A 20 10.54 -3.38 -8.18
N PRO A 21 9.71 -2.69 -8.92
CA PRO A 21 9.94 -1.28 -9.33
C PRO A 21 9.39 -0.30 -8.30
N TRP A 22 8.63 -0.77 -7.35
CA TRP A 22 8.05 0.13 -6.32
C TRP A 22 9.17 0.92 -5.64
N SER A 23 8.86 1.62 -4.58
CA SER A 23 9.90 2.40 -3.86
C SER A 23 9.87 2.04 -2.38
N LEU A 24 10.88 2.42 -1.64
CA LEU A 24 10.91 2.10 -0.19
C LEU A 24 12.06 2.84 0.48
N TYR A 25 11.97 3.06 1.77
CA TYR A 25 13.07 3.78 2.49
C TYR A 25 12.53 4.39 3.78
N GLY A 26 13.36 5.08 4.51
CA GLY A 26 12.89 5.72 5.78
C GLY A 26 13.05 4.74 6.95
N THR A 27 12.98 3.46 6.71
CA THR A 27 13.13 2.49 7.83
C THR A 27 14.46 1.75 7.70
N SER A 28 14.46 0.49 8.02
CA SER A 28 15.72 -0.30 7.92
C SER A 28 15.82 -0.93 6.53
N GLU A 29 16.96 -0.83 5.90
CA GLU A 29 17.10 -1.43 4.55
C GLU A 29 16.33 -2.76 4.49
N PRO A 30 15.16 -2.75 3.91
CA PRO A 30 14.32 -3.97 3.81
C PRO A 30 15.13 -5.19 3.34
N VAL A 31 14.76 -6.37 3.75
CA VAL A 31 15.53 -7.57 3.32
C VAL A 31 14.58 -8.69 2.90
N PHE A 32 14.64 -9.11 1.67
CA PHE A 32 13.76 -10.21 1.20
C PHE A 32 14.36 -11.56 1.59
N ALA A 33 14.03 -12.04 2.76
CA ALA A 33 14.57 -13.34 3.21
C ALA A 33 14.08 -14.46 2.27
N ASP A 34 13.74 -15.59 2.81
CA ASP A 34 13.25 -16.71 1.96
C ASP A 34 12.34 -16.15 0.86
N GLY A 35 11.12 -15.83 1.20
CA GLY A 35 10.19 -15.28 0.19
C GLY A 35 9.38 -14.13 0.78
N ARG A 36 9.98 -13.36 1.64
CA ARG A 36 9.25 -12.22 2.26
C ARG A 36 10.24 -11.11 2.63
N MET A 37 9.80 -9.89 2.65
CA MET A 37 10.71 -8.77 3.00
C MET A 37 10.19 -8.06 4.25
N CYS A 38 11.04 -7.78 5.19
CA CYS A 38 10.57 -7.10 6.43
C CYS A 38 11.44 -5.87 6.72
N VAL A 39 10.87 -4.92 7.41
CA VAL A 39 11.63 -3.69 7.77
C VAL A 39 11.61 -3.52 9.29
N ASP A 40 12.74 -3.21 9.87
CA ASP A 40 12.78 -3.04 11.35
C ASP A 40 12.16 -1.70 11.74
N LEU A 41 10.98 -1.73 12.28
CA LEU A 41 10.31 -0.46 12.68
C LEU A 41 10.08 -0.47 14.20
N PRO A 42 11.14 -0.27 14.96
CA PRO A 42 11.06 -0.25 16.44
C PRO A 42 10.47 1.06 16.98
N GLY A 43 11.07 2.17 16.62
CA GLY A 43 10.54 3.47 17.11
C GLY A 43 11.62 4.55 16.96
N GLY A 44 11.60 5.54 17.80
CA GLY A 44 12.63 6.62 17.71
C GLY A 44 12.44 7.40 16.41
N GLN A 45 11.47 7.02 15.62
CA GLN A 45 11.23 7.73 14.33
C GLN A 45 10.08 8.72 14.51
N GLY A 46 10.32 9.81 15.17
CA GLY A 46 9.25 10.82 15.37
C GLY A 46 8.82 11.38 14.02
N ASN A 47 8.54 10.53 13.07
CA ASN A 47 8.12 11.01 11.73
C ASN A 47 7.40 9.88 10.99
N PRO A 48 6.12 9.76 11.18
CA PRO A 48 5.29 8.70 10.53
C PRO A 48 5.53 8.64 9.02
N TRP A 49 6.23 9.59 8.48
CA TRP A 49 6.48 9.58 7.01
C TRP A 49 7.97 9.34 6.75
N ASP A 50 8.62 8.61 7.61
CA ASP A 50 10.07 8.34 7.42
C ASP A 50 10.31 6.82 7.37
N ALA A 51 9.40 6.10 6.79
CA ALA A 51 9.56 4.61 6.70
C ALA A 51 8.31 4.00 6.08
N GLY A 52 8.46 3.34 4.96
CA GLY A 52 7.28 2.71 4.30
C GLY A 52 7.58 2.46 2.82
N LEU A 53 6.56 2.44 2.00
CA LEU A 53 6.80 2.20 0.55
C LEU A 53 5.81 3.04 -0.27
N VAL A 54 5.99 3.10 -1.56
CA VAL A 54 5.06 3.93 -2.39
C VAL A 54 4.99 3.37 -3.82
N TYR A 55 4.12 3.90 -4.63
CA TYR A 55 4.00 3.40 -6.03
C TYR A 55 2.93 4.21 -6.77
N ASN A 56 3.08 4.39 -8.05
CA ASN A 56 2.08 5.17 -8.82
C ASN A 56 1.32 4.24 -9.76
N GLY A 57 0.62 4.78 -10.72
CA GLY A 57 -0.15 3.93 -11.67
C GLY A 57 -1.44 3.45 -11.01
N VAL A 58 -2.36 4.35 -10.74
CA VAL A 58 -3.63 3.94 -10.09
C VAL A 58 -4.76 4.85 -10.57
N PRO A 59 -5.44 4.45 -11.62
CA PRO A 59 -6.57 5.23 -12.20
C PRO A 59 -7.87 5.03 -11.42
N VAL A 60 -8.76 5.99 -11.47
CA VAL A 60 -10.03 5.84 -10.72
C VAL A 60 -11.13 6.64 -11.43
N GLY A 61 -12.35 6.18 -11.36
CA GLY A 61 -13.47 6.92 -12.02
C GLY A 61 -14.72 6.83 -11.14
N GLU A 62 -15.19 7.93 -10.65
CA GLU A 62 -16.40 7.92 -9.78
C GLU A 62 -17.36 6.83 -10.25
N GLY A 63 -18.06 6.21 -9.34
CA GLY A 63 -19.03 5.14 -9.73
C GLY A 63 -18.33 3.78 -9.69
N GLU A 64 -17.02 3.76 -9.65
CA GLU A 64 -16.29 2.46 -9.61
C GLU A 64 -15.59 2.31 -8.26
N SER A 65 -15.23 1.11 -7.91
CA SER A 65 -14.54 0.88 -6.61
C SER A 65 -13.26 0.07 -6.85
N TYR A 66 -12.19 0.39 -6.17
CA TYR A 66 -10.93 -0.36 -6.38
C TYR A 66 -10.66 -1.27 -5.18
N VAL A 67 -9.60 -2.04 -5.25
CA VAL A 67 -9.27 -2.96 -4.12
C VAL A 67 -7.75 -3.11 -4.01
N LEU A 68 -7.28 -3.63 -2.91
CA LEU A 68 -5.81 -3.81 -2.74
C LEU A 68 -5.54 -5.02 -1.85
N SER A 69 -4.86 -6.01 -2.36
CA SER A 69 -4.57 -7.22 -1.53
C SER A 69 -3.08 -7.25 -1.21
N PHE A 70 -2.65 -6.49 -0.24
CA PHE A 70 -1.21 -6.45 0.13
C PHE A 70 -0.92 -7.42 1.27
N THR A 71 0.25 -8.01 1.26
CA THR A 71 0.63 -8.95 2.35
C THR A 71 1.43 -8.19 3.40
N ALA A 72 1.17 -8.44 4.66
CA ALA A 72 1.93 -7.71 5.71
C ALA A 72 1.55 -8.22 7.09
N SER A 73 2.50 -8.70 7.85
CA SER A 73 2.18 -9.21 9.21
C SER A 73 2.84 -8.28 10.24
N ALA A 74 2.05 -7.72 11.13
CA ALA A 74 2.64 -6.80 12.13
C ALA A 74 3.01 -7.59 13.39
N THR A 75 4.19 -7.36 13.90
CA THR A 75 4.64 -8.08 15.13
C THR A 75 5.31 -7.09 16.09
N PRO A 76 4.72 -6.84 17.24
CA PRO A 76 3.43 -7.45 17.69
C PRO A 76 2.25 -7.03 16.82
N ASP A 77 1.11 -6.82 17.42
CA ASP A 77 -0.08 -6.41 16.63
C ASP A 77 -0.41 -4.95 16.92
N MET A 78 -1.07 -4.29 15.99
CA MET A 78 -1.43 -2.85 16.22
C MET A 78 -1.97 -2.27 14.92
N PRO A 79 -2.78 -1.24 15.02
CA PRO A 79 -3.38 -0.57 13.84
C PRO A 79 -2.36 0.31 13.09
N VAL A 80 -2.27 0.14 11.81
CA VAL A 80 -1.29 0.96 11.02
C VAL A 80 -2.06 2.01 10.21
N ARG A 81 -1.37 2.80 9.44
CA ARG A 81 -2.07 3.84 8.63
C ARG A 81 -1.63 3.74 7.17
N VAL A 82 -2.51 4.04 6.25
CA VAL A 82 -2.15 3.97 4.81
C VAL A 82 -2.97 5.00 4.04
N LEU A 83 -2.48 5.44 2.91
CA LEU A 83 -3.24 6.45 2.12
C LEU A 83 -3.10 6.15 0.62
N VAL A 84 -4.09 6.51 -0.16
CA VAL A 84 -4.02 6.25 -1.62
C VAL A 84 -4.80 7.32 -2.37
N GLY A 85 -4.58 7.46 -3.64
CA GLY A 85 -5.32 8.49 -4.43
C GLY A 85 -4.37 9.16 -5.41
N GLU A 86 -4.59 10.42 -5.71
CA GLU A 86 -3.71 11.13 -6.66
C GLU A 86 -2.54 11.78 -5.90
N GLY A 87 -1.50 12.14 -6.59
CA GLY A 87 -0.34 12.78 -5.91
C GLY A 87 -0.23 14.24 -6.34
N GLY A 88 -1.23 15.04 -6.06
CA GLY A 88 -1.18 16.47 -6.46
C GLY A 88 -1.74 17.34 -5.33
N GLY A 89 -2.19 18.52 -5.64
CA GLY A 89 -2.76 19.41 -4.59
C GLY A 89 -4.27 19.37 -4.64
N ALA A 90 -4.88 20.33 -5.29
CA ALA A 90 -6.37 20.34 -5.38
C ALA A 90 -6.89 18.90 -5.50
N TYR A 91 -6.33 18.15 -6.40
CA TYR A 91 -6.80 16.74 -6.57
C TYR A 91 -6.59 15.98 -5.26
N ARG A 92 -7.34 16.31 -4.25
CA ARG A 92 -7.19 15.62 -2.94
C ARG A 92 -7.38 14.10 -3.14
N THR A 93 -7.10 13.33 -2.13
CA THR A 93 -7.25 11.85 -2.26
C THR A 93 -8.54 11.41 -1.57
N ALA A 94 -8.88 10.16 -1.71
CA ALA A 94 -10.12 9.64 -1.06
C ALA A 94 -9.78 8.41 -0.23
N PHE A 95 -8.64 7.81 -0.46
CA PHE A 95 -8.26 6.61 0.33
C PHE A 95 -7.48 7.04 1.57
N GLU A 96 -7.83 8.15 2.16
CA GLU A 96 -7.09 8.61 3.37
C GLU A 96 -7.65 7.91 4.61
N GLN A 97 -7.40 6.64 4.75
CA GLN A 97 -7.92 5.91 5.94
C GLN A 97 -6.80 5.72 6.96
N GLY A 98 -7.09 5.11 8.07
CA GLY A 98 -6.04 4.89 9.11
C GLY A 98 -6.45 3.73 10.02
N SER A 99 -7.37 2.93 9.59
CA SER A 99 -7.81 1.78 10.43
C SER A 99 -7.37 0.46 9.79
N ALA A 100 -6.08 0.25 9.67
CA ALA A 100 -5.59 -1.01 9.05
C ALA A 100 -4.94 -1.89 10.13
N PRO A 101 -5.68 -2.83 10.65
CA PRO A 101 -5.18 -3.75 11.72
C PRO A 101 -4.32 -4.87 11.15
N LEU A 102 -3.07 -4.93 11.55
CA LEU A 102 -2.17 -6.01 11.05
C LEU A 102 -1.74 -6.90 12.22
N THR A 103 -1.63 -8.17 12.00
CA THR A 103 -1.22 -9.09 13.10
C THR A 103 -0.03 -9.94 12.64
N GLY A 104 0.62 -10.60 13.56
CA GLY A 104 1.80 -11.44 13.18
C GLY A 104 1.32 -12.62 12.34
N GLU A 105 0.20 -12.49 11.70
CA GLU A 105 -0.32 -13.61 10.85
C GLU A 105 -0.20 -13.23 9.38
N PRO A 106 0.84 -13.66 8.72
CA PRO A 106 1.08 -13.36 7.28
C PRO A 106 -0.18 -13.61 6.43
N ALA A 107 -0.69 -12.58 5.81
CA ALA A 107 -1.90 -12.75 4.96
C ALA A 107 -2.14 -11.48 4.15
N THR A 108 -2.96 -11.55 3.14
CA THR A 108 -3.24 -10.36 2.31
C THR A 108 -4.42 -9.59 2.87
N ARG A 109 -4.37 -8.29 2.87
CA ARG A 109 -5.52 -7.50 3.38
C ARG A 109 -6.24 -6.91 2.18
N GLU A 110 -7.54 -6.98 2.16
CA GLU A 110 -8.29 -6.43 0.98
C GLU A 110 -9.05 -5.16 1.37
N TYR A 111 -8.51 -4.02 1.04
CA TYR A 111 -9.21 -2.75 1.34
C TYR A 111 -9.68 -2.13 0.03
N ALA A 112 -10.92 -1.74 -0.04
CA ALA A 112 -11.44 -1.15 -1.30
C ALA A 112 -12.26 0.11 -0.99
N PHE A 113 -12.50 0.92 -1.97
CA PHE A 113 -13.30 2.17 -1.73
C PHE A 113 -14.19 2.43 -2.94
N THR A 114 -15.05 3.41 -2.84
CA THR A 114 -15.96 3.73 -3.98
C THR A 114 -15.47 4.99 -4.69
N SER A 115 -15.18 4.89 -5.95
CA SER A 115 -14.70 6.08 -6.71
C SER A 115 -15.63 7.26 -6.45
N ASN A 116 -15.09 8.45 -6.36
CA ASN A 116 -15.95 9.64 -6.10
C ASN A 116 -15.56 10.78 -7.06
N LEU A 117 -14.29 11.03 -7.20
CA LEU A 117 -13.84 12.12 -8.12
C LEU A 117 -13.16 11.51 -9.34
N THR A 118 -12.80 12.31 -10.30
CA THR A 118 -12.13 11.77 -11.52
C THR A 118 -10.61 11.82 -11.33
N PHE A 119 -9.94 10.71 -11.48
CA PHE A 119 -8.46 10.69 -11.33
C PHE A 119 -7.85 9.87 -12.46
N PRO A 120 -7.46 10.54 -13.53
CA PRO A 120 -6.85 9.86 -14.71
C PRO A 120 -5.37 9.54 -14.49
N PRO A 121 -4.81 8.71 -15.33
CA PRO A 121 -3.38 8.30 -15.24
C PRO A 121 -2.45 9.36 -15.83
N ASP A 122 -2.98 10.29 -16.57
CA ASP A 122 -2.13 11.34 -17.18
C ASP A 122 -2.41 12.68 -16.49
N GLY A 123 -1.42 13.22 -15.81
CA GLY A 123 -1.63 14.53 -15.13
C GLY A 123 -0.46 14.78 -14.17
N ASP A 124 -0.41 15.95 -13.58
CA ASP A 124 0.70 16.26 -12.65
C ASP A 124 0.47 15.55 -11.32
N ALA A 125 -0.25 14.45 -11.34
CA ALA A 125 -0.51 13.71 -10.07
C ALA A 125 -1.36 12.48 -10.38
N PRO A 126 -0.76 11.47 -10.96
CA PRO A 126 -1.46 10.20 -11.31
C PRO A 126 -1.73 9.33 -10.08
N GLY A 127 -1.91 8.05 -10.28
CA GLY A 127 -2.17 7.15 -9.13
C GLY A 127 -1.28 7.55 -7.95
N GLN A 128 -1.60 7.09 -6.78
CA GLN A 128 -0.77 7.46 -5.58
C GLN A 128 -1.06 6.49 -4.44
N VAL A 129 -0.05 5.81 -3.96
CA VAL A 129 -0.26 4.86 -2.83
C VAL A 129 1.00 4.87 -1.97
N ALA A 130 0.85 5.01 -0.67
CA ALA A 130 2.06 5.04 0.20
C ALA A 130 1.75 4.45 1.57
N PHE A 131 2.49 3.44 1.96
CA PHE A 131 2.26 2.83 3.30
C PHE A 131 3.08 3.62 4.32
N HIS A 132 2.43 4.22 5.29
CA HIS A 132 3.18 5.03 6.29
C HIS A 132 3.37 4.21 7.57
N LEU A 133 4.58 4.18 8.09
CA LEU A 133 4.84 3.41 9.34
C LEU A 133 5.69 4.27 10.28
N GLY A 134 6.94 3.96 10.41
CA GLY A 134 7.83 4.76 11.31
C GLY A 134 7.03 5.28 12.50
N LYS A 135 7.11 4.63 13.62
CA LYS A 135 6.35 5.11 14.81
C LYS A 135 7.13 4.78 16.09
N ALA A 136 7.42 5.77 16.89
CA ALA A 136 8.18 5.51 18.14
C ALA A 136 7.64 4.23 18.77
N GLY A 137 6.44 3.84 18.40
CA GLY A 137 5.85 2.60 18.96
C GLY A 137 5.55 1.63 17.81
N ALA A 138 6.08 1.89 16.65
CA ALA A 138 5.83 1.00 15.48
C ALA A 138 6.16 -0.45 15.85
N TYR A 139 6.52 -1.25 14.89
CA TYR A 139 6.84 -2.67 15.18
C TYR A 139 7.59 -3.28 14.00
N GLU A 140 7.19 -4.44 13.52
CA GLU A 140 7.89 -5.06 12.37
C GLU A 140 6.91 -5.24 11.21
N PHE A 141 7.27 -4.77 10.03
CA PHE A 141 6.34 -4.92 8.87
C PHE A 141 6.89 -5.97 7.91
N CYS A 142 6.23 -7.09 7.80
CA CYS A 142 6.73 -8.15 6.87
C CYS A 142 5.82 -8.25 5.64
N ILE A 143 6.11 -7.48 4.62
CA ILE A 143 5.29 -7.54 3.39
C ILE A 143 5.99 -8.41 2.35
N SER A 144 5.27 -9.27 1.70
CA SER A 144 5.90 -10.15 0.67
C SER A 144 5.11 -10.04 -0.63
N GLN A 145 4.08 -9.26 -0.65
CA GLN A 145 3.29 -9.12 -1.92
C GLN A 145 2.62 -7.75 -1.96
N VAL A 146 1.98 -7.43 -3.05
CA VAL A 146 1.30 -6.11 -3.17
C VAL A 146 0.57 -6.05 -4.51
N SER A 147 -0.68 -6.40 -4.55
CA SER A 147 -1.43 -6.37 -5.84
C SER A 147 -2.39 -5.18 -5.86
N LEU A 148 -2.57 -4.58 -7.00
CA LEU A 148 -3.50 -3.41 -7.10
C LEU A 148 -4.46 -3.63 -8.27
N THR A 149 -5.73 -3.68 -8.01
CA THR A 149 -6.71 -3.89 -9.11
C THR A 149 -8.08 -3.37 -8.70
N THR A 150 -9.09 -3.66 -9.48
CA THR A 150 -10.46 -3.18 -9.13
C THR A 150 -11.48 -4.28 -9.43
N SER A 151 -12.20 -4.15 -10.52
CA SER A 151 -13.21 -5.18 -10.87
C SER A 151 -14.52 -4.88 -10.13
N ALA A 152 -15.13 -3.77 -10.41
CA ALA A 152 -16.41 -3.43 -9.73
C ALA A 152 -16.26 -3.64 -8.22
N THR A 153 -17.32 -4.00 -7.55
CA THR A 153 -17.24 -4.23 -6.09
C THR A 153 -17.39 -5.72 -5.79
N ALA A 1 -20.63 -8.08 -14.54
CA ALA A 1 -19.90 -6.93 -13.90
C ALA A 1 -18.73 -6.52 -14.78
N SER A 2 -17.59 -6.29 -14.19
CA SER A 2 -16.40 -5.88 -14.99
C SER A 2 -15.67 -7.12 -15.50
N LEU A 3 -14.88 -7.74 -14.65
CA LEU A 3 -14.14 -8.96 -15.09
C LEU A 3 -14.07 -9.95 -13.93
N ASP A 4 -13.87 -11.20 -14.22
CA ASP A 4 -13.80 -12.22 -13.13
C ASP A 4 -12.33 -12.43 -12.73
N SER A 5 -12.04 -13.48 -12.03
CA SER A 5 -10.64 -13.74 -11.61
C SER A 5 -9.95 -12.41 -11.29
N GLU A 6 -10.67 -11.48 -10.73
CA GLU A 6 -10.06 -10.17 -10.41
C GLU A 6 -9.32 -9.61 -11.63
N VAL A 7 -8.93 -8.38 -11.59
CA VAL A 7 -8.20 -7.79 -12.75
C VAL A 7 -6.71 -7.72 -12.44
N GLU A 8 -5.99 -6.84 -13.10
CA GLU A 8 -4.54 -6.74 -12.84
C GLU A 8 -3.96 -5.57 -13.62
N LEU A 9 -4.00 -4.38 -13.08
CA LEU A 9 -3.46 -3.21 -13.80
C LEU A 9 -1.94 -3.13 -13.56
N LEU A 10 -1.45 -3.79 -12.55
CA LEU A 10 0.01 -3.75 -12.27
C LEU A 10 0.51 -5.19 -12.09
N PRO A 11 0.85 -5.82 -13.18
CA PRO A 11 1.34 -7.23 -13.18
C PRO A 11 2.52 -7.48 -12.25
N HIS A 12 2.49 -6.91 -11.06
CA HIS A 12 3.62 -7.14 -10.11
C HIS A 12 3.10 -7.01 -8.68
N THR A 13 3.06 -8.09 -7.95
CA THR A 13 2.57 -8.03 -6.55
C THR A 13 3.08 -9.26 -5.78
N SER A 14 4.36 -9.36 -5.59
CA SER A 14 4.92 -10.53 -4.85
C SER A 14 6.24 -10.13 -4.18
N PHE A 15 6.19 -9.24 -3.22
CA PHE A 15 7.45 -8.82 -2.53
C PHE A 15 8.04 -10.03 -1.81
N ALA A 16 8.07 -11.16 -2.45
CA ALA A 16 8.63 -12.38 -1.80
C ALA A 16 10.12 -12.49 -2.09
N GLU A 17 10.48 -12.94 -3.26
CA GLU A 17 11.93 -13.08 -3.60
C GLU A 17 12.32 -12.03 -4.63
N SER A 18 11.80 -10.83 -4.51
CA SER A 18 12.16 -9.77 -5.49
C SER A 18 11.40 -8.48 -5.14
N LEU A 19 11.98 -7.35 -5.46
CA LEU A 19 11.29 -6.06 -5.15
C LEU A 19 10.35 -5.70 -6.30
N GLY A 20 10.89 -5.34 -7.43
CA GLY A 20 10.02 -4.96 -8.58
C GLY A 20 10.21 -3.47 -8.90
N PRO A 21 9.40 -2.95 -9.79
CA PRO A 21 9.47 -1.52 -10.19
C PRO A 21 8.99 -0.58 -9.07
N TRP A 22 8.42 -1.13 -8.03
CA TRP A 22 7.94 -0.28 -6.91
C TRP A 22 9.13 0.46 -6.28
N SER A 23 8.93 1.09 -5.17
CA SER A 23 10.05 1.83 -4.52
C SER A 23 9.86 1.83 -3.00
N LEU A 24 10.89 2.11 -2.25
CA LEU A 24 10.75 2.14 -0.77
C LEU A 24 11.91 2.93 -0.16
N TYR A 25 11.69 3.56 0.95
CA TYR A 25 12.78 4.34 1.59
C TYR A 25 12.28 4.93 2.92
N GLY A 26 13.05 4.82 3.96
CA GLY A 26 12.61 5.37 5.27
C GLY A 26 13.18 4.52 6.41
N THR A 27 13.20 3.22 6.25
CA THR A 27 13.75 2.35 7.34
C THR A 27 15.08 1.74 6.88
N SER A 28 15.32 0.51 7.22
CA SER A 28 16.60 -0.14 6.81
C SER A 28 16.40 -0.84 5.46
N GLU A 29 17.44 -1.05 4.72
CA GLU A 29 17.30 -1.74 3.41
C GLU A 29 16.50 -3.02 3.60
N PRO A 30 15.29 -3.07 3.09
CA PRO A 30 14.43 -4.29 3.23
C PRO A 30 15.19 -5.57 2.89
N VAL A 31 14.60 -6.70 3.13
CA VAL A 31 15.30 -7.98 2.82
C VAL A 31 14.29 -9.06 2.42
N PHE A 32 14.27 -9.44 1.18
CA PHE A 32 13.32 -10.49 0.71
C PHE A 32 13.81 -11.85 1.20
N ALA A 33 13.47 -12.22 2.41
CA ALA A 33 13.91 -13.53 2.95
C ALA A 33 13.47 -14.65 2.01
N ASP A 34 13.03 -15.76 2.55
CA ASP A 34 12.58 -16.89 1.70
C ASP A 34 11.54 -16.38 0.70
N GLY A 35 10.47 -15.82 1.18
CA GLY A 35 9.42 -15.30 0.27
C GLY A 35 8.71 -14.11 0.92
N ARG A 36 9.47 -13.21 1.50
CA ARG A 36 8.84 -12.03 2.14
C ARG A 36 9.89 -10.95 2.40
N MET A 37 9.53 -9.71 2.27
CA MET A 37 10.52 -8.61 2.50
C MET A 37 10.13 -7.87 3.78
N CYS A 38 11.02 -7.77 4.71
CA CYS A 38 10.68 -7.05 5.98
C CYS A 38 11.65 -5.89 6.22
N VAL A 39 11.25 -4.94 7.00
CA VAL A 39 12.13 -3.77 7.29
C VAL A 39 12.04 -3.45 8.78
N ASP A 40 13.10 -2.98 9.37
CA ASP A 40 13.06 -2.66 10.81
C ASP A 40 12.31 -1.33 11.01
N LEU A 41 11.25 -1.34 11.78
CA LEU A 41 10.49 -0.09 11.99
C LEU A 41 10.50 0.31 13.47
N PRO A 42 11.59 0.09 14.17
CA PRO A 42 11.71 0.47 15.60
C PRO A 42 12.03 1.97 15.76
N GLY A 43 13.28 2.29 15.91
CA GLY A 43 13.70 3.71 16.05
C GLY A 43 12.80 4.44 17.06
N GLY A 44 11.95 5.29 16.59
CA GLY A 44 11.05 6.05 17.50
C GLY A 44 10.59 7.32 16.79
N GLN A 45 9.97 7.18 15.64
CA GLN A 45 9.52 8.38 14.88
C GLN A 45 8.02 8.61 15.12
N GLY A 46 7.68 9.58 15.92
CA GLY A 46 6.24 9.86 16.17
C GLY A 46 5.64 10.59 14.98
N ASN A 47 6.01 10.21 13.79
CA ASN A 47 5.46 10.88 12.58
C ASN A 47 5.60 9.96 11.36
N PRO A 48 4.59 9.20 11.07
CA PRO A 48 4.60 8.25 9.92
C PRO A 48 5.06 8.92 8.62
N TRP A 49 4.64 10.14 8.39
CA TRP A 49 5.05 10.84 7.15
C TRP A 49 6.58 11.00 7.12
N ASP A 50 7.30 9.94 7.35
CA ASP A 50 8.79 10.04 7.34
C ASP A 50 9.39 8.71 6.88
N ALA A 51 8.58 7.83 6.33
CA ALA A 51 9.11 6.52 5.86
C ALA A 51 7.95 5.65 5.38
N GLY A 52 8.20 4.76 4.46
CA GLY A 52 7.11 3.87 3.96
C GLY A 52 7.42 3.44 2.52
N LEU A 53 6.59 2.60 1.96
CA LEU A 53 6.82 2.14 0.56
C LEU A 53 6.21 3.16 -0.41
N VAL A 54 6.28 2.89 -1.68
CA VAL A 54 5.70 3.85 -2.66
C VAL A 54 5.47 3.19 -4.02
N TYR A 55 4.61 3.76 -4.81
CA TYR A 55 4.33 3.20 -6.16
C TYR A 55 3.27 4.06 -6.86
N ASN A 56 3.56 4.56 -8.02
CA ASN A 56 2.58 5.40 -8.76
C ASN A 56 1.90 4.56 -9.85
N GLY A 57 1.13 5.20 -10.69
CA GLY A 57 0.45 4.43 -11.78
C GLY A 57 -0.80 3.76 -11.22
N VAL A 58 -1.82 4.53 -10.94
CA VAL A 58 -3.08 3.94 -10.40
C VAL A 58 -4.23 4.93 -10.58
N PRO A 59 -4.63 5.17 -11.80
CA PRO A 59 -5.73 6.11 -12.13
C PRO A 59 -6.97 5.86 -11.28
N VAL A 60 -7.72 6.88 -10.98
CA VAL A 60 -8.94 6.70 -10.14
C VAL A 60 -10.14 7.34 -10.85
N GLY A 61 -10.96 6.55 -11.49
CA GLY A 61 -12.14 7.11 -12.20
C GLY A 61 -13.35 7.10 -11.26
N GLU A 62 -13.86 8.25 -10.92
CA GLU A 62 -15.04 8.30 -10.01
C GLU A 62 -16.11 7.31 -10.49
N GLY A 63 -16.88 6.76 -9.59
CA GLY A 63 -17.93 5.78 -10.01
C GLY A 63 -17.38 4.36 -9.93
N GLU A 64 -16.08 4.20 -10.02
CA GLU A 64 -15.48 2.84 -9.96
C GLU A 64 -14.90 2.61 -8.56
N SER A 65 -14.61 1.37 -8.23
CA SER A 65 -14.04 1.07 -6.89
C SER A 65 -12.82 0.17 -7.05
N TYR A 66 -11.75 0.46 -6.35
CA TYR A 66 -10.53 -0.38 -6.48
C TYR A 66 -10.38 -1.25 -5.23
N VAL A 67 -9.37 -2.08 -5.20
CA VAL A 67 -9.15 -2.96 -4.01
C VAL A 67 -7.66 -3.27 -3.88
N LEU A 68 -7.19 -3.52 -2.69
CA LEU A 68 -5.74 -3.83 -2.51
C LEU A 68 -5.58 -4.98 -1.52
N SER A 69 -5.01 -6.07 -1.96
CA SER A 69 -4.80 -7.24 -1.05
C SER A 69 -3.30 -7.37 -0.76
N PHE A 70 -2.81 -6.55 0.12
CA PHE A 70 -1.34 -6.59 0.43
C PHE A 70 -1.05 -7.49 1.65
N THR A 71 0.07 -8.15 1.64
CA THR A 71 0.44 -9.02 2.79
C THR A 71 1.27 -8.19 3.77
N ALA A 72 0.99 -8.26 5.03
CA ALA A 72 1.78 -7.45 6.00
C ALA A 72 1.57 -7.97 7.43
N SER A 73 2.60 -8.51 8.02
CA SER A 73 2.48 -9.01 9.42
C SER A 73 3.14 -8.01 10.36
N ALA A 74 2.41 -7.51 11.31
CA ALA A 74 3.01 -6.51 12.25
C ALA A 74 3.54 -7.24 13.50
N THR A 75 4.71 -6.89 13.94
CA THR A 75 5.29 -7.54 15.13
C THR A 75 6.03 -6.51 15.99
N PRO A 76 5.54 -6.19 17.17
CA PRO A 76 4.28 -6.77 17.74
C PRO A 76 3.04 -6.40 16.92
N ASP A 77 1.95 -6.14 17.58
CA ASP A 77 0.71 -5.77 16.84
C ASP A 77 0.46 -4.27 16.96
N MET A 78 -0.17 -3.68 15.98
CA MET A 78 -0.45 -2.21 16.04
C MET A 78 -1.04 -1.76 14.70
N PRO A 79 -1.79 -0.69 14.71
CA PRO A 79 -2.42 -0.14 13.49
C PRO A 79 -1.41 0.63 12.62
N VAL A 80 -1.50 0.49 11.32
CA VAL A 80 -0.54 1.21 10.43
C VAL A 80 -1.30 2.29 9.64
N ARG A 81 -0.61 3.02 8.80
CA ARG A 81 -1.28 4.08 8.02
C ARG A 81 -1.04 3.84 6.52
N VAL A 82 -1.96 4.26 5.69
CA VAL A 82 -1.78 4.06 4.22
C VAL A 82 -2.56 5.13 3.46
N LEU A 83 -2.16 5.45 2.26
CA LEU A 83 -2.88 6.48 1.48
C LEU A 83 -2.74 6.19 -0.02
N VAL A 84 -3.78 6.41 -0.77
CA VAL A 84 -3.70 6.15 -2.24
C VAL A 84 -4.70 7.06 -2.98
N GLY A 85 -4.36 7.48 -4.17
CA GLY A 85 -5.29 8.36 -4.94
C GLY A 85 -4.48 9.36 -5.77
N GLU A 86 -4.85 10.60 -5.72
CA GLU A 86 -4.09 11.63 -6.51
C GLU A 86 -2.96 12.20 -5.66
N GLY A 87 -1.79 12.31 -6.21
CA GLY A 87 -0.64 12.85 -5.43
C GLY A 87 -0.19 14.19 -6.03
N GLY A 88 -0.71 15.28 -5.51
CA GLY A 88 -0.31 16.62 -6.05
C GLY A 88 -1.27 17.68 -5.53
N GLY A 89 -0.77 18.65 -4.82
CA GLY A 89 -1.64 19.72 -4.28
C GLY A 89 -2.93 19.11 -3.75
N ALA A 90 -3.02 18.91 -2.46
CA ALA A 90 -4.26 18.31 -1.87
C ALA A 90 -4.20 16.79 -2.00
N TYR A 91 -3.48 16.14 -1.13
CA TYR A 91 -3.38 14.66 -1.19
C TYR A 91 -4.77 14.04 -1.07
N ARG A 92 -5.78 14.85 -0.88
CA ARG A 92 -7.16 14.31 -0.75
C ARG A 92 -7.33 13.11 -1.67
N THR A 93 -8.17 12.17 -1.30
CA THR A 93 -8.38 10.98 -2.16
C THR A 93 -9.46 10.09 -1.55
N ALA A 94 -9.54 8.86 -1.99
CA ALA A 94 -10.56 7.93 -1.43
C ALA A 94 -9.84 6.88 -0.60
N PHE A 95 -8.59 6.61 -0.90
CA PHE A 95 -7.84 5.59 -0.10
C PHE A 95 -7.15 6.28 1.06
N GLU A 96 -7.76 7.28 1.63
CA GLU A 96 -7.11 8.00 2.77
C GLU A 96 -7.46 7.30 4.09
N GLN A 97 -7.42 5.99 4.11
CA GLN A 97 -7.75 5.26 5.36
C GLN A 97 -6.46 4.76 6.00
N GLY A 98 -6.13 5.26 7.17
CA GLY A 98 -4.89 4.82 7.85
C GLY A 98 -5.25 3.85 8.98
N SER A 99 -6.45 3.36 9.00
CA SER A 99 -6.86 2.42 10.08
C SER A 99 -6.62 0.98 9.61
N ALA A 100 -5.39 0.61 9.37
CA ALA A 100 -5.10 -0.77 8.93
C ALA A 100 -4.50 -1.57 10.09
N PRO A 101 -5.28 -2.40 10.73
CA PRO A 101 -4.82 -3.21 11.88
C PRO A 101 -4.02 -4.44 11.44
N LEU A 102 -2.80 -4.55 11.90
CA LEU A 102 -1.96 -5.71 11.52
C LEU A 102 -1.41 -6.38 12.79
N THR A 103 -1.54 -7.67 12.89
CA THR A 103 -1.02 -8.37 14.11
C THR A 103 0.02 -9.40 13.69
N GLY A 104 0.58 -10.11 14.64
CA GLY A 104 1.60 -11.14 14.30
C GLY A 104 0.96 -12.27 13.51
N GLU A 105 -0.14 -12.00 12.85
CA GLU A 105 -0.82 -13.05 12.05
C GLU A 105 -0.71 -12.73 10.57
N PRO A 106 0.30 -13.24 9.92
CA PRO A 106 0.52 -12.99 8.46
C PRO A 106 -0.75 -13.20 7.64
N ALA A 107 -1.21 -12.16 6.98
CA ALA A 107 -2.44 -12.30 6.15
C ALA A 107 -2.57 -11.09 5.23
N THR A 108 -3.37 -11.19 4.21
CA THR A 108 -3.54 -10.04 3.27
C THR A 108 -4.70 -9.16 3.73
N ARG A 109 -4.61 -7.88 3.51
CA ARG A 109 -5.74 -6.99 3.90
C ARG A 109 -6.40 -6.49 2.62
N GLU A 110 -7.70 -6.52 2.57
CA GLU A 110 -8.40 -6.08 1.34
C GLU A 110 -9.22 -4.81 1.62
N TYR A 111 -8.73 -3.67 1.20
CA TYR A 111 -9.49 -2.41 1.41
C TYR A 111 -9.99 -1.93 0.06
N ALA A 112 -11.27 -1.77 -0.10
CA ALA A 112 -11.82 -1.30 -1.40
C ALA A 112 -12.50 0.06 -1.22
N PHE A 113 -12.24 0.99 -2.09
CA PHE A 113 -12.88 2.33 -1.97
C PHE A 113 -13.72 2.60 -3.20
N THR A 114 -14.60 3.56 -3.14
CA THR A 114 -15.46 3.86 -4.31
C THR A 114 -14.96 5.14 -4.99
N SER A 115 -14.30 5.01 -6.12
CA SER A 115 -13.80 6.22 -6.84
C SER A 115 -14.81 7.36 -6.66
N ASN A 116 -14.47 8.34 -5.88
CA ASN A 116 -15.41 9.49 -5.67
C ASN A 116 -15.21 10.53 -6.77
N LEU A 117 -14.01 11.00 -6.94
CA LEU A 117 -13.75 12.02 -8.00
C LEU A 117 -12.89 11.41 -9.11
N THR A 118 -12.23 12.23 -9.88
CA THR A 118 -11.38 11.71 -10.98
C THR A 118 -9.92 12.08 -10.73
N PHE A 119 -9.01 11.28 -11.18
CA PHE A 119 -7.56 11.59 -10.97
C PHE A 119 -6.71 10.77 -11.94
N PRO A 120 -6.72 11.17 -13.19
CA PRO A 120 -5.93 10.48 -14.26
C PRO A 120 -4.45 10.37 -13.89
N PRO A 121 -3.71 9.57 -14.63
CA PRO A 121 -2.26 9.37 -14.39
C PRO A 121 -1.41 10.51 -14.97
N ASP A 122 -1.98 11.29 -15.84
CA ASP A 122 -1.22 12.42 -16.44
C ASP A 122 -1.77 13.75 -15.93
N GLY A 123 -2.36 14.53 -16.79
CA GLY A 123 -2.92 15.83 -16.36
C GLY A 123 -2.02 16.44 -15.28
N ASP A 124 -2.51 16.55 -14.07
CA ASP A 124 -1.67 17.14 -12.98
C ASP A 124 -0.65 16.10 -12.50
N ALA A 125 -0.90 15.47 -11.39
CA ALA A 125 0.06 14.46 -10.87
C ALA A 125 -0.47 13.06 -11.17
N PRO A 126 0.42 12.11 -11.31
CA PRO A 126 0.06 10.70 -11.60
C PRO A 126 -0.58 9.99 -10.40
N GLY A 127 -0.54 8.70 -10.37
CA GLY A 127 -1.15 7.95 -9.23
C GLY A 127 -0.22 8.02 -8.03
N GLN A 128 -0.71 7.71 -6.86
CA GLN A 128 0.15 7.76 -5.64
C GLN A 128 -0.21 6.61 -4.71
N VAL A 129 0.76 5.82 -4.33
CA VAL A 129 0.48 4.67 -3.43
C VAL A 129 1.61 4.58 -2.40
N ALA A 130 1.47 5.25 -1.29
CA ALA A 130 2.54 5.23 -0.26
C ALA A 130 2.07 4.49 0.99
N PHE A 131 2.77 3.45 1.37
CA PHE A 131 2.38 2.70 2.60
C PHE A 131 2.98 3.41 3.81
N HIS A 132 2.15 3.90 4.69
CA HIS A 132 2.70 4.61 5.88
C HIS A 132 2.70 3.68 7.10
N LEU A 133 3.85 3.43 7.66
CA LEU A 133 3.93 2.54 8.84
C LEU A 133 4.90 3.15 9.88
N GLY A 134 5.46 4.29 9.57
CA GLY A 134 6.40 4.93 10.54
C GLY A 134 5.62 5.38 11.77
N LYS A 135 6.13 5.12 12.94
CA LYS A 135 5.41 5.54 14.18
C LYS A 135 6.35 5.42 15.39
N ALA A 136 6.47 6.46 16.17
CA ALA A 136 7.35 6.38 17.36
C ALA A 136 7.03 5.07 18.08
N GLY A 137 5.82 4.61 17.92
CA GLY A 137 5.42 3.33 18.55
C GLY A 137 5.39 2.24 17.48
N ALA A 138 5.93 2.55 16.32
CA ALA A 138 5.94 1.56 15.19
C ALA A 138 6.44 0.19 15.68
N TYR A 139 7.06 -0.56 14.82
CA TYR A 139 7.55 -1.90 15.24
C TYR A 139 8.24 -2.62 14.08
N GLU A 140 7.67 -3.71 13.62
CA GLU A 140 8.29 -4.46 12.49
C GLU A 140 7.27 -4.59 11.36
N PHE A 141 7.72 -4.52 10.14
CA PHE A 141 6.77 -4.63 8.99
C PHE A 141 7.24 -5.73 8.03
N CYS A 142 6.43 -6.73 7.81
CA CYS A 142 6.83 -7.83 6.90
C CYS A 142 5.86 -7.91 5.72
N ILE A 143 6.20 -7.33 4.60
CA ILE A 143 5.30 -7.38 3.42
C ILE A 143 5.89 -8.35 2.38
N SER A 144 5.04 -9.09 1.74
CA SER A 144 5.52 -10.05 0.71
C SER A 144 4.58 -10.03 -0.49
N GLN A 145 3.53 -9.25 -0.44
CA GLN A 145 2.59 -9.20 -1.59
C GLN A 145 1.90 -7.85 -1.66
N VAL A 146 1.43 -7.48 -2.81
CA VAL A 146 0.73 -6.17 -2.97
C VAL A 146 -0.11 -6.20 -4.25
N SER A 147 -1.20 -6.90 -4.23
CA SER A 147 -2.07 -6.99 -5.44
C SER A 147 -2.87 -5.69 -5.61
N LEU A 148 -3.13 -5.31 -6.83
CA LEU A 148 -3.92 -4.07 -7.07
C LEU A 148 -4.90 -4.32 -8.22
N THR A 149 -6.15 -4.54 -7.91
CA THR A 149 -7.15 -4.80 -8.98
C THR A 149 -8.53 -4.28 -8.53
N THR A 150 -9.53 -4.50 -9.35
CA THR A 150 -10.89 -4.02 -8.99
C THR A 150 -11.91 -5.10 -9.37
N SER A 151 -12.74 -4.82 -10.35
CA SER A 151 -13.75 -5.83 -10.77
C SER A 151 -14.74 -6.06 -9.62
N ALA A 152 -15.55 -7.08 -9.73
CA ALA A 152 -16.53 -7.36 -8.64
C ALA A 152 -17.18 -8.73 -8.88
N THR A 153 -16.60 -9.77 -8.36
CA THR A 153 -17.18 -11.13 -8.55
C THR A 153 -17.24 -11.85 -7.21
N ALA A 1 -12.68 -12.16 -7.19
CA ALA A 1 -12.62 -12.46 -8.65
C ALA A 1 -13.67 -11.61 -9.38
N SER A 2 -14.89 -11.64 -8.93
CA SER A 2 -15.95 -10.83 -9.59
C SER A 2 -15.79 -10.93 -11.11
N LEU A 3 -15.02 -10.07 -11.70
CA LEU A 3 -14.83 -10.11 -13.17
C LEU A 3 -13.72 -11.11 -13.51
N ASP A 4 -13.72 -11.65 -14.69
CA ASP A 4 -12.67 -12.63 -15.08
C ASP A 4 -11.34 -12.21 -14.46
N SER A 5 -10.84 -12.99 -13.53
CA SER A 5 -9.54 -12.64 -12.88
C SER A 5 -9.64 -11.26 -12.25
N GLU A 6 -8.54 -10.59 -12.05
CA GLU A 6 -8.58 -9.23 -11.45
C GLU A 6 -7.73 -8.26 -12.28
N VAL A 7 -8.28 -7.14 -12.63
CA VAL A 7 -7.51 -6.16 -13.44
C VAL A 7 -6.23 -5.78 -12.71
N GLU A 8 -5.14 -6.43 -13.02
CA GLU A 8 -3.86 -6.11 -12.33
C GLU A 8 -3.05 -5.14 -13.19
N LEU A 9 -3.01 -3.88 -12.83
CA LEU A 9 -2.24 -2.89 -13.62
C LEU A 9 -0.75 -2.99 -13.27
N LEU A 10 -0.44 -3.63 -12.17
CA LEU A 10 0.99 -3.77 -11.76
C LEU A 10 1.33 -5.25 -11.65
N PRO A 11 1.87 -5.82 -12.68
CA PRO A 11 2.24 -7.26 -12.69
C PRO A 11 3.55 -7.50 -11.92
N HIS A 12 3.84 -6.66 -10.96
CA HIS A 12 5.09 -6.84 -10.17
C HIS A 12 4.75 -6.94 -8.68
N THR A 13 4.40 -8.11 -8.22
CA THR A 13 4.06 -8.27 -6.78
C THR A 13 4.87 -9.44 -6.20
N SER A 14 6.16 -9.44 -6.40
CA SER A 14 6.99 -10.55 -5.86
C SER A 14 8.17 -9.97 -5.08
N PHE A 15 7.90 -9.29 -3.99
CA PHE A 15 9.00 -8.71 -3.18
C PHE A 15 9.84 -9.86 -2.59
N ALA A 16 10.00 -10.92 -3.33
CA ALA A 16 10.81 -12.07 -2.82
C ALA A 16 12.27 -11.91 -3.20
N GLU A 17 12.55 -11.63 -4.44
CA GLU A 17 13.97 -11.47 -4.86
C GLU A 17 14.27 -10.00 -5.18
N SER A 18 13.96 -9.57 -6.36
CA SER A 18 14.24 -8.15 -6.73
C SER A 18 13.18 -7.24 -6.09
N LEU A 19 13.58 -6.07 -5.67
CA LEU A 19 12.60 -5.13 -5.04
C LEU A 19 11.49 -4.81 -6.03
N GLY A 20 11.83 -4.29 -7.18
CA GLY A 20 10.78 -3.96 -8.19
C GLY A 20 10.76 -2.45 -8.43
N PRO A 21 9.86 -1.99 -9.25
CA PRO A 21 9.72 -0.55 -9.59
C PRO A 21 9.03 0.23 -8.47
N TRP A 22 8.55 -0.44 -7.46
CA TRP A 22 7.86 0.26 -6.35
C TRP A 22 8.88 1.15 -5.61
N SER A 23 8.55 1.60 -4.43
CA SER A 23 9.49 2.48 -3.68
C SER A 23 9.40 2.17 -2.19
N LEU A 24 10.52 1.99 -1.54
CA LEU A 24 10.50 1.69 -0.08
C LEU A 24 11.65 2.45 0.61
N TYR A 25 11.47 2.82 1.84
CA TYR A 25 12.55 3.56 2.56
C TYR A 25 11.98 4.24 3.80
N GLY A 26 12.74 5.12 4.41
CA GLY A 26 12.25 5.82 5.62
C GLY A 26 12.29 4.89 6.83
N THR A 27 12.27 3.60 6.61
CA THR A 27 12.30 2.65 7.76
C THR A 27 13.66 1.94 7.79
N SER A 28 13.67 0.68 8.13
CA SER A 28 14.96 -0.06 8.17
C SER A 28 15.21 -0.71 6.81
N GLU A 29 16.37 -0.53 6.25
CA GLU A 29 16.67 -1.14 4.93
C GLU A 29 15.95 -2.50 4.82
N PRO A 30 14.81 -2.52 4.17
CA PRO A 30 14.01 -3.77 4.01
C PRO A 30 14.89 -4.94 3.57
N VAL A 31 14.58 -6.14 4.00
CA VAL A 31 15.40 -7.31 3.60
C VAL A 31 14.52 -8.41 3.03
N PHE A 32 14.70 -8.74 1.77
CA PHE A 32 13.87 -9.81 1.15
C PHE A 32 14.40 -11.18 1.61
N ALA A 33 13.86 -11.68 2.70
CA ALA A 33 14.33 -12.99 3.22
C ALA A 33 14.19 -14.06 2.14
N ASP A 34 13.76 -15.25 2.52
CA ASP A 34 13.62 -16.35 1.53
C ASP A 34 12.47 -16.06 0.58
N GLY A 35 11.99 -14.84 0.53
CA GLY A 35 10.87 -14.53 -0.39
C GLY A 35 10.00 -13.42 0.19
N ARG A 36 10.25 -13.01 1.40
CA ARG A 36 9.41 -11.93 2.01
C ARG A 36 10.32 -10.77 2.44
N MET A 37 9.82 -9.57 2.35
CA MET A 37 10.63 -8.39 2.76
C MET A 37 10.03 -7.80 4.04
N CYS A 38 10.84 -7.57 5.04
CA CYS A 38 10.30 -7.02 6.31
C CYS A 38 11.12 -5.82 6.76
N VAL A 39 10.48 -4.85 7.36
CA VAL A 39 11.19 -3.65 7.85
C VAL A 39 11.08 -3.61 9.38
N ASP A 40 11.74 -2.67 10.02
CA ASP A 40 11.66 -2.59 11.51
C ASP A 40 11.42 -1.14 11.93
N LEU A 41 10.51 -0.92 12.86
CA LEU A 41 10.25 0.46 13.32
C LEU A 41 10.14 0.52 14.85
N PRO A 42 11.19 0.16 15.54
CA PRO A 42 11.22 0.18 17.02
C PRO A 42 11.91 1.43 17.56
N GLY A 43 12.63 2.14 16.72
CA GLY A 43 13.36 3.36 17.18
C GLY A 43 12.38 4.41 17.70
N GLY A 44 12.65 5.66 17.43
CA GLY A 44 11.76 6.75 17.92
C GLY A 44 11.49 7.74 16.79
N GLN A 45 10.61 7.41 15.89
CA GLN A 45 10.29 8.33 14.76
C GLN A 45 9.01 9.09 15.06
N GLY A 46 9.06 10.39 14.98
CA GLY A 46 7.84 11.21 15.27
C GLY A 46 7.26 11.74 13.97
N ASN A 47 6.80 10.87 13.10
CA ASN A 47 6.22 11.33 11.82
C ASN A 47 5.61 10.13 11.08
N PRO A 48 4.43 10.28 10.53
CA PRO A 48 3.74 9.19 9.80
C PRO A 48 4.32 8.97 8.40
N TRP A 49 5.12 9.89 7.92
CA TRP A 49 5.71 9.73 6.57
C TRP A 49 7.22 9.50 6.68
N ASP A 50 7.65 8.76 7.66
CA ASP A 50 9.10 8.49 7.82
C ASP A 50 9.37 6.98 7.72
N ALA A 51 8.68 6.31 6.84
CA ALA A 51 8.88 4.85 6.69
C ALA A 51 7.66 4.22 6.00
N GLY A 52 7.89 3.38 5.03
CA GLY A 52 6.75 2.73 4.32
C GLY A 52 7.11 2.49 2.86
N LEU A 53 6.13 2.27 2.03
CA LEU A 53 6.41 2.03 0.59
C LEU A 53 5.42 2.83 -0.26
N VAL A 54 5.66 2.93 -1.54
CA VAL A 54 4.73 3.69 -2.41
C VAL A 54 4.81 3.19 -3.86
N TYR A 55 3.86 3.55 -4.66
CA TYR A 55 3.87 3.11 -6.08
C TYR A 55 2.66 3.70 -6.81
N ASN A 56 2.83 4.10 -8.05
CA ASN A 56 1.71 4.67 -8.83
C ASN A 56 0.95 3.54 -9.52
N GLY A 57 0.31 3.84 -10.62
CA GLY A 57 -0.45 2.79 -11.35
C GLY A 57 -1.75 2.49 -10.59
N VAL A 58 -2.19 3.40 -9.77
CA VAL A 58 -3.46 3.17 -9.01
C VAL A 58 -4.49 4.23 -9.40
N PRO A 59 -4.97 4.16 -10.61
CA PRO A 59 -5.99 5.13 -11.12
C PRO A 59 -7.35 4.93 -10.46
N VAL A 60 -8.21 5.91 -10.53
CA VAL A 60 -9.55 5.79 -9.90
C VAL A 60 -10.55 6.68 -10.65
N GLY A 61 -11.69 6.14 -10.98
CA GLY A 61 -12.71 6.95 -11.70
C GLY A 61 -13.88 7.26 -10.77
N GLU A 62 -13.95 8.46 -10.27
CA GLU A 62 -15.06 8.84 -9.36
C GLU A 62 -16.34 8.11 -9.77
N GLY A 63 -16.91 7.31 -8.90
CA GLY A 63 -18.15 6.58 -9.27
C GLY A 63 -18.01 5.10 -8.91
N GLU A 64 -16.89 4.50 -9.25
CA GLU A 64 -16.70 3.06 -8.93
C GLU A 64 -15.84 2.91 -7.68
N SER A 65 -15.71 1.71 -7.18
CA SER A 65 -14.90 1.50 -5.95
C SER A 65 -13.70 0.60 -6.30
N TYR A 66 -12.57 0.84 -5.68
CA TYR A 66 -11.38 0.00 -5.98
C TYR A 66 -11.08 -0.92 -4.80
N VAL A 67 -10.07 -1.73 -4.91
CA VAL A 67 -9.71 -2.66 -3.79
C VAL A 67 -8.21 -2.92 -3.80
N LEU A 68 -7.60 -3.00 -2.64
CA LEU A 68 -6.14 -3.27 -2.57
C LEU A 68 -5.90 -4.50 -1.71
N SER A 69 -5.30 -5.53 -2.25
CA SER A 69 -5.06 -6.76 -1.46
C SER A 69 -3.55 -6.99 -1.30
N PHE A 70 -2.96 -6.46 -0.26
CA PHE A 70 -1.50 -6.65 -0.06
C PHE A 70 -1.22 -7.84 0.84
N THR A 71 -0.13 -8.52 0.61
CA THR A 71 0.22 -9.71 1.45
C THR A 71 1.22 -9.27 2.54
N ALA A 72 0.82 -9.31 3.78
CA ALA A 72 1.77 -8.90 4.85
C ALA A 72 1.13 -9.06 6.23
N SER A 73 1.89 -8.78 7.26
CA SER A 73 1.35 -8.90 8.65
C SER A 73 2.16 -8.00 9.58
N ALA A 74 1.57 -7.56 10.66
CA ALA A 74 2.31 -6.68 11.61
C ALA A 74 2.94 -7.52 12.71
N THR A 75 4.19 -7.27 13.02
CA THR A 75 4.87 -8.06 14.08
C THR A 75 5.60 -7.10 15.04
N PRO A 76 5.21 -7.03 16.29
CA PRO A 76 4.09 -7.85 16.87
C PRO A 76 2.72 -7.45 16.28
N ASP A 77 1.71 -7.44 17.10
CA ASP A 77 0.36 -7.07 16.60
C ASP A 77 0.14 -5.56 16.76
N MET A 78 -0.68 -4.98 15.91
CA MET A 78 -0.94 -3.51 16.01
C MET A 78 -1.52 -3.02 14.69
N PRO A 79 -2.22 -1.91 14.72
CA PRO A 79 -2.84 -1.31 13.51
C PRO A 79 -1.81 -0.57 12.64
N VAL A 80 -2.00 -0.57 11.35
CA VAL A 80 -1.04 0.13 10.46
C VAL A 80 -1.74 1.32 9.78
N ARG A 81 -1.00 2.15 9.12
CA ARG A 81 -1.63 3.33 8.44
C ARG A 81 -1.57 3.13 6.93
N VAL A 82 -2.51 3.68 6.21
CA VAL A 82 -2.51 3.52 4.73
C VAL A 82 -3.19 4.73 4.08
N LEU A 83 -2.79 5.09 2.89
CA LEU A 83 -3.42 6.25 2.20
C LEU A 83 -3.35 6.06 0.70
N VAL A 84 -4.34 6.51 -0.02
CA VAL A 84 -4.31 6.35 -1.50
C VAL A 84 -4.99 7.56 -2.16
N GLY A 85 -4.60 7.88 -3.37
CA GLY A 85 -5.23 9.04 -4.07
C GLY A 85 -4.35 9.46 -5.24
N GLU A 86 -4.35 10.74 -5.56
CA GLU A 86 -3.51 11.21 -6.71
C GLU A 86 -2.13 11.60 -6.18
N GLY A 87 -1.24 12.02 -7.05
CA GLY A 87 0.12 12.43 -6.60
C GLY A 87 0.62 13.59 -7.46
N GLY A 88 -0.19 14.60 -7.63
CA GLY A 88 0.24 15.77 -8.45
C GLY A 88 -0.98 16.46 -9.04
N GLY A 89 -2.06 16.50 -8.30
CA GLY A 89 -3.30 17.17 -8.82
C GLY A 89 -3.82 18.14 -7.77
N ALA A 90 -4.33 17.64 -6.67
CA ALA A 90 -4.87 18.55 -5.62
C ALA A 90 -4.32 18.11 -4.25
N TYR A 91 -3.60 17.03 -4.21
CA TYR A 91 -3.04 16.55 -2.91
C TYR A 91 -4.19 16.06 -2.02
N ARG A 92 -5.41 16.27 -2.45
CA ARG A 92 -6.56 15.81 -1.62
C ARG A 92 -6.89 14.36 -1.95
N THR A 93 -6.69 13.47 -1.01
CA THR A 93 -6.98 12.03 -1.28
C THR A 93 -8.28 11.62 -0.58
N ALA A 94 -8.86 10.54 -1.00
CA ALA A 94 -10.12 10.07 -0.37
C ALA A 94 -9.84 8.77 0.38
N PHE A 95 -8.76 8.11 0.04
CA PHE A 95 -8.42 6.84 0.74
C PHE A 95 -7.55 7.13 1.95
N GLU A 96 -7.79 8.23 2.62
CA GLU A 96 -6.96 8.56 3.81
C GLU A 96 -7.39 7.70 4.99
N GLN A 97 -7.35 6.40 4.85
CA GLN A 97 -7.77 5.51 5.96
C GLN A 97 -6.52 5.00 6.68
N GLY A 98 -6.48 5.12 7.99
CA GLY A 98 -5.28 4.65 8.73
C GLY A 98 -5.67 3.54 9.72
N SER A 99 -6.94 3.32 9.91
CA SER A 99 -7.38 2.26 10.87
C SER A 99 -7.29 0.90 10.18
N ALA A 100 -6.11 0.35 10.06
CA ALA A 100 -5.96 -0.97 9.39
C ALA A 100 -5.39 -1.98 10.38
N PRO A 101 -6.24 -2.59 11.17
CA PRO A 101 -5.83 -3.59 12.20
C PRO A 101 -5.04 -4.76 11.58
N LEU A 102 -3.89 -5.04 12.12
CA LEU A 102 -3.07 -6.16 11.58
C LEU A 102 -2.38 -6.90 12.74
N THR A 103 -2.55 -8.19 12.81
CA THR A 103 -1.90 -8.96 13.92
C THR A 103 -0.79 -9.85 13.36
N GLY A 104 -0.33 -10.79 14.13
CA GLY A 104 0.76 -11.69 13.65
C GLY A 104 0.15 -12.83 12.84
N GLU A 105 -0.95 -12.58 12.17
CA GLU A 105 -1.59 -13.66 11.36
C GLU A 105 -1.40 -13.36 9.87
N PRO A 106 -0.41 -13.94 9.26
CA PRO A 106 -0.12 -13.72 7.81
C PRO A 106 -1.38 -13.83 6.95
N ALA A 107 -1.75 -12.77 6.28
CA ALA A 107 -2.96 -12.81 5.42
C ALA A 107 -3.02 -11.56 4.55
N THR A 108 -3.90 -11.52 3.60
CA THR A 108 -4.00 -10.32 2.72
C THR A 108 -4.99 -9.32 3.30
N ARG A 109 -4.72 -8.05 3.16
CA ARG A 109 -5.65 -7.02 3.69
C ARG A 109 -6.40 -6.44 2.50
N GLU A 110 -7.70 -6.34 2.59
CA GLU A 110 -8.48 -5.80 1.45
C GLU A 110 -9.20 -4.51 1.85
N TYR A 111 -8.62 -3.37 1.57
CA TYR A 111 -9.27 -2.10 1.91
C TYR A 111 -9.74 -1.43 0.62
N ALA A 112 -11.02 -1.25 0.44
CA ALA A 112 -11.53 -0.62 -0.81
C ALA A 112 -12.20 0.72 -0.48
N PHE A 113 -12.58 1.45 -1.49
CA PHE A 113 -13.25 2.76 -1.24
C PHE A 113 -14.15 3.11 -2.43
N THR A 114 -14.82 4.22 -2.36
CA THR A 114 -15.72 4.63 -3.48
C THR A 114 -15.08 5.80 -4.24
N SER A 115 -14.59 5.54 -5.42
CA SER A 115 -13.96 6.63 -6.22
C SER A 115 -14.73 7.93 -5.99
N ASN A 116 -14.09 8.92 -5.42
CA ASN A 116 -14.79 10.21 -5.17
C ASN A 116 -14.48 11.19 -6.30
N LEU A 117 -13.22 11.36 -6.62
CA LEU A 117 -12.85 12.31 -7.71
C LEU A 117 -12.28 11.53 -8.90
N THR A 118 -11.65 12.21 -9.82
CA THR A 118 -11.07 11.52 -11.00
C THR A 118 -9.54 11.50 -10.88
N PHE A 119 -8.95 10.34 -10.93
CA PHE A 119 -7.46 10.26 -10.83
C PHE A 119 -6.93 9.27 -11.86
N PRO A 120 -7.07 9.60 -13.11
CA PRO A 120 -6.59 8.74 -14.23
C PRO A 120 -5.06 8.68 -14.31
N PRO A 121 -4.53 7.77 -15.07
CA PRO A 121 -3.06 7.61 -15.23
C PRO A 121 -2.48 8.61 -16.23
N ASP A 122 -3.31 9.16 -17.07
CA ASP A 122 -2.82 10.15 -18.06
C ASP A 122 -3.33 11.55 -17.70
N GLY A 123 -2.45 12.43 -17.28
CA GLY A 123 -2.89 13.80 -16.92
C GLY A 123 -1.88 14.41 -15.93
N ASP A 124 -2.36 15.08 -14.93
CA ASP A 124 -1.43 15.70 -13.94
C ASP A 124 -0.54 14.61 -13.33
N ALA A 125 -1.06 13.87 -12.38
CA ALA A 125 -0.24 12.80 -11.74
C ALA A 125 -1.00 11.47 -11.84
N PRO A 126 -0.27 10.38 -11.91
CA PRO A 126 -0.87 9.02 -12.01
C PRO A 126 -1.50 8.58 -10.68
N GLY A 127 -1.66 7.29 -10.49
CA GLY A 127 -2.25 6.79 -9.23
C GLY A 127 -1.34 7.13 -8.05
N GLN A 128 -1.79 6.90 -6.85
CA GLN A 128 -0.95 7.20 -5.67
C GLN A 128 -1.26 6.22 -4.53
N VAL A 129 -0.31 5.40 -4.18
CA VAL A 129 -0.54 4.43 -3.08
C VAL A 129 0.68 4.48 -2.15
N ALA A 130 0.47 4.53 -0.87
CA ALA A 130 1.64 4.61 0.05
C ALA A 130 1.30 4.02 1.41
N PHE A 131 2.01 3.00 1.81
CA PHE A 131 1.75 2.38 3.14
C PHE A 131 2.50 3.19 4.19
N HIS A 132 1.80 3.75 5.16
CA HIS A 132 2.49 4.55 6.19
C HIS A 132 2.69 3.72 7.46
N LEU A 133 3.91 3.46 7.83
CA LEU A 133 4.17 2.65 9.05
C LEU A 133 5.33 3.27 9.82
N GLY A 134 5.41 4.57 9.85
CA GLY A 134 6.52 5.24 10.60
C GLY A 134 6.07 5.55 12.02
N LYS A 135 6.61 4.87 12.99
CA LYS A 135 6.21 5.12 14.39
C LYS A 135 7.30 4.60 15.35
N ALA A 136 7.64 5.39 16.33
CA ALA A 136 8.68 4.94 17.30
C ALA A 136 8.51 3.44 17.54
N GLY A 137 7.32 2.94 17.33
CA GLY A 137 7.07 1.49 17.54
C GLY A 137 6.27 0.93 16.37
N ALA A 138 6.34 1.55 15.21
CA ALA A 138 5.58 1.03 14.04
C ALA A 138 5.89 -0.45 13.82
N TYR A 139 6.62 -1.04 14.72
CA TYR A 139 6.95 -2.49 14.61
C TYR A 139 7.46 -2.82 13.21
N GLU A 140 7.53 -4.08 12.88
CA GLU A 140 8.04 -4.48 11.54
C GLU A 140 6.88 -4.72 10.57
N PHE A 141 7.16 -4.68 9.30
CA PHE A 141 6.09 -4.91 8.28
C PHE A 141 6.57 -5.95 7.28
N CYS A 142 6.11 -7.17 7.39
CA CYS A 142 6.56 -8.23 6.45
C CYS A 142 5.68 -8.24 5.20
N ILE A 143 6.26 -8.01 4.05
CA ILE A 143 5.48 -8.01 2.79
C ILE A 143 6.21 -8.83 1.74
N SER A 144 5.46 -9.51 0.93
CA SER A 144 6.08 -10.35 -0.14
C SER A 144 5.32 -10.16 -1.45
N GLN A 145 4.17 -9.54 -1.40
CA GLN A 145 3.40 -9.33 -2.66
C GLN A 145 2.46 -8.13 -2.51
N VAL A 146 1.88 -7.68 -3.59
CA VAL A 146 0.96 -6.52 -3.52
C VAL A 146 -0.09 -6.63 -4.62
N SER A 147 -1.35 -6.48 -4.29
CA SER A 147 -2.41 -6.59 -5.33
C SER A 147 -3.11 -5.24 -5.51
N LEU A 148 -3.60 -4.97 -6.68
CA LEU A 148 -4.30 -3.68 -6.91
C LEU A 148 -5.23 -3.81 -8.12
N THR A 149 -6.51 -3.72 -7.91
CA THR A 149 -7.46 -3.85 -9.05
C THR A 149 -8.84 -3.32 -8.62
N THR A 150 -9.88 -3.77 -9.27
CA THR A 150 -11.24 -3.31 -8.90
C THR A 150 -12.20 -4.51 -8.85
N SER A 151 -12.06 -5.40 -9.78
CA SER A 151 -12.96 -6.60 -9.80
C SER A 151 -14.42 -6.15 -9.87
N ALA A 152 -14.76 -5.37 -10.85
CA ALA A 152 -16.17 -4.89 -10.97
C ALA A 152 -16.72 -4.58 -9.59
N THR A 153 -18.02 -4.45 -9.46
CA THR A 153 -18.62 -4.15 -8.13
C THR A 153 -19.61 -5.25 -7.77
N ALA A 1 -14.01 -14.03 -3.02
CA ALA A 1 -13.12 -13.46 -4.06
C ALA A 1 -13.82 -12.29 -4.76
N SER A 2 -13.35 -11.90 -5.91
CA SER A 2 -13.99 -10.77 -6.63
C SER A 2 -14.80 -11.31 -7.81
N LEU A 3 -14.77 -10.64 -8.93
CA LEU A 3 -15.53 -11.13 -10.11
C LEU A 3 -14.59 -11.87 -11.05
N ASP A 4 -15.13 -12.48 -12.08
CA ASP A 4 -14.26 -13.23 -13.04
C ASP A 4 -12.94 -12.50 -13.20
N SER A 5 -11.84 -13.21 -13.09
CA SER A 5 -10.51 -12.55 -13.25
C SER A 5 -10.50 -11.23 -12.46
N GLU A 6 -9.49 -10.43 -12.65
CA GLU A 6 -9.42 -9.14 -11.92
C GLU A 6 -8.55 -8.15 -12.70
N VAL A 7 -8.91 -6.90 -12.70
CA VAL A 7 -8.09 -5.89 -13.44
C VAL A 7 -6.90 -5.47 -12.58
N GLU A 8 -5.81 -6.19 -12.67
CA GLU A 8 -4.61 -5.83 -11.87
C GLU A 8 -3.76 -4.83 -12.63
N LEU A 9 -3.91 -3.56 -12.35
CA LEU A 9 -3.11 -2.53 -13.06
C LEU A 9 -1.63 -2.80 -12.84
N LEU A 10 -1.27 -3.27 -11.68
CA LEU A 10 0.17 -3.55 -11.40
C LEU A 10 0.36 -5.07 -11.30
N PRO A 11 0.72 -5.70 -12.38
CA PRO A 11 0.93 -7.18 -12.41
C PRO A 11 2.27 -7.55 -11.78
N HIS A 12 2.75 -6.74 -10.87
CA HIS A 12 4.04 -7.06 -10.20
C HIS A 12 3.83 -7.20 -8.70
N THR A 13 3.64 -8.41 -8.23
CA THR A 13 3.43 -8.61 -6.76
C THR A 13 4.37 -9.71 -6.27
N SER A 14 5.64 -9.60 -6.56
CA SER A 14 6.60 -10.64 -6.10
C SER A 14 7.58 -10.04 -5.10
N PHE A 15 7.08 -9.40 -4.08
CA PHE A 15 7.99 -8.80 -3.06
C PHE A 15 8.72 -9.92 -2.32
N ALA A 16 8.79 -11.08 -2.91
CA ALA A 16 9.48 -12.22 -2.23
C ALA A 16 10.96 -12.24 -2.62
N GLU A 17 11.26 -12.47 -3.86
CA GLU A 17 12.69 -12.51 -4.30
C GLU A 17 13.00 -11.29 -5.17
N SER A 18 12.46 -10.15 -4.84
CA SER A 18 12.75 -8.94 -5.65
C SER A 18 11.82 -7.80 -5.21
N LEU A 19 12.31 -6.59 -5.23
CA LEU A 19 11.47 -5.43 -4.81
C LEU A 19 10.44 -5.13 -5.91
N GLY A 20 10.89 -4.65 -7.04
CA GLY A 20 9.94 -4.33 -8.15
C GLY A 20 9.90 -2.82 -8.37
N PRO A 21 9.15 -2.38 -9.35
CA PRO A 21 9.01 -0.94 -9.67
C PRO A 21 8.61 -0.10 -8.46
N TRP A 22 8.03 -0.72 -7.47
CA TRP A 22 7.60 0.03 -6.26
C TRP A 22 8.82 0.72 -5.64
N SER A 23 8.60 1.62 -4.72
CA SER A 23 9.75 2.33 -4.07
C SER A 23 9.54 2.31 -2.55
N LEU A 24 10.47 2.83 -1.80
CA LEU A 24 10.32 2.83 -0.32
C LEU A 24 11.49 3.59 0.33
N TYR A 25 11.26 4.15 1.48
CA TYR A 25 12.35 4.89 2.18
C TYR A 25 11.82 5.40 3.53
N GLY A 26 12.59 5.28 4.57
CA GLY A 26 12.13 5.75 5.90
C GLY A 26 12.45 4.71 6.97
N THR A 27 12.51 3.46 6.61
CA THR A 27 12.82 2.41 7.62
C THR A 27 14.22 1.86 7.37
N SER A 28 14.38 0.58 7.55
CA SER A 28 15.71 -0.05 7.32
C SER A 28 15.79 -0.54 5.87
N GLU A 29 16.75 -1.34 5.55
CA GLU A 29 16.87 -1.86 4.16
C GLU A 29 16.10 -3.17 4.05
N PRO A 30 15.00 -3.19 3.33
CA PRO A 30 14.17 -4.42 3.18
C PRO A 30 15.03 -5.64 2.86
N VAL A 31 14.73 -6.77 3.46
CA VAL A 31 15.54 -7.99 3.20
C VAL A 31 14.66 -9.07 2.59
N PHE A 32 14.61 -9.16 1.28
CA PHE A 32 13.79 -10.20 0.61
C PHE A 32 14.38 -11.58 0.91
N ALA A 33 14.10 -12.12 2.06
CA ALA A 33 14.65 -13.46 2.41
C ALA A 33 13.59 -14.54 2.14
N ASP A 34 13.04 -15.11 3.18
CA ASP A 34 12.01 -16.17 2.98
C ASP A 34 10.91 -15.65 2.04
N GLY A 35 11.17 -15.66 0.76
CA GLY A 35 10.15 -15.17 -0.21
C GLY A 35 9.39 -13.99 0.41
N ARG A 36 10.10 -13.05 0.96
CA ARG A 36 9.42 -11.87 1.57
C ARG A 36 10.46 -10.88 2.09
N MET A 37 10.14 -9.62 2.12
CA MET A 37 11.13 -8.61 2.61
C MET A 37 10.68 -8.06 3.96
N CYS A 38 11.58 -8.04 4.90
CA CYS A 38 11.21 -7.52 6.25
C CYS A 38 11.91 -6.18 6.49
N VAL A 39 11.17 -5.18 6.88
CA VAL A 39 11.79 -3.85 7.14
C VAL A 39 11.73 -3.54 8.63
N ASP A 40 12.81 -3.09 9.20
CA ASP A 40 12.82 -2.77 10.65
C ASP A 40 12.19 -1.38 10.87
N LEU A 41 11.24 -1.28 11.74
CA LEU A 41 10.59 0.04 11.99
C LEU A 41 10.99 0.56 13.38
N PRO A 42 11.99 1.38 13.45
CA PRO A 42 12.48 1.96 14.74
C PRO A 42 11.60 3.11 15.22
N GLY A 43 11.41 3.23 16.50
CA GLY A 43 10.56 4.34 17.03
C GLY A 43 11.37 5.63 17.10
N GLY A 44 10.71 6.75 17.18
CA GLY A 44 11.45 8.05 17.26
C GLY A 44 10.65 9.15 16.56
N GLN A 45 9.58 8.81 15.90
CA GLN A 45 8.78 9.84 15.20
C GLN A 45 7.35 9.85 15.74
N GLY A 46 6.55 10.79 15.31
CA GLY A 46 5.15 10.85 15.80
C GLY A 46 4.20 10.97 14.60
N ASN A 47 4.73 11.15 13.42
CA ASN A 47 3.86 11.27 12.21
C ASN A 47 3.84 9.92 11.47
N PRO A 48 2.68 9.46 11.09
CA PRO A 48 2.54 8.16 10.36
C PRO A 48 2.92 8.28 8.88
N TRP A 49 3.34 9.43 8.44
CA TRP A 49 3.71 9.60 7.01
C TRP A 49 5.19 9.99 6.90
N ASP A 50 6.04 9.43 7.73
CA ASP A 50 7.49 9.79 7.66
C ASP A 50 8.28 8.57 7.18
N ALA A 51 7.62 7.56 6.69
CA ALA A 51 8.35 6.35 6.21
C ALA A 51 7.35 5.33 5.68
N GLY A 52 7.60 4.74 4.55
CA GLY A 52 6.65 3.73 4.00
C GLY A 52 7.03 3.37 2.57
N LEU A 53 6.39 2.38 2.01
CA LEU A 53 6.70 1.97 0.61
C LEU A 53 6.08 2.99 -0.35
N VAL A 54 6.23 2.77 -1.64
CA VAL A 54 5.62 3.71 -2.63
C VAL A 54 5.52 3.04 -3.99
N TYR A 55 4.80 3.64 -4.89
CA TYR A 55 4.65 3.05 -6.25
C TYR A 55 3.68 3.90 -7.08
N ASN A 56 3.91 4.00 -8.36
CA ASN A 56 3.01 4.82 -9.22
C ASN A 56 2.16 3.90 -10.09
N GLY A 57 1.20 4.44 -10.80
CA GLY A 57 0.33 3.60 -11.66
C GLY A 57 -0.92 3.19 -10.89
N VAL A 58 -1.80 4.11 -10.64
CA VAL A 58 -3.04 3.77 -9.89
C VAL A 58 -4.09 4.87 -10.09
N PRO A 59 -4.86 4.77 -11.14
CA PRO A 59 -5.92 5.76 -11.46
C PRO A 59 -7.18 5.56 -10.62
N VAL A 60 -8.03 6.55 -10.56
CA VAL A 60 -9.27 6.40 -9.75
C VAL A 60 -10.44 7.05 -10.49
N GLY A 61 -11.40 6.27 -10.90
CA GLY A 61 -12.58 6.84 -11.63
C GLY A 61 -13.81 6.78 -10.72
N GLU A 62 -14.57 7.84 -10.67
CA GLU A 62 -15.78 7.84 -9.80
C GLU A 62 -16.86 6.95 -10.43
N GLY A 63 -17.55 6.20 -9.63
CA GLY A 63 -18.62 5.32 -10.18
C GLY A 63 -18.36 3.86 -9.75
N GLU A 64 -17.17 3.38 -9.93
CA GLU A 64 -16.87 1.98 -9.55
C GLU A 64 -16.14 1.96 -8.21
N SER A 65 -16.19 0.86 -7.50
CA SER A 65 -15.50 0.78 -6.18
C SER A 65 -14.17 0.06 -6.35
N TYR A 66 -13.12 0.58 -5.78
CA TYR A 66 -11.79 -0.08 -5.92
C TYR A 66 -11.56 -1.01 -4.72
N VAL A 67 -10.49 -1.76 -4.75
CA VAL A 67 -10.20 -2.69 -3.64
C VAL A 67 -8.72 -3.11 -3.68
N LEU A 68 -7.98 -2.81 -2.65
CA LEU A 68 -6.54 -3.19 -2.64
C LEU A 68 -6.32 -4.31 -1.62
N SER A 69 -5.26 -5.06 -1.75
CA SER A 69 -5.00 -6.16 -0.78
C SER A 69 -3.50 -6.45 -0.72
N PHE A 70 -2.85 -6.06 0.34
CA PHE A 70 -1.38 -6.31 0.44
C PHE A 70 -1.11 -7.60 1.20
N THR A 71 -0.05 -8.29 0.85
CA THR A 71 0.28 -9.55 1.56
C THR A 71 1.40 -9.27 2.57
N ALA A 72 1.05 -9.01 3.80
CA ALA A 72 2.09 -8.72 4.82
C ALA A 72 1.49 -8.85 6.22
N SER A 73 2.27 -8.57 7.23
CA SER A 73 1.76 -8.68 8.62
C SER A 73 2.71 -7.94 9.57
N ALA A 74 2.17 -7.19 10.49
CA ALA A 74 3.04 -6.45 11.45
C ALA A 74 3.36 -7.34 12.64
N THR A 75 4.54 -7.23 13.18
CA THR A 75 4.91 -8.08 14.35
C THR A 75 5.53 -7.20 15.44
N PRO A 76 4.90 -7.10 16.60
CA PRO A 76 3.62 -7.80 16.93
C PRO A 76 2.44 -7.29 16.10
N ASP A 77 1.29 -7.19 16.70
CA ASP A 77 0.10 -6.69 15.96
C ASP A 77 -0.07 -5.20 16.21
N MET A 78 -0.64 -4.49 15.27
CA MET A 78 -0.84 -3.02 15.45
C MET A 78 -1.48 -2.43 14.20
N PRO A 79 -2.23 -1.37 14.36
CA PRO A 79 -2.91 -0.68 13.23
C PRO A 79 -1.93 0.12 12.36
N VAL A 80 -1.87 -0.19 11.08
CA VAL A 80 -0.94 0.55 10.19
C VAL A 80 -1.73 1.58 9.37
N ARG A 81 -1.05 2.42 8.64
CA ARG A 81 -1.76 3.44 7.82
C ARG A 81 -1.53 3.16 6.33
N VAL A 82 -2.30 3.77 5.47
CA VAL A 82 -2.12 3.53 4.01
C VAL A 82 -2.75 4.69 3.24
N LEU A 83 -2.31 4.92 2.02
CA LEU A 83 -2.90 6.03 1.23
C LEU A 83 -2.61 5.79 -0.26
N VAL A 84 -3.50 6.21 -1.12
CA VAL A 84 -3.27 6.00 -2.59
C VAL A 84 -3.94 7.12 -3.38
N GLY A 85 -3.37 7.48 -4.50
CA GLY A 85 -3.98 8.55 -5.33
C GLY A 85 -2.91 9.13 -6.27
N GLU A 86 -2.78 10.42 -6.33
CA GLU A 86 -1.75 11.03 -7.22
C GLU A 86 -0.45 11.20 -6.45
N GLY A 87 0.58 11.70 -7.08
CA GLY A 87 1.87 11.90 -6.37
C GLY A 87 2.42 13.29 -6.69
N GLY A 88 1.56 14.27 -6.77
CA GLY A 88 2.04 15.65 -7.08
C GLY A 88 0.85 16.51 -7.54
N GLY A 89 0.64 17.64 -6.91
CA GLY A 89 -0.48 18.51 -7.31
C GLY A 89 -1.41 18.75 -6.10
N ALA A 90 -2.67 18.94 -6.35
CA ALA A 90 -3.61 19.17 -5.22
C ALA A 90 -3.49 18.03 -4.20
N TYR A 91 -2.67 17.06 -4.49
CA TYR A 91 -2.51 15.92 -3.54
C TYR A 91 -3.87 15.33 -3.20
N ARG A 92 -4.92 15.85 -3.79
CA ARG A 92 -6.28 15.32 -3.50
C ARG A 92 -6.32 13.83 -3.83
N THR A 93 -6.59 13.01 -2.86
CA THR A 93 -6.65 11.53 -3.11
C THR A 93 -7.97 10.97 -2.59
N ALA A 94 -8.35 9.82 -3.05
CA ALA A 94 -9.61 9.20 -2.57
C ALA A 94 -9.27 7.97 -1.71
N PHE A 95 -8.08 7.45 -1.86
CA PHE A 95 -7.68 6.27 -1.05
C PHE A 95 -7.02 6.74 0.25
N GLU A 96 -7.52 7.79 0.84
CA GLU A 96 -6.90 8.29 2.09
C GLU A 96 -7.49 7.56 3.29
N GLN A 97 -6.85 6.51 3.74
CA GLN A 97 -7.37 5.76 4.91
C GLN A 97 -6.36 5.85 6.06
N GLY A 98 -6.38 4.91 6.97
CA GLY A 98 -5.42 4.96 8.10
C GLY A 98 -5.69 3.81 9.07
N SER A 99 -6.91 3.33 9.11
CA SER A 99 -7.23 2.21 10.05
C SER A 99 -7.05 0.87 9.33
N ALA A 100 -5.90 0.26 9.47
CA ALA A 100 -5.67 -1.05 8.80
C ALA A 100 -5.05 -2.03 9.80
N PRO A 101 -5.87 -2.60 10.65
CA PRO A 101 -5.41 -3.57 11.68
C PRO A 101 -4.57 -4.71 11.10
N LEU A 102 -3.45 -5.00 11.70
CA LEU A 102 -2.59 -6.11 11.20
C LEU A 102 -2.34 -7.11 12.32
N THR A 103 -2.14 -8.36 11.98
CA THR A 103 -1.90 -9.38 13.03
C THR A 103 -0.40 -9.59 13.24
N GLY A 104 -0.01 -10.68 13.84
CA GLY A 104 1.44 -10.94 14.07
C GLY A 104 1.99 -11.83 12.96
N GLU A 105 1.19 -12.72 12.45
CA GLU A 105 1.67 -13.62 11.35
C GLU A 105 1.18 -13.08 10.01
N PRO A 106 1.77 -13.56 8.94
CA PRO A 106 1.40 -13.14 7.56
C PRO A 106 -0.11 -13.07 7.37
N ALA A 107 -0.61 -11.98 6.87
CA ALA A 107 -2.08 -11.86 6.65
C ALA A 107 -2.37 -10.74 5.65
N THR A 108 -3.32 -10.94 4.79
CA THR A 108 -3.66 -9.89 3.80
C THR A 108 -4.74 -8.97 4.34
N ARG A 109 -4.67 -7.70 4.02
CA ARG A 109 -5.71 -6.76 4.48
C ARG A 109 -6.21 -6.00 3.25
N GLU A 110 -7.45 -5.58 3.23
CA GLU A 110 -7.93 -4.87 2.02
C GLU A 110 -8.82 -3.69 2.39
N TYR A 111 -8.97 -2.77 1.48
CA TYR A 111 -9.84 -1.59 1.74
C TYR A 111 -10.71 -1.36 0.50
N ALA A 112 -12.00 -1.38 0.66
CA ALA A 112 -12.90 -1.18 -0.51
C ALA A 112 -13.69 0.12 -0.34
N PHE A 113 -13.84 0.88 -1.39
CA PHE A 113 -14.61 2.15 -1.28
C PHE A 113 -15.35 2.43 -2.60
N THR A 114 -16.30 3.32 -2.57
CA THR A 114 -17.05 3.63 -3.81
C THR A 114 -16.46 4.89 -4.46
N SER A 115 -15.84 4.75 -5.60
CA SER A 115 -15.25 5.94 -6.27
C SER A 115 -16.35 6.96 -6.59
N ASN A 116 -16.38 8.06 -5.90
CA ASN A 116 -17.43 9.09 -6.16
C ASN A 116 -16.76 10.42 -6.49
N LEU A 117 -15.53 10.38 -6.94
CA LEU A 117 -14.83 11.65 -7.30
C LEU A 117 -13.85 11.39 -8.44
N THR A 118 -14.19 11.82 -9.63
CA THR A 118 -13.28 11.59 -10.79
C THR A 118 -11.87 12.07 -10.43
N PHE A 119 -10.96 11.17 -10.22
CA PHE A 119 -9.57 11.58 -9.86
C PHE A 119 -8.58 10.94 -10.85
N PRO A 120 -8.26 11.65 -11.91
CA PRO A 120 -7.31 11.14 -12.94
C PRO A 120 -5.96 10.79 -12.32
N PRO A 121 -4.98 10.52 -13.13
CA PRO A 121 -3.61 10.17 -12.65
C PRO A 121 -3.01 11.31 -11.82
N ASP A 122 -2.54 12.34 -12.46
CA ASP A 122 -1.95 13.48 -11.70
C ASP A 122 -1.63 14.64 -12.66
N GLY A 123 -0.83 15.57 -12.21
CA GLY A 123 -0.44 16.71 -13.09
C GLY A 123 1.03 16.54 -13.47
N ASP A 124 1.82 16.04 -12.57
CA ASP A 124 3.26 15.83 -12.85
C ASP A 124 3.61 14.38 -12.48
N ALA A 125 3.11 13.92 -11.37
CA ALA A 125 3.39 12.53 -10.93
C ALA A 125 2.07 11.74 -10.99
N PRO A 126 1.81 11.08 -12.09
CA PRO A 126 0.56 10.31 -12.28
C PRO A 126 0.24 9.37 -11.11
N GLY A 127 -0.22 8.20 -11.41
CA GLY A 127 -0.56 7.21 -10.35
C GLY A 127 0.39 7.38 -9.16
N GLN A 128 -0.04 7.00 -8.00
CA GLN A 128 0.83 7.14 -6.80
C GLN A 128 0.36 6.18 -5.70
N VAL A 129 1.25 5.74 -4.86
CA VAL A 129 0.86 4.80 -3.77
C VAL A 129 1.85 4.98 -2.61
N ALA A 130 1.46 4.66 -1.42
CA ALA A 130 2.40 4.82 -0.28
C ALA A 130 1.91 4.03 0.93
N PHE A 131 2.62 3.00 1.30
CA PHE A 131 2.23 2.19 2.49
C PHE A 131 2.79 2.88 3.73
N HIS A 132 1.97 3.59 4.45
CA HIS A 132 2.47 4.30 5.66
C HIS A 132 2.16 3.50 6.92
N LEU A 133 3.16 3.27 7.74
CA LEU A 133 2.94 2.50 9.00
C LEU A 133 3.15 3.44 10.19
N GLY A 134 4.20 4.22 10.16
CA GLY A 134 4.45 5.16 11.29
C GLY A 134 5.45 4.55 12.28
N LYS A 135 6.17 5.37 12.99
CA LYS A 135 7.15 4.85 13.98
C LYS A 135 6.53 4.91 15.38
N ALA A 136 7.33 5.21 16.37
CA ALA A 136 6.80 5.26 17.76
C ALA A 136 6.39 3.84 18.16
N GLY A 137 5.47 3.26 17.45
CA GLY A 137 5.07 1.86 17.77
C GLY A 137 5.97 0.90 16.98
N ALA A 138 7.21 1.29 16.83
CA ALA A 138 8.18 0.43 16.07
C ALA A 138 7.79 -1.04 16.16
N TYR A 139 8.13 -1.80 15.15
CA TYR A 139 7.80 -3.24 15.15
C TYR A 139 8.44 -3.89 13.92
N GLU A 140 7.71 -4.69 13.19
CA GLU A 140 8.30 -5.34 11.99
C GLU A 140 7.22 -5.50 10.91
N PHE A 141 7.49 -5.03 9.72
CA PHE A 141 6.48 -5.16 8.62
C PHE A 141 7.06 -6.02 7.51
N CYS A 142 6.60 -7.24 7.37
CA CYS A 142 7.15 -8.12 6.32
C CYS A 142 6.11 -8.35 5.22
N ILE A 143 6.45 -7.98 4.00
CA ILE A 143 5.50 -8.18 2.86
C ILE A 143 6.16 -9.07 1.82
N SER A 144 5.38 -9.87 1.16
CA SER A 144 5.93 -10.78 0.12
C SER A 144 5.17 -10.56 -1.18
N GLN A 145 4.09 -9.83 -1.13
CA GLN A 145 3.31 -9.58 -2.39
C GLN A 145 2.40 -8.37 -2.19
N VAL A 146 1.83 -7.87 -3.26
CA VAL A 146 0.93 -6.69 -3.15
C VAL A 146 -0.13 -6.76 -4.26
N SER A 147 -1.38 -6.73 -3.89
CA SER A 147 -2.45 -6.80 -4.92
C SER A 147 -3.09 -5.42 -5.09
N LEU A 148 -3.84 -5.22 -6.14
CA LEU A 148 -4.49 -3.90 -6.35
C LEU A 148 -5.42 -3.97 -7.56
N THR A 149 -6.69 -3.71 -7.36
CA THR A 149 -7.65 -3.77 -8.50
C THR A 149 -9.05 -3.44 -7.99
N THR A 150 -10.06 -3.89 -8.69
CA THR A 150 -11.46 -3.59 -8.25
C THR A 150 -12.27 -4.90 -8.26
N SER A 151 -13.37 -4.91 -8.97
CA SER A 151 -14.21 -6.15 -9.03
C SER A 151 -15.21 -6.03 -10.17
N ALA A 152 -14.73 -6.03 -11.40
CA ALA A 152 -15.66 -5.93 -12.55
C ALA A 152 -15.56 -7.20 -13.40
N THR A 153 -15.99 -7.13 -14.64
CA THR A 153 -15.92 -8.33 -15.51
C THR A 153 -15.03 -8.03 -16.72
N ALA A 1 -19.32 -7.37 -7.03
CA ALA A 1 -18.31 -7.36 -5.93
C ALA A 1 -16.91 -7.29 -6.53
N SER A 2 -16.64 -8.08 -7.53
CA SER A 2 -15.28 -8.06 -8.17
C SER A 2 -15.40 -7.48 -9.58
N LEU A 3 -14.68 -8.03 -10.52
CA LEU A 3 -14.73 -7.51 -11.91
C LEU A 3 -14.85 -5.99 -11.88
N ASP A 4 -15.28 -5.40 -12.96
CA ASP A 4 -15.41 -3.91 -12.98
C ASP A 4 -14.05 -3.27 -12.74
N SER A 5 -13.04 -3.73 -13.42
CA SER A 5 -11.68 -3.16 -13.22
C SER A 5 -10.69 -3.85 -14.15
N GLU A 6 -9.44 -3.91 -13.77
CA GLU A 6 -8.43 -4.58 -14.64
C GLU A 6 -7.88 -5.82 -13.94
N VAL A 7 -8.57 -6.28 -12.94
CA VAL A 7 -8.09 -7.49 -12.19
C VAL A 7 -6.56 -7.54 -12.24
N GLU A 8 -5.94 -6.40 -12.34
CA GLU A 8 -4.44 -6.33 -12.39
C GLU A 8 -4.02 -5.00 -13.01
N LEU A 9 -3.93 -3.96 -12.23
CA LEU A 9 -3.53 -2.64 -12.78
C LEU A 9 -2.00 -2.51 -12.66
N LEU A 10 -1.31 -3.58 -12.46
CA LEU A 10 0.17 -3.50 -12.33
C LEU A 10 0.76 -4.92 -12.22
N PRO A 11 1.20 -5.47 -13.31
CA PRO A 11 1.78 -6.85 -13.35
C PRO A 11 2.96 -7.04 -12.39
N HIS A 12 2.87 -6.55 -11.19
CA HIS A 12 3.99 -6.73 -10.23
C HIS A 12 3.49 -6.46 -8.81
N THR A 13 3.27 -7.49 -8.04
CA THR A 13 2.79 -7.30 -6.64
C THR A 13 3.29 -8.44 -5.77
N SER A 14 4.53 -8.80 -5.89
CA SER A 14 5.07 -9.92 -5.06
C SER A 14 6.49 -9.57 -4.60
N PHE A 15 6.61 -9.01 -3.43
CA PHE A 15 7.97 -8.65 -2.92
C PHE A 15 8.67 -9.92 -2.44
N ALA A 16 8.53 -11.00 -3.16
CA ALA A 16 9.19 -12.27 -2.74
C ALA A 16 10.58 -12.36 -3.37
N GLU A 17 10.74 -11.83 -4.55
CA GLU A 17 12.07 -11.89 -5.22
C GLU A 17 12.69 -10.50 -5.25
N SER A 18 12.23 -9.65 -6.15
CA SER A 18 12.80 -8.28 -6.23
C SER A 18 11.75 -7.26 -5.79
N LEU A 19 12.16 -6.22 -5.12
CA LEU A 19 11.18 -5.20 -4.65
C LEU A 19 10.27 -4.80 -5.82
N GLY A 20 10.80 -4.77 -7.02
CA GLY A 20 9.95 -4.39 -8.18
C GLY A 20 10.07 -2.88 -8.42
N PRO A 21 9.12 -2.31 -9.12
CA PRO A 21 9.11 -0.85 -9.42
C PRO A 21 8.65 -0.02 -8.21
N TRP A 22 8.18 -0.66 -7.18
CA TRP A 22 7.74 0.09 -5.98
C TRP A 22 8.96 0.72 -5.29
N SER A 23 8.79 1.84 -4.65
CA SER A 23 9.95 2.49 -3.98
C SER A 23 9.81 2.39 -2.46
N LEU A 24 10.84 2.74 -1.73
CA LEU A 24 10.76 2.66 -0.25
C LEU A 24 12.06 3.21 0.36
N TYR A 25 12.05 3.50 1.63
CA TYR A 25 13.28 4.04 2.28
C TYR A 25 12.93 4.60 3.65
N GLY A 26 13.80 5.38 4.23
CA GLY A 26 13.51 5.97 5.57
C GLY A 26 13.69 4.91 6.66
N THR A 27 13.63 3.65 6.31
CA THR A 27 13.79 2.59 7.35
C THR A 27 15.13 1.89 7.15
N SER A 28 15.17 0.60 7.39
CA SER A 28 16.44 -0.15 7.20
C SER A 28 16.47 -0.72 5.78
N GLU A 29 17.25 -1.73 5.55
CA GLU A 29 17.30 -2.33 4.18
C GLU A 29 16.26 -3.45 4.10
N PRO A 30 15.40 -3.41 3.12
CA PRO A 30 14.34 -4.45 2.96
C PRO A 30 14.93 -5.81 2.57
N VAL A 31 14.49 -6.87 3.17
CA VAL A 31 15.06 -8.21 2.83
C VAL A 31 13.96 -9.15 2.35
N PHE A 32 13.98 -9.50 1.09
CA PHE A 32 12.95 -10.42 0.55
C PHE A 32 13.25 -11.85 1.03
N ALA A 33 12.99 -12.11 2.28
CA ALA A 33 13.27 -13.47 2.83
C ALA A 33 12.32 -14.49 2.21
N ASP A 34 11.82 -15.41 2.99
CA ASP A 34 10.89 -16.43 2.45
C ASP A 34 9.84 -15.75 1.57
N GLY A 35 10.16 -15.49 0.33
CA GLY A 35 9.18 -14.84 -0.58
C GLY A 35 8.47 -13.70 0.17
N ARG A 36 9.18 -13.02 1.04
CA ARG A 36 8.54 -11.90 1.80
C ARG A 36 9.58 -10.83 2.10
N MET A 37 9.20 -9.59 2.04
CA MET A 37 10.16 -8.49 2.33
C MET A 37 9.75 -7.78 3.62
N CYS A 38 10.67 -7.65 4.55
CA CYS A 38 10.33 -6.97 5.83
C CYS A 38 11.27 -5.78 6.05
N VAL A 39 10.74 -4.69 6.51
CA VAL A 39 11.58 -3.49 6.76
C VAL A 39 11.56 -3.19 8.27
N ASP A 40 12.61 -2.62 8.79
CA ASP A 40 12.63 -2.30 10.24
C ASP A 40 11.86 -1.01 10.49
N LEU A 41 10.81 -1.06 11.28
CA LEU A 41 10.04 0.19 11.56
C LEU A 41 10.11 0.55 13.05
N PRO A 42 11.21 0.26 13.72
CA PRO A 42 11.37 0.60 15.16
C PRO A 42 11.77 2.07 15.36
N GLY A 43 13.04 2.33 15.52
CA GLY A 43 13.52 3.73 15.70
C GLY A 43 12.77 4.40 16.85
N GLY A 44 11.73 5.14 16.54
CA GLY A 44 10.97 5.84 17.61
C GLY A 44 10.54 7.21 17.07
N GLN A 45 9.97 7.23 15.89
CA GLN A 45 9.53 8.52 15.29
C GLN A 45 8.03 8.71 15.50
N GLY A 46 7.63 9.71 16.23
CA GLY A 46 6.18 9.95 16.47
C GLY A 46 5.56 10.57 15.22
N ASN A 47 5.75 9.96 14.08
CA ASN A 47 5.16 10.51 12.83
C ASN A 47 5.11 9.42 11.75
N PRO A 48 4.00 9.29 11.07
CA PRO A 48 3.83 8.26 10.00
C PRO A 48 4.56 8.63 8.70
N TRP A 49 5.22 9.76 8.66
CA TRP A 49 5.93 10.16 7.42
C TRP A 49 7.44 10.08 7.64
N ASP A 50 7.95 8.89 7.81
CA ASP A 50 9.43 8.74 8.02
C ASP A 50 9.94 7.53 7.25
N ALA A 51 9.13 6.51 7.10
CA ALA A 51 9.58 5.29 6.36
C ALA A 51 8.38 4.58 5.75
N GLY A 52 8.61 3.70 4.81
CA GLY A 52 7.47 2.98 4.18
C GLY A 52 7.77 2.73 2.69
N LEU A 53 6.95 1.97 2.03
CA LEU A 53 7.19 1.69 0.58
C LEU A 53 6.15 2.45 -0.24
N VAL A 54 6.53 2.92 -1.41
CA VAL A 54 5.56 3.68 -2.25
C VAL A 54 5.56 3.14 -3.68
N TYR A 55 4.64 3.57 -4.48
CA TYR A 55 4.58 3.09 -5.89
C TYR A 55 3.53 3.90 -6.67
N ASN A 56 3.80 4.19 -7.91
CA ASN A 56 2.84 4.98 -8.72
C ASN A 56 2.26 4.09 -9.83
N GLY A 57 1.59 4.68 -10.79
CA GLY A 57 1.02 3.87 -11.89
C GLY A 57 -0.35 3.32 -11.46
N VAL A 58 -1.25 4.18 -11.07
CA VAL A 58 -2.60 3.71 -10.65
C VAL A 58 -3.64 4.79 -10.97
N PRO A 59 -4.36 4.63 -12.05
CA PRO A 59 -5.40 5.61 -12.46
C PRO A 59 -6.70 5.44 -11.67
N VAL A 60 -7.18 6.51 -11.07
CA VAL A 60 -8.43 6.41 -10.28
C VAL A 60 -9.61 6.99 -11.08
N GLY A 61 -10.08 6.28 -12.06
CA GLY A 61 -11.22 6.78 -12.86
C GLY A 61 -12.53 6.42 -12.16
N GLU A 62 -13.01 7.29 -11.31
CA GLU A 62 -14.27 7.01 -10.58
C GLU A 62 -15.22 6.20 -11.47
N GLY A 63 -16.14 5.49 -10.88
CA GLY A 63 -17.10 4.68 -11.70
C GLY A 63 -17.22 3.28 -11.11
N GLU A 64 -16.17 2.51 -11.17
CA GLU A 64 -16.22 1.13 -10.61
C GLU A 64 -15.57 1.10 -9.23
N SER A 65 -15.69 0.01 -8.53
CA SER A 65 -15.08 -0.07 -7.18
C SER A 65 -13.76 -0.85 -7.27
N TYR A 66 -12.75 -0.42 -6.58
CA TYR A 66 -11.44 -1.13 -6.64
C TYR A 66 -11.22 -1.92 -5.34
N VAL A 67 -10.13 -2.64 -5.26
CA VAL A 67 -9.85 -3.43 -4.03
C VAL A 67 -8.34 -3.57 -3.84
N LEU A 68 -7.86 -3.42 -2.63
CA LEU A 68 -6.40 -3.55 -2.39
C LEU A 68 -6.16 -4.70 -1.40
N SER A 69 -5.50 -5.75 -1.84
CA SER A 69 -5.24 -6.89 -0.92
C SER A 69 -3.73 -6.98 -0.65
N PHE A 70 -3.29 -6.50 0.47
CA PHE A 70 -1.83 -6.57 0.77
C PHE A 70 -1.50 -7.81 1.60
N THR A 71 -0.46 -8.51 1.23
CA THR A 71 -0.06 -9.71 2.00
C THR A 71 0.98 -9.30 3.04
N ALA A 72 0.57 -9.03 4.25
CA ALA A 72 1.57 -8.61 5.27
C ALA A 72 0.97 -8.68 6.66
N SER A 73 1.80 -8.66 7.67
CA SER A 73 1.31 -8.71 9.07
C SER A 73 2.15 -7.75 9.92
N ALA A 74 1.54 -7.15 10.90
CA ALA A 74 2.31 -6.20 11.76
C ALA A 74 3.03 -6.98 12.86
N THR A 75 4.28 -6.68 13.08
CA THR A 75 5.04 -7.41 14.13
C THR A 75 5.78 -6.38 15.02
N PRO A 76 5.45 -6.28 16.28
CA PRO A 76 4.40 -7.11 16.95
C PRO A 76 3.00 -6.79 16.43
N ASP A 77 2.02 -6.79 17.29
CA ASP A 77 0.63 -6.50 16.84
C ASP A 77 0.38 -4.99 16.93
N MET A 78 -0.46 -4.46 16.07
CA MET A 78 -0.75 -3.01 16.09
C MET A 78 -1.32 -2.58 14.74
N PRO A 79 -1.94 -1.42 14.69
CA PRO A 79 -2.53 -0.88 13.44
C PRO A 79 -1.48 -0.23 12.53
N VAL A 80 -1.70 -0.24 11.24
CA VAL A 80 -0.71 0.38 10.32
C VAL A 80 -1.37 1.56 9.60
N ARG A 81 -0.60 2.36 8.91
CA ARG A 81 -1.18 3.52 8.19
C ARG A 81 -1.02 3.32 6.68
N VAL A 82 -2.03 3.64 5.93
CA VAL A 82 -1.94 3.47 4.45
C VAL A 82 -2.62 4.65 3.75
N LEU A 83 -2.15 5.02 2.60
CA LEU A 83 -2.77 6.18 1.88
C LEU A 83 -2.69 5.95 0.36
N VAL A 84 -3.66 6.41 -0.37
CA VAL A 84 -3.64 6.23 -1.85
C VAL A 84 -4.39 7.37 -2.52
N GLY A 85 -4.00 7.73 -3.72
CA GLY A 85 -4.69 8.84 -4.43
C GLY A 85 -3.79 9.38 -5.54
N GLU A 86 -3.88 10.65 -5.81
CA GLU A 86 -3.04 11.25 -6.88
C GLU A 86 -1.71 11.74 -6.28
N GLY A 87 -0.83 12.23 -7.09
CA GLY A 87 0.48 12.72 -6.56
C GLY A 87 0.77 14.12 -7.12
N GLY A 88 -0.25 14.82 -7.53
CA GLY A 88 -0.04 16.19 -8.08
C GLY A 88 -1.38 16.93 -8.16
N GLY A 89 -1.37 18.22 -7.99
CA GLY A 89 -2.64 18.99 -8.06
C GLY A 89 -3.64 18.43 -7.04
N ALA A 90 -4.45 19.27 -6.47
CA ALA A 90 -5.45 18.78 -5.46
C ALA A 90 -4.81 17.65 -4.64
N TYR A 91 -3.96 17.98 -3.72
CA TYR A 91 -3.32 16.93 -2.88
C TYR A 91 -4.39 16.23 -2.03
N ARG A 92 -5.63 16.40 -2.37
CA ARG A 92 -6.72 15.75 -1.58
C ARG A 92 -6.94 14.33 -2.10
N THR A 93 -6.70 13.34 -1.28
CA THR A 93 -6.91 11.94 -1.74
C THR A 93 -8.18 11.37 -1.11
N ALA A 94 -8.58 10.21 -1.55
CA ALA A 94 -9.80 9.57 -0.98
C ALA A 94 -9.39 8.37 -0.15
N PHE A 95 -8.25 7.79 -0.43
CA PHE A 95 -7.79 6.62 0.35
C PHE A 95 -6.93 7.09 1.52
N GLU A 96 -7.25 8.23 2.07
CA GLU A 96 -6.44 8.75 3.20
C GLU A 96 -6.88 8.07 4.50
N GLN A 97 -6.78 6.77 4.56
CA GLN A 97 -7.19 6.05 5.79
C GLN A 97 -5.95 5.64 6.58
N GLY A 98 -6.09 5.44 7.86
CA GLY A 98 -4.90 5.04 8.68
C GLY A 98 -5.33 4.09 9.80
N SER A 99 -6.56 3.65 9.76
CA SER A 99 -7.04 2.72 10.82
C SER A 99 -7.00 1.28 10.30
N ALA A 100 -5.84 0.81 9.92
CA ALA A 100 -5.73 -0.58 9.41
C ALA A 100 -5.16 -1.49 10.52
N PRO A 101 -5.99 -2.34 11.09
CA PRO A 101 -5.55 -3.25 12.18
C PRO A 101 -4.79 -4.47 11.65
N LEU A 102 -3.69 -4.80 12.27
CA LEU A 102 -2.91 -5.98 11.81
C LEU A 102 -2.57 -6.88 13.00
N THR A 103 -2.32 -8.14 12.76
CA THR A 103 -1.98 -9.05 13.89
C THR A 103 -0.47 -9.32 13.91
N GLY A 104 -0.06 -10.42 14.45
CA GLY A 104 1.40 -10.74 14.51
C GLY A 104 1.69 -11.95 13.62
N GLU A 105 0.93 -12.13 12.57
CA GLU A 105 1.16 -13.30 11.67
C GLU A 105 0.65 -12.96 10.28
N PRO A 106 1.27 -13.53 9.27
CA PRO A 106 0.86 -13.31 7.85
C PRO A 106 -0.65 -13.24 7.68
N ALA A 107 -1.14 -12.19 7.08
CA ALA A 107 -2.62 -12.06 6.89
C ALA A 107 -2.91 -11.01 5.83
N THR A 108 -3.77 -11.31 4.90
CA THR A 108 -4.11 -10.32 3.84
C THR A 108 -5.32 -9.48 4.25
N ARG A 109 -5.29 -8.22 3.95
CA ARG A 109 -6.46 -7.36 4.28
C ARG A 109 -6.99 -6.78 2.98
N GLU A 110 -8.28 -6.63 2.85
CA GLU A 110 -8.83 -6.11 1.58
C GLU A 110 -9.79 -4.94 1.84
N TYR A 111 -9.41 -3.76 1.43
CA TYR A 111 -10.30 -2.58 1.62
C TYR A 111 -10.75 -2.10 0.24
N ALA A 112 -12.02 -2.18 -0.04
CA ALA A 112 -12.52 -1.75 -1.37
C ALA A 112 -13.50 -0.58 -1.21
N PHE A 113 -13.90 0.01 -2.29
CA PHE A 113 -14.86 1.15 -2.21
C PHE A 113 -15.29 1.57 -3.61
N THR A 114 -16.20 2.49 -3.72
CA THR A 114 -16.67 2.93 -5.07
C THR A 114 -15.77 4.05 -5.59
N SER A 115 -15.04 3.79 -6.63
CA SER A 115 -14.14 4.83 -7.19
C SER A 115 -14.95 6.10 -7.46
N ASN A 116 -14.73 7.13 -6.70
CA ASN A 116 -15.49 8.40 -6.90
C ASN A 116 -14.51 9.58 -7.00
N LEU A 117 -13.32 9.33 -7.45
CA LEU A 117 -12.31 10.43 -7.56
C LEU A 117 -11.64 10.37 -8.94
N THR A 118 -11.79 11.39 -9.73
CA THR A 118 -11.16 11.38 -11.08
C THR A 118 -9.66 11.69 -10.95
N PHE A 119 -8.82 10.86 -11.51
CA PHE A 119 -7.35 11.10 -11.42
C PHE A 119 -6.63 10.25 -12.46
N PRO A 120 -6.37 10.82 -13.61
CA PRO A 120 -5.67 10.11 -14.72
C PRO A 120 -4.16 10.05 -14.50
N PRO A 121 -3.48 9.21 -15.25
CA PRO A 121 -2.01 9.04 -15.15
C PRO A 121 -1.25 10.15 -15.90
N ASP A 122 -1.93 10.88 -16.73
CA ASP A 122 -1.26 11.97 -17.49
C ASP A 122 -1.74 13.33 -16.97
N GLY A 123 -0.85 14.15 -16.51
CA GLY A 123 -1.26 15.49 -15.99
C GLY A 123 -0.65 15.70 -14.60
N ASP A 124 -0.98 16.79 -13.96
CA ASP A 124 -0.43 17.06 -12.61
C ASP A 124 -1.20 16.25 -11.56
N ALA A 125 -1.31 14.96 -11.75
CA ALA A 125 -2.04 14.12 -10.78
C ALA A 125 -1.98 12.65 -11.21
N PRO A 126 -0.81 12.09 -11.20
CA PRO A 126 -0.60 10.67 -11.59
C PRO A 126 -1.10 9.68 -10.53
N GLY A 127 -0.60 8.47 -10.55
CA GLY A 127 -1.05 7.48 -9.54
C GLY A 127 -0.30 7.70 -8.23
N GLN A 128 -0.85 7.25 -7.12
CA GLN A 128 -0.17 7.44 -5.82
C GLN A 128 -0.45 6.25 -4.90
N VAL A 129 0.57 5.64 -4.37
CA VAL A 129 0.37 4.48 -3.46
C VAL A 129 1.47 4.49 -2.40
N ALA A 130 1.28 5.23 -1.34
CA ALA A 130 2.34 5.30 -0.29
C ALA A 130 1.95 4.44 0.92
N PHE A 131 2.82 3.56 1.32
CA PHE A 131 2.53 2.71 2.50
C PHE A 131 3.36 3.22 3.69
N HIS A 132 2.76 4.02 4.53
CA HIS A 132 3.53 4.57 5.69
C HIS A 132 3.21 3.77 6.95
N LEU A 133 4.22 3.49 7.74
CA LEU A 133 4.00 2.73 8.99
C LEU A 133 4.90 3.28 10.09
N GLY A 134 5.58 4.37 9.83
CA GLY A 134 6.47 4.97 10.86
C GLY A 134 5.65 5.40 12.07
N LYS A 135 6.20 5.33 13.24
CA LYS A 135 5.46 5.74 14.47
C LYS A 135 6.35 5.54 15.69
N ALA A 136 6.41 6.52 16.55
CA ALA A 136 7.25 6.37 17.77
C ALA A 136 6.93 5.01 18.37
N GLY A 137 5.76 4.51 18.10
CA GLY A 137 5.37 3.17 18.64
C GLY A 137 5.41 2.15 17.49
N ALA A 138 5.93 2.55 16.36
CA ALA A 138 6.01 1.63 15.19
C ALA A 138 6.62 0.30 15.62
N TYR A 139 7.06 -0.49 14.69
CA TYR A 139 7.66 -1.81 15.04
C TYR A 139 8.24 -2.49 13.80
N GLU A 140 7.67 -3.56 13.34
CA GLU A 140 8.22 -4.24 12.13
C GLU A 140 7.09 -4.49 11.12
N PHE A 141 7.41 -4.58 9.86
CA PHE A 141 6.36 -4.82 8.83
C PHE A 141 6.85 -5.86 7.83
N CYS A 142 6.08 -6.91 7.62
CA CYS A 142 6.50 -7.96 6.65
C CYS A 142 5.49 -8.05 5.50
N ILE A 143 5.80 -7.45 4.39
CA ILE A 143 4.87 -7.51 3.21
C ILE A 143 5.51 -8.37 2.13
N SER A 144 4.71 -9.12 1.44
CA SER A 144 5.26 -10.00 0.36
C SER A 144 4.48 -9.76 -0.93
N GLN A 145 3.32 -9.18 -0.84
CA GLN A 145 2.52 -8.93 -2.08
C GLN A 145 1.60 -7.73 -1.91
N VAL A 146 1.05 -7.24 -3.00
CA VAL A 146 0.14 -6.07 -2.93
C VAL A 146 -0.53 -5.88 -4.29
N SER A 147 -1.68 -6.49 -4.47
CA SER A 147 -2.37 -6.37 -5.79
C SER A 147 -3.32 -5.17 -5.79
N LEU A 148 -3.38 -4.46 -6.88
CA LEU A 148 -4.29 -3.29 -6.98
C LEU A 148 -5.22 -3.48 -8.18
N THR A 149 -6.39 -4.01 -7.96
CA THR A 149 -7.34 -4.24 -9.09
C THR A 149 -8.60 -4.93 -8.54
N THR A 150 -9.19 -5.81 -9.31
CA THR A 150 -10.42 -6.50 -8.82
C THR A 150 -10.23 -8.02 -8.90
N SER A 151 -11.30 -8.75 -8.88
CA SER A 151 -11.19 -10.23 -8.96
C SER A 151 -10.93 -10.80 -7.56
N ALA A 152 -11.90 -11.49 -7.00
CA ALA A 152 -11.71 -12.06 -5.64
C ALA A 152 -12.65 -13.26 -5.46
N THR A 153 -12.17 -14.45 -5.72
CA THR A 153 -13.04 -15.65 -5.56
C THR A 153 -12.41 -16.59 -4.53
N ALA A 1 -11.68 -14.91 -9.21
CA ALA A 1 -12.28 -15.06 -10.57
C ALA A 1 -13.33 -13.96 -10.77
N SER A 2 -12.97 -12.73 -10.54
CA SER A 2 -13.95 -11.62 -10.72
C SER A 2 -14.03 -11.26 -12.20
N LEU A 3 -14.13 -9.99 -12.51
CA LEU A 3 -14.22 -9.57 -13.93
C LEU A 3 -13.20 -10.35 -14.76
N ASP A 4 -13.33 -10.33 -16.06
CA ASP A 4 -12.36 -11.08 -16.92
C ASP A 4 -10.97 -10.99 -16.30
N SER A 5 -10.58 -12.00 -15.56
CA SER A 5 -9.23 -11.98 -14.93
C SER A 5 -9.10 -10.74 -14.03
N GLU A 6 -8.79 -10.94 -12.78
CA GLU A 6 -8.65 -9.77 -11.85
C GLU A 6 -8.02 -8.59 -12.62
N VAL A 7 -8.66 -7.46 -12.61
CA VAL A 7 -8.11 -6.28 -13.33
C VAL A 7 -6.83 -5.82 -12.62
N GLU A 8 -5.70 -6.38 -13.01
CA GLU A 8 -4.42 -5.97 -12.37
C GLU A 8 -3.81 -4.80 -13.14
N LEU A 9 -3.97 -3.61 -12.64
CA LEU A 9 -3.39 -2.43 -13.35
C LEU A 9 -1.87 -2.42 -13.18
N LEU A 10 -1.36 -3.29 -12.34
CA LEU A 10 0.12 -3.33 -12.13
C LEU A 10 0.56 -4.79 -12.01
N PRO A 11 0.80 -5.43 -13.12
CA PRO A 11 1.23 -6.86 -13.15
C PRO A 11 2.54 -7.09 -12.41
N HIS A 12 2.72 -6.47 -11.29
CA HIS A 12 3.98 -6.66 -10.52
C HIS A 12 3.67 -6.66 -9.02
N THR A 13 4.04 -7.71 -8.33
CA THR A 13 3.78 -7.78 -6.87
C THR A 13 4.51 -8.98 -6.28
N SER A 14 5.75 -9.18 -6.67
CA SER A 14 6.52 -10.34 -6.14
C SER A 14 7.62 -9.85 -5.20
N PHE A 15 7.25 -9.23 -4.11
CA PHE A 15 8.28 -8.73 -3.15
C PHE A 15 9.00 -9.92 -2.53
N ALA A 16 8.97 -11.06 -3.18
CA ALA A 16 9.65 -12.26 -2.62
C ALA A 16 11.09 -12.32 -3.12
N GLU A 17 11.28 -12.46 -4.41
CA GLU A 17 12.66 -12.53 -4.95
C GLU A 17 12.97 -11.29 -5.77
N SER A 18 12.54 -10.14 -5.32
CA SER A 18 12.81 -8.89 -6.09
C SER A 18 11.84 -7.79 -5.67
N LEU A 19 12.27 -6.56 -5.68
CA LEU A 19 11.37 -5.45 -5.28
C LEU A 19 10.42 -5.12 -6.44
N GLY A 20 10.93 -4.51 -7.48
CA GLY A 20 10.06 -4.15 -8.63
C GLY A 20 10.06 -2.64 -8.84
N PRO A 21 9.15 -2.14 -9.63
CA PRO A 21 9.05 -0.68 -9.91
C PRO A 21 8.72 0.11 -8.65
N TRP A 22 8.21 -0.54 -7.65
CA TRP A 22 7.86 0.18 -6.39
C TRP A 22 9.14 0.69 -5.73
N SER A 23 9.07 1.10 -4.49
CA SER A 23 10.30 1.61 -3.80
C SER A 23 10.18 1.34 -2.30
N LEU A 24 11.23 1.63 -1.56
CA LEU A 24 11.18 1.39 -0.09
C LEU A 24 12.41 2.01 0.56
N TYR A 25 12.28 2.47 1.78
CA TYR A 25 13.45 3.09 2.47
C TYR A 25 12.96 3.87 3.70
N GLY A 26 13.79 4.70 4.24
CA GLY A 26 13.39 5.50 5.43
C GLY A 26 13.48 4.63 6.70
N THR A 27 13.43 3.34 6.54
CA THR A 27 13.52 2.44 7.73
C THR A 27 14.87 1.72 7.74
N SER A 28 14.88 0.48 8.12
CA SER A 28 16.16 -0.29 8.15
C SER A 28 16.34 -1.00 6.80
N GLU A 29 17.53 -0.97 6.26
CA GLU A 29 17.77 -1.64 4.95
C GLU A 29 16.87 -2.87 4.83
N PRO A 30 15.75 -2.73 4.17
CA PRO A 30 14.79 -3.86 3.97
C PRO A 30 15.49 -5.08 3.37
N VAL A 31 14.88 -6.24 3.45
CA VAL A 31 15.54 -7.45 2.87
C VAL A 31 14.50 -8.50 2.48
N PHE A 32 14.66 -9.07 1.31
CA PHE A 32 13.70 -10.12 0.86
C PHE A 32 14.22 -11.49 1.30
N ALA A 33 13.89 -11.88 2.50
CA ALA A 33 14.36 -13.21 3.00
C ALA A 33 13.66 -14.34 2.22
N ASP A 34 13.28 -15.39 2.92
CA ASP A 34 12.61 -16.53 2.24
C ASP A 34 11.44 -16.02 1.39
N GLY A 35 11.73 -15.46 0.25
CA GLY A 35 10.63 -14.95 -0.63
C GLY A 35 9.74 -13.96 0.15
N ARG A 36 10.27 -13.37 1.19
CA ARG A 36 9.45 -12.40 1.97
C ARG A 36 10.29 -11.16 2.28
N MET A 37 9.69 -10.01 2.27
CA MET A 37 10.46 -8.77 2.57
C MET A 37 9.94 -8.16 3.87
N CYS A 38 10.80 -7.51 4.61
CA CYS A 38 10.35 -6.90 5.89
C CYS A 38 11.30 -5.77 6.29
N VAL A 39 10.86 -4.93 7.19
CA VAL A 39 11.70 -3.80 7.66
C VAL A 39 11.58 -3.72 9.18
N ASP A 40 12.61 -3.25 9.85
CA ASP A 40 12.54 -3.16 11.34
C ASP A 40 12.18 -1.74 11.77
N LEU A 41 10.93 -1.50 12.08
CA LEU A 41 10.52 -0.13 12.51
C LEU A 41 10.10 -0.18 13.98
N PRO A 42 11.03 0.06 14.86
CA PRO A 42 10.77 0.05 16.33
C PRO A 42 10.17 1.35 16.83
N GLY A 43 10.99 2.31 17.16
CA GLY A 43 10.47 3.62 17.65
C GLY A 43 11.60 4.63 17.72
N GLY A 44 11.74 5.44 16.70
CA GLY A 44 12.85 6.46 16.71
C GLY A 44 12.82 7.24 15.40
N GLN A 45 11.65 7.43 14.83
CA GLN A 45 11.57 8.18 13.55
C GLN A 45 11.13 9.61 13.83
N GLY A 46 11.11 10.45 12.82
CA GLY A 46 10.69 11.86 13.04
C GLY A 46 9.17 11.95 12.99
N ASN A 47 8.55 11.27 12.07
CA ASN A 47 7.07 11.32 11.96
C ASN A 47 6.59 10.20 11.04
N PRO A 48 5.34 9.81 11.18
CA PRO A 48 4.74 8.73 10.34
C PRO A 48 5.12 8.85 8.87
N TRP A 49 5.16 10.05 8.36
CA TRP A 49 5.53 10.23 6.92
C TRP A 49 7.04 10.45 6.81
N ASP A 50 7.83 9.56 7.33
CA ASP A 50 9.30 9.71 7.26
C ASP A 50 9.92 8.43 6.69
N ALA A 51 9.12 7.47 6.34
CA ALA A 51 9.66 6.21 5.79
C ALA A 51 8.51 5.30 5.35
N GLY A 52 8.81 4.19 4.72
CA GLY A 52 7.73 3.27 4.27
C GLY A 52 7.94 2.91 2.81
N LEU A 53 6.93 2.37 2.17
CA LEU A 53 7.08 1.98 0.73
C LEU A 53 6.24 2.93 -0.13
N VAL A 54 6.51 3.00 -1.40
CA VAL A 54 5.72 3.90 -2.27
C VAL A 54 5.69 3.36 -3.70
N TYR A 55 4.76 3.80 -4.50
CA TYR A 55 4.67 3.31 -5.90
C TYR A 55 3.57 4.08 -6.64
N ASN A 56 3.74 4.29 -7.92
CA ASN A 56 2.70 5.02 -8.70
C ASN A 56 1.96 4.03 -9.60
N GLY A 57 0.80 4.40 -10.06
CA GLY A 57 0.02 3.49 -10.95
C GLY A 57 -1.24 3.01 -10.23
N VAL A 58 -2.21 3.87 -10.11
CA VAL A 58 -3.47 3.48 -9.40
C VAL A 58 -4.62 4.35 -9.89
N PRO A 59 -4.98 4.22 -11.15
CA PRO A 59 -6.08 5.01 -11.76
C PRO A 59 -7.45 4.63 -11.19
N VAL A 60 -8.27 5.61 -10.92
CA VAL A 60 -9.61 5.32 -10.34
C VAL A 60 -10.67 6.17 -11.06
N GLY A 61 -11.81 5.60 -11.33
CA GLY A 61 -12.87 6.37 -12.03
C GLY A 61 -14.01 6.69 -11.04
N GLU A 62 -14.24 7.95 -10.77
CA GLU A 62 -15.32 8.31 -9.82
C GLU A 62 -16.58 7.50 -10.13
N GLY A 63 -17.14 6.84 -9.15
CA GLY A 63 -18.37 6.04 -9.39
C GLY A 63 -18.06 4.56 -9.21
N GLU A 64 -16.83 4.16 -9.39
CA GLU A 64 -16.46 2.74 -9.23
C GLU A 64 -15.81 2.51 -7.86
N SER A 65 -15.55 1.29 -7.51
CA SER A 65 -14.92 1.02 -6.18
C SER A 65 -13.68 0.15 -6.38
N TYR A 66 -12.57 0.54 -5.81
CA TYR A 66 -11.33 -0.26 -5.97
C TYR A 66 -11.03 -1.03 -4.69
N VAL A 67 -9.98 -1.78 -4.66
CA VAL A 67 -9.64 -2.56 -3.43
C VAL A 67 -8.16 -2.95 -3.46
N LEU A 68 -7.51 -2.97 -2.33
CA LEU A 68 -6.08 -3.34 -2.30
C LEU A 68 -5.86 -4.46 -1.27
N SER A 69 -5.41 -5.60 -1.71
CA SER A 69 -5.17 -6.73 -0.77
C SER A 69 -3.67 -6.96 -0.62
N PHE A 70 -3.06 -6.38 0.38
CA PHE A 70 -1.59 -6.56 0.54
C PHE A 70 -1.29 -7.72 1.49
N THR A 71 -0.20 -8.41 1.25
CA THR A 71 0.19 -9.54 2.13
C THR A 71 1.19 -9.01 3.17
N ALA A 72 0.82 -8.97 4.42
CA ALA A 72 1.78 -8.45 5.43
C ALA A 72 1.33 -8.80 6.85
N SER A 73 2.25 -8.89 7.76
CA SER A 73 1.91 -9.22 9.16
C SER A 73 2.50 -8.15 10.09
N ALA A 74 1.87 -7.86 11.18
CA ALA A 74 2.41 -6.82 12.10
C ALA A 74 2.86 -7.46 13.42
N THR A 75 4.09 -7.26 13.80
CA THR A 75 4.59 -7.84 15.07
C THR A 75 5.29 -6.74 15.88
N PRO A 76 5.00 -6.61 17.14
CA PRO A 76 4.02 -7.46 17.89
C PRO A 76 2.57 -7.15 17.53
N ASP A 77 2.36 -6.67 16.35
CA ASP A 77 0.96 -6.32 15.90
C ASP A 77 0.66 -4.87 16.27
N MET A 78 -0.20 -4.24 15.52
CA MET A 78 -0.58 -2.82 15.78
C MET A 78 -1.21 -2.25 14.50
N PRO A 79 -1.72 -1.05 14.55
CA PRO A 79 -2.35 -0.40 13.37
C PRO A 79 -1.32 0.23 12.43
N VAL A 80 -1.58 0.20 11.14
CA VAL A 80 -0.60 0.79 10.18
C VAL A 80 -1.22 2.02 9.51
N ARG A 81 -0.41 2.87 8.97
CA ARG A 81 -0.94 4.09 8.29
C ARG A 81 -0.72 3.97 6.79
N VAL A 82 -1.77 4.06 6.01
CA VAL A 82 -1.61 3.95 4.53
C VAL A 82 -2.45 5.02 3.85
N LEU A 83 -2.02 5.49 2.70
CA LEU A 83 -2.78 6.55 2.00
C LEU A 83 -2.66 6.35 0.48
N VAL A 84 -3.70 6.63 -0.25
CA VAL A 84 -3.64 6.45 -1.73
C VAL A 84 -4.59 7.44 -2.41
N GLY A 85 -4.29 7.83 -3.62
CA GLY A 85 -5.18 8.79 -4.34
C GLY A 85 -4.40 9.46 -5.47
N GLU A 86 -4.57 10.74 -5.64
CA GLU A 86 -3.84 11.46 -6.72
C GLU A 86 -2.49 11.94 -6.19
N GLY A 87 -1.85 12.83 -6.90
CA GLY A 87 -0.53 13.34 -6.43
C GLY A 87 -0.29 14.74 -6.99
N GLY A 88 -1.24 15.62 -6.85
CA GLY A 88 -1.07 17.00 -7.38
C GLY A 88 -2.08 17.94 -6.72
N GLY A 89 -2.49 18.97 -7.40
CA GLY A 89 -3.47 19.91 -6.80
C GLY A 89 -4.59 19.13 -6.12
N ALA A 90 -5.40 19.79 -5.33
CA ALA A 90 -6.51 19.07 -4.63
C ALA A 90 -5.99 17.73 -4.09
N TYR A 91 -5.24 17.76 -3.03
CA TYR A 91 -4.71 16.49 -2.46
C TYR A 91 -5.87 15.65 -1.93
N ARG A 92 -7.08 15.98 -2.31
CA ARG A 92 -8.26 15.20 -1.83
C ARG A 92 -8.12 13.74 -2.28
N THR A 93 -8.13 12.82 -1.37
CA THR A 93 -8.01 11.39 -1.75
C THR A 93 -9.14 10.58 -1.11
N ALA A 94 -9.30 9.36 -1.55
CA ALA A 94 -10.38 8.50 -0.96
C ALA A 94 -9.72 7.40 -0.13
N PHE A 95 -8.49 7.08 -0.41
CA PHE A 95 -7.79 6.02 0.35
C PHE A 95 -7.06 6.66 1.54
N GLU A 96 -7.64 7.67 2.13
CA GLU A 96 -6.98 8.34 3.28
C GLU A 96 -7.27 7.56 4.57
N GLN A 97 -7.20 6.27 4.53
CA GLN A 97 -7.48 5.46 5.75
C GLN A 97 -6.16 5.00 6.37
N GLY A 98 -5.90 5.36 7.59
CA GLY A 98 -4.63 4.94 8.25
C GLY A 98 -4.93 3.95 9.36
N SER A 99 -6.16 3.53 9.49
CA SER A 99 -6.51 2.55 10.56
C SER A 99 -6.58 1.15 9.96
N ALA A 100 -5.44 0.53 9.72
CA ALA A 100 -5.45 -0.83 9.14
C ALA A 100 -4.82 -1.81 10.13
N PRO A 101 -5.59 -2.26 11.09
CA PRO A 101 -5.11 -3.22 12.13
C PRO A 101 -4.44 -4.46 11.52
N LEU A 102 -3.41 -4.95 12.15
CA LEU A 102 -2.72 -6.15 11.60
C LEU A 102 -2.25 -7.04 12.76
N THR A 103 -2.11 -8.31 12.52
CA THR A 103 -1.65 -9.22 13.61
C THR A 103 -0.19 -9.60 13.39
N GLY A 104 0.26 -10.64 14.02
CA GLY A 104 1.69 -11.06 13.84
C GLY A 104 1.77 -12.25 12.89
N GLU A 105 0.65 -12.82 12.56
CA GLU A 105 0.65 -13.99 11.62
C GLU A 105 0.30 -13.51 10.22
N PRO A 106 1.02 -13.94 9.23
CA PRO A 106 0.77 -13.54 7.81
C PRO A 106 -0.73 -13.42 7.51
N ALA A 107 -1.18 -12.24 7.17
CA ALA A 107 -2.63 -12.06 6.86
C ALA A 107 -2.81 -10.91 5.87
N THR A 108 -3.65 -11.08 4.90
CA THR A 108 -3.88 -9.99 3.89
C THR A 108 -5.02 -9.10 4.36
N ARG A 109 -5.01 -7.86 3.95
CA ARG A 109 -6.12 -6.95 4.34
C ARG A 109 -6.64 -6.27 3.07
N GLU A 110 -7.93 -6.14 2.96
CA GLU A 110 -8.48 -5.50 1.73
C GLU A 110 -9.30 -4.26 2.08
N TYR A 111 -8.89 -3.13 1.59
CA TYR A 111 -9.65 -1.88 1.88
C TYR A 111 -10.21 -1.34 0.57
N ALA A 112 -11.51 -1.25 0.46
CA ALA A 112 -12.11 -0.75 -0.81
C ALA A 112 -12.67 0.66 -0.60
N PHE A 113 -12.62 1.48 -1.60
CA PHE A 113 -13.16 2.87 -1.48
C PHE A 113 -14.09 3.16 -2.64
N THR A 114 -14.90 4.18 -2.52
CA THR A 114 -15.85 4.51 -3.62
C THR A 114 -15.26 5.63 -4.48
N SER A 115 -14.77 5.31 -5.64
CA SER A 115 -14.19 6.35 -6.53
C SER A 115 -15.01 7.63 -6.41
N ASN A 116 -14.50 8.62 -5.72
CA ASN A 116 -15.25 9.88 -5.56
C ASN A 116 -14.62 10.97 -6.43
N LEU A 117 -13.77 10.59 -7.35
CA LEU A 117 -13.12 11.59 -8.23
C LEU A 117 -12.41 10.89 -9.38
N THR A 118 -11.92 11.62 -10.34
CA THR A 118 -11.21 10.98 -11.49
C THR A 118 -9.70 10.98 -11.22
N PHE A 119 -9.12 9.82 -11.08
CA PHE A 119 -7.65 9.75 -10.82
C PHE A 119 -6.96 9.16 -12.06
N PRO A 120 -6.48 10.01 -12.93
CA PRO A 120 -5.78 9.56 -14.17
C PRO A 120 -4.32 9.17 -13.91
N PRO A 121 -3.75 8.38 -14.77
CA PRO A 121 -2.33 7.93 -14.64
C PRO A 121 -1.35 8.99 -15.12
N ASP A 122 -1.76 9.83 -16.04
CA ASP A 122 -0.85 10.89 -16.55
C ASP A 122 -1.32 12.26 -16.06
N GLY A 123 -0.85 13.31 -16.67
CA GLY A 123 -1.28 14.67 -16.24
C GLY A 123 -0.76 14.95 -14.83
N ASP A 124 -0.85 16.17 -14.38
CA ASP A 124 -0.36 16.50 -13.01
C ASP A 124 -1.27 15.84 -11.97
N ALA A 125 -1.61 14.60 -12.17
CA ALA A 125 -2.50 13.91 -11.19
C ALA A 125 -2.42 12.39 -11.40
N PRO A 126 -1.22 11.86 -11.36
CA PRO A 126 -0.99 10.40 -11.55
C PRO A 126 -1.43 9.57 -10.35
N GLY A 127 -0.91 8.40 -10.20
CA GLY A 127 -1.31 7.54 -9.04
C GLY A 127 -0.43 7.87 -7.83
N GLN A 128 -0.90 7.59 -6.64
CA GLN A 128 -0.10 7.89 -5.44
C GLN A 128 -0.27 6.78 -4.40
N VAL A 129 0.77 6.05 -4.12
CA VAL A 129 0.67 4.95 -3.11
C VAL A 129 1.83 5.08 -2.13
N ALA A 130 1.55 5.07 -0.86
CA ALA A 130 2.65 5.20 0.13
C ALA A 130 2.21 4.61 1.48
N PHE A 131 2.84 3.55 1.91
CA PHE A 131 2.47 2.94 3.22
C PHE A 131 3.36 3.55 4.32
N HIS A 132 2.78 4.20 5.27
CA HIS A 132 3.60 4.81 6.36
C HIS A 132 3.47 3.98 7.64
N LEU A 133 4.57 3.58 8.21
CA LEU A 133 4.52 2.77 9.46
C LEU A 133 5.43 3.40 10.52
N GLY A 134 6.53 3.97 10.11
CA GLY A 134 7.45 4.60 11.10
C GLY A 134 6.65 5.22 12.24
N LYS A 135 6.97 4.88 13.45
CA LYS A 135 6.22 5.45 14.61
C LYS A 135 6.98 5.16 15.91
N ALA A 136 7.18 6.16 16.73
CA ALA A 136 7.90 5.92 18.01
C ALA A 136 7.41 4.61 18.60
N GLY A 137 6.26 4.17 18.15
CA GLY A 137 5.69 2.89 18.66
C GLY A 137 5.41 1.97 17.47
N ALA A 138 5.99 2.26 16.34
CA ALA A 138 5.76 1.42 15.12
C ALA A 138 6.02 -0.06 15.45
N TYR A 139 6.41 -0.82 14.46
CA TYR A 139 6.66 -2.26 14.71
C TYR A 139 7.30 -2.89 13.46
N GLU A 140 7.26 -4.19 13.34
CA GLU A 140 7.87 -4.86 12.15
C GLU A 140 6.80 -5.05 11.08
N PHE A 141 7.17 -4.90 9.83
CA PHE A 141 6.18 -5.08 8.72
C PHE A 141 6.77 -6.06 7.69
N CYS A 142 6.25 -7.26 7.63
CA CYS A 142 6.81 -8.25 6.67
C CYS A 142 5.80 -8.54 5.55
N ILE A 143 6.01 -7.98 4.39
CA ILE A 143 5.10 -8.24 3.24
C ILE A 143 5.91 -8.84 2.10
N SER A 144 5.31 -9.74 1.38
CA SER A 144 6.04 -10.42 0.27
C SER A 144 5.30 -10.19 -1.05
N GLN A 145 4.12 -9.65 -0.99
CA GLN A 145 3.38 -9.42 -2.26
C GLN A 145 2.14 -8.53 -2.03
N VAL A 146 1.45 -8.21 -3.10
CA VAL A 146 0.24 -7.36 -2.97
C VAL A 146 -0.50 -7.34 -4.31
N SER A 147 -1.76 -7.01 -4.31
CA SER A 147 -2.52 -6.99 -5.60
C SER A 147 -3.61 -5.91 -5.52
N LEU A 148 -4.08 -5.46 -6.65
CA LEU A 148 -5.14 -4.41 -6.66
C LEU A 148 -6.10 -4.67 -7.82
N THR A 149 -7.31 -4.20 -7.71
CA THR A 149 -8.30 -4.43 -8.80
C THR A 149 -9.69 -4.02 -8.33
N THR A 150 -10.71 -4.40 -9.05
CA THR A 150 -12.10 -4.03 -8.65
C THR A 150 -12.95 -5.29 -8.57
N SER A 151 -14.02 -5.35 -9.32
CA SER A 151 -14.90 -6.55 -9.28
C SER A 151 -16.10 -6.33 -10.20
N ALA A 152 -16.76 -7.39 -10.59
CA ALA A 152 -17.95 -7.23 -11.49
C ALA A 152 -19.19 -6.94 -10.65
N THR A 153 -19.54 -5.70 -10.49
CA THR A 153 -20.73 -5.34 -9.69
C THR A 153 -21.69 -4.50 -10.53
N ALA A 1 -19.20 -10.17 -16.95
CA ALA A 1 -18.76 -8.77 -16.69
C ALA A 1 -17.56 -8.78 -15.75
N SER A 2 -17.41 -7.76 -14.95
CA SER A 2 -16.25 -7.72 -14.01
C SER A 2 -16.28 -8.96 -13.11
N LEU A 3 -15.97 -8.79 -11.85
CA LEU A 3 -15.98 -9.96 -10.93
C LEU A 3 -15.43 -11.19 -11.65
N ASP A 4 -15.72 -12.35 -11.15
CA ASP A 4 -15.21 -13.60 -11.81
C ASP A 4 -13.75 -13.39 -12.22
N SER A 5 -13.09 -12.43 -11.64
CA SER A 5 -11.67 -12.19 -12.00
C SER A 5 -11.10 -11.07 -11.11
N GLU A 6 -10.08 -10.40 -11.57
CA GLU A 6 -9.49 -9.30 -10.75
C GLU A 6 -8.45 -8.54 -11.58
N VAL A 7 -8.89 -7.53 -12.29
CA VAL A 7 -7.93 -6.75 -13.12
C VAL A 7 -6.63 -6.50 -12.33
N GLU A 8 -5.51 -6.56 -12.98
CA GLU A 8 -4.22 -6.33 -12.26
C GLU A 8 -3.44 -5.22 -12.95
N LEU A 9 -3.71 -3.98 -12.61
CA LEU A 9 -2.97 -2.86 -13.25
C LEU A 9 -1.48 -2.98 -12.94
N LEU A 10 -1.14 -3.49 -11.79
CA LEU A 10 0.30 -3.64 -11.43
C LEU A 10 0.65 -5.13 -11.45
N PRO A 11 1.18 -5.61 -12.55
CA PRO A 11 1.55 -7.04 -12.68
C PRO A 11 2.79 -7.39 -11.85
N HIS A 12 2.81 -7.01 -10.61
CA HIS A 12 3.98 -7.32 -9.75
C HIS A 12 3.54 -7.41 -8.29
N THR A 13 3.91 -8.46 -7.61
CA THR A 13 3.51 -8.60 -6.18
C THR A 13 4.30 -9.75 -5.54
N SER A 14 5.60 -9.67 -5.57
CA SER A 14 6.42 -10.75 -4.97
C SER A 14 7.75 -10.17 -4.49
N PHE A 15 7.72 -9.35 -3.48
CA PHE A 15 8.99 -8.75 -2.96
C PHE A 15 9.88 -9.88 -2.43
N ALA A 16 9.92 -10.99 -3.11
CA ALA A 16 10.78 -12.12 -2.65
C ALA A 16 12.20 -11.96 -3.19
N GLU A 17 12.34 -11.48 -4.39
CA GLU A 17 13.70 -11.30 -4.97
C GLU A 17 14.01 -9.82 -5.11
N SER A 18 13.21 -9.10 -5.84
CA SER A 18 13.46 -7.64 -6.01
C SER A 18 12.20 -6.86 -5.67
N LEU A 19 12.35 -5.71 -5.07
CA LEU A 19 11.15 -4.89 -4.71
C LEU A 19 10.31 -4.65 -5.95
N GLY A 20 10.86 -4.87 -7.12
CA GLY A 20 10.09 -4.64 -8.37
C GLY A 20 10.14 -3.16 -8.75
N PRO A 21 9.15 -2.69 -9.46
CA PRO A 21 9.09 -1.28 -9.90
C PRO A 21 8.61 -0.35 -8.78
N TRP A 22 8.12 -0.90 -7.70
CA TRP A 22 7.65 -0.05 -6.58
C TRP A 22 8.84 0.69 -5.98
N SER A 23 8.68 1.21 -4.79
CA SER A 23 9.80 1.96 -4.15
C SER A 23 9.61 1.96 -2.63
N LEU A 24 10.63 2.28 -1.89
CA LEU A 24 10.52 2.29 -0.41
C LEU A 24 11.74 2.96 0.21
N TYR A 25 11.62 3.41 1.43
CA TYR A 25 12.78 4.08 2.09
C TYR A 25 12.31 4.80 3.36
N GLY A 26 13.22 5.39 4.08
CA GLY A 26 12.82 6.12 5.33
C GLY A 26 12.93 5.19 6.52
N THR A 27 12.86 3.90 6.30
CA THR A 27 12.96 2.95 7.45
C THR A 27 14.30 2.20 7.38
N SER A 28 14.30 0.94 7.71
CA SER A 28 15.57 0.16 7.66
C SER A 28 15.69 -0.49 6.28
N GLU A 29 16.81 -0.35 5.64
CA GLU A 29 16.98 -0.97 4.29
C GLU A 29 16.25 -2.31 4.26
N PRO A 30 15.08 -2.35 3.69
CA PRO A 30 14.27 -3.60 3.61
C PRO A 30 15.12 -4.79 3.15
N VAL A 31 14.74 -5.98 3.51
CA VAL A 31 15.55 -7.17 3.09
C VAL A 31 14.63 -8.31 2.67
N PHE A 32 14.70 -8.69 1.41
CA PHE A 32 13.86 -9.81 0.91
C PHE A 32 14.46 -11.13 1.38
N ALA A 33 14.14 -11.55 2.58
CA ALA A 33 14.70 -12.82 3.10
C ALA A 33 13.94 -14.01 2.51
N ASP A 34 13.33 -14.81 3.35
CA ASP A 34 12.58 -16.00 2.85
C ASP A 34 11.50 -15.57 1.85
N GLY A 35 11.89 -15.01 0.74
CA GLY A 35 10.88 -14.56 -0.27
C GLY A 35 10.02 -13.45 0.33
N ARG A 36 10.37 -12.96 1.48
CA ARG A 36 9.56 -11.86 2.10
C ARG A 36 10.48 -10.69 2.45
N MET A 37 9.98 -9.48 2.31
CA MET A 37 10.81 -8.30 2.65
C MET A 37 10.27 -7.65 3.92
N CYS A 38 11.12 -7.37 4.86
CA CYS A 38 10.64 -6.75 6.13
C CYS A 38 11.44 -5.50 6.45
N VAL A 39 10.84 -4.58 7.17
CA VAL A 39 11.55 -3.33 7.55
C VAL A 39 11.54 -3.22 9.08
N ASP A 40 12.38 -2.39 9.63
CA ASP A 40 12.40 -2.27 11.13
C ASP A 40 11.80 -0.92 11.55
N LEU A 41 10.58 -0.93 12.02
CA LEU A 41 9.94 0.33 12.47
C LEU A 41 9.43 0.16 13.90
N PRO A 42 10.26 -0.36 14.77
CA PRO A 42 9.90 -0.58 16.20
C PRO A 42 9.05 0.56 16.77
N GLY A 43 9.65 1.71 16.99
CA GLY A 43 8.87 2.85 17.55
C GLY A 43 9.85 3.95 18.00
N GLY A 44 10.37 4.70 17.08
CA GLY A 44 11.32 5.79 17.46
C GLY A 44 11.46 6.77 16.28
N GLN A 45 10.45 6.90 15.48
CA GLN A 45 10.53 7.84 14.33
C GLN A 45 9.81 9.14 14.68
N GLY A 46 10.33 10.26 14.21
CA GLY A 46 9.68 11.56 14.52
C GLY A 46 8.43 11.73 13.66
N ASN A 47 8.60 11.84 12.36
CA ASN A 47 7.42 12.01 11.47
C ASN A 47 7.08 10.66 10.82
N PRO A 48 5.86 10.51 10.40
CA PRO A 48 5.37 9.25 9.76
C PRO A 48 5.92 9.08 8.34
N TRP A 49 6.11 10.16 7.64
CA TRP A 49 6.65 10.06 6.24
C TRP A 49 8.13 9.72 6.30
N ASP A 50 8.59 9.16 7.39
CA ASP A 50 10.03 8.80 7.49
C ASP A 50 10.19 7.29 7.30
N ALA A 51 9.30 6.68 6.57
CA ALA A 51 9.40 5.21 6.35
C ALA A 51 8.10 4.70 5.71
N GLY A 52 8.20 3.96 4.65
CA GLY A 52 6.96 3.44 3.99
C GLY A 52 7.27 3.07 2.54
N LEU A 53 6.41 2.30 1.93
CA LEU A 53 6.64 1.91 0.51
C LEU A 53 5.96 2.92 -0.41
N VAL A 54 5.88 2.62 -1.69
CA VAL A 54 5.23 3.56 -2.63
C VAL A 54 5.13 2.94 -4.02
N TYR A 55 4.33 3.51 -4.87
CA TYR A 55 4.18 2.97 -6.24
C TYR A 55 3.07 3.73 -6.98
N ASN A 56 3.26 4.00 -8.24
CA ASN A 56 2.22 4.75 -9.01
C ASN A 56 1.44 3.77 -9.89
N GLY A 57 0.52 4.25 -10.67
CA GLY A 57 -0.27 3.36 -11.55
C GLY A 57 -1.51 2.86 -10.80
N VAL A 58 -2.38 3.77 -10.42
CA VAL A 58 -3.62 3.36 -9.68
C VAL A 58 -4.72 4.38 -9.94
N PRO A 59 -5.09 4.54 -11.19
CA PRO A 59 -6.16 5.51 -11.59
C PRO A 59 -7.40 5.39 -10.71
N VAL A 60 -8.09 6.47 -10.48
CA VAL A 60 -9.32 6.42 -9.62
C VAL A 60 -10.48 7.04 -10.39
N GLY A 61 -11.24 6.23 -11.09
CA GLY A 61 -12.40 6.77 -11.86
C GLY A 61 -13.61 6.88 -10.93
N GLU A 62 -14.03 8.07 -10.62
CA GLU A 62 -15.21 8.24 -9.73
C GLU A 62 -16.39 7.46 -10.30
N GLY A 63 -16.96 6.57 -9.53
CA GLY A 63 -18.12 5.78 -10.03
C GLY A 63 -17.93 4.29 -9.67
N GLU A 64 -16.75 3.78 -9.88
CA GLU A 64 -16.50 2.34 -9.56
C GLU A 64 -15.79 2.24 -8.20
N SER A 65 -15.50 1.04 -7.78
CA SER A 65 -14.80 0.86 -6.46
C SER A 65 -13.58 -0.02 -6.66
N TYR A 66 -12.48 0.32 -6.04
CA TYR A 66 -11.25 -0.50 -6.19
C TYR A 66 -11.06 -1.38 -4.95
N VAL A 67 -10.02 -2.17 -4.93
CA VAL A 67 -9.78 -3.06 -3.76
C VAL A 67 -8.28 -3.33 -3.63
N LEU A 68 -7.76 -3.38 -2.43
CA LEU A 68 -6.30 -3.63 -2.27
C LEU A 68 -6.08 -4.79 -1.29
N SER A 69 -5.58 -5.89 -1.76
CA SER A 69 -5.31 -7.05 -0.86
C SER A 69 -3.81 -7.19 -0.67
N PHE A 70 -3.26 -6.58 0.35
CA PHE A 70 -1.79 -6.66 0.56
C PHE A 70 -1.44 -7.81 1.52
N THR A 71 -0.29 -8.41 1.31
CA THR A 71 0.16 -9.52 2.19
C THR A 71 1.13 -8.94 3.23
N ALA A 72 0.72 -8.77 4.45
CA ALA A 72 1.65 -8.20 5.46
C ALA A 72 1.32 -8.70 6.86
N SER A 73 2.26 -8.63 7.76
CA SER A 73 2.02 -9.08 9.16
C SER A 73 2.67 -8.07 10.12
N ALA A 74 1.92 -7.53 11.03
CA ALA A 74 2.50 -6.53 11.98
C ALA A 74 3.12 -7.26 13.17
N THR A 75 4.34 -6.94 13.49
CA THR A 75 5.01 -7.62 14.65
C THR A 75 5.67 -6.56 15.54
N PRO A 76 5.23 -6.40 16.77
CA PRO A 76 4.12 -7.19 17.38
C PRO A 76 2.77 -6.91 16.71
N ASP A 77 1.72 -6.87 17.48
CA ASP A 77 0.37 -6.60 16.88
C ASP A 77 0.05 -5.11 17.01
N MET A 78 -0.74 -4.59 16.11
CA MET A 78 -1.10 -3.15 16.16
C MET A 78 -1.60 -2.69 14.79
N PRO A 79 -2.28 -1.58 14.75
CA PRO A 79 -2.83 -1.01 13.49
C PRO A 79 -1.76 -0.34 12.63
N VAL A 80 -1.81 -0.54 11.34
CA VAL A 80 -0.80 0.09 10.44
C VAL A 80 -1.43 1.27 9.70
N ARG A 81 -0.64 2.05 9.03
CA ARG A 81 -1.20 3.22 8.30
C ARG A 81 -1.09 2.96 6.78
N VAL A 82 -2.02 3.48 6.02
CA VAL A 82 -1.97 3.27 4.55
C VAL A 82 -2.65 4.46 3.85
N LEU A 83 -2.21 4.79 2.67
CA LEU A 83 -2.83 5.93 1.95
C LEU A 83 -2.67 5.73 0.44
N VAL A 84 -3.63 6.16 -0.34
CA VAL A 84 -3.53 6.00 -1.82
C VAL A 84 -4.36 7.08 -2.51
N GLY A 85 -3.95 7.49 -3.69
CA GLY A 85 -4.71 8.53 -4.41
C GLY A 85 -3.82 9.17 -5.48
N GLU A 86 -3.93 10.45 -5.67
CA GLU A 86 -3.08 11.13 -6.70
C GLU A 86 -1.76 11.58 -6.06
N GLY A 87 -1.10 12.54 -6.66
CA GLY A 87 0.19 13.02 -6.09
C GLY A 87 0.58 14.34 -6.76
N GLY A 88 -0.15 15.39 -6.51
CA GLY A 88 0.18 16.70 -7.12
C GLY A 88 -0.94 17.71 -6.84
N GLY A 89 -0.67 18.66 -6.00
CA GLY A 89 -1.72 19.68 -5.67
C GLY A 89 -2.99 18.97 -5.20
N ALA A 90 -3.90 19.69 -4.59
CA ALA A 90 -5.15 19.06 -4.10
C ALA A 90 -4.81 18.01 -3.04
N TYR A 91 -3.82 17.19 -3.29
CA TYR A 91 -3.45 16.15 -2.28
C TYR A 91 -4.71 15.48 -1.74
N ARG A 92 -5.84 15.74 -2.35
CA ARG A 92 -7.11 15.12 -1.87
C ARG A 92 -7.16 13.66 -2.31
N THR A 93 -7.12 12.74 -1.37
CA THR A 93 -7.18 11.30 -1.75
C THR A 93 -8.42 10.65 -1.14
N ALA A 94 -8.77 9.50 -1.62
CA ALA A 94 -9.96 8.79 -1.07
C ALA A 94 -9.50 7.56 -0.29
N PHE A 95 -8.31 7.10 -0.57
CA PHE A 95 -7.79 5.90 0.17
C PHE A 95 -7.05 6.36 1.41
N GLU A 96 -7.50 7.40 2.05
CA GLU A 96 -6.80 7.88 3.27
C GLU A 96 -7.22 7.05 4.47
N GLN A 97 -7.05 5.76 4.40
CA GLN A 97 -7.44 4.89 5.54
C GLN A 97 -6.17 4.38 6.25
N GLY A 98 -6.07 4.61 7.53
CA GLY A 98 -4.86 4.15 8.27
C GLY A 98 -5.28 3.13 9.34
N SER A 99 -6.54 2.79 9.39
CA SER A 99 -7.01 1.81 10.40
C SER A 99 -6.89 0.40 9.84
N ALA A 100 -5.70 -0.11 9.71
CA ALA A 100 -5.53 -1.49 9.16
C ALA A 100 -4.92 -2.40 10.23
N PRO A 101 -5.75 -3.09 10.98
CA PRO A 101 -5.29 -4.01 12.05
C PRO A 101 -4.52 -5.21 11.51
N LEU A 102 -3.27 -5.33 11.87
CA LEU A 102 -2.45 -6.49 11.38
C LEU A 102 -2.00 -7.33 12.57
N THR A 103 -1.78 -8.60 12.36
CA THR A 103 -1.35 -9.48 13.48
C THR A 103 0.14 -9.80 13.34
N GLY A 104 0.60 -10.82 14.00
CA GLY A 104 2.05 -11.19 13.92
C GLY A 104 2.26 -12.21 12.81
N GLU A 105 1.23 -12.94 12.44
CA GLU A 105 1.38 -13.96 11.37
C GLU A 105 0.85 -13.40 10.06
N PRO A 106 1.40 -13.83 8.95
CA PRO A 106 0.98 -13.37 7.60
C PRO A 106 -0.54 -13.22 7.49
N ALA A 107 -1.01 -12.04 7.22
CA ALA A 107 -2.48 -11.84 7.10
C ALA A 107 -2.78 -10.80 6.02
N THR A 108 -3.61 -11.15 5.07
CA THR A 108 -3.94 -10.18 3.99
C THR A 108 -5.17 -9.37 4.37
N ARG A 109 -5.28 -8.17 3.87
CA ARG A 109 -6.48 -7.35 4.19
C ARG A 109 -6.97 -6.69 2.91
N GLU A 110 -8.25 -6.66 2.70
CA GLU A 110 -8.80 -6.06 1.45
C GLU A 110 -9.67 -4.86 1.78
N TYR A 111 -9.24 -3.69 1.43
CA TYR A 111 -10.06 -2.47 1.70
C TYR A 111 -10.58 -1.93 0.37
N ALA A 112 -11.88 -1.90 0.19
CA ALA A 112 -12.44 -1.41 -1.10
C ALA A 112 -13.08 -0.03 -0.87
N PHE A 113 -12.92 0.86 -1.80
CA PHE A 113 -13.52 2.22 -1.64
C PHE A 113 -14.37 2.54 -2.87
N THR A 114 -15.24 3.52 -2.76
CA THR A 114 -16.10 3.88 -3.92
C THR A 114 -15.50 5.09 -4.64
N SER A 115 -14.88 4.87 -5.76
CA SER A 115 -14.28 6.02 -6.51
C SER A 115 -15.20 7.23 -6.39
N ASN A 116 -14.78 8.24 -5.67
CA ASN A 116 -15.63 9.45 -5.52
C ASN A 116 -14.92 10.66 -6.16
N LEU A 117 -13.68 10.50 -6.52
CA LEU A 117 -12.94 11.63 -7.15
C LEU A 117 -12.26 11.15 -8.43
N THR A 118 -12.47 11.84 -9.52
CA THR A 118 -11.84 11.42 -10.80
C THR A 118 -10.35 11.79 -10.77
N PHE A 119 -9.49 10.80 -10.77
CA PHE A 119 -8.03 11.09 -10.75
C PHE A 119 -7.34 10.39 -11.93
N PRO A 120 -7.51 10.93 -13.11
CA PRO A 120 -6.91 10.34 -14.35
C PRO A 120 -5.40 10.13 -14.20
N PRO A 121 -4.82 9.40 -15.12
CA PRO A 121 -3.36 9.10 -15.10
C PRO A 121 -2.53 10.26 -15.67
N ASP A 122 -3.13 11.08 -16.49
CA ASP A 122 -2.39 12.23 -17.09
C ASP A 122 -2.92 13.53 -16.50
N GLY A 123 -2.16 14.59 -16.60
CA GLY A 123 -2.64 15.90 -16.06
C GLY A 123 -1.95 16.18 -14.73
N ASP A 124 -2.68 16.65 -13.75
CA ASP A 124 -2.06 16.95 -12.42
C ASP A 124 -1.00 15.89 -12.11
N ALA A 125 -1.40 14.74 -11.65
CA ALA A 125 -0.42 13.68 -11.32
C ALA A 125 -1.05 12.31 -11.56
N PRO A 126 -0.26 11.33 -11.91
CA PRO A 126 -0.74 9.95 -12.17
C PRO A 126 -1.16 9.23 -10.89
N GLY A 127 -1.18 7.92 -10.91
CA GLY A 127 -1.58 7.16 -9.69
C GLY A 127 -0.61 7.47 -8.55
N GLN A 128 -0.94 7.08 -7.35
CA GLN A 128 -0.03 7.35 -6.20
C GLN A 128 -0.30 6.34 -5.08
N VAL A 129 0.73 5.76 -4.54
CA VAL A 129 0.54 4.77 -3.44
C VAL A 129 1.61 5.00 -2.38
N ALA A 130 1.34 4.69 -1.15
CA ALA A 130 2.37 4.91 -0.09
C ALA A 130 1.96 4.19 1.19
N PHE A 131 2.69 3.18 1.57
CA PHE A 131 2.37 2.44 2.82
C PHE A 131 3.02 3.16 4.00
N HIS A 132 2.23 3.73 4.88
CA HIS A 132 2.82 4.46 6.04
C HIS A 132 2.78 3.57 7.28
N LEU A 133 3.92 3.28 7.86
CA LEU A 133 3.95 2.43 9.08
C LEU A 133 4.99 2.99 10.05
N GLY A 134 5.57 4.11 9.74
CA GLY A 134 6.59 4.71 10.65
C GLY A 134 5.89 5.44 11.79
N LYS A 135 6.16 5.08 13.01
CA LYS A 135 5.50 5.75 14.16
C LYS A 135 6.25 5.43 15.45
N ALA A 136 6.49 6.41 16.28
CA ALA A 136 7.20 6.15 17.55
C ALA A 136 6.64 4.87 18.17
N GLY A 137 5.52 4.42 17.67
CA GLY A 137 4.90 3.18 18.21
C GLY A 137 4.77 2.16 17.08
N ALA A 138 5.28 2.47 15.92
CA ALA A 138 5.18 1.51 14.77
C ALA A 138 5.70 0.14 15.20
N TYR A 139 6.12 -0.68 14.26
CA TYR A 139 6.61 -2.04 14.62
C TYR A 139 7.25 -2.68 13.38
N GLU A 140 7.40 -3.98 13.38
CA GLU A 140 8.02 -4.66 12.21
C GLU A 140 6.97 -4.82 11.11
N PHE A 141 7.36 -4.69 9.87
CA PHE A 141 6.40 -4.84 8.75
C PHE A 141 6.93 -5.88 7.75
N CYS A 142 6.32 -7.02 7.68
CA CYS A 142 6.80 -8.07 6.74
C CYS A 142 5.84 -8.24 5.56
N ILE A 143 6.18 -7.74 4.42
CA ILE A 143 5.31 -7.88 3.23
C ILE A 143 6.07 -8.64 2.14
N SER A 144 5.38 -9.47 1.43
CA SER A 144 6.05 -10.25 0.34
C SER A 144 5.16 -10.28 -0.90
N GLN A 145 3.99 -9.73 -0.81
CA GLN A 145 3.07 -9.74 -1.98
C GLN A 145 2.09 -8.58 -1.90
N VAL A 146 1.51 -8.21 -3.02
CA VAL A 146 0.53 -7.08 -3.03
C VAL A 146 -0.59 -7.41 -4.01
N SER A 147 -1.77 -6.87 -3.79
CA SER A 147 -2.89 -7.16 -4.72
C SER A 147 -3.49 -5.85 -5.23
N LEU A 148 -3.63 -5.71 -6.53
CA LEU A 148 -4.20 -4.45 -7.09
C LEU A 148 -5.31 -4.82 -8.08
N THR A 149 -6.53 -4.52 -7.75
CA THR A 149 -7.65 -4.85 -8.69
C THR A 149 -8.89 -4.02 -8.32
N THR A 150 -10.00 -4.30 -8.93
CA THR A 150 -11.24 -3.54 -8.64
C THR A 150 -12.47 -4.37 -8.99
N SER A 151 -13.31 -3.86 -9.85
CA SER A 151 -14.53 -4.64 -10.23
C SER A 151 -15.07 -4.10 -11.56
N ALA A 152 -14.28 -4.10 -12.59
CA ALA A 152 -14.75 -3.58 -13.90
C ALA A 152 -14.03 -4.32 -15.03
N THR A 153 -14.13 -3.82 -16.23
CA THR A 153 -13.44 -4.49 -17.38
C THR A 153 -13.05 -3.45 -18.43
N ALA A 1 -15.72 -3.26 -15.26
CA ALA A 1 -16.40 -2.48 -14.18
C ALA A 1 -16.90 -3.45 -13.10
N SER A 2 -17.64 -4.45 -13.49
CA SER A 2 -18.16 -5.42 -12.48
C SER A 2 -18.10 -6.84 -13.06
N LEU A 3 -16.93 -7.39 -13.20
CA LEU A 3 -16.80 -8.76 -13.76
C LEU A 3 -15.94 -9.62 -12.83
N ASP A 4 -15.62 -10.81 -13.24
CA ASP A 4 -14.78 -11.70 -12.38
C ASP A 4 -13.31 -11.46 -12.69
N SER A 5 -12.52 -12.50 -12.72
CA SER A 5 -11.07 -12.33 -13.02
C SER A 5 -10.47 -11.27 -12.09
N GLU A 6 -9.25 -10.88 -12.32
CA GLU A 6 -8.62 -9.85 -11.44
C GLU A 6 -7.66 -9.00 -12.27
N VAL A 7 -8.06 -7.80 -12.61
CA VAL A 7 -7.17 -6.92 -13.41
C VAL A 7 -6.07 -6.34 -12.51
N GLU A 8 -4.91 -6.93 -12.50
CA GLU A 8 -3.81 -6.41 -11.64
C GLU A 8 -3.07 -5.31 -12.39
N LEU A 9 -3.57 -4.11 -12.37
CA LEU A 9 -2.89 -2.99 -13.08
C LEU A 9 -1.39 -3.05 -12.79
N LEU A 10 -1.00 -3.72 -11.74
CA LEU A 10 0.44 -3.82 -11.40
C LEU A 10 0.85 -5.29 -11.36
N PRO A 11 1.15 -5.84 -12.51
CA PRO A 11 1.56 -7.27 -12.64
C PRO A 11 2.82 -7.59 -11.83
N HIS A 12 3.13 -6.79 -10.85
CA HIS A 12 4.33 -7.05 -10.03
C HIS A 12 3.94 -7.28 -8.58
N THR A 13 3.86 -8.51 -8.16
CA THR A 13 3.46 -8.80 -6.75
C THR A 13 4.33 -9.95 -6.21
N SER A 14 5.62 -9.79 -6.26
CA SER A 14 6.52 -10.87 -5.74
C SER A 14 7.73 -10.25 -5.04
N PHE A 15 7.51 -9.51 -3.99
CA PHE A 15 8.65 -8.89 -3.26
C PHE A 15 9.48 -10.00 -2.62
N ALA A 16 9.58 -11.13 -3.26
CA ALA A 16 10.38 -12.25 -2.69
C ALA A 16 11.83 -12.16 -3.17
N GLU A 17 12.04 -11.73 -4.39
CA GLU A 17 13.44 -11.63 -4.90
C GLU A 17 13.82 -10.15 -5.04
N SER A 18 13.48 -9.54 -6.14
CA SER A 18 13.83 -8.11 -6.33
C SER A 18 12.66 -7.23 -5.90
N LEU A 19 12.94 -6.10 -5.31
CA LEU A 19 11.85 -5.20 -4.86
C LEU A 19 10.92 -4.88 -6.04
N GLY A 20 11.47 -4.40 -7.12
CA GLY A 20 10.62 -4.08 -8.30
C GLY A 20 10.59 -2.57 -8.52
N PRO A 21 9.66 -2.10 -9.30
CA PRO A 21 9.51 -0.64 -9.60
C PRO A 21 8.89 0.13 -8.44
N TRP A 22 8.49 -0.55 -7.40
CA TRP A 22 7.87 0.16 -6.24
C TRP A 22 8.93 1.03 -5.56
N SER A 23 8.57 1.70 -4.50
CA SER A 23 9.55 2.56 -3.78
C SER A 23 9.48 2.29 -2.29
N LEU A 24 10.44 2.78 -1.53
CA LEU A 24 10.42 2.53 -0.06
C LEU A 24 11.65 3.17 0.58
N TYR A 25 11.48 3.72 1.75
CA TYR A 25 12.63 4.37 2.45
C TYR A 25 12.17 4.90 3.80
N GLY A 26 13.09 5.40 4.60
CA GLY A 26 12.70 5.94 5.94
C GLY A 26 13.04 4.94 7.03
N THR A 27 12.98 3.66 6.74
CA THR A 27 13.30 2.65 7.79
C THR A 27 14.62 1.97 7.45
N SER A 28 14.70 0.69 7.70
CA SER A 28 15.95 -0.06 7.40
C SER A 28 15.87 -0.63 5.99
N GLU A 29 16.90 -0.47 5.21
CA GLU A 29 16.87 -1.01 3.83
C GLU A 29 16.15 -2.36 3.84
N PRO A 30 14.94 -2.42 3.32
CA PRO A 30 14.15 -3.68 3.29
C PRO A 30 15.00 -4.87 2.82
N VAL A 31 14.70 -6.05 3.28
CA VAL A 31 15.50 -7.23 2.84
C VAL A 31 14.58 -8.41 2.53
N PHE A 32 14.65 -8.93 1.33
CA PHE A 32 13.79 -10.09 0.95
C PHE A 32 14.38 -11.37 1.55
N ALA A 33 13.67 -11.99 2.46
CA ALA A 33 14.19 -13.23 3.09
C ALA A 33 13.92 -14.43 2.17
N ASP A 34 13.54 -15.54 2.73
CA ASP A 34 13.26 -16.74 1.89
C ASP A 34 12.12 -16.46 0.92
N GLY A 35 11.75 -15.22 0.75
CA GLY A 35 10.64 -14.89 -0.19
C GLY A 35 9.82 -13.73 0.35
N ARG A 36 10.12 -13.26 1.54
CA ARG A 36 9.34 -12.14 2.11
C ARG A 36 10.29 -10.97 2.43
N MET A 37 9.80 -9.77 2.40
CA MET A 37 10.66 -8.60 2.71
C MET A 37 10.15 -7.90 3.97
N CYS A 38 11.03 -7.57 4.87
CA CYS A 38 10.58 -6.89 6.12
C CYS A 38 11.41 -5.63 6.37
N VAL A 39 10.86 -4.69 7.07
CA VAL A 39 11.62 -3.43 7.37
C VAL A 39 11.65 -3.24 8.88
N ASP A 40 12.76 -2.78 9.41
CA ASP A 40 12.85 -2.58 10.88
C ASP A 40 12.16 -1.26 11.26
N LEU A 41 11.03 -1.32 11.91
CA LEU A 41 10.32 -0.08 12.31
C LEU A 41 10.26 0.00 13.83
N PRO A 42 11.35 0.35 14.46
CA PRO A 42 11.42 0.46 15.95
C PRO A 42 10.79 1.76 16.46
N GLY A 43 11.45 2.87 16.27
CA GLY A 43 10.89 4.17 16.74
C GLY A 43 11.78 5.31 16.27
N GLY A 44 11.72 6.44 16.93
CA GLY A 44 12.56 7.59 16.52
C GLY A 44 11.94 8.26 15.30
N GLN A 45 10.89 7.72 14.77
CA GLN A 45 10.25 8.32 13.57
C GLN A 45 9.02 9.13 14.01
N GLY A 46 9.23 10.20 14.72
CA GLY A 46 8.09 11.04 15.18
C GLY A 46 7.35 11.61 13.96
N ASN A 47 7.03 10.78 13.01
CA ASN A 47 6.32 11.28 11.81
C ASN A 47 5.83 10.09 10.97
N PRO A 48 4.65 9.61 11.25
CA PRO A 48 4.04 8.46 10.53
C PRO A 48 4.12 8.62 9.01
N TRP A 49 4.67 9.71 8.54
CA TRP A 49 4.76 9.91 7.07
C TRP A 49 6.23 10.14 6.68
N ASP A 50 7.13 9.49 7.36
CA ASP A 50 8.58 9.66 7.03
C ASP A 50 9.11 8.39 6.37
N ALA A 51 8.43 7.28 6.55
CA ALA A 51 8.92 6.02 5.94
C ALA A 51 7.73 5.22 5.40
N GLY A 52 7.99 4.10 4.78
CA GLY A 52 6.87 3.28 4.23
C GLY A 52 7.16 2.95 2.76
N LEU A 53 6.37 2.10 2.16
CA LEU A 53 6.60 1.75 0.73
C LEU A 53 5.83 2.72 -0.16
N VAL A 54 5.88 2.52 -1.45
CA VAL A 54 5.14 3.44 -2.36
C VAL A 54 5.01 2.81 -3.75
N TYR A 55 4.30 3.45 -4.63
CA TYR A 55 4.13 2.90 -6.01
C TYR A 55 3.19 3.80 -6.81
N ASN A 56 3.59 4.20 -7.98
CA ASN A 56 2.72 5.08 -8.80
C ASN A 56 2.23 4.31 -10.03
N GLY A 57 0.94 4.09 -10.12
CA GLY A 57 0.41 3.33 -11.29
C GLY A 57 -0.98 2.78 -10.94
N VAL A 58 -1.97 3.63 -10.84
CA VAL A 58 -3.33 3.16 -10.50
C VAL A 58 -4.33 4.31 -10.68
N PRO A 59 -4.96 4.37 -11.83
CA PRO A 59 -5.95 5.45 -12.12
C PRO A 59 -7.32 5.16 -11.49
N VAL A 60 -7.85 6.10 -10.76
CA VAL A 60 -9.17 5.87 -10.11
C VAL A 60 -10.26 6.56 -10.93
N GLY A 61 -11.36 5.89 -11.16
CA GLY A 61 -12.47 6.51 -11.95
C GLY A 61 -13.70 6.69 -11.04
N GLU A 62 -13.92 7.88 -10.58
CA GLU A 62 -15.10 8.12 -9.70
C GLU A 62 -16.28 7.24 -10.16
N GLY A 63 -17.06 6.75 -9.23
CA GLY A 63 -18.21 5.89 -9.62
C GLY A 63 -17.82 4.41 -9.50
N GLU A 64 -16.56 4.11 -9.63
CA GLU A 64 -16.12 2.70 -9.53
C GLU A 64 -15.44 2.46 -8.18
N SER A 65 -15.27 1.22 -7.81
CA SER A 65 -14.61 0.91 -6.50
C SER A 65 -13.36 0.07 -6.75
N TYR A 66 -12.32 0.32 -6.01
CA TYR A 66 -11.06 -0.46 -6.21
C TYR A 66 -10.85 -1.41 -5.03
N VAL A 67 -9.78 -2.16 -5.06
CA VAL A 67 -9.51 -3.11 -3.94
C VAL A 67 -7.99 -3.34 -3.83
N LEU A 68 -7.49 -3.51 -2.64
CA LEU A 68 -6.03 -3.73 -2.47
C LEU A 68 -5.79 -4.91 -1.54
N SER A 69 -5.18 -5.96 -2.03
CA SER A 69 -4.91 -7.15 -1.17
C SER A 69 -3.41 -7.23 -0.92
N PHE A 70 -2.94 -6.72 0.19
CA PHE A 70 -1.48 -6.77 0.46
C PHE A 70 -1.12 -8.00 1.29
N THR A 71 -0.03 -8.64 0.97
CA THR A 71 0.40 -9.84 1.75
C THR A 71 1.38 -9.41 2.83
N ALA A 72 0.96 -9.36 4.07
CA ALA A 72 1.92 -8.93 5.13
C ALA A 72 1.26 -9.04 6.51
N SER A 73 2.05 -8.90 7.54
CA SER A 73 1.51 -8.98 8.93
C SER A 73 2.25 -7.97 9.80
N ALA A 74 1.82 -7.78 11.01
CA ALA A 74 2.52 -6.80 11.90
C ALA A 74 3.02 -7.51 13.16
N THR A 75 4.24 -7.25 13.54
CA THR A 75 4.80 -7.89 14.76
C THR A 75 5.49 -6.83 15.63
N PRO A 76 5.00 -6.57 16.82
CA PRO A 76 3.80 -7.26 17.40
C PRO A 76 2.52 -6.92 16.64
N ASP A 77 1.43 -6.76 17.34
CA ASP A 77 0.15 -6.43 16.65
C ASP A 77 -0.15 -4.94 16.81
N MET A 78 -0.81 -4.36 15.85
CA MET A 78 -1.14 -2.90 15.95
C MET A 78 -1.65 -2.41 14.59
N PRO A 79 -2.46 -1.38 14.59
CA PRO A 79 -3.02 -0.79 13.33
C PRO A 79 -2.01 0.08 12.59
N VAL A 80 -2.26 0.38 11.35
CA VAL A 80 -1.32 1.22 10.58
C VAL A 80 -2.12 2.26 9.77
N ARG A 81 -1.44 3.08 9.00
CA ARG A 81 -2.17 4.10 8.20
C ARG A 81 -1.75 3.99 6.74
N VAL A 82 -2.67 3.68 5.87
CA VAL A 82 -2.33 3.57 4.42
C VAL A 82 -3.15 4.60 3.62
N LEU A 83 -2.64 5.04 2.51
CA LEU A 83 -3.39 6.04 1.70
C LEU A 83 -3.18 5.77 0.21
N VAL A 84 -4.09 6.21 -0.61
CA VAL A 84 -3.95 5.98 -2.08
C VAL A 84 -4.71 7.07 -2.83
N GLY A 85 -4.38 7.28 -4.08
CA GLY A 85 -5.09 8.32 -4.87
C GLY A 85 -4.11 8.98 -5.85
N GLU A 86 -4.25 10.26 -6.06
CA GLU A 86 -3.32 10.97 -6.99
C GLU A 86 -2.11 11.48 -6.22
N GLY A 87 -1.34 12.35 -6.81
CA GLY A 87 -0.15 12.89 -6.11
C GLY A 87 0.13 14.32 -6.58
N GLY A 88 -0.53 15.28 -6.00
CA GLY A 88 -0.31 16.70 -6.42
C GLY A 88 -0.07 17.56 -5.18
N GLY A 89 -0.36 18.83 -5.26
CA GLY A 89 -0.14 19.74 -4.10
C GLY A 89 -1.17 19.41 -3.02
N ALA A 90 -2.43 19.68 -3.27
CA ALA A 90 -3.47 19.39 -2.26
C ALA A 90 -3.58 17.87 -2.05
N TYR A 91 -2.75 17.11 -2.69
CA TYR A 91 -2.80 15.63 -2.54
C TYR A 91 -4.25 15.18 -2.43
N ARG A 92 -5.09 15.65 -3.32
CA ARG A 92 -6.52 15.24 -3.27
C ARG A 92 -6.64 13.74 -3.51
N THR A 93 -7.12 13.01 -2.55
CA THR A 93 -7.25 11.53 -2.73
C THR A 93 -8.58 11.05 -2.13
N ALA A 94 -8.89 9.80 -2.32
CA ALA A 94 -10.14 9.25 -1.76
C ALA A 94 -9.80 8.04 -0.88
N PHE A 95 -8.65 7.46 -1.08
CA PHE A 95 -8.25 6.28 -0.25
C PHE A 95 -7.51 6.77 0.99
N GLU A 96 -7.89 7.90 1.53
CA GLU A 96 -7.20 8.41 2.74
C GLU A 96 -7.82 7.79 3.99
N GLN A 97 -7.32 6.64 4.39
CA GLN A 97 -7.88 5.98 5.60
C GLN A 97 -6.88 6.08 6.74
N GLY A 98 -6.95 5.19 7.70
CA GLY A 98 -5.99 5.24 8.84
C GLY A 98 -6.18 4.00 9.73
N SER A 99 -7.39 3.55 9.87
CA SER A 99 -7.64 2.35 10.73
C SER A 99 -7.30 1.08 9.93
N ALA A 100 -6.08 0.63 10.00
CA ALA A 100 -5.69 -0.60 9.26
C ALA A 100 -5.13 -1.63 10.23
N PRO A 101 -6.00 -2.31 10.93
CA PRO A 101 -5.61 -3.35 11.93
C PRO A 101 -4.71 -4.43 11.33
N LEU A 102 -3.59 -4.69 11.93
CA LEU A 102 -2.67 -5.74 11.39
C LEU A 102 -2.07 -6.53 12.56
N THR A 103 -1.84 -7.80 12.37
CA THR A 103 -1.25 -8.62 13.47
C THR A 103 -0.02 -9.36 12.97
N GLY A 104 0.68 -10.04 13.84
CA GLY A 104 1.89 -10.80 13.40
C GLY A 104 1.47 -12.09 12.70
N GLU A 105 0.24 -12.18 12.28
CA GLU A 105 -0.23 -13.41 11.58
C GLU A 105 -0.29 -13.14 10.08
N PRO A 106 0.67 -13.64 9.34
CA PRO A 106 0.72 -13.45 7.86
C PRO A 106 -0.65 -13.65 7.20
N ALA A 107 -1.18 -12.64 6.60
CA ALA A 107 -2.51 -12.77 5.94
C ALA A 107 -2.74 -11.58 5.00
N THR A 108 -3.60 -11.75 4.03
CA THR A 108 -3.87 -10.64 3.08
C THR A 108 -5.05 -9.81 3.57
N ARG A 109 -4.94 -8.51 3.51
CA ARG A 109 -6.08 -7.66 3.94
C ARG A 109 -6.67 -6.99 2.69
N GLU A 110 -7.96 -6.87 2.63
CA GLU A 110 -8.59 -6.25 1.42
C GLU A 110 -9.23 -4.91 1.78
N TYR A 111 -8.62 -3.83 1.39
CA TYR A 111 -9.20 -2.49 1.67
C TYR A 111 -9.70 -1.89 0.35
N ALA A 112 -10.99 -1.81 0.18
CA ALA A 112 -11.54 -1.26 -1.09
C ALA A 112 -12.32 0.03 -0.79
N PHE A 113 -12.69 0.76 -1.81
CA PHE A 113 -13.46 2.01 -1.59
C PHE A 113 -14.28 2.33 -2.84
N THR A 114 -15.00 3.42 -2.82
CA THR A 114 -15.82 3.79 -3.99
C THR A 114 -15.23 5.02 -4.67
N SER A 115 -14.60 4.84 -5.80
CA SER A 115 -14.00 6.00 -6.52
C SER A 115 -14.89 7.22 -6.34
N ASN A 116 -14.37 8.27 -5.74
CA ASN A 116 -15.20 9.49 -5.53
C ASN A 116 -14.93 10.49 -6.67
N LEU A 117 -13.67 10.75 -6.95
CA LEU A 117 -13.35 11.72 -8.03
C LEU A 117 -12.61 10.99 -9.16
N THR A 118 -11.87 11.71 -9.95
CA THR A 118 -11.11 11.07 -11.06
C THR A 118 -9.62 11.29 -10.88
N PHE A 119 -8.81 10.34 -11.24
CA PHE A 119 -7.34 10.49 -11.08
C PHE A 119 -6.61 9.55 -12.03
N PRO A 120 -6.81 9.73 -13.31
CA PRO A 120 -6.16 8.90 -14.37
C PRO A 120 -4.65 8.81 -14.18
N PRO A 121 -3.98 8.19 -15.12
CA PRO A 121 -2.50 8.03 -15.09
C PRO A 121 -1.77 9.36 -15.32
N ASP A 122 -2.35 10.23 -16.11
CA ASP A 122 -1.70 11.53 -16.38
C ASP A 122 -2.49 12.66 -15.71
N GLY A 123 -2.30 13.88 -16.14
CA GLY A 123 -3.04 15.01 -15.53
C GLY A 123 -2.27 15.54 -14.31
N ASP A 124 -2.96 16.04 -13.34
CA ASP A 124 -2.26 16.57 -12.13
C ASP A 124 -1.16 15.59 -11.70
N ALA A 125 -1.51 14.33 -11.56
CA ALA A 125 -0.48 13.33 -11.15
C ALA A 125 -1.03 11.92 -11.42
N PRO A 126 -0.14 10.98 -11.59
CA PRO A 126 -0.52 9.56 -11.86
C PRO A 126 -1.07 8.86 -10.62
N GLY A 127 -1.02 7.56 -10.59
CA GLY A 127 -1.55 6.82 -9.41
C GLY A 127 -0.76 7.22 -8.16
N GLN A 128 -1.22 6.85 -7.00
CA GLN A 128 -0.49 7.21 -5.75
C GLN A 128 -0.71 6.12 -4.70
N VAL A 129 0.35 5.49 -4.27
CA VAL A 129 0.22 4.42 -3.24
C VAL A 129 1.32 4.62 -2.19
N ALA A 130 1.01 4.47 -0.93
CA ALA A 130 2.06 4.66 0.10
C ALA A 130 1.64 3.99 1.41
N PHE A 131 2.34 2.95 1.79
CA PHE A 131 2.01 2.27 3.07
C PHE A 131 2.81 2.93 4.20
N HIS A 132 2.15 3.62 5.08
CA HIS A 132 2.88 4.30 6.18
C HIS A 132 2.76 3.48 7.47
N LEU A 133 3.84 3.36 8.19
CA LEU A 133 3.81 2.57 9.47
C LEU A 133 4.91 3.06 10.40
N GLY A 134 5.45 4.23 10.14
CA GLY A 134 6.54 4.77 10.99
C GLY A 134 5.94 5.30 12.30
N LYS A 135 6.59 5.06 13.41
CA LYS A 135 6.06 5.55 14.71
C LYS A 135 7.14 5.44 15.79
N ALA A 136 7.41 6.51 16.49
CA ALA A 136 8.44 6.44 17.55
C ALA A 136 8.24 5.15 18.33
N GLY A 137 7.09 4.54 18.17
CA GLY A 137 6.80 3.27 18.87
C GLY A 137 6.39 2.21 17.84
N ALA A 138 6.69 2.47 16.58
CA ALA A 138 6.32 1.49 15.51
C ALA A 138 6.74 0.08 15.89
N TYR A 139 6.87 -0.78 14.91
CA TYR A 139 7.27 -2.19 15.20
C TYR A 139 8.00 -2.77 13.98
N GLU A 140 7.47 -3.82 13.42
CA GLU A 140 8.12 -4.44 12.23
C GLU A 140 7.06 -4.77 11.18
N PHE A 141 7.37 -4.62 9.92
CA PHE A 141 6.37 -4.93 8.86
C PHE A 141 6.95 -5.95 7.88
N CYS A 142 6.25 -7.03 7.64
CA CYS A 142 6.78 -8.07 6.71
C CYS A 142 5.86 -8.20 5.49
N ILE A 143 6.37 -7.89 4.33
CA ILE A 143 5.56 -8.00 3.09
C ILE A 143 6.32 -8.87 2.08
N SER A 144 5.60 -9.66 1.34
CA SER A 144 6.25 -10.53 0.33
C SER A 144 5.68 -10.18 -1.05
N GLN A 145 4.55 -9.56 -1.08
CA GLN A 145 3.94 -9.17 -2.38
C GLN A 145 2.74 -8.26 -2.14
N VAL A 146 2.18 -7.71 -3.19
CA VAL A 146 1.00 -6.83 -3.02
C VAL A 146 0.08 -6.96 -4.24
N SER A 147 -1.21 -6.96 -4.03
CA SER A 147 -2.15 -7.08 -5.17
C SER A 147 -2.96 -5.79 -5.31
N LEU A 148 -3.51 -5.55 -6.47
CA LEU A 148 -4.31 -4.31 -6.67
C LEU A 148 -5.09 -4.41 -7.99
N THR A 149 -6.39 -4.45 -7.92
CA THR A 149 -7.20 -4.55 -9.17
C THR A 149 -8.61 -4.00 -8.91
N THR A 150 -9.53 -4.29 -9.78
CA THR A 150 -10.92 -3.80 -9.59
C THR A 150 -11.91 -4.78 -10.22
N SER A 151 -12.97 -4.28 -10.80
CA SER A 151 -13.97 -5.18 -11.43
C SER A 151 -14.14 -6.44 -10.56
N ALA A 152 -14.15 -6.28 -9.27
CA ALA A 152 -14.31 -7.46 -8.38
C ALA A 152 -15.26 -7.11 -7.23
N THR A 153 -16.29 -7.88 -7.04
CA THR A 153 -17.25 -7.60 -5.94
C THR A 153 -17.81 -8.91 -5.40
N ALA A 1 -22.08 -4.05 -10.21
CA ALA A 1 -21.06 -4.50 -9.23
C ALA A 1 -19.71 -4.71 -9.93
N SER A 2 -18.70 -4.01 -9.52
CA SER A 2 -17.37 -4.17 -10.18
C SER A 2 -16.43 -4.93 -9.25
N LEU A 3 -16.55 -6.24 -9.19
CA LEU A 3 -15.68 -7.03 -8.29
C LEU A 3 -15.41 -8.41 -8.92
N ASP A 4 -14.72 -9.27 -8.22
CA ASP A 4 -14.43 -10.62 -8.77
C ASP A 4 -13.18 -10.56 -9.66
N SER A 5 -12.64 -11.68 -10.02
CA SER A 5 -11.43 -11.69 -10.88
C SER A 5 -10.40 -10.72 -10.30
N GLU A 6 -9.23 -10.67 -10.88
CA GLU A 6 -8.17 -9.75 -10.36
C GLU A 6 -7.46 -9.08 -11.53
N VAL A 7 -7.50 -7.77 -11.58
CA VAL A 7 -6.81 -7.05 -12.69
C VAL A 7 -5.57 -6.34 -12.15
N GLU A 8 -4.61 -7.09 -11.68
CA GLU A 8 -3.38 -6.46 -11.14
C GLU A 8 -2.81 -5.46 -12.15
N LEU A 9 -3.22 -4.22 -12.07
CA LEU A 9 -2.71 -3.20 -13.02
C LEU A 9 -1.18 -3.21 -13.00
N LEU A 10 -0.60 -4.03 -12.16
CA LEU A 10 0.88 -4.10 -12.09
C LEU A 10 1.31 -5.56 -11.93
N PRO A 11 1.65 -6.21 -13.01
CA PRO A 11 2.08 -7.64 -13.00
C PRO A 11 3.26 -7.89 -12.05
N HIS A 12 3.27 -7.25 -10.91
CA HIS A 12 4.39 -7.46 -9.95
C HIS A 12 3.81 -7.69 -8.54
N THR A 13 4.00 -8.85 -8.00
CA THR A 13 3.48 -9.13 -6.63
C THR A 13 4.31 -10.22 -5.97
N SER A 14 5.58 -9.95 -5.74
CA SER A 14 6.45 -10.97 -5.10
C SER A 14 7.67 -10.28 -4.48
N PHE A 15 7.47 -9.49 -3.47
CA PHE A 15 8.62 -8.79 -2.83
C PHE A 15 9.51 -9.83 -2.14
N ALA A 16 9.51 -11.04 -2.63
CA ALA A 16 10.35 -12.10 -2.00
C ALA A 16 11.74 -12.12 -2.64
N GLU A 17 11.83 -11.75 -3.90
CA GLU A 17 13.15 -11.76 -4.58
C GLU A 17 13.62 -10.33 -4.83
N SER A 18 13.17 -9.72 -5.90
CA SER A 18 13.60 -8.32 -6.20
C SER A 18 12.54 -7.35 -5.68
N LEU A 19 12.95 -6.22 -5.18
CA LEU A 19 11.97 -5.22 -4.66
C LEU A 19 10.94 -4.91 -5.75
N GLY A 20 11.39 -4.59 -6.93
CA GLY A 20 10.43 -4.27 -8.04
C GLY A 20 10.43 -2.77 -8.30
N PRO A 21 9.52 -2.32 -9.12
CA PRO A 21 9.39 -0.87 -9.48
C PRO A 21 8.82 -0.04 -8.33
N TRP A 22 8.19 -0.67 -7.38
CA TRP A 22 7.61 0.08 -6.23
C TRP A 22 8.70 0.95 -5.60
N SER A 23 8.39 1.61 -4.52
CA SER A 23 9.40 2.48 -3.85
C SER A 23 9.36 2.25 -2.34
N LEU A 24 10.27 2.84 -1.62
CA LEU A 24 10.29 2.65 -0.14
C LEU A 24 11.42 3.48 0.47
N TYR A 25 11.19 4.06 1.62
CA TYR A 25 12.26 4.89 2.26
C TYR A 25 11.77 5.40 3.61
N GLY A 26 12.65 6.00 4.39
CA GLY A 26 12.24 6.53 5.72
C GLY A 26 12.59 5.52 6.81
N THR A 27 12.61 4.25 6.50
CA THR A 27 12.95 3.24 7.54
C THR A 27 14.32 2.64 7.22
N SER A 28 14.49 1.37 7.44
CA SER A 28 15.78 0.71 7.15
C SER A 28 15.77 0.17 5.72
N GLU A 29 16.75 -0.60 5.36
CA GLU A 29 16.78 -1.17 3.99
C GLU A 29 16.05 -2.52 3.99
N PRO A 30 14.92 -2.61 3.35
CA PRO A 30 14.13 -3.88 3.29
C PRO A 30 15.02 -5.08 3.00
N VAL A 31 14.84 -6.15 3.72
CA VAL A 31 15.69 -7.36 3.47
C VAL A 31 14.81 -8.53 3.00
N PHE A 32 14.86 -8.85 1.73
CA PHE A 32 14.04 -9.97 1.20
C PHE A 32 14.60 -11.29 1.74
N ALA A 33 14.31 -11.61 2.97
CA ALA A 33 14.82 -12.87 3.56
C ALA A 33 14.29 -14.06 2.77
N ASP A 34 13.92 -15.13 3.44
CA ASP A 34 13.39 -16.32 2.72
C ASP A 34 12.58 -15.87 1.51
N GLY A 35 11.38 -15.41 1.72
CA GLY A 35 10.54 -14.95 0.58
C GLY A 35 9.72 -13.73 1.00
N ARG A 36 10.37 -12.75 1.57
CA ARG A 36 9.62 -11.53 2.00
C ARG A 36 10.61 -10.47 2.48
N MET A 37 10.28 -9.22 2.33
CA MET A 37 11.21 -8.14 2.77
C MET A 37 10.65 -7.46 4.02
N CYS A 38 11.47 -7.25 5.01
CA CYS A 38 10.98 -6.60 6.26
C CYS A 38 11.76 -5.33 6.54
N VAL A 39 11.08 -4.28 6.90
CA VAL A 39 11.77 -3.00 7.21
C VAL A 39 11.75 -2.79 8.73
N ASP A 40 12.83 -2.30 9.29
CA ASP A 40 12.86 -2.08 10.76
C ASP A 40 12.08 -0.81 11.12
N LEU A 41 10.92 -0.97 11.69
CA LEU A 41 10.11 0.23 12.08
C LEU A 41 10.00 0.28 13.61
N PRO A 42 11.01 0.77 14.25
CA PRO A 42 11.04 0.90 15.74
C PRO A 42 10.25 2.10 16.24
N GLY A 43 10.91 3.20 16.48
CA GLY A 43 10.18 4.41 16.97
C GLY A 43 11.04 5.66 16.73
N GLY A 44 10.45 6.72 16.27
CA GLY A 44 11.22 7.97 16.01
C GLY A 44 10.50 8.81 14.97
N GLN A 45 9.59 8.23 14.24
CA GLN A 45 8.85 8.99 13.21
C GLN A 45 7.48 9.40 13.74
N GLY A 46 7.45 10.18 14.79
CA GLY A 46 6.13 10.61 15.35
C GLY A 46 5.14 10.83 14.22
N ASN A 47 5.61 11.28 13.08
CA ASN A 47 4.71 11.52 11.93
C ASN A 47 4.95 10.43 10.87
N PRO A 48 4.10 9.44 10.80
CA PRO A 48 4.23 8.33 9.82
C PRO A 48 4.31 8.84 8.38
N TRP A 49 5.08 9.85 8.13
CA TRP A 49 5.17 10.40 6.74
C TRP A 49 6.59 10.25 6.18
N ASP A 50 7.16 9.08 6.28
CA ASP A 50 8.54 8.87 5.75
C ASP A 50 8.82 7.37 5.65
N ALA A 51 8.71 6.67 6.74
CA ALA A 51 8.98 5.19 6.71
C ALA A 51 7.76 4.46 6.17
N GLY A 52 7.90 3.76 5.08
CA GLY A 52 6.75 3.01 4.52
C GLY A 52 7.03 2.63 3.06
N LEU A 53 6.10 1.95 2.44
CA LEU A 53 6.29 1.54 1.02
C LEU A 53 5.54 2.52 0.11
N VAL A 54 5.79 2.47 -1.17
CA VAL A 54 5.08 3.40 -2.09
C VAL A 54 5.05 2.80 -3.50
N TYR A 55 4.23 3.37 -4.36
CA TYR A 55 4.14 2.84 -5.76
C TYR A 55 3.02 3.56 -6.51
N ASN A 56 3.29 4.02 -7.70
CA ASN A 56 2.24 4.72 -8.49
C ASN A 56 1.62 3.76 -9.49
N GLY A 57 0.38 3.95 -9.83
CA GLY A 57 -0.29 3.05 -10.80
C GLY A 57 -1.60 2.53 -10.21
N VAL A 58 -2.44 3.40 -9.75
CA VAL A 58 -3.74 2.95 -9.16
C VAL A 58 -4.84 3.94 -9.54
N PRO A 59 -5.22 3.95 -10.79
CA PRO A 59 -6.28 4.86 -11.29
C PRO A 59 -7.53 4.86 -10.41
N VAL A 60 -8.17 5.99 -10.25
CA VAL A 60 -9.39 6.04 -9.39
C VAL A 60 -10.54 6.65 -10.19
N GLY A 61 -11.62 5.94 -10.33
CA GLY A 61 -12.78 6.49 -11.09
C GLY A 61 -13.91 6.84 -10.13
N GLU A 62 -13.95 8.05 -9.66
CA GLU A 62 -15.03 8.47 -8.71
C GLU A 62 -16.36 7.88 -9.18
N GLY A 63 -16.98 7.07 -8.36
CA GLY A 63 -18.28 6.47 -8.76
C GLY A 63 -18.30 4.98 -8.43
N GLU A 64 -17.27 4.27 -8.81
CA GLU A 64 -17.23 2.81 -8.52
C GLU A 64 -16.35 2.55 -7.30
N SER A 65 -16.20 1.32 -6.92
CA SER A 65 -15.36 1.00 -5.73
C SER A 65 -14.23 0.06 -6.15
N TYR A 66 -13.05 0.26 -5.61
CA TYR A 66 -11.91 -0.62 -5.99
C TYR A 66 -11.54 -1.51 -4.80
N VAL A 67 -10.53 -2.33 -4.95
CA VAL A 67 -10.12 -3.22 -3.84
C VAL A 67 -8.63 -3.53 -3.94
N LEU A 68 -7.90 -3.38 -2.86
CA LEU A 68 -6.44 -3.66 -2.92
C LEU A 68 -6.14 -4.92 -2.08
N SER A 69 -5.17 -5.68 -2.47
CA SER A 69 -4.84 -6.91 -1.69
C SER A 69 -3.33 -6.95 -1.41
N PHE A 70 -2.92 -6.41 -0.30
CA PHE A 70 -1.47 -6.41 0.03
C PHE A 70 -1.10 -7.60 0.93
N THR A 71 0.02 -8.21 0.67
CA THR A 71 0.46 -9.36 1.51
C THR A 71 1.45 -8.85 2.56
N ALA A 72 1.29 -9.26 3.78
CA ALA A 72 2.24 -8.79 4.83
C ALA A 72 1.74 -9.17 6.23
N SER A 73 2.36 -8.65 7.24
CA SER A 73 1.94 -8.96 8.64
C SER A 73 2.66 -8.01 9.59
N ALA A 74 2.04 -7.65 10.68
CA ALA A 74 2.69 -6.72 11.63
C ALA A 74 3.18 -7.49 12.87
N THR A 75 4.38 -7.24 13.29
CA THR A 75 4.92 -7.96 14.47
C THR A 75 5.56 -6.95 15.43
N PRO A 76 5.04 -6.79 16.63
CA PRO A 76 3.85 -7.55 17.13
C PRO A 76 2.57 -7.18 16.37
N ASP A 77 1.47 -7.12 17.06
CA ASP A 77 0.18 -6.76 16.39
C ASP A 77 -0.18 -5.32 16.73
N MET A 78 -0.84 -4.64 15.83
CA MET A 78 -1.23 -3.23 16.10
C MET A 78 -1.87 -2.62 14.85
N PRO A 79 -2.70 -1.62 15.03
CA PRO A 79 -3.37 -0.93 13.89
C PRO A 79 -2.40 -0.06 13.10
N VAL A 80 -2.21 -0.36 11.85
CA VAL A 80 -1.27 0.46 11.03
C VAL A 80 -2.07 1.48 10.22
N ARG A 81 -1.39 2.30 9.45
CA ARG A 81 -2.10 3.33 8.64
C ARG A 81 -1.82 3.10 7.15
N VAL A 82 -2.75 3.47 6.31
CA VAL A 82 -2.54 3.29 4.84
C VAL A 82 -3.13 4.48 4.10
N LEU A 83 -2.55 4.86 2.99
CA LEU A 83 -3.09 6.02 2.24
C LEU A 83 -2.95 5.78 0.74
N VAL A 84 -3.87 6.30 -0.03
CA VAL A 84 -3.80 6.12 -1.52
C VAL A 84 -4.51 7.27 -2.21
N GLY A 85 -4.29 7.45 -3.49
CA GLY A 85 -4.97 8.55 -4.22
C GLY A 85 -4.11 9.01 -5.40
N GLU A 86 -4.02 10.28 -5.63
CA GLU A 86 -3.20 10.78 -6.76
C GLU A 86 -1.77 11.04 -6.27
N GLY A 87 -0.89 11.43 -7.16
CA GLY A 87 0.52 11.69 -6.75
C GLY A 87 0.95 13.08 -7.24
N GLY A 88 0.23 14.10 -6.86
CA GLY A 88 0.60 15.47 -7.31
C GLY A 88 -0.58 16.41 -7.09
N GLY A 89 -0.46 17.65 -7.49
CA GLY A 89 -1.57 18.62 -7.30
C GLY A 89 -1.75 18.91 -5.81
N ALA A 90 -2.94 19.21 -5.39
CA ALA A 90 -3.18 19.50 -3.95
C ALA A 90 -2.77 18.29 -3.10
N TYR A 91 -2.19 17.30 -3.72
CA TYR A 91 -1.78 16.10 -2.95
C TYR A 91 -2.99 15.49 -2.25
N ARG A 92 -4.13 16.11 -2.38
CA ARG A 92 -5.36 15.57 -1.73
C ARG A 92 -5.54 14.10 -2.11
N THR A 93 -6.62 13.50 -1.70
CA THR A 93 -6.85 12.06 -2.05
C THR A 93 -8.19 11.59 -1.46
N ALA A 94 -8.51 10.35 -1.68
CA ALA A 94 -9.79 9.81 -1.15
C ALA A 94 -9.47 8.58 -0.29
N PHE A 95 -8.35 7.96 -0.51
CA PHE A 95 -7.99 6.76 0.28
C PHE A 95 -7.20 7.19 1.53
N GLU A 96 -7.61 8.24 2.18
CA GLU A 96 -6.87 8.70 3.37
C GLU A 96 -7.38 7.95 4.61
N GLN A 97 -7.24 6.65 4.63
CA GLN A 97 -7.72 5.86 5.79
C GLN A 97 -6.51 5.52 6.68
N GLY A 98 -6.76 5.16 7.91
CA GLY A 98 -5.63 4.83 8.83
C GLY A 98 -5.96 3.55 9.61
N SER A 99 -7.21 3.32 9.88
CA SER A 99 -7.59 2.10 10.64
C SER A 99 -7.34 0.85 9.79
N ALA A 100 -6.21 0.22 9.96
CA ALA A 100 -5.90 -1.00 9.16
C ALA A 100 -5.27 -2.06 10.07
N PRO A 101 -6.08 -2.72 10.86
CA PRO A 101 -5.62 -3.77 11.80
C PRO A 101 -4.74 -4.82 11.13
N LEU A 102 -3.52 -4.98 11.59
CA LEU A 102 -2.63 -5.99 10.97
C LEU A 102 -1.86 -6.72 12.07
N THR A 103 -1.80 -8.02 12.02
CA THR A 103 -1.07 -8.78 13.07
C THR A 103 -0.09 -9.76 12.41
N GLY A 104 0.20 -10.86 13.06
CA GLY A 104 1.14 -11.85 12.46
C GLY A 104 0.35 -12.89 11.66
N GLU A 105 -0.39 -12.46 10.69
CA GLU A 105 -1.18 -13.43 9.87
C GLU A 105 -0.85 -13.25 8.38
N PRO A 106 0.21 -13.86 7.94
CA PRO A 106 0.67 -13.77 6.53
C PRO A 106 -0.48 -14.02 5.54
N ALA A 107 -0.70 -13.10 4.64
CA ALA A 107 -1.80 -13.29 3.65
C ALA A 107 -2.17 -11.93 3.03
N THR A 108 -3.05 -11.93 2.08
CA THR A 108 -3.45 -10.64 1.44
C THR A 108 -4.64 -10.05 2.17
N ARG A 109 -4.58 -8.78 2.51
CA ARG A 109 -5.75 -8.15 3.18
C ARG A 109 -6.51 -7.37 2.13
N GLU A 110 -7.81 -7.38 2.17
CA GLU A 110 -8.59 -6.67 1.13
C GLU A 110 -9.25 -5.41 1.72
N TYR A 111 -8.98 -4.28 1.13
CA TYR A 111 -9.60 -3.02 1.62
C TYR A 111 -10.60 -2.54 0.56
N ALA A 112 -11.85 -2.43 0.91
CA ALA A 112 -12.86 -1.99 -0.07
C ALA A 112 -13.18 -0.51 0.12
N PHE A 113 -13.04 0.29 -0.90
CA PHE A 113 -13.33 1.74 -0.77
C PHE A 113 -14.18 2.19 -1.96
N THR A 114 -14.77 3.35 -1.85
CA THR A 114 -15.62 3.85 -2.97
C THR A 114 -14.91 5.00 -3.69
N SER A 115 -14.76 4.91 -4.97
CA SER A 115 -14.08 6.00 -5.73
C SER A 115 -14.77 7.32 -5.41
N ASN A 116 -14.01 8.29 -4.95
CA ASN A 116 -14.62 9.61 -4.62
C ASN A 116 -14.15 10.66 -5.62
N LEU A 117 -12.87 10.72 -5.89
CA LEU A 117 -12.35 11.72 -6.86
C LEU A 117 -11.66 11.01 -8.02
N THR A 118 -11.84 11.49 -9.22
CA THR A 118 -11.19 10.84 -10.39
C THR A 118 -9.68 11.10 -10.34
N PHE A 119 -8.91 10.30 -11.02
CA PHE A 119 -7.43 10.52 -11.00
C PHE A 119 -6.78 9.66 -12.09
N PRO A 120 -6.58 10.22 -13.25
CA PRO A 120 -5.96 9.50 -14.40
C PRO A 120 -4.44 9.45 -14.29
N PRO A 121 -3.81 8.61 -15.07
CA PRO A 121 -2.33 8.45 -15.07
C PRO A 121 -1.63 9.56 -15.86
N ASP A 122 -2.37 10.27 -16.66
CA ASP A 122 -1.75 11.37 -17.46
C ASP A 122 -2.21 12.73 -16.91
N GLY A 123 -1.30 13.64 -16.71
CA GLY A 123 -1.69 14.98 -16.18
C GLY A 123 -0.73 15.39 -15.07
N ASP A 124 -1.24 15.93 -14.01
CA ASP A 124 -0.35 16.36 -12.88
C ASP A 124 -0.78 15.64 -11.61
N ALA A 125 -1.14 14.38 -11.71
CA ALA A 125 -1.56 13.63 -10.50
C ALA A 125 -1.93 12.20 -10.90
N PRO A 126 -0.95 11.41 -11.23
CA PRO A 126 -1.16 9.99 -11.64
C PRO A 126 -1.50 9.09 -10.45
N GLY A 127 -1.29 7.81 -10.59
CA GLY A 127 -1.60 6.88 -9.46
C GLY A 127 -0.67 7.17 -8.28
N GLN A 128 -1.09 6.85 -7.10
CA GLN A 128 -0.22 7.11 -5.91
C GLN A 128 -0.54 6.09 -4.81
N VAL A 129 0.47 5.47 -4.26
CA VAL A 129 0.23 4.46 -3.18
C VAL A 129 1.29 4.66 -2.10
N ALA A 130 0.93 4.55 -0.85
CA ALA A 130 1.96 4.76 0.21
C ALA A 130 1.48 4.16 1.54
N PHE A 131 2.14 3.12 1.99
CA PHE A 131 1.75 2.51 3.30
C PHE A 131 2.57 3.18 4.40
N HIS A 132 1.93 3.94 5.25
CA HIS A 132 2.67 4.63 6.34
C HIS A 132 2.54 3.86 7.65
N LEU A 133 3.64 3.63 8.31
CA LEU A 133 3.59 2.88 9.61
C LEU A 133 4.53 3.55 10.63
N GLY A 134 5.51 4.27 10.17
CA GLY A 134 6.45 4.94 11.12
C GLY A 134 5.70 5.37 12.38
N LYS A 135 6.24 5.10 13.53
CA LYS A 135 5.57 5.49 14.79
C LYS A 135 6.51 5.31 15.97
N ALA A 136 6.69 6.33 16.77
CA ALA A 136 7.60 6.20 17.94
C ALA A 136 7.35 4.83 18.58
N GLY A 137 6.22 4.24 18.27
CA GLY A 137 5.89 2.91 18.83
C GLY A 137 5.61 1.94 17.68
N ALA A 138 6.05 2.27 16.49
CA ALA A 138 5.81 1.39 15.32
C ALA A 138 6.21 -0.07 15.63
N TYR A 139 6.55 -0.83 14.63
CA TYR A 139 6.92 -2.25 14.87
C TYR A 139 7.75 -2.76 13.69
N GLU A 140 7.39 -3.89 13.13
CA GLU A 140 8.15 -4.43 11.97
C GLU A 140 7.18 -4.72 10.83
N PHE A 141 7.49 -4.25 9.65
CA PHE A 141 6.56 -4.49 8.50
C PHE A 141 7.16 -5.53 7.55
N CYS A 142 6.54 -6.67 7.42
CA CYS A 142 7.08 -7.72 6.52
C CYS A 142 6.14 -7.89 5.32
N ILE A 143 6.60 -7.56 4.14
CA ILE A 143 5.75 -7.70 2.93
C ILE A 143 6.44 -8.59 1.91
N SER A 144 5.68 -9.36 1.19
CA SER A 144 6.27 -10.27 0.18
C SER A 144 5.51 -10.11 -1.14
N GLN A 145 4.37 -9.45 -1.11
CA GLN A 145 3.60 -9.28 -2.37
C GLN A 145 2.64 -8.10 -2.24
N VAL A 146 2.21 -7.54 -3.35
CA VAL A 146 1.26 -6.40 -3.30
C VAL A 146 0.60 -6.26 -4.68
N SER A 147 -0.70 -6.16 -4.72
CA SER A 147 -1.38 -6.02 -6.04
C SER A 147 -2.82 -5.54 -5.83
N LEU A 148 -3.32 -4.71 -6.71
CA LEU A 148 -4.71 -4.21 -6.56
C LEU A 148 -5.52 -4.57 -7.80
N THR A 149 -6.82 -4.48 -7.72
CA THR A 149 -7.66 -4.82 -8.91
C THR A 149 -9.13 -4.59 -8.58
N THR A 150 -10.01 -4.93 -9.48
CA THR A 150 -11.47 -4.73 -9.23
C THR A 150 -12.27 -5.27 -10.42
N SER A 151 -13.48 -4.82 -10.56
CA SER A 151 -14.33 -5.29 -11.70
C SER A 151 -13.99 -6.74 -12.03
N ALA A 152 -14.24 -7.16 -13.24
CA ALA A 152 -13.94 -8.57 -13.63
C ALA A 152 -14.44 -8.83 -15.04
N THR A 153 -13.63 -8.59 -16.03
CA THR A 153 -14.06 -8.83 -17.43
C THR A 153 -13.12 -9.84 -18.10
N ALA A 1 -16.72 -7.99 -19.67
CA ALA A 1 -17.71 -7.48 -18.69
C ALA A 1 -17.08 -7.40 -17.30
N SER A 2 -15.88 -6.90 -17.22
CA SER A 2 -15.20 -6.80 -15.89
C SER A 2 -15.57 -8.01 -15.04
N LEU A 3 -15.81 -7.81 -13.77
CA LEU A 3 -16.17 -8.94 -12.88
C LEU A 3 -15.11 -10.04 -13.00
N ASP A 4 -14.99 -10.87 -12.00
CA ASP A 4 -13.97 -11.95 -12.05
C ASP A 4 -12.69 -11.43 -12.71
N SER A 5 -11.82 -12.31 -13.12
CA SER A 5 -10.55 -11.86 -13.76
C SER A 5 -10.08 -10.57 -13.11
N GLU A 6 -9.36 -10.66 -12.02
CA GLU A 6 -8.87 -9.44 -11.33
C GLU A 6 -8.12 -8.56 -12.34
N VAL A 7 -8.62 -7.38 -12.60
CA VAL A 7 -7.93 -6.48 -13.56
C VAL A 7 -6.59 -6.01 -12.98
N GLU A 8 -5.93 -6.88 -12.25
CA GLU A 8 -4.62 -6.49 -11.65
C GLU A 8 -3.85 -5.60 -12.62
N LEU A 9 -4.05 -4.31 -12.57
CA LEU A 9 -3.33 -3.40 -13.49
C LEU A 9 -1.82 -3.51 -13.23
N LEU A 10 -1.43 -3.72 -12.00
CA LEU A 10 0.02 -3.85 -11.69
C LEU A 10 0.33 -5.32 -11.39
N PRO A 11 0.87 -6.03 -12.33
CA PRO A 11 1.20 -7.47 -12.16
C PRO A 11 2.53 -7.70 -11.43
N HIS A 12 2.91 -6.81 -10.55
CA HIS A 12 4.20 -7.02 -9.82
C HIS A 12 3.90 -7.21 -8.33
N THR A 13 3.55 -8.41 -7.94
CA THR A 13 3.25 -8.68 -6.51
C THR A 13 4.19 -9.77 -5.99
N SER A 14 5.46 -9.67 -6.29
CA SER A 14 6.42 -10.71 -5.82
C SER A 14 7.56 -10.03 -5.06
N PHE A 15 7.29 -9.54 -3.88
CA PHE A 15 8.36 -8.88 -3.09
C PHE A 15 9.18 -9.94 -2.35
N ALA A 16 9.19 -11.14 -2.84
CA ALA A 16 9.97 -12.21 -2.17
C ALA A 16 11.40 -12.25 -2.73
N GLU A 17 11.55 -11.99 -4.00
CA GLU A 17 12.91 -12.01 -4.60
C GLU A 17 13.35 -10.59 -4.95
N SER A 18 12.93 -10.09 -6.08
CA SER A 18 13.33 -8.70 -6.47
C SER A 18 12.32 -7.70 -5.91
N LEU A 19 12.78 -6.55 -5.51
CA LEU A 19 11.84 -5.53 -4.95
C LEU A 19 10.81 -5.15 -6.02
N GLY A 20 11.24 -4.68 -7.15
CA GLY A 20 10.27 -4.30 -8.22
C GLY A 20 10.36 -2.80 -8.48
N PRO A 21 9.44 -2.27 -9.24
CA PRO A 21 9.40 -0.82 -9.58
C PRO A 21 8.90 0.03 -8.41
N TRP A 22 8.23 -0.57 -7.47
CA TRP A 22 7.72 0.21 -6.31
C TRP A 22 8.86 1.03 -5.71
N SER A 23 8.65 1.60 -4.55
CA SER A 23 9.72 2.42 -3.92
C SER A 23 9.70 2.22 -2.40
N LEU A 24 10.70 2.69 -1.72
CA LEU A 24 10.73 2.52 -0.24
C LEU A 24 11.84 3.40 0.35
N TYR A 25 11.57 4.04 1.47
CA TYR A 25 12.61 4.90 2.09
C TYR A 25 12.05 5.49 3.39
N GLY A 26 12.92 5.92 4.27
CA GLY A 26 12.45 6.51 5.56
C GLY A 26 12.72 5.54 6.70
N THR A 27 12.77 4.26 6.42
CA THR A 27 13.04 3.28 7.51
C THR A 27 14.45 2.68 7.32
N SER A 28 14.60 1.42 7.60
CA SER A 28 15.93 0.77 7.42
C SER A 28 16.01 0.18 6.02
N GLU A 29 16.93 -0.72 5.80
CA GLU A 29 17.04 -1.34 4.46
C GLU A 29 16.15 -2.59 4.40
N PRO A 30 15.35 -2.73 3.38
CA PRO A 30 14.44 -3.90 3.24
C PRO A 30 15.21 -5.19 2.95
N VAL A 31 14.91 -6.24 3.65
CA VAL A 31 15.63 -7.52 3.42
C VAL A 31 14.65 -8.60 2.97
N PHE A 32 14.74 -9.02 1.74
CA PHE A 32 13.82 -10.08 1.22
C PHE A 32 14.33 -11.45 1.67
N ALA A 33 13.97 -11.87 2.85
CA ALA A 33 14.43 -13.19 3.36
C ALA A 33 14.02 -14.29 2.36
N ASP A 34 13.59 -15.42 2.86
CA ASP A 34 13.18 -16.52 1.95
C ASP A 34 12.24 -15.97 0.87
N GLY A 35 11.06 -15.58 1.26
CA GLY A 35 10.09 -15.03 0.27
C GLY A 35 9.33 -13.86 0.89
N ARG A 36 9.97 -13.10 1.71
CA ARG A 36 9.27 -11.95 2.36
C ARG A 36 10.28 -10.83 2.64
N MET A 37 9.84 -9.60 2.58
CA MET A 37 10.78 -8.47 2.86
C MET A 37 10.24 -7.65 4.03
N CYS A 38 11.08 -7.34 4.98
CA CYS A 38 10.60 -6.55 6.15
C CYS A 38 11.51 -5.34 6.38
N VAL A 39 10.94 -4.25 6.81
CA VAL A 39 11.76 -3.03 7.08
C VAL A 39 11.77 -2.77 8.58
N ASP A 40 12.85 -2.27 9.11
CA ASP A 40 12.90 -2.00 10.58
C ASP A 40 12.11 -0.74 10.90
N LEU A 41 11.15 -0.85 11.78
CA LEU A 41 10.32 0.34 12.15
C LEU A 41 10.42 0.57 13.66
N PRO A 42 11.53 1.08 14.11
CA PRO A 42 11.77 1.36 15.55
C PRO A 42 10.60 2.11 16.20
N GLY A 43 10.79 2.62 17.39
CA GLY A 43 9.70 3.36 18.07
C GLY A 43 10.19 4.76 18.44
N GLY A 44 10.54 5.56 17.48
CA GLY A 44 11.02 6.94 17.78
C GLY A 44 10.77 7.85 16.58
N GLN A 45 9.96 7.42 15.66
CA GLN A 45 9.67 8.27 14.46
C GLN A 45 8.35 8.99 14.65
N GLY A 46 8.38 10.17 15.19
CA GLY A 46 7.11 10.92 15.41
C GLY A 46 6.55 11.38 14.06
N ASN A 47 7.30 11.19 13.00
CA ASN A 47 6.82 11.62 11.66
C ASN A 47 6.28 10.39 10.91
N PRO A 48 5.04 10.43 10.50
CA PRO A 48 4.41 9.28 9.76
C PRO A 48 4.86 9.23 8.30
N TRP A 49 5.78 10.07 7.91
CA TRP A 49 6.25 10.06 6.50
C TRP A 49 7.76 9.84 6.47
N ASP A 50 8.28 9.07 7.39
CA ASP A 50 9.75 8.82 7.41
C ASP A 50 10.00 7.31 7.43
N ALA A 51 9.27 6.57 6.63
CA ALA A 51 9.47 5.09 6.60
C ALA A 51 8.23 4.42 6.02
N GLY A 52 8.34 3.85 4.86
CA GLY A 52 7.15 3.18 4.25
C GLY A 52 7.40 2.92 2.76
N LEU A 53 6.69 1.98 2.18
CA LEU A 53 6.89 1.68 0.73
C LEU A 53 6.18 2.76 -0.09
N VAL A 54 6.19 2.62 -1.39
CA VAL A 54 5.50 3.63 -2.25
C VAL A 54 5.31 3.07 -3.66
N TYR A 55 4.40 3.62 -4.41
CA TYR A 55 4.17 3.13 -5.80
C TYR A 55 3.03 3.93 -6.44
N ASN A 56 3.14 4.20 -7.72
CA ASN A 56 2.08 4.97 -8.41
C ASN A 56 1.34 4.06 -9.39
N GLY A 57 0.60 4.63 -10.29
CA GLY A 57 -0.15 3.79 -11.28
C GLY A 57 -1.45 3.28 -10.66
N VAL A 58 -2.42 4.14 -10.52
CA VAL A 58 -3.72 3.71 -9.92
C VAL A 58 -4.81 4.72 -10.29
N PRO A 59 -5.30 4.64 -11.50
CA PRO A 59 -6.37 5.54 -11.99
C PRO A 59 -7.54 5.66 -11.01
N VAL A 60 -8.28 6.73 -11.07
CA VAL A 60 -9.43 6.89 -10.14
C VAL A 60 -10.65 7.41 -10.91
N GLY A 61 -11.68 6.63 -10.99
CA GLY A 61 -12.91 7.07 -11.72
C GLY A 61 -14.15 6.63 -10.94
N GLU A 62 -14.76 7.53 -10.23
CA GLU A 62 -15.97 7.17 -9.43
C GLU A 62 -16.82 6.17 -10.23
N GLY A 63 -17.74 5.52 -9.60
CA GLY A 63 -18.60 4.54 -10.32
C GLY A 63 -18.14 3.12 -10.01
N GLU A 64 -16.89 2.82 -10.26
CA GLU A 64 -16.38 1.45 -9.97
C GLU A 64 -15.63 1.46 -8.63
N SER A 65 -15.76 0.42 -7.87
CA SER A 65 -15.05 0.38 -6.55
C SER A 65 -13.79 -0.47 -6.68
N TYR A 66 -12.65 0.11 -6.42
CA TYR A 66 -11.38 -0.67 -6.53
C TYR A 66 -11.12 -1.41 -5.22
N VAL A 67 -10.10 -2.22 -5.18
CA VAL A 67 -9.79 -2.98 -3.94
C VAL A 67 -8.29 -3.34 -3.93
N LEU A 68 -7.63 -3.12 -2.83
CA LEU A 68 -6.18 -3.45 -2.77
C LEU A 68 -5.97 -4.59 -1.75
N SER A 69 -5.25 -5.61 -2.13
CA SER A 69 -5.00 -6.74 -1.20
C SER A 69 -3.49 -6.85 -0.95
N PHE A 70 -3.00 -6.24 0.10
CA PHE A 70 -1.53 -6.31 0.35
C PHE A 70 -1.19 -7.47 1.29
N THR A 71 -0.16 -8.20 0.95
CA THR A 71 0.26 -9.35 1.80
C THR A 71 1.27 -8.85 2.84
N ALA A 72 0.92 -8.78 4.08
CA ALA A 72 1.90 -8.27 5.08
C ALA A 72 1.52 -8.73 6.49
N SER A 73 2.44 -8.60 7.41
CA SER A 73 2.16 -9.02 8.81
C SER A 73 2.55 -7.87 9.76
N ALA A 74 2.08 -7.90 10.97
CA ALA A 74 2.41 -6.82 11.93
C ALA A 74 3.04 -7.41 13.19
N THR A 75 4.25 -7.05 13.50
CA THR A 75 4.91 -7.62 14.71
C THR A 75 5.54 -6.48 15.54
N PRO A 76 5.09 -6.25 16.75
CA PRO A 76 3.97 -7.02 17.39
C PRO A 76 2.64 -6.78 16.68
N ASP A 77 1.56 -6.70 17.42
CA ASP A 77 0.24 -6.45 16.79
C ASP A 77 -0.10 -4.97 16.88
N MET A 78 -0.83 -4.46 15.93
CA MET A 78 -1.19 -3.02 15.97
C MET A 78 -1.72 -2.57 14.61
N PRO A 79 -2.44 -1.48 14.57
CA PRO A 79 -3.01 -0.93 13.30
C PRO A 79 -1.98 -0.12 12.52
N VAL A 80 -1.67 -0.53 11.31
CA VAL A 80 -0.67 0.21 10.51
C VAL A 80 -1.37 1.33 9.73
N ARG A 81 -0.63 2.22 9.13
CA ARG A 81 -1.25 3.32 8.37
C ARG A 81 -1.01 3.11 6.87
N VAL A 82 -2.00 3.37 6.06
CA VAL A 82 -1.82 3.17 4.59
C VAL A 82 -2.53 4.29 3.83
N LEU A 83 -2.00 4.67 2.70
CA LEU A 83 -2.64 5.76 1.91
C LEU A 83 -2.44 5.50 0.42
N VAL A 84 -3.41 5.83 -0.39
CA VAL A 84 -3.26 5.58 -1.85
C VAL A 84 -4.12 6.58 -2.65
N GLY A 85 -3.63 6.99 -3.79
CA GLY A 85 -4.40 7.95 -4.62
C GLY A 85 -3.45 8.95 -5.28
N GLU A 86 -3.49 10.19 -4.85
CA GLU A 86 -2.59 11.21 -5.45
C GLU A 86 -1.27 11.26 -4.68
N GLY A 87 -0.26 11.87 -5.25
CA GLY A 87 1.05 11.94 -4.55
C GLY A 87 1.59 13.38 -4.60
N GLY A 88 1.32 14.07 -5.68
CA GLY A 88 1.81 15.47 -5.80
C GLY A 88 0.87 16.40 -5.02
N GLY A 89 1.30 17.62 -4.78
CA GLY A 89 0.43 18.57 -4.03
C GLY A 89 -0.36 17.82 -2.97
N ALA A 90 -1.66 18.03 -2.91
CA ALA A 90 -2.48 17.32 -1.90
C ALA A 90 -3.83 16.93 -2.51
N TYR A 91 -3.82 16.51 -3.74
CA TYR A 91 -5.10 16.12 -4.40
C TYR A 91 -5.78 15.02 -3.59
N ARG A 92 -6.47 15.39 -2.54
CA ARG A 92 -7.16 14.38 -1.69
C ARG A 92 -7.57 13.18 -2.54
N THR A 93 -7.61 12.02 -1.97
CA THR A 93 -8.00 10.81 -2.75
C THR A 93 -9.10 10.04 -2.04
N ALA A 94 -9.13 8.76 -2.25
CA ALA A 94 -10.17 7.91 -1.59
C ALA A 94 -9.49 6.88 -0.70
N PHE A 95 -8.25 6.57 -0.95
CA PHE A 95 -7.57 5.56 -0.08
C PHE A 95 -6.88 6.27 1.07
N GLU A 96 -7.51 7.25 1.66
CA GLU A 96 -6.86 7.98 2.78
C GLU A 96 -7.23 7.30 4.10
N GLN A 97 -7.16 6.00 4.14
CA GLN A 97 -7.51 5.27 5.41
C GLN A 97 -6.22 4.74 6.05
N GLY A 98 -6.09 4.86 7.34
CA GLY A 98 -4.87 4.36 8.02
C GLY A 98 -5.26 3.46 9.19
N SER A 99 -6.45 2.94 9.18
CA SER A 99 -6.90 2.05 10.29
C SER A 99 -6.90 0.60 9.82
N ALA A 100 -5.74 0.00 9.72
CA ALA A 100 -5.68 -1.42 9.26
C ALA A 100 -5.11 -2.28 10.39
N PRO A 101 -5.94 -3.00 11.09
CA PRO A 101 -5.51 -3.88 12.21
C PRO A 101 -4.93 -5.21 11.74
N LEU A 102 -3.69 -5.47 12.04
CA LEU A 102 -3.06 -6.75 11.60
C LEU A 102 -2.44 -7.46 12.81
N THR A 103 -2.22 -8.74 12.70
CA THR A 103 -1.62 -9.48 13.84
C THR A 103 -0.14 -9.77 13.57
N GLY A 104 0.36 -10.86 14.07
CA GLY A 104 1.80 -11.19 13.84
C GLY A 104 1.92 -12.39 12.89
N GLU A 105 0.97 -12.56 12.01
CA GLU A 105 1.03 -13.70 11.06
C GLU A 105 0.57 -13.22 9.68
N PRO A 106 1.12 -13.80 8.64
CA PRO A 106 0.77 -13.43 7.25
C PRO A 106 -0.74 -13.19 7.08
N ALA A 107 -1.12 -12.00 6.73
CA ALA A 107 -2.58 -11.70 6.56
C ALA A 107 -2.77 -10.61 5.51
N THR A 108 -3.60 -10.86 4.53
CA THR A 108 -3.84 -9.85 3.47
C THR A 108 -5.03 -8.97 3.87
N ARG A 109 -4.96 -7.70 3.60
CA ARG A 109 -6.10 -6.81 3.94
C ARG A 109 -6.72 -6.30 2.63
N GLU A 110 -8.02 -6.30 2.55
CA GLU A 110 -8.69 -5.83 1.30
C GLU A 110 -9.53 -4.58 1.61
N TYR A 111 -9.10 -3.43 1.17
CA TYR A 111 -9.89 -2.20 1.43
C TYR A 111 -10.48 -1.70 0.11
N ALA A 112 -11.77 -1.72 -0.01
CA ALA A 112 -12.42 -1.25 -1.28
C ALA A 112 -13.00 0.14 -1.08
N PHE A 113 -13.43 0.77 -2.13
CA PHE A 113 -14.01 2.14 -1.99
C PHE A 113 -14.42 2.68 -3.36
N THR A 114 -15.25 3.67 -3.39
CA THR A 114 -15.68 4.25 -4.70
C THR A 114 -14.70 5.33 -5.13
N SER A 115 -14.59 5.59 -6.40
CA SER A 115 -13.64 6.63 -6.87
C SER A 115 -14.33 8.00 -6.91
N ASN A 116 -15.09 8.31 -5.90
CA ASN A 116 -15.78 9.64 -5.87
C ASN A 116 -14.86 10.72 -6.42
N LEU A 117 -13.58 10.45 -6.48
CA LEU A 117 -12.63 11.47 -7.02
C LEU A 117 -12.11 11.01 -8.38
N THR A 118 -11.90 11.93 -9.29
CA THR A 118 -11.39 11.54 -10.63
C THR A 118 -9.93 11.99 -10.77
N PHE A 119 -9.01 11.06 -10.75
CA PHE A 119 -7.58 11.43 -10.89
C PHE A 119 -6.91 10.49 -11.90
N PRO A 120 -6.77 10.93 -13.12
CA PRO A 120 -6.15 10.11 -14.20
C PRO A 120 -4.62 10.12 -14.12
N PRO A 121 -3.98 9.23 -14.81
CA PRO A 121 -2.49 9.11 -14.83
C PRO A 121 -1.85 10.14 -15.77
N ASP A 122 -2.63 10.75 -16.62
CA ASP A 122 -2.07 11.76 -17.57
C ASP A 122 -2.55 13.15 -17.17
N GLY A 123 -1.64 14.06 -16.92
CA GLY A 123 -2.06 15.44 -16.53
C GLY A 123 -0.99 16.05 -15.62
N ASP A 124 -1.05 15.77 -14.34
CA ASP A 124 -0.04 16.33 -13.41
C ASP A 124 -0.05 15.53 -12.10
N ALA A 125 -1.21 15.11 -11.66
CA ALA A 125 -1.29 14.33 -10.40
C ALA A 125 -1.74 12.90 -10.72
N PRO A 126 -0.79 12.02 -10.89
CA PRO A 126 -1.08 10.59 -11.21
C PRO A 126 -1.45 9.78 -9.97
N GLY A 127 -1.32 8.48 -10.03
CA GLY A 127 -1.68 7.65 -8.84
C GLY A 127 -0.62 7.81 -7.76
N GLN A 128 -0.77 7.13 -6.66
CA GLN A 128 0.23 7.25 -5.57
C GLN A 128 -0.03 6.19 -4.50
N VAL A 129 1.01 5.62 -3.96
CA VAL A 129 0.84 4.58 -2.90
C VAL A 129 1.89 4.83 -1.83
N ALA A 130 1.62 4.46 -0.61
CA ALA A 130 2.63 4.71 0.45
C ALA A 130 2.30 3.91 1.71
N PHE A 131 3.10 2.93 2.02
CA PHE A 131 2.85 2.11 3.24
C PHE A 131 3.66 2.71 4.40
N HIS A 132 3.13 3.70 5.05
CA HIS A 132 3.90 4.33 6.17
C HIS A 132 3.42 3.77 7.51
N LEU A 133 4.34 3.40 8.36
CA LEU A 133 3.95 2.85 9.70
C LEU A 133 4.88 3.43 10.77
N GLY A 134 5.77 4.29 10.38
CA GLY A 134 6.70 4.89 11.38
C GLY A 134 5.91 5.40 12.58
N LYS A 135 6.38 5.16 13.77
CA LYS A 135 5.64 5.62 14.98
C LYS A 135 6.56 5.53 16.21
N ALA A 136 6.64 6.57 16.97
CA ALA A 136 7.51 6.52 18.19
C ALA A 136 7.27 5.17 18.87
N GLY A 137 6.19 4.53 18.52
CA GLY A 137 5.87 3.21 19.12
C GLY A 137 5.68 2.20 17.98
N ALA A 138 6.14 2.53 16.81
CA ALA A 138 5.99 1.60 15.64
C ALA A 138 6.49 0.20 16.00
N TYR A 139 6.99 -0.52 15.03
CA TYR A 139 7.49 -1.89 15.31
C TYR A 139 8.22 -2.46 14.09
N GLU A 140 7.68 -3.49 13.50
CA GLU A 140 8.34 -4.10 12.30
C GLU A 140 7.27 -4.43 11.25
N PHE A 141 7.57 -4.21 10.01
CA PHE A 141 6.57 -4.51 8.94
C PHE A 141 7.11 -5.59 8.01
N CYS A 142 6.37 -6.64 7.79
CA CYS A 142 6.86 -7.72 6.89
C CYS A 142 5.95 -7.87 5.68
N ILE A 143 6.42 -7.51 4.52
CA ILE A 143 5.59 -7.63 3.29
C ILE A 143 6.28 -8.58 2.30
N SER A 144 5.50 -9.34 1.59
CA SER A 144 6.08 -10.28 0.61
C SER A 144 5.37 -10.11 -0.74
N GLN A 145 4.25 -9.44 -0.75
CA GLN A 145 3.53 -9.24 -2.04
C GLN A 145 2.64 -7.99 -1.95
N VAL A 146 1.97 -7.66 -3.02
CA VAL A 146 1.09 -6.46 -3.02
C VAL A 146 0.38 -6.34 -4.36
N SER A 147 -0.92 -6.28 -4.36
CA SER A 147 -1.66 -6.17 -5.66
C SER A 147 -3.05 -5.60 -5.41
N LEU A 148 -3.81 -5.38 -6.45
CA LEU A 148 -5.18 -4.82 -6.28
C LEU A 148 -6.04 -5.21 -7.49
N THR A 149 -7.13 -4.52 -7.69
CA THR A 149 -8.00 -4.85 -8.85
C THR A 149 -9.36 -4.18 -8.68
N THR A 150 -10.22 -4.28 -9.65
CA THR A 150 -11.56 -3.64 -9.55
C THR A 150 -12.65 -4.69 -9.74
N SER A 151 -12.46 -5.58 -10.68
CA SER A 151 -13.47 -6.64 -10.92
C SER A 151 -14.87 -6.01 -10.93
N ALA A 152 -15.15 -5.18 -11.89
CA ALA A 152 -16.49 -4.54 -11.95
C ALA A 152 -16.72 -3.70 -10.69
N THR A 153 -17.95 -3.45 -10.35
CA THR A 153 -18.23 -2.64 -9.13
C THR A 153 -18.85 -3.54 -8.05
N ALA A 1 -14.13 -4.52 -19.30
CA ALA A 1 -15.40 -3.88 -18.82
C ALA A 1 -16.12 -4.83 -17.86
N SER A 2 -16.32 -4.39 -16.64
CA SER A 2 -17.01 -5.27 -15.65
C SER A 2 -16.48 -6.69 -15.77
N LEU A 3 -15.34 -6.96 -15.19
CA LEU A 3 -14.77 -8.34 -15.28
C LEU A 3 -14.75 -8.97 -13.88
N ASP A 4 -15.11 -10.22 -13.78
CA ASP A 4 -15.11 -10.89 -12.44
C ASP A 4 -13.72 -11.43 -12.14
N SER A 5 -12.71 -10.87 -12.76
CA SER A 5 -11.32 -11.35 -12.51
C SER A 5 -10.62 -10.41 -11.53
N GLU A 6 -9.32 -10.42 -11.50
CA GLU A 6 -8.59 -9.52 -10.57
C GLU A 6 -7.72 -8.55 -11.37
N VAL A 7 -8.31 -7.58 -12.00
CA VAL A 7 -7.52 -6.60 -12.79
C VAL A 7 -6.19 -6.33 -12.09
N GLU A 8 -5.15 -7.03 -12.48
CA GLU A 8 -3.83 -6.81 -11.83
C GLU A 8 -3.11 -5.66 -12.53
N LEU A 9 -3.40 -4.44 -12.16
CA LEU A 9 -2.73 -3.27 -12.79
C LEU A 9 -1.23 -3.34 -12.52
N LEU A 10 -0.85 -3.85 -11.38
CA LEU A 10 0.60 -3.94 -11.05
C LEU A 10 1.02 -5.42 -11.10
N PRO A 11 1.55 -5.86 -12.21
CA PRO A 11 2.00 -7.27 -12.37
C PRO A 11 3.32 -7.53 -11.65
N HIS A 12 3.60 -6.79 -10.61
CA HIS A 12 4.87 -7.00 -9.87
C HIS A 12 4.57 -7.16 -8.37
N THR A 13 4.03 -8.28 -7.99
CA THR A 13 3.71 -8.50 -6.55
C THR A 13 4.62 -9.58 -5.98
N SER A 14 5.88 -9.57 -6.33
CA SER A 14 6.81 -10.61 -5.81
C SER A 14 7.88 -9.95 -4.93
N PHE A 15 7.48 -9.28 -3.89
CA PHE A 15 8.48 -8.63 -2.99
C PHE A 15 9.33 -9.70 -2.32
N ALA A 16 9.30 -10.90 -2.83
CA ALA A 16 10.10 -11.99 -2.22
C ALA A 16 11.49 -12.05 -2.85
N GLU A 17 11.63 -11.52 -4.04
CA GLU A 17 12.96 -11.54 -4.71
C GLU A 17 13.55 -10.13 -4.76
N SER A 18 13.17 -9.36 -5.75
CA SER A 18 13.70 -7.97 -5.85
C SER A 18 12.58 -6.98 -5.53
N LEU A 19 12.92 -5.81 -5.07
CA LEU A 19 11.88 -4.80 -4.72
C LEU A 19 11.01 -4.53 -5.96
N GLY A 20 11.62 -4.19 -7.06
CA GLY A 20 10.83 -3.91 -8.30
C GLY A 20 10.73 -2.39 -8.51
N PRO A 21 9.65 -1.95 -9.10
CA PRO A 21 9.43 -0.50 -9.37
C PRO A 21 8.94 0.26 -8.13
N TRP A 22 8.28 -0.43 -7.24
CA TRP A 22 7.78 0.26 -6.00
C TRP A 22 8.95 1.00 -5.34
N SER A 23 8.66 1.86 -4.39
CA SER A 23 9.75 2.62 -3.72
C SER A 23 9.56 2.54 -2.21
N LEU A 24 10.45 3.16 -1.46
CA LEU A 24 10.33 3.12 0.02
C LEU A 24 11.50 3.89 0.64
N TYR A 25 11.31 4.42 1.82
CA TYR A 25 12.42 5.17 2.48
C TYR A 25 11.94 5.68 3.84
N GLY A 26 12.85 5.86 4.76
CA GLY A 26 12.45 6.37 6.11
C GLY A 26 12.66 5.29 7.18
N THR A 27 12.66 4.04 6.80
CA THR A 27 12.85 2.96 7.81
C THR A 27 14.22 2.31 7.61
N SER A 28 14.31 1.03 7.84
CA SER A 28 15.60 0.32 7.65
C SER A 28 15.67 -0.25 6.23
N GLU A 29 16.77 -0.09 5.55
CA GLU A 29 16.87 -0.65 4.17
C GLU A 29 16.22 -2.03 4.16
N PRO A 30 15.03 -2.15 3.62
CA PRO A 30 14.30 -3.44 3.56
C PRO A 30 15.20 -4.59 3.08
N VAL A 31 14.77 -5.80 3.24
CA VAL A 31 15.62 -6.95 2.78
C VAL A 31 14.74 -8.14 2.40
N PHE A 32 14.84 -8.58 1.17
CA PHE A 32 14.02 -9.75 0.73
C PHE A 32 14.63 -11.03 1.30
N ALA A 33 14.17 -11.46 2.44
CA ALA A 33 14.72 -12.71 3.05
C ALA A 33 14.57 -13.87 2.06
N ASP A 34 14.24 -15.03 2.54
CA ASP A 34 14.08 -16.20 1.63
C ASP A 34 13.02 -15.89 0.58
N GLY A 35 11.93 -15.29 0.99
CA GLY A 35 10.85 -14.95 0.02
C GLY A 35 9.94 -13.89 0.64
N ARG A 36 10.52 -12.85 1.17
CA ARG A 36 9.69 -11.77 1.79
C ARG A 36 10.58 -10.58 2.15
N MET A 37 10.06 -9.39 2.05
CA MET A 37 10.87 -8.19 2.39
C MET A 37 10.35 -7.59 3.69
N CYS A 38 11.22 -7.26 4.60
CA CYS A 38 10.75 -6.68 5.89
C CYS A 38 11.48 -5.37 6.19
N VAL A 39 11.08 -4.68 7.22
CA VAL A 39 11.73 -3.40 7.59
C VAL A 39 11.66 -3.21 9.10
N ASP A 40 12.66 -2.64 9.70
CA ASP A 40 12.64 -2.42 11.17
C ASP A 40 11.84 -1.16 11.49
N LEU A 41 10.65 -1.32 12.01
CA LEU A 41 9.81 -0.13 12.34
C LEU A 41 9.63 -0.03 13.86
N PRO A 42 10.63 0.49 14.54
CA PRO A 42 10.59 0.64 16.02
C PRO A 42 9.76 1.86 16.45
N GLY A 43 9.99 2.37 17.62
CA GLY A 43 9.22 3.54 18.10
C GLY A 43 10.18 4.70 18.39
N GLY A 44 10.07 5.78 17.66
CA GLY A 44 10.97 6.94 17.90
C GLY A 44 10.57 8.10 17.00
N GLN A 45 10.22 7.83 15.77
CA GLN A 45 9.82 8.93 14.85
C GLN A 45 8.29 9.00 14.77
N GLY A 46 7.73 10.14 15.03
CA GLY A 46 6.24 10.28 14.96
C GLY A 46 5.86 11.06 13.70
N ASN A 47 6.12 10.51 12.55
CA ASN A 47 5.78 11.21 11.29
C ASN A 47 5.36 10.19 10.22
N PRO A 48 4.08 9.98 10.07
CA PRO A 48 3.53 9.01 9.08
C PRO A 48 4.15 9.16 7.69
N TRP A 49 5.11 10.02 7.52
CA TRP A 49 5.73 10.20 6.17
C TRP A 49 7.25 10.06 6.28
N ASP A 50 7.71 9.22 7.16
CA ASP A 50 9.18 9.02 7.31
C ASP A 50 9.50 7.52 7.34
N ALA A 51 8.82 6.75 6.55
CA ALA A 51 9.07 5.28 6.53
C ALA A 51 7.86 4.57 5.95
N GLY A 52 7.87 4.29 4.68
CA GLY A 52 6.71 3.60 4.06
C GLY A 52 7.04 3.20 2.61
N LEU A 53 6.17 2.49 1.97
CA LEU A 53 6.44 2.08 0.55
C LEU A 53 5.77 3.08 -0.39
N VAL A 54 5.87 2.85 -1.68
CA VAL A 54 5.26 3.78 -2.66
C VAL A 54 5.16 3.07 -4.03
N TYR A 55 4.34 3.58 -4.91
CA TYR A 55 4.21 2.94 -6.25
C TYR A 55 3.05 3.59 -7.02
N ASN A 56 3.23 3.79 -8.30
CA ASN A 56 2.15 4.42 -9.11
C ASN A 56 1.30 3.33 -9.76
N GLY A 57 0.46 3.70 -10.69
CA GLY A 57 -0.40 2.67 -11.36
C GLY A 57 -1.62 2.39 -10.48
N VAL A 58 -2.56 3.28 -10.46
CA VAL A 58 -3.78 3.07 -9.63
C VAL A 58 -4.90 3.99 -10.12
N PRO A 59 -5.42 3.73 -11.28
CA PRO A 59 -6.53 4.55 -11.87
C PRO A 59 -7.86 4.32 -11.15
N VAL A 60 -8.43 5.36 -10.61
CA VAL A 60 -9.73 5.21 -9.89
C VAL A 60 -10.83 5.94 -10.67
N GLY A 61 -12.00 5.36 -10.72
CA GLY A 61 -13.11 6.02 -11.46
C GLY A 61 -14.23 6.37 -10.48
N GLU A 62 -14.30 7.59 -10.05
CA GLU A 62 -15.37 8.00 -9.10
C GLU A 62 -16.66 7.25 -9.43
N GLY A 63 -17.29 6.66 -8.45
CA GLY A 63 -18.55 5.91 -8.71
C GLY A 63 -18.31 4.41 -8.53
N GLU A 64 -17.12 3.94 -8.83
CA GLU A 64 -16.83 2.50 -8.68
C GLU A 64 -16.06 2.26 -7.37
N SER A 65 -15.76 1.04 -7.05
CA SER A 65 -15.01 0.76 -5.80
C SER A 65 -13.80 -0.13 -6.11
N TYR A 66 -12.70 0.09 -5.43
CA TYR A 66 -11.49 -0.72 -5.70
C TYR A 66 -11.18 -1.61 -4.49
N VAL A 67 -10.13 -2.39 -4.56
CA VAL A 67 -9.78 -3.28 -3.42
C VAL A 67 -8.27 -3.54 -3.44
N LEU A 68 -7.63 -3.50 -2.31
CA LEU A 68 -6.16 -3.75 -2.27
C LEU A 68 -5.85 -4.95 -1.37
N SER A 69 -5.23 -5.95 -1.90
CA SER A 69 -4.89 -7.14 -1.07
C SER A 69 -3.38 -7.17 -0.84
N PHE A 70 -2.91 -6.47 0.15
CA PHE A 70 -1.43 -6.45 0.41
C PHE A 70 -1.03 -7.51 1.43
N THR A 71 0.12 -8.10 1.25
CA THR A 71 0.60 -9.13 2.21
C THR A 71 1.49 -8.45 3.26
N ALA A 72 1.16 -8.57 4.51
CA ALA A 72 2.01 -7.90 5.54
C ALA A 72 1.70 -8.49 6.92
N SER A 73 2.70 -8.55 7.77
CA SER A 73 2.49 -9.09 9.14
C SER A 73 2.99 -8.07 10.16
N ALA A 74 2.24 -7.83 11.20
CA ALA A 74 2.66 -6.83 12.22
C ALA A 74 3.10 -7.57 13.50
N THR A 75 4.35 -7.43 13.86
CA THR A 75 4.84 -8.11 15.09
C THR A 75 5.61 -7.10 15.97
N PRO A 76 5.17 -6.84 17.18
CA PRO A 76 3.93 -7.45 17.77
C PRO A 76 2.66 -6.99 17.05
N ASP A 77 1.61 -6.77 17.79
CA ASP A 77 0.34 -6.33 17.15
C ASP A 77 0.17 -4.82 17.32
N MET A 78 -0.63 -4.22 16.50
CA MET A 78 -0.85 -2.74 16.59
C MET A 78 -1.47 -2.23 15.29
N PRO A 79 -2.17 -1.13 15.36
CA PRO A 79 -2.85 -0.52 14.18
C PRO A 79 -1.86 0.19 13.24
N VAL A 80 -2.15 0.20 11.97
CA VAL A 80 -1.23 0.88 11.00
C VAL A 80 -2.02 1.94 10.23
N ARG A 81 -1.36 2.75 9.46
CA ARG A 81 -2.08 3.80 8.69
C ARG A 81 -1.58 3.83 7.24
N VAL A 82 -2.26 3.15 6.35
CA VAL A 82 -1.83 3.14 4.93
C VAL A 82 -2.68 4.13 4.14
N LEU A 83 -2.14 4.75 3.13
CA LEU A 83 -2.93 5.74 2.35
C LEU A 83 -2.63 5.58 0.85
N VAL A 84 -3.58 5.93 0.01
CA VAL A 84 -3.35 5.81 -1.46
C VAL A 84 -4.14 6.90 -2.17
N GLY A 85 -3.74 7.24 -3.37
CA GLY A 85 -4.47 8.29 -4.12
C GLY A 85 -3.67 8.69 -5.37
N GLU A 86 -3.70 9.94 -5.74
CA GLU A 86 -2.94 10.39 -6.94
C GLU A 86 -1.52 10.81 -6.52
N GLY A 87 -0.75 11.30 -7.44
CA GLY A 87 0.64 11.72 -7.10
C GLY A 87 0.86 13.17 -7.55
N GLY A 88 0.17 14.10 -6.94
CA GLY A 88 0.35 15.53 -7.34
C GLY A 88 -0.92 16.03 -8.03
N GLY A 89 -1.04 17.31 -8.23
CA GLY A 89 -2.25 17.85 -8.90
C GLY A 89 -3.39 17.96 -7.89
N ALA A 90 -3.43 17.08 -6.93
CA ALA A 90 -4.53 17.13 -5.92
C ALA A 90 -4.24 16.13 -4.81
N TYR A 91 -3.29 16.41 -3.96
CA TYR A 91 -2.97 15.46 -2.86
C TYR A 91 -4.26 14.82 -2.34
N ARG A 92 -5.37 15.47 -2.51
CA ARG A 92 -6.66 14.90 -2.03
C ARG A 92 -6.71 13.42 -2.37
N THR A 93 -6.82 12.57 -1.39
CA THR A 93 -6.87 11.11 -1.65
C THR A 93 -8.18 10.52 -1.11
N ALA A 94 -8.47 9.30 -1.45
CA ALA A 94 -9.71 8.66 -0.94
C ALA A 94 -9.34 7.36 -0.22
N PHE A 95 -8.14 6.87 -0.45
CA PHE A 95 -7.73 5.61 0.22
C PHE A 95 -7.06 5.95 1.56
N GLU A 96 -7.56 6.94 2.24
CA GLU A 96 -6.93 7.31 3.55
C GLU A 96 -7.36 6.30 4.62
N GLN A 97 -6.53 5.34 4.90
CA GLN A 97 -6.88 4.32 5.93
C GLN A 97 -6.06 4.59 7.20
N GLY A 98 -6.67 4.50 8.35
CA GLY A 98 -5.93 4.76 9.62
C GLY A 98 -6.31 3.71 10.66
N SER A 99 -7.19 2.80 10.32
CA SER A 99 -7.59 1.76 11.30
C SER A 99 -7.32 0.37 10.71
N ALA A 100 -6.09 0.04 10.47
CA ALA A 100 -5.77 -1.29 9.91
C ALA A 100 -4.99 -2.11 10.94
N PRO A 101 -5.68 -2.95 11.69
CA PRO A 101 -5.04 -3.79 12.73
C PRO A 101 -4.38 -5.05 12.16
N LEU A 102 -3.13 -5.25 12.47
CA LEU A 102 -2.42 -6.45 11.94
C LEU A 102 -1.64 -7.12 13.08
N THR A 103 -1.48 -8.41 13.03
CA THR A 103 -0.73 -9.11 14.11
C THR A 103 0.21 -10.15 13.49
N GLY A 104 0.86 -10.93 14.31
CA GLY A 104 1.80 -11.96 13.77
C GLY A 104 1.01 -12.97 12.94
N GLU A 105 0.04 -12.52 12.19
CA GLU A 105 -0.76 -13.47 11.36
C GLU A 105 -0.58 -13.11 9.88
N PRO A 106 0.52 -13.52 9.32
CA PRO A 106 0.83 -13.25 7.88
C PRO A 106 -0.35 -13.56 6.97
N ALA A 107 -0.84 -12.57 6.27
CA ALA A 107 -2.00 -12.79 5.35
C ALA A 107 -2.29 -11.53 4.55
N THR A 108 -3.14 -11.62 3.56
CA THR A 108 -3.46 -10.42 2.74
C THR A 108 -4.67 -9.69 3.35
N ARG A 109 -4.65 -8.39 3.34
CA ARG A 109 -5.82 -7.64 3.87
C ARG A 109 -6.50 -6.94 2.70
N GLU A 110 -7.80 -6.98 2.65
CA GLU A 110 -8.52 -6.35 1.50
C GLU A 110 -9.28 -5.10 1.97
N TYR A 111 -8.82 -3.94 1.61
CA TYR A 111 -9.54 -2.70 1.99
C TYR A 111 -10.14 -2.09 0.73
N ALA A 112 -11.44 -2.12 0.60
CA ALA A 112 -12.10 -1.56 -0.61
C ALA A 112 -12.76 -0.23 -0.27
N PHE A 113 -12.90 0.64 -1.23
CA PHE A 113 -13.55 1.96 -0.97
C PHE A 113 -14.43 2.33 -2.16
N THR A 114 -15.17 3.40 -2.05
CA THR A 114 -16.06 3.82 -3.17
C THR A 114 -15.40 4.97 -3.94
N SER A 115 -14.98 4.73 -5.15
CA SER A 115 -14.34 5.81 -5.96
C SER A 115 -15.10 7.12 -5.73
N ASN A 116 -14.42 8.16 -5.35
CA ASN A 116 -15.10 9.45 -5.12
C ASN A 116 -14.48 10.53 -6.02
N LEU A 117 -13.23 10.40 -6.34
CA LEU A 117 -12.58 11.40 -7.22
C LEU A 117 -11.95 10.70 -8.43
N THR A 118 -12.33 11.10 -9.61
CA THR A 118 -11.77 10.45 -10.84
C THR A 118 -10.26 10.75 -10.92
N PHE A 119 -9.44 9.74 -10.84
CA PHE A 119 -7.97 9.97 -10.91
C PHE A 119 -7.39 9.15 -12.07
N PRO A 120 -7.53 9.66 -13.26
CA PRO A 120 -7.01 8.98 -14.49
C PRO A 120 -5.50 8.71 -14.39
N PRO A 121 -4.99 7.93 -15.30
CA PRO A 121 -3.53 7.59 -15.34
C PRO A 121 -2.70 8.70 -15.99
N ASP A 122 -3.33 9.60 -16.70
CA ASP A 122 -2.56 10.70 -17.35
C ASP A 122 -2.93 12.03 -16.67
N GLY A 123 -2.30 13.10 -17.08
CA GLY A 123 -2.61 14.42 -16.47
C GLY A 123 -1.50 14.79 -15.47
N ASP A 124 -1.81 15.63 -14.52
CA ASP A 124 -0.78 16.03 -13.52
C ASP A 124 0.13 14.84 -13.22
N ALA A 125 -0.36 13.88 -12.49
CA ALA A 125 0.47 12.68 -12.17
C ALA A 125 -0.36 11.42 -12.32
N PRO A 126 0.27 10.33 -12.65
CA PRO A 126 -0.42 9.01 -12.83
C PRO A 126 -0.87 8.41 -11.50
N GLY A 127 -1.07 7.12 -11.46
CA GLY A 127 -1.51 6.47 -10.19
C GLY A 127 -0.48 6.74 -9.10
N GLN A 128 -0.88 6.65 -7.86
CA GLN A 128 0.08 6.91 -6.76
C GLN A 128 -0.26 6.00 -5.57
N VAL A 129 0.72 5.62 -4.81
CA VAL A 129 0.47 4.73 -3.64
C VAL A 129 1.52 5.01 -2.57
N ALA A 130 1.20 4.83 -1.32
CA ALA A 130 2.19 5.11 -0.25
C ALA A 130 1.79 4.43 1.05
N PHE A 131 2.36 3.30 1.35
CA PHE A 131 2.03 2.60 2.61
C PHE A 131 2.61 3.41 3.78
N HIS A 132 1.77 3.96 4.61
CA HIS A 132 2.29 4.78 5.75
C HIS A 132 2.31 3.96 7.02
N LEU A 133 3.40 4.01 7.75
CA LEU A 133 3.49 3.24 9.03
C LEU A 133 3.94 4.19 10.14
N GLY A 134 4.86 5.06 9.86
CA GLY A 134 5.33 6.01 10.90
C GLY A 134 5.82 5.25 12.12
N LYS A 135 6.81 5.76 12.80
CA LYS A 135 7.32 5.05 14.02
C LYS A 135 6.74 5.70 15.27
N ALA A 136 7.46 5.63 16.36
CA ALA A 136 6.95 6.23 17.63
C ALA A 136 5.93 5.28 18.25
N GLY A 137 5.78 4.12 17.69
CA GLY A 137 4.80 3.14 18.24
C GLY A 137 4.57 2.02 17.21
N ALA A 138 5.37 1.99 16.18
CA ALA A 138 5.20 0.93 15.14
C ALA A 138 5.75 -0.39 15.65
N TYR A 139 6.25 -1.22 14.77
CA TYR A 139 6.80 -2.53 15.20
C TYR A 139 7.60 -3.16 14.06
N GLU A 140 7.15 -4.28 13.55
CA GLU A 140 7.88 -4.93 12.43
C GLU A 140 6.93 -5.07 11.23
N PHE A 141 7.41 -4.87 10.04
CA PHE A 141 6.54 -5.01 8.84
C PHE A 141 7.14 -6.00 7.84
N CYS A 142 6.49 -7.10 7.61
CA CYS A 142 7.03 -8.11 6.64
C CYS A 142 6.05 -8.27 5.47
N ILE A 143 6.36 -7.69 4.34
CA ILE A 143 5.46 -7.83 3.16
C ILE A 143 6.21 -8.59 2.06
N SER A 144 5.50 -9.41 1.34
CA SER A 144 6.16 -10.20 0.25
C SER A 144 5.25 -10.20 -0.98
N GLN A 145 4.11 -9.59 -0.88
CA GLN A 145 3.19 -9.57 -2.06
C GLN A 145 2.30 -8.32 -2.00
N VAL A 146 1.84 -7.87 -3.14
CA VAL A 146 0.95 -6.66 -3.16
C VAL A 146 0.17 -6.63 -4.47
N SER A 147 -1.13 -6.62 -4.41
CA SER A 147 -1.94 -6.59 -5.65
C SER A 147 -3.29 -5.92 -5.38
N LEU A 148 -4.06 -5.66 -6.41
CA LEU A 148 -5.37 -5.01 -6.20
C LEU A 148 -6.28 -5.31 -7.39
N THR A 149 -7.33 -4.55 -7.56
CA THR A 149 -8.25 -4.79 -8.71
C THR A 149 -9.56 -4.03 -8.49
N THR A 150 -10.58 -4.35 -9.24
CA THR A 150 -11.88 -3.65 -9.06
C THR A 150 -12.98 -4.44 -9.75
N SER A 151 -13.59 -3.89 -10.77
CA SER A 151 -14.68 -4.62 -11.48
C SER A 151 -15.55 -3.62 -12.24
N ALA A 152 -14.97 -2.58 -12.76
CA ALA A 152 -15.77 -1.57 -13.51
C ALA A 152 -17.12 -1.38 -12.83
N THR A 153 -17.21 -1.70 -11.56
CA THR A 153 -18.51 -1.54 -10.85
C THR A 153 -18.25 -0.97 -9.45
N ALA A 1 -14.81 -7.06 -19.77
CA ALA A 1 -13.68 -8.00 -19.58
C ALA A 1 -13.31 -8.05 -18.09
N SER A 2 -13.74 -7.08 -17.33
CA SER A 2 -13.42 -7.07 -15.88
C SER A 2 -14.23 -8.14 -15.17
N LEU A 3 -15.22 -7.75 -14.41
CA LEU A 3 -16.05 -8.76 -13.69
C LEU A 3 -15.14 -9.68 -12.88
N ASP A 4 -15.60 -10.87 -12.59
CA ASP A 4 -14.76 -11.82 -11.81
C ASP A 4 -13.32 -11.80 -12.34
N SER A 5 -12.43 -12.51 -11.70
CA SER A 5 -11.02 -12.53 -12.17
C SER A 5 -10.28 -11.33 -11.58
N GLU A 6 -8.96 -11.35 -11.63
CA GLU A 6 -8.19 -10.20 -11.07
C GLU A 6 -7.59 -9.40 -12.22
N VAL A 7 -7.72 -8.10 -12.16
CA VAL A 7 -7.16 -7.25 -13.26
C VAL A 7 -5.91 -6.52 -12.74
N GLU A 8 -4.98 -7.23 -12.18
CA GLU A 8 -3.75 -6.58 -11.66
C GLU A 8 -3.16 -5.68 -12.75
N LEU A 9 -3.28 -4.40 -12.59
CA LEU A 9 -2.74 -3.46 -13.61
C LEU A 9 -1.25 -3.18 -13.31
N LEU A 10 -0.59 -4.12 -12.68
CA LEU A 10 0.86 -3.91 -12.36
C LEU A 10 1.52 -5.28 -12.18
N PRO A 11 2.01 -5.84 -13.25
CA PRO A 11 2.68 -7.18 -13.25
C PRO A 11 3.81 -7.29 -12.22
N HIS A 12 3.61 -6.80 -11.03
CA HIS A 12 4.68 -6.90 -10.00
C HIS A 12 4.07 -6.75 -8.60
N THR A 13 3.91 -7.85 -7.91
CA THR A 13 3.31 -7.78 -6.55
C THR A 13 3.93 -8.87 -5.67
N SER A 14 5.23 -9.04 -5.73
CA SER A 14 5.88 -10.09 -4.89
C SER A 14 7.35 -9.73 -4.67
N PHE A 15 7.62 -8.87 -3.72
CA PHE A 15 9.04 -8.50 -3.44
C PHE A 15 9.76 -9.71 -2.84
N ALA A 16 9.45 -10.89 -3.29
CA ALA A 16 10.11 -12.10 -2.74
C ALA A 16 11.50 -12.25 -3.36
N GLU A 17 11.67 -11.80 -4.58
CA GLU A 17 13.00 -11.92 -5.24
C GLU A 17 13.63 -10.52 -5.38
N SER A 18 13.12 -9.73 -6.28
CA SER A 18 13.69 -8.36 -6.48
C SER A 18 12.69 -7.32 -5.97
N LEU A 19 13.17 -6.25 -5.40
CA LEU A 19 12.25 -5.19 -4.89
C LEU A 19 11.25 -4.81 -5.99
N GLY A 20 11.73 -4.56 -7.17
CA GLY A 20 10.81 -4.17 -8.28
C GLY A 20 10.78 -2.65 -8.42
N PRO A 21 9.91 -2.15 -9.26
CA PRO A 21 9.78 -0.69 -9.51
C PRO A 21 9.20 0.05 -8.29
N TRP A 22 8.52 -0.65 -7.43
CA TRP A 22 7.93 0.01 -6.23
C TRP A 22 9.02 0.79 -5.50
N SER A 23 8.68 1.45 -4.42
CA SER A 23 9.71 2.23 -3.68
C SER A 23 9.45 2.09 -2.17
N LEU A 24 10.40 2.51 -1.36
CA LEU A 24 10.22 2.41 0.11
C LEU A 24 11.42 3.08 0.81
N TYR A 25 11.31 3.31 2.08
CA TYR A 25 12.45 3.96 2.81
C TYR A 25 11.97 4.42 4.19
N GLY A 26 12.83 5.07 4.93
CA GLY A 26 12.43 5.55 6.29
C GLY A 26 12.85 4.53 7.34
N THR A 27 12.91 3.27 6.98
CA THR A 27 13.31 2.23 7.98
C THR A 27 14.69 1.69 7.62
N SER A 28 14.91 0.42 7.79
CA SER A 28 16.23 -0.16 7.46
C SER A 28 16.22 -0.65 6.00
N GLU A 29 17.16 -1.46 5.64
CA GLU A 29 17.20 -1.98 4.24
C GLU A 29 16.39 -3.28 4.16
N PRO A 30 15.28 -3.27 3.49
CA PRO A 30 14.41 -4.47 3.35
C PRO A 30 15.22 -5.72 3.01
N VAL A 31 14.68 -6.89 3.26
CA VAL A 31 15.43 -8.14 2.94
C VAL A 31 14.47 -9.20 2.44
N PHE A 32 14.53 -9.53 1.18
CA PHE A 32 13.62 -10.57 0.63
C PHE A 32 14.03 -11.94 1.17
N ALA A 33 13.76 -12.18 2.42
CA ALA A 33 14.13 -13.50 3.02
C ALA A 33 13.33 -14.62 2.36
N ASP A 34 12.86 -15.57 3.13
CA ASP A 34 12.07 -16.68 2.55
C ASP A 34 10.98 -16.11 1.64
N GLY A 35 11.31 -15.76 0.44
CA GLY A 35 10.29 -15.20 -0.50
C GLY A 35 9.48 -14.12 0.22
N ARG A 36 10.08 -13.43 1.15
CA ARG A 36 9.34 -12.36 1.88
C ARG A 36 10.29 -11.20 2.18
N MET A 37 9.80 -9.99 2.11
CA MET A 37 10.66 -8.82 2.40
C MET A 37 10.21 -8.18 3.71
N CYS A 38 11.12 -8.02 4.64
CA CYS A 38 10.74 -7.42 5.95
C CYS A 38 11.62 -6.21 6.25
N VAL A 39 11.13 -5.29 7.03
CA VAL A 39 11.93 -4.08 7.37
C VAL A 39 11.96 -3.93 8.90
N ASP A 40 13.09 -3.56 9.45
CA ASP A 40 13.19 -3.39 10.92
C ASP A 40 12.86 -1.94 11.29
N LEU A 41 11.88 -1.74 12.13
CA LEU A 41 11.52 -0.36 12.53
C LEU A 41 11.82 -0.16 14.02
N PRO A 42 13.00 0.33 14.33
CA PRO A 42 13.44 0.56 15.73
C PRO A 42 12.41 1.35 16.55
N GLY A 43 12.04 2.52 16.10
CA GLY A 43 11.04 3.33 16.85
C GLY A 43 11.68 4.64 17.30
N GLY A 44 10.91 5.70 17.36
CA GLY A 44 11.46 7.01 17.80
C GLY A 44 11.19 8.07 16.74
N GLN A 45 10.09 7.98 16.05
CA GLN A 45 9.78 8.99 15.00
C GLN A 45 8.49 9.73 15.38
N GLY A 46 8.36 10.96 14.96
CA GLY A 46 7.11 11.72 15.29
C GLY A 46 6.42 12.13 13.99
N ASN A 47 6.09 11.18 13.15
CA ASN A 47 5.41 11.52 11.87
C ASN A 47 5.02 10.22 11.15
N PRO A 48 3.78 9.82 11.28
CA PRO A 48 3.28 8.58 10.64
C PRO A 48 3.70 8.45 9.18
N TRP A 49 4.03 9.55 8.55
CA TRP A 49 4.46 9.50 7.12
C TRP A 49 5.96 9.73 7.02
N ASP A 50 6.74 8.81 7.55
CA ASP A 50 8.22 8.98 7.49
C ASP A 50 8.87 7.65 7.07
N ALA A 51 8.08 6.68 6.72
CA ALA A 51 8.67 5.37 6.31
C ALA A 51 7.54 4.42 5.88
N GLY A 52 7.85 3.46 5.05
CA GLY A 52 6.80 2.50 4.58
C GLY A 52 7.05 2.13 3.13
N LEU A 53 6.10 1.47 2.51
CA LEU A 53 6.27 1.07 1.09
C LEU A 53 5.56 2.10 0.19
N VAL A 54 6.03 2.27 -1.02
CA VAL A 54 5.37 3.26 -1.91
C VAL A 54 5.39 2.77 -3.36
N TYR A 55 4.57 3.34 -4.20
CA TYR A 55 4.54 2.90 -5.62
C TYR A 55 3.42 3.65 -6.35
N ASN A 56 3.59 3.90 -7.63
CA ASN A 56 2.54 4.62 -8.39
C ASN A 56 1.73 3.63 -9.21
N GLY A 57 0.72 4.09 -9.89
CA GLY A 57 -0.11 3.17 -10.72
C GLY A 57 -1.35 2.75 -9.92
N VAL A 58 -2.32 3.61 -9.81
CA VAL A 58 -3.55 3.25 -9.04
C VAL A 58 -4.72 4.12 -9.52
N PRO A 59 -5.19 3.87 -10.72
CA PRO A 59 -6.31 4.63 -11.31
C PRO A 59 -7.52 4.72 -10.36
N VAL A 60 -8.06 5.89 -10.19
CA VAL A 60 -9.23 6.04 -9.27
C VAL A 60 -10.40 6.64 -10.04
N GLY A 61 -11.46 5.88 -10.21
CA GLY A 61 -12.64 6.40 -10.95
C GLY A 61 -13.85 6.46 -10.01
N GLU A 62 -14.20 7.63 -9.55
CA GLU A 62 -15.36 7.75 -8.63
C GLU A 62 -16.55 6.96 -9.20
N GLY A 63 -17.27 6.27 -8.36
CA GLY A 63 -18.43 5.48 -8.86
C GLY A 63 -18.12 3.98 -8.76
N GLU A 64 -16.90 3.60 -9.02
CA GLU A 64 -16.55 2.16 -8.94
C GLU A 64 -15.84 1.88 -7.62
N SER A 65 -15.65 0.62 -7.29
CA SER A 65 -14.97 0.27 -6.01
C SER A 65 -13.65 -0.42 -6.32
N TYR A 66 -12.61 -0.11 -5.58
CA TYR A 66 -11.31 -0.76 -5.83
C TYR A 66 -11.03 -1.81 -4.76
N VAL A 67 -9.90 -2.46 -4.82
CA VAL A 67 -9.57 -3.50 -3.80
C VAL A 67 -8.06 -3.63 -3.67
N LEU A 68 -7.54 -3.42 -2.48
CA LEU A 68 -6.07 -3.53 -2.27
C LEU A 68 -5.78 -4.75 -1.39
N SER A 69 -5.10 -5.73 -1.92
CA SER A 69 -4.79 -6.94 -1.11
C SER A 69 -3.29 -6.97 -0.79
N PHE A 70 -2.89 -6.31 0.27
CA PHE A 70 -1.45 -6.27 0.63
C PHE A 70 -1.10 -7.36 1.65
N THR A 71 0.03 -7.99 1.48
CA THR A 71 0.46 -9.04 2.44
C THR A 71 1.44 -8.42 3.42
N ALA A 72 1.13 -8.43 4.69
CA ALA A 72 2.07 -7.82 5.68
C ALA A 72 1.59 -8.12 7.10
N SER A 73 2.49 -8.53 7.95
CA SER A 73 2.10 -8.83 9.36
C SER A 73 2.96 -7.99 10.31
N ALA A 74 2.33 -7.20 11.14
CA ALA A 74 3.11 -6.36 12.09
C ALA A 74 3.29 -7.12 13.41
N THR A 75 4.47 -7.10 13.97
CA THR A 75 4.72 -7.82 15.23
C THR A 75 5.42 -6.88 16.23
N PRO A 76 4.82 -6.57 17.35
CA PRO A 76 3.46 -7.05 17.74
C PRO A 76 2.36 -6.50 16.82
N ASP A 77 1.23 -6.18 17.36
CA ASP A 77 0.12 -5.63 16.52
C ASP A 77 0.00 -4.12 16.78
N MET A 78 -0.47 -3.39 15.81
CA MET A 78 -0.62 -1.91 15.99
C MET A 78 -1.27 -1.32 14.75
N PRO A 79 -1.89 -0.17 14.88
CA PRO A 79 -2.57 0.52 13.75
C PRO A 79 -1.59 1.22 12.81
N VAL A 80 -1.55 0.83 11.57
CA VAL A 80 -0.62 1.47 10.61
C VAL A 80 -1.38 2.51 9.79
N ARG A 81 -0.69 3.24 8.95
CA ARG A 81 -1.38 4.28 8.12
C ARG A 81 -1.15 4.00 6.64
N VAL A 82 -2.10 4.30 5.80
CA VAL A 82 -1.94 4.06 4.35
C VAL A 82 -2.81 5.04 3.57
N LEU A 83 -2.45 5.33 2.35
CA LEU A 83 -3.27 6.27 1.53
C LEU A 83 -3.24 5.85 0.06
N VAL A 84 -4.22 6.25 -0.70
CA VAL A 84 -4.24 5.88 -2.13
C VAL A 84 -4.88 6.99 -2.95
N GLY A 85 -4.32 7.30 -4.09
CA GLY A 85 -4.90 8.39 -4.94
C GLY A 85 -3.76 9.26 -5.48
N GLU A 86 -4.06 10.49 -5.82
CA GLU A 86 -3.00 11.39 -6.35
C GLU A 86 -2.32 12.12 -5.19
N GLY A 87 -1.74 13.26 -5.45
CA GLY A 87 -1.07 14.01 -4.36
C GLY A 87 -0.23 15.14 -4.96
N GLY A 88 -0.46 15.47 -6.20
CA GLY A 88 0.33 16.56 -6.84
C GLY A 88 -0.01 17.89 -6.18
N GLY A 89 -0.69 18.76 -6.87
CA GLY A 89 -1.05 20.07 -6.27
C GLY A 89 -2.31 19.91 -5.41
N ALA A 90 -3.25 20.82 -5.53
CA ALA A 90 -4.48 20.71 -4.72
C ALA A 90 -5.19 19.39 -5.03
N TYR A 91 -4.62 18.60 -5.89
CA TYR A 91 -5.26 17.29 -6.23
C TYR A 91 -5.17 16.35 -5.04
N ARG A 92 -6.04 16.50 -4.08
CA ARG A 92 -6.00 15.61 -2.88
C ARG A 92 -6.47 14.21 -3.27
N THR A 93 -6.27 13.25 -2.42
CA THR A 93 -6.71 11.86 -2.74
C THR A 93 -8.04 11.57 -2.05
N ALA A 94 -8.60 10.41 -2.29
CA ALA A 94 -9.88 10.04 -1.64
C ALA A 94 -9.64 8.87 -0.69
N PHE A 95 -8.60 8.12 -0.92
CA PHE A 95 -8.31 6.97 -0.02
C PHE A 95 -7.40 7.42 1.12
N GLU A 96 -7.56 8.64 1.56
CA GLU A 96 -6.69 9.13 2.67
C GLU A 96 -7.20 8.59 4.01
N GLN A 97 -6.84 7.38 4.35
CA GLN A 97 -7.31 6.79 5.63
C GLN A 97 -6.15 6.69 6.61
N GLY A 98 -6.26 5.86 7.60
CA GLY A 98 -5.16 5.72 8.59
C GLY A 98 -5.47 4.58 9.56
N SER A 99 -6.69 4.48 10.00
CA SER A 99 -7.07 3.40 10.94
C SER A 99 -6.88 2.04 10.27
N ALA A 100 -5.66 1.56 10.21
CA ALA A 100 -5.42 0.24 9.56
C ALA A 100 -4.76 -0.71 10.57
N PRO A 101 -5.54 -1.53 11.22
CA PRO A 101 -5.02 -2.50 12.23
C PRO A 101 -4.43 -3.76 11.60
N LEU A 102 -3.24 -4.13 12.01
CA LEU A 102 -2.60 -5.35 11.44
C LEU A 102 -2.06 -6.22 12.58
N THR A 103 -2.20 -7.51 12.47
CA THR A 103 -1.69 -8.41 13.55
C THR A 103 -0.28 -8.87 13.20
N GLY A 104 0.17 -9.93 13.80
CA GLY A 104 1.54 -10.43 13.51
C GLY A 104 1.46 -11.72 12.70
N GLU A 105 0.47 -11.84 11.86
CA GLU A 105 0.33 -13.07 11.03
C GLU A 105 0.39 -12.70 9.55
N PRO A 106 1.02 -13.52 8.75
CA PRO A 106 1.17 -13.27 7.29
C PRO A 106 -0.15 -13.50 6.53
N ALA A 107 -0.49 -12.62 5.63
CA ALA A 107 -1.75 -12.80 4.86
C ALA A 107 -2.10 -11.50 4.14
N THR A 108 -2.92 -11.57 3.13
CA THR A 108 -3.31 -10.34 2.39
C THR A 108 -4.45 -9.63 3.10
N ARG A 109 -4.33 -8.35 3.31
CA ARG A 109 -5.44 -7.61 3.97
C ARG A 109 -6.31 -7.04 2.85
N GLU A 110 -7.59 -6.94 3.04
CA GLU A 110 -8.44 -6.43 1.93
C GLU A 110 -8.92 -5.01 2.26
N TYR A 111 -8.36 -4.03 1.59
CA TYR A 111 -8.76 -2.62 1.83
C TYR A 111 -9.52 -2.12 0.61
N ALA A 112 -10.75 -2.52 0.46
CA ALA A 112 -11.55 -2.08 -0.71
C ALA A 112 -12.48 -0.93 -0.31
N PHE A 113 -13.02 -0.22 -1.27
CA PHE A 113 -13.93 0.90 -0.94
C PHE A 113 -14.71 1.31 -2.19
N THR A 114 -15.48 2.37 -2.10
CA THR A 114 -16.26 2.83 -3.28
C THR A 114 -15.68 4.12 -3.81
N SER A 115 -15.10 4.09 -4.99
CA SER A 115 -14.51 5.32 -5.56
C SER A 115 -15.50 6.48 -5.42
N ASN A 116 -15.08 7.56 -4.81
CA ASN A 116 -16.01 8.72 -4.64
C ASN A 116 -15.37 9.97 -5.25
N LEU A 117 -14.20 9.84 -5.81
CA LEU A 117 -13.52 11.02 -6.41
C LEU A 117 -12.72 10.57 -7.63
N THR A 118 -13.03 11.10 -8.79
CA THR A 118 -12.27 10.71 -10.01
C THR A 118 -10.84 11.21 -9.92
N PHE A 119 -9.90 10.42 -10.36
CA PHE A 119 -8.47 10.86 -10.30
C PHE A 119 -7.60 9.88 -11.08
N PRO A 120 -7.63 9.96 -12.38
CA PRO A 120 -6.83 9.07 -13.27
C PRO A 120 -5.33 9.17 -12.98
N PRO A 121 -4.57 8.28 -13.55
CA PRO A 121 -3.08 8.26 -13.35
C PRO A 121 -2.37 9.27 -14.24
N ASP A 122 -3.04 9.77 -15.24
CA ASP A 122 -2.40 10.78 -16.14
C ASP A 122 -3.03 12.15 -15.92
N GLY A 123 -4.33 12.20 -15.86
CA GLY A 123 -5.01 13.51 -15.65
C GLY A 123 -4.22 14.33 -14.63
N ASP A 124 -3.81 13.73 -13.56
CA ASP A 124 -3.03 14.47 -12.51
C ASP A 124 -1.63 13.86 -12.40
N ALA A 125 -1.53 12.71 -11.80
CA ALA A 125 -0.18 12.07 -11.66
C ALA A 125 -0.31 10.56 -11.90
N PRO A 126 0.79 9.92 -12.16
CA PRO A 126 0.83 8.45 -12.42
C PRO A 126 0.14 7.65 -11.31
N GLY A 127 -0.27 8.30 -10.27
CA GLY A 127 -0.95 7.58 -9.15
C GLY A 127 -0.17 7.79 -7.85
N GLN A 128 -0.79 7.56 -6.73
CA GLN A 128 -0.07 7.75 -5.43
C GLN A 128 -0.62 6.77 -4.40
N VAL A 129 0.13 5.74 -4.09
CA VAL A 129 -0.33 4.76 -3.07
C VAL A 129 0.85 4.38 -2.18
N ALA A 130 0.77 4.64 -0.92
CA ALA A 130 1.92 4.30 -0.02
C ALA A 130 1.42 3.80 1.33
N PHE A 131 2.06 2.79 1.85
CA PHE A 131 1.64 2.24 3.17
C PHE A 131 2.49 2.89 4.27
N HIS A 132 1.90 3.74 5.06
CA HIS A 132 2.68 4.42 6.13
C HIS A 132 2.43 3.72 7.46
N LEU A 133 3.46 3.21 8.08
CA LEU A 133 3.29 2.51 9.38
C LEU A 133 3.97 3.34 10.48
N GLY A 134 4.63 4.41 10.11
CA GLY A 134 5.32 5.24 11.13
C GLY A 134 6.09 4.34 12.08
N LYS A 135 6.77 4.92 13.04
CA LYS A 135 7.54 4.08 14.00
C LYS A 135 7.11 4.40 15.43
N ALA A 136 5.93 4.90 15.59
CA ALA A 136 5.43 5.21 16.97
C ALA A 136 5.22 3.89 17.70
N GLY A 137 5.06 2.84 16.94
CA GLY A 137 4.87 1.49 17.54
C GLY A 137 5.85 0.53 16.87
N ALA A 138 7.11 0.88 16.89
CA ALA A 138 8.15 0.03 16.23
C ALA A 138 7.73 -1.44 16.23
N TYR A 139 8.23 -2.20 15.29
CA TYR A 139 7.88 -3.64 15.22
C TYR A 139 8.48 -4.24 13.94
N GLU A 140 8.03 -5.38 13.53
CA GLU A 140 8.60 -6.00 12.30
C GLU A 140 7.52 -6.07 11.21
N PHE A 141 7.76 -5.43 10.09
CA PHE A 141 6.77 -5.46 8.99
C PHE A 141 7.23 -6.46 7.93
N CYS A 142 6.58 -7.60 7.84
CA CYS A 142 7.01 -8.61 6.83
C CYS A 142 6.02 -8.67 5.67
N ILE A 143 6.35 -8.06 4.57
CA ILE A 143 5.44 -8.09 3.39
C ILE A 143 6.12 -8.88 2.26
N SER A 144 5.36 -9.67 1.56
CA SER A 144 5.94 -10.48 0.46
C SER A 144 5.06 -10.35 -0.78
N GLN A 145 3.92 -9.72 -0.66
CA GLN A 145 3.03 -9.57 -1.85
C GLN A 145 2.27 -8.24 -1.76
N VAL A 146 1.74 -7.77 -2.86
CA VAL A 146 1.00 -6.49 -2.84
C VAL A 146 0.40 -6.22 -4.22
N SER A 147 -0.90 -6.31 -4.34
CA SER A 147 -1.53 -6.05 -5.67
C SER A 147 -2.97 -5.57 -5.45
N LEU A 148 -3.57 -4.98 -6.44
CA LEU A 148 -4.97 -4.49 -6.30
C LEU A 148 -5.72 -4.69 -7.62
N THR A 149 -7.01 -4.47 -7.61
CA THR A 149 -7.80 -4.65 -8.87
C THR A 149 -9.17 -4.00 -8.70
N THR A 150 -10.07 -4.27 -9.61
CA THR A 150 -11.43 -3.67 -9.50
C THR A 150 -12.47 -4.65 -10.05
N SER A 151 -13.39 -4.17 -10.84
CA SER A 151 -14.43 -5.08 -11.40
C SER A 151 -15.49 -4.25 -12.11
N ALA A 152 -15.77 -4.54 -13.35
CA ALA A 152 -16.81 -3.77 -14.09
C ALA A 152 -16.40 -2.29 -14.15
N THR A 153 -17.04 -1.52 -14.98
CA THR A 153 -16.69 -0.08 -15.09
C THR A 153 -17.92 0.77 -14.78
N ALA A 1 -21.85 -7.33 -6.45
CA ALA A 1 -20.58 -8.12 -6.45
C ALA A 1 -20.15 -8.37 -7.89
N SER A 2 -19.13 -7.68 -8.34
CA SER A 2 -18.66 -7.89 -9.74
C SER A 2 -17.25 -8.51 -9.72
N LEU A 3 -16.46 -8.17 -8.74
CA LEU A 3 -15.09 -8.74 -8.66
C LEU A 3 -15.09 -10.18 -9.16
N ASP A 4 -14.48 -10.44 -10.28
CA ASP A 4 -14.45 -11.82 -10.82
C ASP A 4 -13.15 -12.04 -11.59
N SER A 5 -12.16 -11.23 -11.33
CA SER A 5 -10.86 -11.39 -12.04
C SER A 5 -9.99 -10.16 -11.78
N GLU A 6 -9.29 -10.13 -10.68
CA GLU A 6 -8.42 -8.96 -10.37
C GLU A 6 -7.83 -8.40 -11.68
N VAL A 7 -8.09 -7.15 -11.97
CA VAL A 7 -7.54 -6.57 -13.22
C VAL A 7 -6.03 -6.37 -13.07
N GLU A 8 -5.45 -7.12 -12.18
CA GLU A 8 -3.97 -7.02 -11.95
C GLU A 8 -3.45 -5.64 -12.36
N LEU A 9 -3.87 -4.60 -11.69
CA LEU A 9 -3.39 -3.24 -12.04
C LEU A 9 -1.85 -3.24 -11.99
N LEU A 10 -1.30 -3.73 -10.92
CA LEU A 10 0.19 -3.78 -10.79
C LEU A 10 0.66 -5.20 -11.09
N PRO A 11 1.41 -5.39 -12.14
CA PRO A 11 1.93 -6.73 -12.53
C PRO A 11 3.07 -7.19 -11.63
N HIS A 12 3.09 -6.73 -10.40
CA HIS A 12 4.18 -7.15 -9.48
C HIS A 12 3.59 -7.46 -8.10
N THR A 13 4.06 -8.49 -7.47
CA THR A 13 3.52 -8.84 -6.12
C THR A 13 4.40 -9.94 -5.51
N SER A 14 5.68 -9.71 -5.41
CA SER A 14 6.58 -10.72 -4.82
C SER A 14 7.93 -10.09 -4.48
N PHE A 15 7.98 -9.29 -3.45
CA PHE A 15 9.26 -8.63 -3.07
C PHE A 15 10.27 -9.71 -2.68
N ALA A 16 10.28 -10.81 -3.40
CA ALA A 16 11.23 -11.90 -3.08
C ALA A 16 12.65 -11.51 -3.50
N GLU A 17 12.81 -11.01 -4.68
CA GLU A 17 14.17 -10.61 -5.15
C GLU A 17 14.26 -9.08 -5.23
N SER A 18 13.82 -8.50 -6.31
CA SER A 18 13.88 -7.03 -6.44
C SER A 18 12.56 -6.41 -6.00
N LEU A 19 12.60 -5.28 -5.35
CA LEU A 19 11.34 -4.64 -4.89
C LEU A 19 10.42 -4.40 -6.09
N GLY A 20 10.94 -4.52 -7.27
CA GLY A 20 10.09 -4.30 -8.49
C GLY A 20 10.02 -2.79 -8.77
N PRO A 21 8.90 -2.34 -9.29
CA PRO A 21 8.70 -0.91 -9.62
C PRO A 21 8.32 -0.08 -8.38
N TRP A 22 8.01 -0.73 -7.29
CA TRP A 22 7.64 0.02 -6.06
C TRP A 22 8.87 0.77 -5.54
N SER A 23 8.83 1.23 -4.32
CA SER A 23 10.00 1.97 -3.77
C SER A 23 9.98 1.88 -2.24
N LEU A 24 11.07 1.46 -1.65
CA LEU A 24 11.11 1.36 -0.16
C LEU A 24 12.24 2.23 0.38
N TYR A 25 11.98 3.00 1.39
CA TYR A 25 13.04 3.88 1.97
C TYR A 25 12.48 4.64 3.17
N GLY A 26 13.33 5.02 4.09
CA GLY A 26 12.85 5.77 5.28
C GLY A 26 12.93 4.89 6.53
N THR A 27 12.94 3.60 6.36
CA THR A 27 13.02 2.70 7.55
C THR A 27 14.39 2.02 7.57
N SER A 28 14.44 0.77 7.96
CA SER A 28 15.74 0.04 8.01
C SER A 28 15.98 -0.66 6.67
N GLU A 29 17.19 -0.67 6.20
CA GLU A 29 17.47 -1.35 4.90
C GLU A 29 16.62 -2.61 4.79
N PRO A 30 15.54 -2.56 4.05
CA PRO A 30 14.64 -3.73 3.87
C PRO A 30 15.41 -5.01 3.59
N VAL A 31 14.80 -6.15 3.78
CA VAL A 31 15.52 -7.43 3.52
C VAL A 31 14.60 -8.43 2.81
N PHE A 32 14.69 -8.52 1.51
CA PHE A 32 13.84 -9.50 0.77
C PHE A 32 14.42 -10.90 0.94
N ALA A 33 14.07 -11.56 2.01
CA ALA A 33 14.60 -12.93 2.26
C ALA A 33 14.25 -13.83 1.07
N ASP A 34 13.90 -15.06 1.33
CA ASP A 34 13.56 -16.00 0.23
C ASP A 34 12.41 -15.42 -0.59
N GLY A 35 11.28 -15.20 0.03
CA GLY A 35 10.11 -14.65 -0.73
C GLY A 35 9.36 -13.66 0.16
N ARG A 36 10.06 -12.76 0.80
CA ARG A 36 9.36 -11.76 1.67
C ARG A 36 10.35 -10.67 2.08
N MET A 37 9.86 -9.48 2.28
CA MET A 37 10.76 -8.36 2.68
C MET A 37 10.25 -7.76 3.99
N CYS A 38 11.11 -7.62 4.96
CA CYS A 38 10.67 -7.05 6.26
C CYS A 38 11.50 -5.81 6.59
N VAL A 39 10.90 -4.85 7.25
CA VAL A 39 11.64 -3.61 7.63
C VAL A 39 11.55 -3.44 9.14
N ASP A 40 12.43 -2.67 9.72
CA ASP A 40 12.39 -2.48 11.20
C ASP A 40 11.85 -1.09 11.53
N LEU A 41 10.59 -1.01 11.88
CA LEU A 41 10.00 0.31 12.24
C LEU A 41 9.63 0.32 13.72
N PRO A 42 10.59 0.52 14.57
CA PRO A 42 10.37 0.55 16.05
C PRO A 42 9.80 1.88 16.53
N GLY A 43 9.96 2.20 17.78
CA GLY A 43 9.42 3.49 18.30
C GLY A 43 10.53 4.55 18.30
N GLY A 44 10.30 5.65 17.64
CA GLY A 44 11.35 6.72 17.60
C GLY A 44 11.14 7.58 16.35
N GLN A 45 10.35 7.11 15.41
CA GLN A 45 10.12 7.90 14.17
C GLN A 45 8.78 8.63 14.28
N GLY A 46 8.69 9.61 15.13
CA GLY A 46 7.41 10.36 15.28
C GLY A 46 7.06 11.05 13.96
N ASN A 47 7.11 10.33 12.87
CA ASN A 47 6.78 10.94 11.55
C ASN A 47 6.54 9.84 10.52
N PRO A 48 5.31 9.38 10.45
CA PRO A 48 4.92 8.30 9.49
C PRO A 48 5.41 8.58 8.07
N TRP A 49 5.97 9.74 7.85
CA TRP A 49 6.47 10.08 6.48
C TRP A 49 7.98 9.87 6.43
N ASP A 50 8.48 8.87 7.09
CA ASP A 50 9.95 8.62 7.08
C ASP A 50 10.22 7.12 7.13
N ALA A 51 9.36 6.33 6.55
CA ALA A 51 9.57 4.85 6.58
C ALA A 51 8.33 4.16 5.98
N GLY A 52 8.42 3.71 4.76
CA GLY A 52 7.25 3.03 4.13
C GLY A 52 7.57 2.70 2.68
N LEU A 53 6.69 1.98 2.02
CA LEU A 53 6.94 1.63 0.59
C LEU A 53 6.14 2.58 -0.30
N VAL A 54 6.30 2.47 -1.59
CA VAL A 54 5.55 3.37 -2.51
C VAL A 54 5.33 2.70 -3.87
N TYR A 55 4.48 3.28 -4.68
CA TYR A 55 4.20 2.69 -6.02
C TYR A 55 3.20 3.60 -6.76
N ASN A 56 3.49 3.92 -8.00
CA ASN A 56 2.57 4.80 -8.77
C ASN A 56 1.83 3.98 -9.82
N GLY A 57 0.72 4.46 -10.30
CA GLY A 57 -0.05 3.71 -11.33
C GLY A 57 -1.32 3.15 -10.71
N VAL A 58 -2.32 3.97 -10.52
CA VAL A 58 -3.58 3.47 -9.92
C VAL A 58 -4.77 4.29 -10.46
N PRO A 59 -4.97 4.24 -11.75
CA PRO A 59 -6.08 4.99 -12.41
C PRO A 59 -7.42 4.77 -11.70
N VAL A 60 -8.23 5.78 -11.63
CA VAL A 60 -9.56 5.63 -10.95
C VAL A 60 -10.66 6.27 -11.81
N GLY A 61 -11.86 5.80 -11.67
CA GLY A 61 -12.98 6.39 -12.48
C GLY A 61 -14.19 6.59 -11.58
N GLU A 62 -14.56 7.82 -11.33
CA GLU A 62 -15.74 8.10 -10.46
C GLU A 62 -16.84 7.07 -10.76
N GLY A 63 -17.45 6.52 -9.73
CA GLY A 63 -18.53 5.52 -9.96
C GLY A 63 -17.97 4.11 -9.86
N GLU A 64 -16.68 3.97 -9.88
CA GLU A 64 -16.08 2.61 -9.80
C GLU A 64 -15.58 2.37 -8.37
N SER A 65 -15.44 1.12 -7.98
CA SER A 65 -14.96 0.82 -6.61
C SER A 65 -13.65 0.03 -6.71
N TYR A 66 -12.59 0.54 -6.13
CA TYR A 66 -11.29 -0.19 -6.21
C TYR A 66 -11.07 -0.97 -4.91
N VAL A 67 -9.99 -1.69 -4.83
CA VAL A 67 -9.71 -2.49 -3.60
C VAL A 67 -8.23 -2.90 -3.58
N LEU A 68 -7.57 -2.72 -2.47
CA LEU A 68 -6.13 -3.09 -2.39
C LEU A 68 -5.94 -4.20 -1.35
N SER A 69 -5.40 -5.32 -1.75
CA SER A 69 -5.16 -6.44 -0.79
C SER A 69 -3.66 -6.63 -0.60
N PHE A 70 -3.11 -6.11 0.48
CA PHE A 70 -1.65 -6.25 0.71
C PHE A 70 -1.34 -7.48 1.57
N THR A 71 -0.22 -8.11 1.31
CA THR A 71 0.17 -9.29 2.12
C THR A 71 1.19 -8.84 3.17
N ALA A 72 0.83 -8.76 4.42
CA ALA A 72 1.82 -8.29 5.42
C ALA A 72 1.43 -8.78 6.82
N SER A 73 2.39 -8.88 7.71
CA SER A 73 2.10 -9.31 9.09
C SER A 73 2.79 -8.36 10.07
N ALA A 74 2.04 -7.73 10.94
CA ALA A 74 2.66 -6.78 11.91
C ALA A 74 3.24 -7.55 13.08
N THR A 75 4.47 -7.28 13.43
CA THR A 75 5.11 -7.99 14.57
C THR A 75 5.76 -6.96 15.51
N PRO A 76 5.31 -6.85 16.73
CA PRO A 76 4.20 -7.67 17.29
C PRO A 76 2.86 -7.36 16.62
N ASP A 77 1.77 -7.40 17.36
CA ASP A 77 0.45 -7.10 16.74
C ASP A 77 0.17 -5.59 16.84
N MET A 78 -0.64 -5.07 15.96
CA MET A 78 -0.94 -3.61 16.01
C MET A 78 -1.40 -3.14 14.63
N PRO A 79 -2.18 -2.08 14.58
CA PRO A 79 -2.69 -1.51 13.30
C PRO A 79 -1.63 -0.70 12.56
N VAL A 80 -1.60 -0.79 11.25
CA VAL A 80 -0.59 -0.02 10.48
C VAL A 80 -1.29 1.12 9.74
N ARG A 81 -0.54 2.02 9.16
CA ARG A 81 -1.16 3.15 8.42
C ARG A 81 -0.92 2.98 6.92
N VAL A 82 -1.75 3.56 6.10
CA VAL A 82 -1.57 3.42 4.64
C VAL A 82 -2.24 4.60 3.92
N LEU A 83 -1.86 4.87 2.71
CA LEU A 83 -2.48 6.00 1.97
C LEU A 83 -2.36 5.76 0.45
N VAL A 84 -3.36 6.14 -0.29
CA VAL A 84 -3.31 5.93 -1.77
C VAL A 84 -4.18 6.97 -2.47
N GLY A 85 -3.97 7.19 -3.74
CA GLY A 85 -4.80 8.18 -4.47
C GLY A 85 -3.89 9.08 -5.32
N GLU A 86 -4.40 10.18 -5.77
CA GLU A 86 -3.57 11.10 -6.60
C GLU A 86 -2.74 12.01 -5.69
N GLY A 87 -2.30 11.50 -4.58
CA GLY A 87 -1.49 12.34 -3.65
C GLY A 87 -0.50 13.19 -4.44
N GLY A 88 -0.92 14.34 -4.89
CA GLY A 88 0.00 15.21 -5.68
C GLY A 88 -0.21 16.67 -5.26
N GLY A 89 0.00 16.98 -4.00
CA GLY A 89 -0.18 18.38 -3.54
C GLY A 89 -1.59 18.86 -3.88
N ALA A 90 -2.34 19.29 -2.89
CA ALA A 90 -3.72 19.76 -3.16
C ALA A 90 -4.55 18.60 -3.71
N TYR A 91 -4.06 17.91 -4.69
CA TYR A 91 -4.82 16.76 -5.27
C TYR A 91 -5.20 15.80 -4.14
N ARG A 92 -6.24 16.11 -3.41
CA ARG A 92 -6.66 15.21 -2.29
C ARG A 92 -6.72 13.77 -2.79
N THR A 93 -7.16 12.86 -1.96
CA THR A 93 -7.25 11.43 -2.38
C THR A 93 -8.47 10.78 -1.75
N ALA A 94 -8.60 9.49 -1.89
CA ALA A 94 -9.76 8.78 -1.30
C ALA A 94 -9.25 7.64 -0.42
N PHE A 95 -8.06 7.17 -0.67
CA PHE A 95 -7.49 6.07 0.15
C PHE A 95 -6.73 6.67 1.33
N GLU A 96 -7.27 7.67 1.96
CA GLU A 96 -6.55 8.29 3.12
C GLU A 96 -6.95 7.56 4.40
N GLN A 97 -6.89 6.26 4.41
CA GLN A 97 -7.27 5.51 5.64
C GLN A 97 -6.01 4.82 6.20
N GLY A 98 -6.01 4.57 7.49
CA GLY A 98 -4.82 3.91 8.11
C GLY A 98 -5.29 2.89 9.15
N SER A 99 -6.57 2.69 9.27
CA SER A 99 -7.08 1.71 10.26
C SER A 99 -6.90 0.29 9.72
N ALA A 100 -5.68 -0.10 9.49
CA ALA A 100 -5.43 -1.48 8.97
C ALA A 100 -4.90 -2.37 10.10
N PRO A 101 -5.71 -3.27 10.60
CA PRO A 101 -5.32 -4.19 11.71
C PRO A 101 -4.45 -5.35 11.23
N LEU A 102 -3.28 -5.50 11.79
CA LEU A 102 -2.39 -6.63 11.37
C LEU A 102 -2.02 -7.46 12.59
N THR A 103 -1.35 -8.57 12.39
CA THR A 103 -0.96 -9.42 13.54
C THR A 103 0.47 -9.93 13.36
N GLY A 104 0.93 -10.78 14.23
CA GLY A 104 2.31 -11.32 14.10
C GLY A 104 2.32 -12.54 13.18
N GLU A 105 1.59 -12.47 12.10
CA GLU A 105 1.56 -13.63 11.16
C GLU A 105 1.03 -13.15 9.81
N PRO A 106 1.28 -13.91 8.77
CA PRO A 106 0.82 -13.56 7.40
C PRO A 106 -0.68 -13.30 7.35
N ALA A 107 -1.07 -12.09 7.03
CA ALA A 107 -2.52 -11.76 6.98
C ALA A 107 -2.77 -10.66 5.95
N THR A 108 -3.63 -10.90 5.01
CA THR A 108 -3.91 -9.86 3.97
C THR A 108 -5.10 -9.00 4.42
N ARG A 109 -5.12 -7.76 4.01
CA ARG A 109 -6.26 -6.88 4.37
C ARG A 109 -6.75 -6.19 3.10
N GLU A 110 -8.02 -6.01 2.96
CA GLU A 110 -8.53 -5.36 1.72
C GLU A 110 -9.43 -4.16 2.05
N TYR A 111 -9.15 -3.03 1.46
CA TYR A 111 -10.00 -1.84 1.71
C TYR A 111 -10.51 -1.31 0.37
N ALA A 112 -11.79 -1.28 0.18
CA ALA A 112 -12.35 -0.78 -1.11
C ALA A 112 -12.96 0.61 -0.91
N PHE A 113 -12.89 1.43 -1.92
CA PHE A 113 -13.46 2.80 -1.81
C PHE A 113 -14.34 3.09 -3.03
N THR A 114 -15.16 4.09 -2.97
CA THR A 114 -16.04 4.41 -4.13
C THR A 114 -15.44 5.58 -4.93
N SER A 115 -15.18 5.38 -6.19
CA SER A 115 -14.61 6.47 -7.02
C SER A 115 -15.56 7.66 -7.01
N ASN A 116 -15.07 8.84 -6.75
CA ASN A 116 -15.96 10.03 -6.73
C ASN A 116 -15.54 10.99 -7.84
N LEU A 117 -14.33 10.86 -8.33
CA LEU A 117 -13.87 11.76 -9.42
C LEU A 117 -13.00 10.96 -10.40
N THR A 118 -12.10 11.62 -11.08
CA THR A 118 -11.23 10.91 -12.04
C THR A 118 -9.76 11.15 -11.70
N PHE A 119 -8.91 10.20 -11.97
CA PHE A 119 -7.46 10.38 -11.66
C PHE A 119 -6.63 9.63 -12.71
N PRO A 120 -6.26 10.29 -13.77
CA PRO A 120 -5.44 9.69 -14.86
C PRO A 120 -3.95 9.64 -14.52
N PRO A 121 -3.19 8.89 -15.25
CA PRO A 121 -1.72 8.75 -15.04
C PRO A 121 -0.95 9.95 -15.63
N ASP A 122 -1.57 10.71 -16.48
CA ASP A 122 -0.88 11.88 -17.08
C ASP A 122 -1.47 13.17 -16.52
N GLY A 123 -0.64 14.09 -16.10
CA GLY A 123 -1.15 15.37 -15.55
C GLY A 123 -0.25 15.82 -14.38
N ASP A 124 -0.82 16.48 -13.41
CA ASP A 124 0.00 16.95 -12.26
C ASP A 124 -0.39 16.16 -11.01
N ALA A 125 -0.82 14.94 -11.17
CA ALA A 125 -1.23 14.13 -9.98
C ALA A 125 -1.64 12.74 -10.44
N PRO A 126 -0.69 11.95 -10.88
CA PRO A 126 -0.95 10.56 -11.36
C PRO A 126 -1.23 9.60 -10.20
N GLY A 127 -1.05 8.32 -10.42
CA GLY A 127 -1.32 7.34 -9.33
C GLY A 127 -0.35 7.57 -8.18
N GLN A 128 -0.76 7.28 -6.98
CA GLN A 128 0.15 7.48 -5.81
C GLN A 128 -0.15 6.43 -4.75
N VAL A 129 0.86 5.74 -4.29
CA VAL A 129 0.65 4.70 -3.24
C VAL A 129 1.79 4.80 -2.23
N ALA A 130 1.50 4.70 -0.97
CA ALA A 130 2.59 4.81 0.04
C ALA A 130 2.20 4.09 1.33
N PHE A 131 2.82 2.99 1.62
CA PHE A 131 2.50 2.24 2.86
C PHE A 131 3.21 2.90 4.04
N HIS A 132 2.51 3.64 4.85
CA HIS A 132 3.16 4.32 5.99
C HIS A 132 2.91 3.52 7.27
N LEU A 133 3.95 3.21 8.01
CA LEU A 133 3.77 2.44 9.26
C LEU A 133 4.65 3.03 10.36
N GLY A 134 5.79 3.55 10.01
CA GLY A 134 6.70 4.15 11.02
C GLY A 134 5.87 4.92 12.06
N LYS A 135 6.12 4.68 13.32
CA LYS A 135 5.35 5.40 14.38
C LYS A 135 6.06 5.25 15.72
N ALA A 136 6.08 6.30 16.51
CA ALA A 136 6.74 6.20 17.83
C ALA A 136 6.42 4.83 18.45
N GLY A 137 5.38 4.21 17.98
CA GLY A 137 5.00 2.87 18.51
C GLY A 137 4.91 1.88 17.35
N ALA A 138 5.42 2.25 16.21
CA ALA A 138 5.36 1.33 15.04
C ALA A 138 5.91 -0.04 15.43
N TYR A 139 6.22 -0.87 14.46
CA TYR A 139 6.73 -2.22 14.78
C TYR A 139 7.34 -2.86 13.52
N GLU A 140 7.51 -4.14 13.50
CA GLU A 140 8.10 -4.80 12.30
C GLU A 140 7.00 -5.00 11.23
N PHE A 141 7.37 -5.01 9.99
CA PHE A 141 6.36 -5.21 8.91
C PHE A 141 6.92 -6.16 7.85
N CYS A 142 6.35 -7.33 7.73
CA CYS A 142 6.86 -8.31 6.73
C CYS A 142 5.90 -8.39 5.53
N ILE A 143 6.19 -7.67 4.49
CA ILE A 143 5.31 -7.71 3.28
C ILE A 143 6.02 -8.49 2.18
N SER A 144 5.29 -9.31 1.48
CA SER A 144 5.90 -10.11 0.39
C SER A 144 5.04 -10.02 -0.86
N GLN A 145 3.83 -9.54 -0.75
CA GLN A 145 2.96 -9.44 -1.95
C GLN A 145 2.03 -8.24 -1.83
N VAL A 146 1.43 -7.84 -2.92
CA VAL A 146 0.49 -6.68 -2.89
C VAL A 146 -0.08 -6.46 -4.29
N SER A 147 -1.37 -6.43 -4.42
CA SER A 147 -1.97 -6.23 -5.77
C SER A 147 -3.19 -5.30 -5.68
N LEU A 148 -3.43 -4.53 -6.70
CA LEU A 148 -4.60 -3.60 -6.68
C LEU A 148 -5.57 -4.00 -7.79
N THR A 149 -6.85 -4.04 -7.50
CA THR A 149 -7.84 -4.42 -8.54
C THR A 149 -9.18 -3.72 -8.26
N THR A 150 -10.18 -4.00 -9.06
CA THR A 150 -11.50 -3.35 -8.84
C THR A 150 -12.60 -4.41 -8.92
N SER A 151 -13.79 -4.01 -9.30
CA SER A 151 -14.90 -4.98 -9.40
C SER A 151 -15.39 -5.05 -10.86
N ALA A 152 -15.46 -6.22 -11.42
CA ALA A 152 -15.93 -6.35 -12.83
C ALA A 152 -17.07 -5.35 -13.09
N THR A 153 -17.37 -5.10 -14.33
CA THR A 153 -18.45 -4.13 -14.64
C THR A 153 -19.65 -4.89 -15.23
N ALA A 1 -17.16 -4.88 -16.14
CA ALA A 1 -17.23 -5.09 -14.67
C ALA A 1 -16.05 -5.97 -14.22
N SER A 2 -14.94 -5.88 -14.89
CA SER A 2 -13.78 -6.72 -14.50
C SER A 2 -14.21 -8.18 -14.43
N LEU A 3 -14.94 -8.55 -13.41
CA LEU A 3 -15.42 -9.95 -13.30
C LEU A 3 -14.24 -10.87 -13.00
N ASP A 4 -14.35 -12.12 -13.39
CA ASP A 4 -13.25 -13.07 -13.14
C ASP A 4 -11.92 -12.40 -13.48
N SER A 5 -10.84 -12.88 -12.91
CA SER A 5 -9.52 -12.25 -13.20
C SER A 5 -9.45 -10.87 -12.53
N GLU A 6 -8.63 -10.74 -11.54
CA GLU A 6 -8.51 -9.41 -10.85
C GLU A 6 -7.80 -8.43 -11.77
N VAL A 7 -8.30 -7.23 -11.87
CA VAL A 7 -7.64 -6.23 -12.77
C VAL A 7 -6.25 -5.88 -12.22
N GLU A 8 -5.30 -6.75 -12.42
CA GLU A 8 -3.92 -6.48 -11.90
C GLU A 8 -3.31 -5.31 -12.67
N LEU A 9 -3.67 -4.10 -12.32
CA LEU A 9 -3.10 -2.92 -13.02
C LEU A 9 -1.59 -2.87 -12.78
N LEU A 10 -1.11 -3.63 -11.83
CA LEU A 10 0.35 -3.63 -11.54
C LEU A 10 0.86 -5.08 -11.58
N PRO A 11 1.20 -5.55 -12.75
CA PRO A 11 1.70 -6.95 -12.94
C PRO A 11 2.95 -7.23 -12.11
N HIS A 12 3.01 -6.73 -10.91
CA HIS A 12 4.20 -6.98 -10.05
C HIS A 12 3.76 -7.08 -8.59
N THR A 13 3.65 -8.28 -8.08
CA THR A 13 3.22 -8.45 -6.66
C THR A 13 3.99 -9.61 -6.03
N SER A 14 5.30 -9.58 -6.11
CA SER A 14 6.10 -10.68 -5.52
C SER A 14 7.34 -10.11 -4.84
N PHE A 15 7.15 -9.39 -3.77
CA PHE A 15 8.32 -8.79 -3.05
C PHE A 15 9.16 -9.93 -2.44
N ALA A 16 9.17 -11.07 -3.06
CA ALA A 16 9.94 -12.21 -2.51
C ALA A 16 11.37 -12.21 -3.07
N GLU A 17 11.53 -11.82 -4.31
CA GLU A 17 12.90 -11.81 -4.90
C GLU A 17 13.37 -10.37 -5.12
N SER A 18 12.89 -9.72 -6.15
CA SER A 18 13.32 -8.33 -6.42
C SER A 18 12.26 -7.35 -5.90
N LEU A 19 12.67 -6.18 -5.52
CA LEU A 19 11.69 -5.17 -5.01
C LEU A 19 10.65 -4.88 -6.09
N GLY A 20 11.08 -4.41 -7.23
CA GLY A 20 10.11 -4.10 -8.32
C GLY A 20 10.13 -2.60 -8.61
N PRO A 21 9.13 -2.13 -9.31
CA PRO A 21 9.02 -0.68 -9.67
C PRO A 21 8.54 0.18 -8.49
N TRP A 22 8.26 -0.44 -7.38
CA TRP A 22 7.79 0.33 -6.19
C TRP A 22 8.98 1.06 -5.56
N SER A 23 8.77 1.75 -4.48
CA SER A 23 9.89 2.48 -3.82
C SER A 23 9.76 2.33 -2.30
N LEU A 24 10.72 2.84 -1.56
CA LEU A 24 10.64 2.73 -0.07
C LEU A 24 11.85 3.41 0.55
N TYR A 25 11.79 3.67 1.84
CA TYR A 25 12.93 4.32 2.53
C TYR A 25 12.47 4.89 3.87
N GLY A 26 13.32 5.59 4.56
CA GLY A 26 12.92 6.17 5.87
C GLY A 26 13.10 5.13 6.98
N THR A 27 13.10 3.88 6.65
CA THR A 27 13.26 2.83 7.71
C THR A 27 14.64 2.18 7.56
N SER A 28 14.71 0.90 7.80
CA SER A 28 16.02 0.19 7.67
C SER A 28 16.15 -0.36 6.26
N GLU A 29 17.21 -1.09 5.97
CA GLU A 29 17.37 -1.66 4.60
C GLU A 29 16.53 -2.92 4.49
N PRO A 30 15.48 -2.89 3.69
CA PRO A 30 14.59 -4.07 3.51
C PRO A 30 15.37 -5.35 3.22
N VAL A 31 14.82 -6.49 3.53
CA VAL A 31 15.55 -7.76 3.27
C VAL A 31 14.58 -8.84 2.79
N PHE A 32 14.62 -9.17 1.53
CA PHE A 32 13.70 -10.22 1.00
C PHE A 32 14.24 -11.59 1.41
N ALA A 33 13.94 -12.02 2.61
CA ALA A 33 14.43 -13.34 3.09
C ALA A 33 13.99 -14.44 2.12
N ASP A 34 13.61 -15.58 2.65
CA ASP A 34 13.16 -16.69 1.77
C ASP A 34 12.30 -16.13 0.64
N GLY A 35 11.15 -15.61 0.97
CA GLY A 35 10.26 -15.05 -0.09
C GLY A 35 9.48 -13.87 0.49
N ARG A 36 10.02 -13.22 1.48
CA ARG A 36 9.29 -12.05 2.08
C ARG A 36 10.30 -10.96 2.43
N MET A 37 9.90 -9.72 2.29
CA MET A 37 10.83 -8.60 2.62
C MET A 37 10.31 -7.85 3.84
N CYS A 38 11.12 -7.68 4.84
CA CYS A 38 10.65 -6.97 6.07
C CYS A 38 11.52 -5.74 6.33
N VAL A 39 10.99 -4.78 7.04
CA VAL A 39 11.76 -3.55 7.37
C VAL A 39 11.77 -3.35 8.88
N ASP A 40 12.85 -2.90 9.43
CA ASP A 40 12.92 -2.70 10.91
C ASP A 40 12.18 -1.41 11.28
N LEU A 41 11.08 -1.52 11.96
CA LEU A 41 10.31 -0.30 12.36
C LEU A 41 10.15 -0.28 13.88
N PRO A 42 11.23 -0.10 14.59
CA PRO A 42 11.21 -0.05 16.09
C PRO A 42 10.55 1.22 16.62
N GLY A 43 11.31 2.24 16.89
CA GLY A 43 10.72 3.50 17.42
C GLY A 43 11.72 4.65 17.26
N GLY A 44 11.27 5.86 17.38
CA GLY A 44 12.20 7.02 17.23
C GLY A 44 11.70 7.93 16.11
N GLN A 45 10.72 7.51 15.38
CA GLN A 45 10.18 8.35 14.27
C GLN A 45 8.90 9.05 14.74
N GLY A 46 8.91 10.35 14.75
CA GLY A 46 7.69 11.10 15.19
C GLY A 46 6.95 11.63 13.97
N ASN A 47 6.75 10.81 12.97
CA ASN A 47 6.03 11.28 11.75
C ASN A 47 5.74 10.09 10.83
N PRO A 48 4.52 9.63 10.82
CA PRO A 48 4.11 8.47 9.98
C PRO A 48 4.59 8.61 8.53
N TRP A 49 4.80 9.81 8.06
CA TRP A 49 5.27 10.00 6.67
C TRP A 49 6.80 10.09 6.65
N ASP A 50 7.47 9.23 7.37
CA ASP A 50 8.96 9.27 7.38
C ASP A 50 9.50 7.85 7.14
N ALA A 51 8.66 6.95 6.73
CA ALA A 51 9.12 5.56 6.47
C ALA A 51 7.97 4.74 5.88
N GLY A 52 8.25 3.89 4.93
CA GLY A 52 7.16 3.08 4.31
C GLY A 52 7.48 2.85 2.84
N LEU A 53 6.57 2.25 2.11
CA LEU A 53 6.83 2.00 0.67
C LEU A 53 6.04 2.99 -0.19
N VAL A 54 6.07 2.80 -1.48
CA VAL A 54 5.33 3.74 -2.38
C VAL A 54 5.19 3.10 -3.76
N TYR A 55 4.44 3.71 -4.64
CA TYR A 55 4.28 3.15 -6.01
C TYR A 55 3.18 3.91 -6.75
N ASN A 56 3.35 4.12 -8.03
CA ASN A 56 2.32 4.85 -8.81
C ASN A 56 1.51 3.85 -9.65
N GLY A 57 0.78 4.33 -10.61
CA GLY A 57 -0.03 3.41 -11.46
C GLY A 57 -1.32 3.03 -10.71
N VAL A 58 -2.21 3.96 -10.54
CA VAL A 58 -3.47 3.66 -9.81
C VAL A 58 -4.57 4.62 -10.27
N PRO A 59 -5.08 4.42 -11.46
CA PRO A 59 -6.15 5.28 -12.03
C PRO A 59 -7.49 5.10 -11.30
N VAL A 60 -8.02 6.15 -10.74
CA VAL A 60 -9.31 6.03 -10.01
C VAL A 60 -10.43 6.66 -10.84
N GLY A 61 -11.51 5.96 -11.04
CA GLY A 61 -12.64 6.53 -11.83
C GLY A 61 -13.84 6.76 -10.92
N GLU A 62 -14.08 7.98 -10.54
CA GLU A 62 -15.24 8.27 -9.64
C GLU A 62 -16.47 7.48 -10.11
N GLY A 63 -17.05 6.70 -9.24
CA GLY A 63 -18.24 5.91 -9.64
C GLY A 63 -18.00 4.43 -9.34
N GLU A 64 -16.81 3.94 -9.58
CA GLU A 64 -16.53 2.51 -9.31
C GLU A 64 -15.80 2.37 -7.98
N SER A 65 -15.64 1.15 -7.50
CA SER A 65 -14.94 0.95 -6.20
C SER A 65 -13.66 0.13 -6.45
N TYR A 66 -12.62 0.40 -5.72
CA TYR A 66 -11.36 -0.37 -5.91
C TYR A 66 -11.11 -1.26 -4.70
N VAL A 67 -10.03 -2.01 -4.72
CA VAL A 67 -9.72 -2.91 -3.58
C VAL A 67 -8.21 -3.13 -3.51
N LEU A 68 -7.67 -3.34 -2.35
CA LEU A 68 -6.21 -3.56 -2.22
C LEU A 68 -5.93 -4.77 -1.31
N SER A 69 -5.33 -5.80 -1.84
CA SER A 69 -5.02 -7.00 -1.00
C SER A 69 -3.51 -7.06 -0.80
N PHE A 70 -3.00 -6.38 0.19
CA PHE A 70 -1.53 -6.38 0.41
C PHE A 70 -1.13 -7.48 1.40
N THR A 71 -0.06 -8.18 1.10
CA THR A 71 0.43 -9.24 2.03
C THR A 71 1.31 -8.59 3.09
N ALA A 72 0.89 -8.62 4.33
CA ALA A 72 1.72 -7.96 5.38
C ALA A 72 1.35 -8.48 6.76
N SER A 73 2.31 -8.55 7.64
CA SER A 73 2.04 -9.03 9.03
C SER A 73 2.69 -8.08 10.02
N ALA A 74 1.97 -7.65 11.02
CA ALA A 74 2.56 -6.70 12.00
C ALA A 74 3.12 -7.49 13.19
N THR A 75 4.36 -7.26 13.54
CA THR A 75 4.97 -7.97 14.68
C THR A 75 5.72 -6.97 15.58
N PRO A 76 5.26 -6.77 16.79
CA PRO A 76 4.06 -7.45 17.36
C PRO A 76 2.78 -7.05 16.64
N ASP A 77 1.71 -6.91 17.38
CA ASP A 77 0.41 -6.51 16.75
C ASP A 77 0.19 -5.01 16.94
N MET A 78 -0.66 -4.43 16.14
CA MET A 78 -0.93 -2.96 16.25
C MET A 78 -1.46 -2.44 14.92
N PRO A 79 -2.18 -1.35 14.96
CA PRO A 79 -2.77 -0.72 13.74
C PRO A 79 -1.71 -0.03 12.88
N VAL A 80 -1.88 -0.06 11.58
CA VAL A 80 -0.89 0.59 10.69
C VAL A 80 -1.58 1.72 9.91
N ARG A 81 -0.83 2.49 9.18
CA ARG A 81 -1.44 3.61 8.41
C ARG A 81 -1.16 3.41 6.91
N VAL A 82 -2.16 3.58 6.09
CA VAL A 82 -1.95 3.40 4.63
C VAL A 82 -2.69 4.52 3.88
N LEU A 83 -2.20 4.91 2.74
CA LEU A 83 -2.88 5.99 1.97
C LEU A 83 -2.73 5.73 0.47
N VAL A 84 -3.67 6.20 -0.31
CA VAL A 84 -3.58 5.98 -1.79
C VAL A 84 -4.36 7.07 -2.52
N GLY A 85 -4.01 7.35 -3.74
CA GLY A 85 -4.74 8.39 -4.51
C GLY A 85 -3.77 9.08 -5.48
N GLU A 86 -3.99 10.33 -5.76
CA GLU A 86 -3.09 11.06 -6.71
C GLU A 86 -1.94 11.71 -5.93
N GLY A 87 -1.04 12.36 -6.62
CA GLY A 87 0.10 13.01 -5.92
C GLY A 87 0.50 14.28 -6.67
N GLY A 88 -0.38 15.24 -6.77
CA GLY A 88 -0.06 16.49 -7.48
C GLY A 88 -1.35 17.26 -7.78
N GLY A 89 -1.51 18.43 -7.19
CA GLY A 89 -2.74 19.21 -7.44
C GLY A 89 -3.83 18.80 -6.44
N ALA A 90 -4.26 19.70 -5.61
CA ALA A 90 -5.32 19.34 -4.60
C ALA A 90 -4.77 18.26 -3.68
N TYR A 91 -4.03 17.32 -4.21
CA TYR A 91 -3.47 16.24 -3.36
C TYR A 91 -4.60 15.45 -2.69
N ARG A 92 -5.59 16.13 -2.20
CA ARG A 92 -6.73 15.42 -1.54
C ARG A 92 -6.95 14.07 -2.24
N THR A 93 -7.07 13.01 -1.48
CA THR A 93 -7.29 11.68 -2.11
C THR A 93 -8.54 11.03 -1.51
N ALA A 94 -8.77 9.78 -1.83
CA ALA A 94 -9.96 9.08 -1.29
C ALA A 94 -9.48 7.89 -0.45
N PHE A 95 -8.30 7.40 -0.71
CA PHE A 95 -7.79 6.24 0.08
C PHE A 95 -7.02 6.77 1.28
N GLU A 96 -7.52 7.79 1.92
CA GLU A 96 -6.80 8.36 3.10
C GLU A 96 -7.27 7.67 4.37
N GLN A 97 -7.01 6.40 4.51
CA GLN A 97 -7.45 5.68 5.75
C GLN A 97 -6.22 5.35 6.58
N GLY A 98 -6.38 5.20 7.87
CA GLY A 98 -5.22 4.88 8.74
C GLY A 98 -5.60 3.78 9.74
N SER A 99 -6.74 3.17 9.55
CA SER A 99 -7.17 2.09 10.49
C SER A 99 -6.98 0.73 9.82
N ALA A 100 -5.77 0.24 9.77
CA ALA A 100 -5.53 -1.08 9.12
C ALA A 100 -4.92 -2.04 10.15
N PRO A 101 -5.75 -2.61 11.01
CA PRO A 101 -5.30 -3.57 12.05
C PRO A 101 -4.48 -4.72 11.47
N LEU A 102 -3.30 -4.94 12.00
CA LEU A 102 -2.46 -6.06 11.47
C LEU A 102 -1.92 -6.87 12.66
N THR A 103 -1.91 -8.17 12.54
CA THR A 103 -1.39 -9.00 13.66
C THR A 103 -0.06 -9.64 13.25
N GLY A 104 0.54 -10.42 14.11
CA GLY A 104 1.84 -11.06 13.76
C GLY A 104 1.58 -12.35 12.97
N GLU A 105 0.63 -12.33 12.08
CA GLU A 105 0.33 -13.55 11.28
C GLU A 105 0.12 -13.16 9.81
N PRO A 106 0.93 -13.70 8.93
CA PRO A 106 0.82 -13.41 7.47
C PRO A 106 -0.63 -13.42 6.99
N ALA A 107 -1.12 -12.32 6.50
CA ALA A 107 -2.52 -12.27 6.03
C ALA A 107 -2.72 -11.08 5.09
N THR A 108 -3.50 -11.26 4.05
CA THR A 108 -3.75 -10.15 3.10
C THR A 108 -4.99 -9.36 3.53
N ARG A 109 -4.93 -8.05 3.44
CA ARG A 109 -6.11 -7.25 3.84
C ARG A 109 -6.74 -6.66 2.58
N GLU A 110 -8.03 -6.70 2.48
CA GLU A 110 -8.72 -6.14 1.28
C GLU A 110 -9.55 -4.93 1.68
N TYR A 111 -9.08 -3.75 1.40
CA TYR A 111 -9.86 -2.53 1.74
C TYR A 111 -10.38 -1.92 0.45
N ALA A 112 -11.68 -1.79 0.32
CA ALA A 112 -12.25 -1.22 -0.93
C ALA A 112 -12.97 0.09 -0.62
N PHE A 113 -13.12 0.94 -1.59
CA PHE A 113 -13.81 2.24 -1.35
C PHE A 113 -14.60 2.61 -2.61
N THR A 114 -15.30 3.71 -2.57
CA THR A 114 -16.09 4.14 -3.75
C THR A 114 -15.38 5.31 -4.45
N SER A 115 -14.95 5.10 -5.66
CA SER A 115 -14.26 6.20 -6.40
C SER A 115 -15.09 7.48 -6.30
N ASN A 116 -14.50 8.53 -5.80
CA ASN A 116 -15.26 9.82 -5.67
C ASN A 116 -14.64 10.86 -6.61
N LEU A 117 -13.35 10.88 -6.73
CA LEU A 117 -12.70 11.89 -7.62
C LEU A 117 -12.04 11.18 -8.81
N THR A 118 -12.10 11.77 -9.96
CA THR A 118 -11.49 11.14 -11.17
C THR A 118 -9.98 11.40 -11.18
N PHE A 119 -9.20 10.42 -10.83
CA PHE A 119 -7.72 10.63 -10.83
C PHE A 119 -7.09 9.77 -11.93
N PRO A 120 -6.85 10.36 -13.07
CA PRO A 120 -6.25 9.65 -14.23
C PRO A 120 -4.73 9.48 -14.09
N PRO A 121 -4.15 8.65 -14.90
CA PRO A 121 -2.68 8.38 -14.87
C PRO A 121 -1.90 9.47 -15.62
N ASP A 122 -2.56 10.20 -16.47
CA ASP A 122 -1.85 11.28 -17.22
C ASP A 122 -2.48 12.63 -16.89
N GLY A 123 -1.68 13.63 -16.66
CA GLY A 123 -2.23 14.98 -16.34
C GLY A 123 -1.24 15.73 -15.44
N ASP A 124 -1.60 15.95 -14.21
CA ASP A 124 -0.68 16.68 -13.29
C ASP A 124 -0.10 15.69 -12.27
N ALA A 125 -0.70 14.54 -12.13
CA ALA A 125 -0.18 13.54 -11.15
C ALA A 125 -0.86 12.19 -11.40
N PRO A 126 -0.09 11.16 -11.67
CA PRO A 126 -0.64 9.81 -11.92
C PRO A 126 -1.06 9.10 -10.63
N GLY A 127 -1.16 7.80 -10.66
CA GLY A 127 -1.57 7.06 -9.43
C GLY A 127 -0.59 7.37 -8.29
N GLN A 128 -0.92 6.99 -7.10
CA GLN A 128 -0.01 7.28 -5.95
C GLN A 128 -0.26 6.26 -4.83
N VAL A 129 0.77 5.71 -4.27
CA VAL A 129 0.60 4.73 -3.17
C VAL A 129 1.68 4.96 -2.11
N ALA A 130 1.38 4.69 -0.88
CA ALA A 130 2.42 4.91 0.18
C ALA A 130 2.00 4.23 1.48
N PHE A 131 2.62 3.13 1.80
CA PHE A 131 2.28 2.42 3.06
C PHE A 131 3.03 3.08 4.21
N HIS A 132 2.34 3.77 5.08
CA HIS A 132 3.04 4.44 6.21
C HIS A 132 2.91 3.60 7.49
N LEU A 133 4.03 3.20 8.03
CA LEU A 133 4.00 2.38 9.27
C LEU A 133 4.95 3.00 10.30
N GLY A 134 5.71 3.98 9.91
CA GLY A 134 6.65 4.61 10.87
C GLY A 134 5.87 5.15 12.07
N LYS A 135 6.25 4.78 13.26
CA LYS A 135 5.53 5.26 14.47
C LYS A 135 6.41 5.07 15.71
N ALA A 136 6.58 6.11 16.49
CA ALA A 136 7.41 5.96 17.73
C ALA A 136 7.02 4.64 18.39
N GLY A 137 5.88 4.13 18.04
CA GLY A 137 5.42 2.83 18.63
C GLY A 137 5.28 1.80 17.52
N ALA A 138 5.76 2.13 16.34
CA ALA A 138 5.65 1.18 15.20
C ALA A 138 6.14 -0.21 15.63
N TYR A 139 6.62 -1.00 14.70
CA TYR A 139 7.11 -2.35 15.07
C TYR A 139 7.87 -2.97 13.89
N GLU A 140 7.35 -4.02 13.32
CA GLU A 140 8.03 -4.67 12.16
C GLU A 140 7.03 -4.88 11.03
N PHE A 141 7.43 -4.63 9.82
CA PHE A 141 6.50 -4.81 8.67
C PHE A 141 7.04 -5.90 7.73
N CYS A 142 6.33 -6.98 7.59
CA CYS A 142 6.80 -8.07 6.69
C CYS A 142 5.86 -8.22 5.50
N ILE A 143 6.20 -7.65 4.38
CA ILE A 143 5.35 -7.77 3.17
C ILE A 143 6.08 -8.56 2.10
N SER A 144 5.36 -9.39 1.39
CA SER A 144 5.99 -10.22 0.33
C SER A 144 5.18 -10.09 -0.96
N GLN A 145 4.02 -9.49 -0.88
CA GLN A 145 3.20 -9.36 -2.13
C GLN A 145 2.35 -8.08 -2.06
N VAL A 146 1.62 -7.80 -3.10
CA VAL A 146 0.77 -6.58 -3.13
C VAL A 146 0.02 -6.53 -4.46
N SER A 147 -1.29 -6.57 -4.43
CA SER A 147 -2.06 -6.55 -5.70
C SER A 147 -3.08 -5.41 -5.66
N LEU A 148 -3.41 -4.88 -6.81
CA LEU A 148 -4.39 -3.76 -6.87
C LEU A 148 -5.37 -4.03 -8.01
N THR A 149 -6.65 -4.09 -7.72
CA THR A 149 -7.65 -4.35 -8.80
C THR A 149 -8.96 -3.64 -8.46
N THR A 150 -10.04 -4.07 -9.05
CA THR A 150 -11.35 -3.42 -8.77
C THR A 150 -12.44 -4.48 -8.73
N SER A 151 -12.40 -5.42 -9.62
CA SER A 151 -13.42 -6.51 -9.64
C SER A 151 -14.80 -5.88 -9.39
N ALA A 152 -15.26 -5.04 -10.27
CA ALA A 152 -16.59 -4.41 -10.08
C ALA A 152 -17.69 -5.46 -10.27
N THR A 153 -18.72 -5.41 -9.47
CA THR A 153 -19.82 -6.41 -9.61
C THR A 153 -21.16 -5.70 -9.43
#